data_8XTT
#
_entry.id   8XTT
#
_entity_poly.entity_id   1
_entity_poly.type   'polypeptide(L)'
_entity_poly.pdbx_seq_one_letter_code
;KSPLQQEPSQPSPPSPPICMMNALVRALTDSTPRDLDYSRYCPTDQAAAGTDAEHVQQFYNLLTASIDVSRSWAEKIPGF
TDLPKEDQTLLIESAFLELFVLRLSIRSNTAEDKFVFCNGLVLHRLQCLRGFGEWLDSIKDFSLNLQSLNLDIQALACLS
ALSMITERHGLKEPKRVEELCNKITSSLKDHQSKGQALEPTESKVLGALVELRKICTLGLQRIFYLKLEDLVSPPSIIDK
LFLDTLPF
;
_entity_poly.pdbx_strand_id   A
#
# COMPACT_ATOMS: atom_id res chain seq x y z
N LYS A 1 1.34 -36.17 47.97
CA LYS A 1 2.76 -36.55 48.23
C LYS A 1 3.68 -35.49 47.64
N SER A 2 3.50 -35.20 46.35
CA SER A 2 4.31 -34.22 45.64
C SER A 2 3.42 -33.19 44.87
N PRO A 3 2.77 -32.24 45.58
CA PRO A 3 1.89 -31.22 44.92
C PRO A 3 2.69 -30.22 44.09
N LEU A 4 2.05 -29.67 43.05
CA LEU A 4 2.71 -28.71 42.16
C LEU A 4 2.14 -27.31 42.36
N GLN A 5 3.02 -26.31 42.33
CA GLN A 5 2.63 -24.90 42.51
C GLN A 5 3.60 -23.96 41.80
N GLN A 6 3.22 -22.68 41.71
CA GLN A 6 4.03 -21.66 41.03
C GLN A 6 4.15 -21.98 39.55
N GLU A 7 4.84 -21.09 38.82
CA GLU A 7 5.02 -21.25 37.38
C GLU A 7 5.99 -22.42 37.08
N PRO A 8 5.86 -23.10 35.91
CA PRO A 8 6.77 -24.25 35.55
C PRO A 8 8.23 -23.80 35.39
N SER A 9 8.43 -22.51 35.10
CA SER A 9 9.77 -21.96 34.91
C SER A 9 10.55 -22.75 33.83
N GLN A 10 9.81 -23.26 32.84
CA GLN A 10 10.40 -24.04 31.75
C GLN A 10 11.20 -23.08 30.79
N PRO A 11 12.50 -23.33 30.53
CA PRO A 11 13.32 -22.45 29.62
C PRO A 11 12.66 -22.27 28.26
N SER A 12 11.95 -23.31 27.79
CA SER A 12 11.27 -23.27 26.50
C SER A 12 12.30 -23.03 25.36
N PRO A 13 12.87 -24.10 24.74
CA PRO A 13 13.90 -23.95 23.67
C PRO A 13 13.43 -22.99 22.54
N PRO A 14 14.31 -22.11 22.01
CA PRO A 14 13.92 -21.15 20.92
C PRO A 14 13.41 -21.86 19.68
N SER A 15 12.47 -21.21 18.98
CA SER A 15 11.90 -21.74 17.75
C SER A 15 12.97 -21.75 16.63
N PRO A 16 12.81 -22.60 15.58
CA PRO A 16 13.82 -22.68 14.48
C PRO A 16 13.91 -21.34 13.70
N PRO A 17 15.05 -21.04 13.03
CA PRO A 17 15.24 -19.74 12.32
C PRO A 17 14.32 -19.60 11.13
N ILE A 18 13.95 -18.36 10.81
CA ILE A 18 13.05 -18.06 9.69
C ILE A 18 13.58 -16.88 8.87
N CYS A 19 13.39 -16.97 7.56
CA CYS A 19 13.83 -15.92 6.64
C CYS A 19 12.68 -14.91 6.41
N MET A 20 12.25 -14.28 7.51
CA MET A 20 11.12 -13.34 7.50
C MET A 20 11.39 -12.16 6.55
N MET A 21 12.56 -11.54 6.69
CA MET A 21 12.91 -10.38 5.86
C MET A 21 12.90 -10.74 4.38
N ASN A 22 13.48 -11.90 4.06
CA ASN A 22 13.58 -12.36 2.67
C ASN A 22 12.21 -12.57 2.05
N ALA A 23 11.29 -13.15 2.83
CA ALA A 23 9.94 -13.43 2.35
C ALA A 23 9.23 -12.14 1.97
N LEU A 24 9.38 -11.12 2.82
CA LEU A 24 8.76 -9.81 2.57
C LEU A 24 9.35 -9.14 1.34
N VAL A 25 10.68 -9.24 1.17
CA VAL A 25 11.38 -8.65 0.05
C VAL A 25 11.01 -9.38 -1.26
N ARG A 26 10.92 -10.71 -1.20
CA ARG A 26 10.60 -11.52 -2.37
C ARG A 26 9.24 -11.11 -2.92
N ALA A 27 8.27 -11.00 -2.02
CA ALA A 27 6.93 -10.58 -2.40
C ALA A 27 6.94 -9.16 -2.99
N LEU A 28 7.75 -8.30 -2.36
CA LEU A 28 7.88 -6.90 -2.79
C LEU A 28 8.45 -6.80 -4.23
N THR A 29 9.48 -7.61 -4.51
CA THR A 29 10.16 -7.57 -5.82
C THR A 29 9.26 -8.11 -6.95
N ASP A 30 8.45 -9.14 -6.64
CA ASP A 30 7.58 -9.76 -7.66
C ASP A 30 6.37 -8.86 -8.03
N SER A 31 5.94 -8.04 -7.06
CA SER A 31 4.77 -7.16 -7.25
C SER A 31 5.16 -5.83 -7.94
N THR A 32 6.18 -5.89 -8.79
CA THR A 32 6.65 -4.71 -9.53
C THR A 32 6.63 -5.01 -11.07
N PRO A 33 6.12 -4.10 -11.93
CA PRO A 33 6.08 -4.33 -13.41
C PRO A 33 7.47 -4.27 -14.03
N ARG A 34 7.66 -5.06 -15.08
CA ARG A 34 8.96 -5.12 -15.78
C ARG A 34 8.83 -4.59 -17.19
N ASP A 35 7.79 -5.05 -17.89
CA ASP A 35 7.52 -4.64 -19.26
C ASP A 35 7.22 -3.15 -19.34
N LEU A 36 6.48 -2.64 -18.34
CA LEU A 36 6.10 -1.22 -18.30
C LEU A 36 5.18 -0.88 -19.47
N ASP A 37 4.23 0.03 -19.23
CA ASP A 37 3.25 0.44 -20.25
C ASP A 37 3.12 1.96 -20.32
N TYR A 38 3.63 2.54 -21.40
CA TYR A 38 3.56 4.00 -21.62
C TYR A 38 2.75 4.34 -22.89
N SER A 39 1.86 3.42 -23.30
CA SER A 39 1.04 3.62 -24.49
C SER A 39 0.16 4.86 -24.34
N ARG A 40 -0.41 5.03 -23.15
CA ARG A 40 -1.28 6.19 -22.88
C ARG A 40 -0.52 7.35 -22.21
N TYR A 41 0.78 7.14 -21.92
CA TYR A 41 1.60 8.17 -21.30
C TYR A 41 1.75 9.37 -22.25
N CYS A 42 1.46 10.57 -21.72
CA CYS A 42 1.58 11.81 -22.52
C CYS A 42 2.34 12.90 -21.71
N PRO A 43 3.13 13.78 -22.37
CA PRO A 43 3.86 14.87 -21.66
C PRO A 43 2.91 15.98 -21.21
N THR A 44 1.84 16.18 -21.99
CA THR A 44 0.83 17.20 -21.69
C THR A 44 -0.58 16.58 -21.75
N ASP A 45 -1.35 16.80 -20.69
CA ASP A 45 -2.73 16.29 -20.62
C ASP A 45 -3.61 17.23 -19.81
N GLN A 46 -4.42 18.04 -20.50
CA GLN A 46 -5.32 18.97 -19.84
C GLN A 46 -6.61 18.26 -19.43
N ALA A 47 -7.17 18.69 -18.29
CA ALA A 47 -8.42 18.10 -17.80
C ALA A 47 -9.59 18.56 -18.66
N ALA A 48 -9.97 17.72 -19.63
CA ALA A 48 -11.07 18.06 -20.55
C ALA A 48 -11.56 16.84 -21.34
N ALA A 49 -12.72 17.00 -22.00
CA ALA A 49 -13.32 15.93 -22.82
C ALA A 49 -13.68 14.70 -21.98
N GLY A 50 -14.73 14.85 -21.16
CA GLY A 50 -15.18 13.76 -20.28
C GLY A 50 -14.19 13.53 -19.13
N THR A 51 -13.41 14.56 -18.81
CA THR A 51 -12.38 14.50 -17.76
C THR A 51 -12.86 13.80 -16.50
N ASP A 52 -14.02 14.21 -16.00
CA ASP A 52 -14.54 13.70 -14.74
C ASP A 52 -15.00 12.24 -14.83
N ALA A 53 -16.00 11.98 -15.68
CA ALA A 53 -16.55 10.63 -15.83
C ALA A 53 -15.49 9.62 -16.31
N GLU A 54 -14.69 10.01 -17.33
CA GLU A 54 -13.67 9.10 -17.87
C GLU A 54 -12.58 8.80 -16.85
N HIS A 55 -12.10 9.85 -16.16
CA HIS A 55 -11.06 9.67 -15.16
C HIS A 55 -11.56 8.81 -13.99
N VAL A 56 -12.81 9.05 -13.56
CA VAL A 56 -13.40 8.29 -12.47
C VAL A 56 -13.43 6.79 -12.84
N GLN A 57 -13.76 6.50 -14.10
CA GLN A 57 -13.75 5.11 -14.58
C GLN A 57 -12.35 4.52 -14.45
N GLN A 58 -11.36 5.30 -14.88
CA GLN A 58 -9.96 4.87 -14.79
C GLN A 58 -9.55 4.65 -13.32
N PHE A 59 -10.09 5.51 -12.44
CA PHE A 59 -9.77 5.46 -11.01
C PHE A 59 -10.12 4.08 -10.40
N TYR A 60 -11.35 3.58 -10.65
CA TYR A 60 -11.76 2.29 -10.06
C TYR A 60 -11.06 1.11 -10.72
N ASN A 61 -10.85 1.20 -12.03
CA ASN A 61 -10.18 0.11 -12.77
C ASN A 61 -8.78 -0.12 -12.23
N LEU A 62 -8.07 0.99 -11.95
CA LEU A 62 -6.71 0.91 -11.42
C LEU A 62 -6.70 0.31 -10.01
N LEU A 63 -7.67 0.73 -9.18
CA LEU A 63 -7.78 0.22 -7.80
C LEU A 63 -8.17 -1.25 -7.77
N THR A 64 -9.06 -1.65 -8.69
CA THR A 64 -9.49 -3.06 -8.74
C THR A 64 -8.25 -3.95 -8.93
N ALA A 65 -7.39 -3.54 -9.88
CA ALA A 65 -6.14 -4.24 -10.13
C ALA A 65 -5.20 -4.13 -8.91
N SER A 66 -5.16 -2.92 -8.29
CA SER A 66 -4.29 -2.67 -7.13
C SER A 66 -4.63 -3.56 -5.95
N ILE A 67 -5.94 -3.71 -5.66
CA ILE A 67 -6.36 -4.50 -4.51
C ILE A 67 -6.05 -5.96 -4.68
N ASP A 68 -6.24 -6.49 -5.90
CA ASP A 68 -5.90 -7.89 -6.18
C ASP A 68 -4.39 -8.10 -5.98
N VAL A 69 -3.60 -7.11 -6.43
CA VAL A 69 -2.14 -7.15 -6.25
C VAL A 69 -1.81 -7.08 -4.75
N SER A 70 -2.54 -6.22 -4.03
CA SER A 70 -2.35 -6.07 -2.59
C SER A 70 -2.66 -7.37 -1.87
N ARG A 71 -3.73 -8.05 -2.31
CA ARG A 71 -4.11 -9.33 -1.72
C ARG A 71 -3.02 -10.34 -1.92
N SER A 72 -2.50 -10.42 -3.14
CA SER A 72 -1.41 -11.35 -3.44
C SER A 72 -0.18 -10.99 -2.62
N TRP A 73 0.05 -9.68 -2.44
CA TRP A 73 1.15 -9.19 -1.61
C TRP A 73 0.99 -9.71 -0.18
N ALA A 74 -0.22 -9.55 0.38
CA ALA A 74 -0.53 -10.01 1.74
C ALA A 74 -0.39 -11.53 1.84
N GLU A 75 -0.85 -12.23 0.80
CA GLU A 75 -0.82 -13.69 0.75
C GLU A 75 0.61 -14.23 0.78
N LYS A 76 1.54 -13.52 0.13
CA LYS A 76 2.95 -13.94 0.10
C LYS A 76 3.62 -13.80 1.45
N ILE A 77 3.10 -12.88 2.29
CA ILE A 77 3.68 -12.62 3.61
C ILE A 77 3.48 -13.88 4.49
N PRO A 78 4.55 -14.40 5.16
CA PRO A 78 4.42 -15.60 6.03
C PRO A 78 3.78 -15.25 7.37
N GLY A 79 2.82 -16.08 7.79
CA GLY A 79 2.09 -15.86 9.04
C GLY A 79 0.82 -15.00 8.85
N PHE A 80 0.68 -14.39 7.65
CA PHE A 80 -0.49 -13.57 7.33
C PHE A 80 -1.76 -14.41 7.40
N THR A 81 -1.70 -15.59 6.78
CA THR A 81 -2.83 -16.51 6.73
C THR A 81 -3.24 -16.96 8.14
N ASP A 82 -2.24 -17.17 9.00
CA ASP A 82 -2.47 -17.66 10.35
C ASP A 82 -3.52 -16.82 11.08
N LEU A 83 -3.60 -15.53 10.78
CA LEU A 83 -4.58 -14.64 11.43
C LEU A 83 -5.99 -15.06 10.98
N PRO A 84 -7.03 -14.91 11.84
CA PRO A 84 -8.44 -15.25 11.45
C PRO A 84 -8.78 -14.74 10.04
N LYS A 85 -9.76 -15.39 9.41
CA LYS A 85 -10.17 -15.03 8.05
C LYS A 85 -10.63 -13.58 7.98
N GLU A 86 -11.46 -13.19 8.94
CA GLU A 86 -12.01 -11.84 8.98
C GLU A 86 -10.90 -10.80 9.16
N ASP A 87 -9.89 -11.14 9.99
CA ASP A 87 -8.77 -10.20 10.24
C ASP A 87 -8.07 -9.87 8.95
N GLN A 88 -7.80 -10.91 8.17
CA GLN A 88 -7.07 -10.75 6.92
C GLN A 88 -7.86 -9.84 5.97
N THR A 89 -9.19 -10.04 5.94
CA THR A 89 -10.07 -9.22 5.09
C THR A 89 -10.08 -7.75 5.58
N LEU A 90 -10.19 -7.57 6.90
CA LEU A 90 -10.24 -6.24 7.51
C LEU A 90 -8.93 -5.47 7.24
N LEU A 91 -7.81 -6.17 7.39
CA LEU A 91 -6.49 -5.57 7.18
C LEU A 91 -6.32 -5.08 5.74
N ILE A 92 -6.75 -5.91 4.78
CA ILE A 92 -6.62 -5.59 3.35
C ILE A 92 -7.47 -4.36 2.96
N GLU A 93 -8.74 -4.36 3.38
CA GLU A 93 -9.67 -3.28 3.00
C GLU A 93 -9.24 -1.93 3.57
N SER A 94 -8.85 -1.93 4.85
CA SER A 94 -8.44 -0.70 5.53
C SER A 94 -7.12 -0.17 4.99
N ALA A 95 -6.20 -1.08 4.69
CA ALA A 95 -4.85 -0.71 4.24
C ALA A 95 -4.69 -0.66 2.72
N PHE A 96 -5.77 -0.95 1.97
CA PHE A 96 -5.68 -0.95 0.51
C PHE A 96 -5.26 0.42 -0.04
N LEU A 97 -5.92 1.50 0.41
CA LEU A 97 -5.57 2.85 -0.06
C LEU A 97 -4.16 3.21 0.35
N GLU A 98 -3.78 2.84 1.58
CA GLU A 98 -2.45 3.13 2.11
C GLU A 98 -1.36 2.41 1.30
N LEU A 99 -1.61 1.13 0.98
CA LEU A 99 -0.64 0.33 0.22
C LEU A 99 -0.47 0.86 -1.21
N PHE A 100 -1.60 1.23 -1.83
CA PHE A 100 -1.58 1.78 -3.19
C PHE A 100 -0.74 3.06 -3.20
N VAL A 101 -1.03 3.96 -2.25
CA VAL A 101 -0.32 5.24 -2.13
C VAL A 101 1.17 5.01 -1.81
N LEU A 102 1.44 4.18 -0.81
CA LEU A 102 2.80 3.93 -0.33
C LEU A 102 3.65 3.32 -1.43
N ARG A 103 3.12 2.27 -2.04
CA ARG A 103 3.82 1.57 -3.10
C ARG A 103 3.97 2.44 -4.34
N LEU A 104 2.92 3.20 -4.65
CA LEU A 104 2.94 4.09 -5.81
C LEU A 104 4.01 5.17 -5.66
N SER A 105 4.09 5.76 -4.45
CA SER A 105 5.06 6.84 -4.18
C SER A 105 6.49 6.34 -4.30
N ILE A 106 6.75 5.12 -3.81
CA ILE A 106 8.09 4.53 -3.86
C ILE A 106 8.52 4.31 -5.32
N ARG A 107 7.59 3.78 -6.12
CA ARG A 107 7.86 3.46 -7.52
C ARG A 107 7.90 4.73 -8.38
N SER A 108 7.09 5.72 -8.02
CA SER A 108 7.00 6.98 -8.78
C SER A 108 8.24 7.83 -8.63
N ASN A 109 8.37 8.78 -9.54
CA ASN A 109 9.49 9.72 -9.57
C ASN A 109 8.98 11.16 -9.54
N THR A 110 9.19 11.85 -8.41
CA THR A 110 8.68 13.23 -8.23
C THR A 110 9.43 14.21 -9.14
N ALA A 111 10.74 13.99 -9.30
CA ALA A 111 11.57 14.86 -10.14
C ALA A 111 11.04 14.85 -11.57
N GLU A 112 10.65 13.66 -12.02
CA GLU A 112 10.09 13.48 -13.35
C GLU A 112 8.56 13.74 -13.37
N ASP A 113 7.96 13.90 -12.17
CA ASP A 113 6.52 14.12 -12.06
C ASP A 113 5.76 12.99 -12.76
N LYS A 114 6.26 11.75 -12.59
CA LYS A 114 5.62 10.57 -13.19
C LYS A 114 5.23 9.56 -12.11
N PHE A 115 4.09 8.90 -12.29
CA PHE A 115 3.63 7.87 -11.36
C PHE A 115 3.63 6.52 -12.04
N VAL A 116 4.36 5.56 -11.45
CA VAL A 116 4.43 4.20 -11.99
C VAL A 116 3.61 3.27 -11.08
N PHE A 117 2.58 2.65 -11.67
CA PHE A 117 1.70 1.74 -10.93
C PHE A 117 2.26 0.32 -10.99
N CYS A 118 1.79 -0.54 -10.08
CA CYS A 118 2.24 -1.95 -10.04
C CYS A 118 1.92 -2.68 -11.36
N ASN A 119 1.04 -2.09 -12.19
CA ASN A 119 0.67 -2.68 -13.49
C ASN A 119 1.58 -2.19 -14.64
N GLY A 120 2.53 -1.29 -14.32
CA GLY A 120 3.46 -0.75 -15.32
C GLY A 120 2.91 0.53 -15.99
N LEU A 121 1.62 0.83 -15.74
CA LEU A 121 0.97 2.01 -16.33
C LEU A 121 1.55 3.31 -15.75
N VAL A 122 1.76 4.30 -16.63
CA VAL A 122 2.32 5.60 -16.20
C VAL A 122 1.33 6.75 -16.54
N LEU A 123 0.95 7.55 -15.53
CA LEU A 123 0.00 8.66 -15.73
C LEU A 123 0.63 10.04 -15.42
N HIS A 124 1.92 10.16 -15.69
CA HIS A 124 2.64 11.41 -15.51
C HIS A 124 2.24 12.16 -14.17
N ARG A 125 1.36 13.16 -14.26
CA ARG A 125 0.94 13.97 -13.10
C ARG A 125 -0.42 14.62 -13.42
N LEU A 126 -0.45 15.31 -14.54
CA LEU A 126 -1.66 15.98 -15.02
C LEU A 126 -2.76 14.98 -15.36
N GLN A 127 -2.36 13.81 -15.88
CA GLN A 127 -3.33 12.79 -16.31
C GLN A 127 -4.20 12.35 -15.14
N CYS A 128 -3.59 12.21 -13.94
CA CYS A 128 -4.36 11.86 -12.73
C CYS A 128 -4.89 13.11 -11.99
N LEU A 129 -4.44 14.30 -12.43
CA LEU A 129 -4.88 15.57 -11.85
C LEU A 129 -6.41 15.77 -12.06
N ARG A 130 -6.97 15.08 -13.06
CA ARG A 130 -8.41 15.19 -13.38
C ARG A 130 -9.31 14.81 -12.21
N GLY A 131 -8.92 13.78 -11.45
CA GLY A 131 -9.73 13.29 -10.34
C GLY A 131 -9.04 13.50 -9.05
N PHE A 132 -7.84 12.94 -8.92
CA PHE A 132 -7.05 13.12 -7.72
C PHE A 132 -6.79 14.60 -7.50
N GLY A 133 -6.38 15.30 -8.57
CA GLY A 133 -6.14 16.72 -8.48
C GLY A 133 -5.04 16.99 -7.47
N GLU A 134 -5.35 17.86 -6.51
CA GLU A 134 -4.42 18.18 -5.43
C GLU A 134 -4.07 16.91 -4.61
N TRP A 135 -4.94 15.87 -4.68
CA TRP A 135 -4.69 14.63 -3.93
C TRP A 135 -3.44 13.94 -4.44
N LEU A 136 -3.30 13.92 -5.77
CA LEU A 136 -2.13 13.36 -6.42
C LEU A 136 -0.89 14.19 -6.08
N ASP A 137 -1.04 15.52 -6.11
CA ASP A 137 0.08 16.42 -5.85
C ASP A 137 0.68 16.14 -4.47
N SER A 138 -0.20 15.89 -3.49
CA SER A 138 0.23 15.56 -2.14
C SER A 138 1.07 14.28 -2.12
N ILE A 139 0.66 13.29 -2.94
CA ILE A 139 1.38 12.02 -3.05
C ILE A 139 2.81 12.28 -3.57
N LYS A 140 2.92 13.14 -4.57
CA LYS A 140 4.21 13.46 -5.17
C LYS A 140 5.14 14.07 -4.11
N ASP A 141 4.60 15.01 -3.32
CA ASP A 141 5.37 15.64 -2.24
C ASP A 141 5.79 14.60 -1.20
N PHE A 142 4.87 13.69 -0.88
CA PHE A 142 5.13 12.61 0.08
C PHE A 142 6.24 11.71 -0.43
N SER A 143 6.17 11.38 -1.72
CA SER A 143 7.14 10.49 -2.35
C SER A 143 8.55 11.06 -2.25
N LEU A 144 8.69 12.37 -2.47
CA LEU A 144 10.00 13.02 -2.39
C LEU A 144 10.60 12.83 -1.00
N ASN A 145 9.77 13.08 0.03
CA ASN A 145 10.20 12.92 1.43
C ASN A 145 10.58 11.46 1.71
N LEU A 146 9.78 10.53 1.18
CA LEU A 146 10.01 9.09 1.38
C LEU A 146 11.37 8.69 0.77
N GLN A 147 11.66 9.22 -0.42
CA GLN A 147 12.91 8.94 -1.11
C GLN A 147 14.11 9.45 -0.29
N SER A 148 13.93 10.60 0.37
CA SER A 148 14.98 11.19 1.19
C SER A 148 15.37 10.25 2.32
N LEU A 149 14.37 9.57 2.90
CA LEU A 149 14.61 8.60 3.97
C LEU A 149 15.47 7.44 3.44
N ASN A 150 15.23 7.05 2.16
CA ASN A 150 15.96 5.95 1.47
C ASN A 150 15.31 4.60 1.75
N LEU A 151 15.39 4.16 3.01
CA LEU A 151 14.79 2.88 3.42
C LEU A 151 15.19 1.75 2.46
N ASP A 152 16.20 0.96 2.86
CA ASP A 152 16.69 -0.15 2.03
C ASP A 152 15.54 -1.07 1.62
N ILE A 153 15.85 -2.07 0.80
CA ILE A 153 14.86 -3.01 0.30
C ILE A 153 14.22 -3.76 1.48
N GLN A 154 15.08 -4.29 2.36
CA GLN A 154 14.63 -5.07 3.50
C GLN A 154 13.84 -4.21 4.48
N ALA A 155 14.34 -2.99 4.72
CA ALA A 155 13.66 -2.04 5.61
C ALA A 155 12.31 -1.66 5.04
N LEU A 156 12.27 -1.44 3.73
CA LEU A 156 11.06 -1.07 3.02
C LEU A 156 10.03 -2.19 3.09
N ALA A 157 10.50 -3.44 2.92
CA ALA A 157 9.61 -4.60 2.92
C ALA A 157 8.85 -4.71 4.24
N CYS A 158 9.58 -4.54 5.36
CA CYS A 158 8.94 -4.59 6.69
C CYS A 158 7.96 -3.43 6.87
N LEU A 159 8.34 -2.24 6.39
CA LEU A 159 7.49 -1.04 6.50
C LEU A 159 6.17 -1.19 5.75
N SER A 160 6.22 -1.76 4.52
CA SER A 160 4.99 -1.98 3.75
C SER A 160 4.07 -2.93 4.50
N ALA A 161 4.68 -3.97 5.11
CA ALA A 161 3.93 -4.91 5.94
C ALA A 161 3.37 -4.20 7.17
N LEU A 162 4.17 -3.28 7.75
CA LEU A 162 3.77 -2.51 8.92
C LEU A 162 2.57 -1.63 8.62
N SER A 163 2.57 -0.99 7.46
CA SER A 163 1.45 -0.15 7.05
C SER A 163 0.19 -1.00 6.89
N MET A 164 0.38 -2.18 6.30
CA MET A 164 -0.71 -3.12 6.06
C MET A 164 -1.28 -3.66 7.39
N ILE A 165 -0.39 -3.90 8.34
CA ILE A 165 -0.76 -4.49 9.65
C ILE A 165 -0.76 -3.41 10.75
N THR A 166 -1.94 -3.18 11.33
CA THR A 166 -2.09 -2.22 12.43
C THR A 166 -3.44 -2.41 13.13
N GLU A 167 -3.51 -2.02 14.41
CA GLU A 167 -4.76 -2.15 15.17
C GLU A 167 -5.83 -1.23 14.57
N ARG A 168 -7.00 -1.80 14.26
CA ARG A 168 -8.10 -1.05 13.63
C ARG A 168 -9.17 -0.66 14.71
N HIS A 169 -10.27 -1.44 14.81
CA HIS A 169 -11.33 -1.19 15.81
C HIS A 169 -12.04 -2.49 16.19
N GLY A 170 -12.84 -3.04 15.26
CA GLY A 170 -13.54 -4.30 15.47
C GLY A 170 -12.68 -5.45 14.96
N LEU A 171 -11.42 -5.43 15.39
CA LEU A 171 -10.42 -6.39 14.92
C LEU A 171 -10.60 -7.76 15.54
N LYS A 172 -10.26 -8.80 14.74
CA LYS A 172 -10.23 -10.14 15.27
C LYS A 172 -8.98 -10.30 16.09
N GLU A 173 -9.17 -10.25 17.38
CA GLU A 173 -8.06 -10.47 18.24
C GLU A 173 -7.02 -9.35 17.92
N PRO A 174 -7.14 -8.16 18.53
CA PRO A 174 -6.14 -7.06 18.28
C PRO A 174 -4.74 -7.62 18.35
N LYS A 175 -4.60 -8.59 19.23
CA LYS A 175 -3.38 -9.26 19.48
C LYS A 175 -2.92 -10.08 18.26
N ARG A 176 -3.86 -10.60 17.38
CA ARG A 176 -3.41 -11.32 16.19
C ARG A 176 -2.67 -10.37 15.28
N VAL A 177 -3.27 -9.21 15.05
CA VAL A 177 -2.65 -8.18 14.19
C VAL A 177 -1.34 -7.68 14.83
N GLU A 178 -1.37 -7.50 16.15
CA GLU A 178 -0.20 -7.01 16.90
C GLU A 178 0.92 -8.02 16.89
N GLU A 179 0.55 -9.30 16.96
CA GLU A 179 1.50 -10.39 16.95
C GLU A 179 2.33 -10.32 15.68
N LEU A 180 1.64 -10.10 14.57
CA LEU A 180 2.26 -9.99 13.27
C LEU A 180 3.08 -8.71 13.18
N CYS A 181 2.57 -7.63 13.78
CA CYS A 181 3.26 -6.35 13.81
C CYS A 181 4.61 -6.51 14.50
N ASN A 182 4.60 -7.20 15.65
CA ASN A 182 5.82 -7.48 16.41
C ASN A 182 6.80 -8.31 15.58
N LYS A 183 6.24 -9.27 14.82
CA LYS A 183 7.06 -10.14 13.95
C LYS A 183 7.80 -9.34 12.88
N ILE A 184 7.11 -8.36 12.28
CA ILE A 184 7.69 -7.51 11.27
C ILE A 184 8.77 -6.63 11.91
N THR A 185 8.46 -6.10 13.10
CA THR A 185 9.39 -5.24 13.81
C THR A 185 10.63 -6.03 14.25
N SER A 186 10.48 -7.34 14.49
CA SER A 186 11.63 -8.19 14.87
C SER A 186 12.64 -8.24 13.73
N SER A 187 12.14 -8.55 12.51
CA SER A 187 12.99 -8.59 11.31
C SER A 187 13.57 -7.22 11.03
N LEU A 188 12.70 -6.23 11.10
CA LEU A 188 13.04 -4.84 10.83
C LEU A 188 14.10 -4.32 11.80
N LYS A 189 13.90 -4.63 13.06
CA LYS A 189 14.77 -4.15 14.12
C LYS A 189 16.21 -4.62 13.91
N ASP A 190 16.38 -5.92 13.59
CA ASP A 190 17.73 -6.44 13.32
C ASP A 190 18.32 -5.76 12.10
N HIS A 191 17.46 -5.43 11.12
CA HIS A 191 17.89 -4.72 9.92
C HIS A 191 18.48 -3.35 10.29
N GLN A 192 17.79 -2.64 11.18
CA GLN A 192 18.25 -1.30 11.61
C GLN A 192 19.57 -1.39 12.37
N SER A 193 19.84 -2.55 13.02
CA SER A 193 21.10 -2.75 13.76
C SER A 193 22.25 -3.15 12.82
N LYS A 194 21.93 -3.53 11.58
CA LYS A 194 22.94 -3.94 10.60
C LYS A 194 23.86 -2.78 10.24
N GLY A 195 23.29 -1.57 10.15
CA GLY A 195 24.06 -0.37 9.80
C GLY A 195 24.99 0.02 10.94
N GLN A 196 26.01 0.84 10.63
CA GLN A 196 26.98 1.29 11.63
C GLN A 196 26.33 2.16 12.71
N ALA A 197 25.31 2.94 12.30
CA ALA A 197 24.59 3.81 13.23
C ALA A 197 23.86 3.00 14.29
N LEU A 198 23.29 1.87 13.88
CA LEU A 198 22.51 0.99 14.77
C LEU A 198 21.29 1.73 15.37
N GLU A 199 20.98 2.93 14.85
CA GLU A 199 19.83 3.69 15.32
C GLU A 199 18.59 3.40 14.44
N PRO A 200 17.44 2.98 15.01
CA PRO A 200 16.21 2.74 14.21
C PRO A 200 15.68 4.06 13.65
N THR A 201 15.37 4.07 12.36
CA THR A 201 14.82 5.25 11.70
C THR A 201 13.27 5.26 11.77
N GLU A 202 12.73 4.50 12.74
CA GLU A 202 11.29 4.37 12.92
C GLU A 202 10.63 5.70 13.21
N SER A 203 11.30 6.55 14.01
CA SER A 203 10.75 7.86 14.37
C SER A 203 10.50 8.70 13.11
N LYS A 204 11.44 8.63 12.16
CA LYS A 204 11.28 9.32 10.88
C LYS A 204 10.11 8.73 10.09
N VAL A 205 9.97 7.39 10.16
CA VAL A 205 8.89 6.68 9.50
C VAL A 205 7.55 7.12 10.07
N LEU A 206 7.47 7.30 11.40
CA LEU A 206 6.20 7.68 12.03
C LEU A 206 5.75 9.08 11.56
N GLY A 207 6.70 10.00 11.37
CA GLY A 207 6.36 11.36 10.89
C GLY A 207 5.79 11.30 9.47
N ALA A 208 6.38 10.43 8.66
CA ALA A 208 5.89 10.20 7.30
C ALA A 208 4.66 9.28 7.31
N LEU A 209 4.52 8.53 8.40
CA LEU A 209 3.40 7.63 8.57
C LEU A 209 2.13 8.44 8.74
N VAL A 210 2.22 9.51 9.55
CA VAL A 210 1.09 10.42 9.76
C VAL A 210 0.72 11.05 8.42
N GLU A 211 1.74 11.51 7.67
CA GLU A 211 1.51 12.10 6.35
C GLU A 211 0.86 11.07 5.41
N LEU A 212 1.34 9.82 5.51
CA LEU A 212 0.80 8.72 4.71
C LEU A 212 -0.69 8.53 5.03
N ARG A 213 -1.02 8.62 6.32
CA ARG A 213 -2.40 8.50 6.78
C ARG A 213 -3.25 9.63 6.21
N LYS A 214 -2.67 10.83 6.11
CA LYS A 214 -3.40 11.98 5.60
C LYS A 214 -3.85 11.70 4.18
N ILE A 215 -2.97 11.07 3.39
CA ILE A 215 -3.29 10.71 2.03
C ILE A 215 -4.44 9.67 2.01
N CYS A 216 -4.38 8.72 2.96
CA CYS A 216 -5.38 7.65 3.05
C CYS A 216 -6.77 8.23 3.27
N THR A 217 -6.85 9.22 4.17
CA THR A 217 -8.13 9.90 4.47
C THR A 217 -8.52 10.84 3.33
N LEU A 218 -7.50 11.46 2.71
CA LEU A 218 -7.70 12.35 1.56
C LEU A 218 -8.35 11.59 0.42
N GLY A 219 -7.90 10.36 0.18
CA GLY A 219 -8.46 9.52 -0.89
C GLY A 219 -9.94 9.30 -0.66
N LEU A 220 -10.31 9.05 0.59
CA LEU A 220 -11.71 8.84 0.95
C LEU A 220 -12.54 10.10 0.72
N GLN A 221 -11.95 11.26 1.06
CA GLN A 221 -12.65 12.55 0.93
C GLN A 221 -12.96 12.90 -0.53
N ARG A 222 -11.99 12.68 -1.42
CA ARG A 222 -12.16 13.03 -2.84
C ARG A 222 -13.30 12.22 -3.47
N ILE A 223 -13.27 10.92 -3.21
CA ILE A 223 -14.26 9.99 -3.76
C ILE A 223 -15.65 10.21 -3.17
N PHE A 224 -15.70 10.70 -1.93
CA PHE A 224 -16.98 10.95 -1.27
C PHE A 224 -17.80 11.95 -2.11
N TYR A 225 -17.16 13.05 -2.53
CA TYR A 225 -17.83 14.07 -3.35
C TYR A 225 -18.17 13.53 -4.74
N LEU A 226 -17.25 12.75 -5.33
CA LEU A 226 -17.48 12.17 -6.67
C LEU A 226 -18.65 11.20 -6.65
N LYS A 227 -18.74 10.40 -5.59
CA LYS A 227 -19.84 9.44 -5.42
C LYS A 227 -21.17 10.14 -5.33
N LEU A 228 -21.20 11.31 -4.68
CA LEU A 228 -22.43 12.10 -4.60
C LEU A 228 -22.89 12.47 -6.01
N GLU A 229 -21.91 12.83 -6.86
CA GLU A 229 -22.17 13.15 -8.25
C GLU A 229 -22.65 11.90 -9.02
N ASP A 230 -22.04 10.74 -8.71
CA ASP A 230 -22.36 9.47 -9.38
C ASP A 230 -22.10 9.55 -10.90
N LEU A 231 -20.89 10.01 -11.27
CA LEU A 231 -20.53 10.16 -12.69
C LEU A 231 -20.57 8.80 -13.39
N VAL A 232 -20.07 7.76 -12.70
CA VAL A 232 -20.07 6.39 -13.25
C VAL A 232 -20.40 5.32 -12.18
N SER A 233 -20.62 5.76 -10.92
CA SER A 233 -20.92 4.85 -9.81
C SER A 233 -19.74 3.86 -9.55
N PRO A 234 -19.11 3.88 -8.35
CA PRO A 234 -17.97 2.96 -8.03
C PRO A 234 -18.34 1.45 -8.19
N PRO A 235 -17.36 0.57 -8.41
CA PRO A 235 -17.61 -0.90 -8.49
C PRO A 235 -18.00 -1.43 -7.11
N SER A 236 -18.58 -2.62 -7.09
CA SER A 236 -19.06 -3.20 -5.83
C SER A 236 -17.93 -3.37 -4.82
N ILE A 237 -16.77 -3.83 -5.29
CA ILE A 237 -15.61 -4.07 -4.40
C ILE A 237 -15.12 -2.74 -3.76
N ILE A 238 -14.92 -1.72 -4.60
CA ILE A 238 -14.41 -0.42 -4.12
C ILE A 238 -15.45 0.30 -3.25
N ASP A 239 -16.71 0.34 -3.71
CA ASP A 239 -17.80 0.94 -2.93
C ASP A 239 -17.93 0.20 -1.58
N LYS A 240 -17.78 -1.12 -1.64
CA LYS A 240 -17.83 -1.97 -0.45
C LYS A 240 -16.73 -1.53 0.53
N LEU A 241 -15.54 -1.29 -0.01
CA LEU A 241 -14.41 -0.88 0.80
C LEU A 241 -14.70 0.43 1.53
N PHE A 242 -15.28 1.40 0.80
CA PHE A 242 -15.57 2.71 1.36
C PHE A 242 -16.54 2.56 2.56
N LEU A 243 -17.61 1.81 2.35
CA LEU A 243 -18.62 1.60 3.41
C LEU A 243 -18.04 0.78 4.57
N ASP A 244 -17.27 -0.25 4.24
CA ASP A 244 -16.66 -1.14 5.24
C ASP A 244 -15.66 -0.39 6.10
N THR A 245 -14.87 0.51 5.47
CA THR A 245 -13.86 1.29 6.19
C THR A 245 -14.48 2.55 6.80
N LEU A 246 -13.80 3.10 7.81
CA LEU A 246 -14.27 4.31 8.48
C LEU A 246 -13.16 5.39 8.49
N PRO A 247 -13.51 6.70 8.47
CA PRO A 247 -12.49 7.80 8.49
C PRO A 247 -11.75 7.88 9.84
N PHE A 248 -12.39 7.36 10.89
CA PHE A 248 -11.80 7.37 12.23
C PHE A 248 -10.71 6.32 12.34
N LYS A 1 -11.34 -15.58 37.36
CA LYS A 1 -10.09 -14.94 37.84
C LYS A 1 -9.96 -13.55 37.23
N SER A 2 -9.82 -12.53 38.09
CA SER A 2 -9.66 -11.15 37.63
C SER A 2 -8.51 -10.44 38.41
N PRO A 3 -7.23 -10.81 38.17
CA PRO A 3 -6.06 -10.18 38.86
C PRO A 3 -5.84 -8.73 38.41
N LEU A 4 -5.52 -7.86 39.37
CA LEU A 4 -5.29 -6.45 39.09
C LEU A 4 -4.01 -6.24 38.26
N GLN A 5 -2.96 -6.99 38.59
CA GLN A 5 -1.67 -6.86 37.89
C GLN A 5 -1.25 -8.17 37.23
N GLN A 6 -1.49 -9.30 37.92
CA GLN A 6 -1.12 -10.62 37.42
C GLN A 6 0.38 -10.66 37.12
N GLU A 7 1.17 -11.10 38.09
CA GLU A 7 2.62 -11.17 37.95
C GLU A 7 3.02 -12.03 36.70
N PRO A 8 2.49 -13.26 36.54
CA PRO A 8 2.84 -14.12 35.36
C PRO A 8 2.16 -13.64 34.08
N SER A 9 2.90 -13.71 32.97
CA SER A 9 2.38 -13.31 31.66
C SER A 9 3.21 -13.91 30.54
N GLN A 10 2.61 -14.00 29.34
CA GLN A 10 3.31 -14.54 28.16
C GLN A 10 4.16 -15.81 28.52
N PRO A 11 3.52 -16.90 29.01
CA PRO A 11 4.26 -18.15 29.41
C PRO A 11 4.97 -18.80 28.22
N SER A 12 4.44 -18.58 27.01
CA SER A 12 5.03 -19.13 25.79
C SER A 12 6.29 -18.30 25.40
N PRO A 13 7.50 -18.92 25.27
CA PRO A 13 8.73 -18.16 24.89
C PRO A 13 8.68 -17.69 23.41
N PRO A 14 9.31 -16.54 23.07
CA PRO A 14 9.29 -16.00 21.67
C PRO A 14 10.15 -16.84 20.73
N SER A 15 9.72 -16.91 19.46
CA SER A 15 10.45 -17.66 18.43
C SER A 15 11.18 -16.68 17.49
N PRO A 16 12.54 -16.74 17.35
CA PRO A 16 13.27 -15.79 16.46
C PRO A 16 12.92 -16.00 14.96
N PRO A 17 12.44 -14.95 14.23
CA PRO A 17 12.08 -15.08 12.78
C PRO A 17 13.28 -15.48 11.92
N ILE A 18 13.02 -16.29 10.89
CA ILE A 18 14.07 -16.74 9.97
C ILE A 18 13.59 -16.59 8.51
N CYS A 19 14.42 -15.93 7.69
CA CYS A 19 14.08 -15.69 6.27
C CYS A 19 12.79 -14.85 6.12
N MET A 20 12.30 -14.28 7.24
CA MET A 20 11.10 -13.43 7.21
C MET A 20 11.36 -12.20 6.33
N MET A 21 12.51 -11.57 6.55
CA MET A 21 12.88 -10.37 5.80
C MET A 21 12.89 -10.66 4.30
N ASN A 22 13.47 -11.81 3.94
CA ASN A 22 13.55 -12.23 2.53
C ASN A 22 12.16 -12.44 1.93
N ALA A 23 11.28 -13.06 2.72
CA ALA A 23 9.91 -13.34 2.26
C ALA A 23 9.16 -12.06 1.95
N LEU A 24 9.34 -11.05 2.80
CA LEU A 24 8.69 -9.75 2.59
C LEU A 24 9.21 -9.09 1.31
N VAL A 25 10.52 -9.23 1.07
CA VAL A 25 11.15 -8.68 -0.12
C VAL A 25 10.59 -9.36 -1.39
N ARG A 26 10.38 -10.68 -1.31
CA ARG A 26 9.90 -11.45 -2.47
C ARG A 26 8.54 -10.92 -2.91
N ALA A 27 7.62 -10.77 -1.96
CA ALA A 27 6.28 -10.24 -2.26
C ALA A 27 6.37 -8.81 -2.78
N LEU A 28 7.26 -8.01 -2.17
CA LEU A 28 7.43 -6.62 -2.54
C LEU A 28 7.88 -6.50 -4.01
N THR A 29 8.89 -7.29 -4.38
CA THR A 29 9.42 -7.29 -5.76
C THR A 29 8.42 -7.93 -6.74
N ASP A 30 7.66 -8.92 -6.25
CA ASP A 30 6.70 -9.64 -7.08
C ASP A 30 5.60 -8.74 -7.62
N SER A 31 5.17 -7.76 -6.81
CA SER A 31 4.13 -6.82 -7.23
C SER A 31 4.74 -5.66 -8.04
N THR A 32 4.98 -5.93 -9.34
CA THR A 32 5.60 -4.93 -10.23
C THR A 32 5.22 -5.15 -11.72
N PRO A 33 5.05 -4.07 -12.53
CA PRO A 33 4.72 -4.22 -14.00
C PRO A 33 5.76 -5.10 -14.72
N ARG A 34 5.28 -5.97 -15.62
CA ARG A 34 6.16 -6.84 -16.38
C ARG A 34 6.74 -6.13 -17.60
N ASP A 35 5.91 -5.30 -18.25
CA ASP A 35 6.32 -4.61 -19.48
C ASP A 35 6.00 -3.12 -19.49
N LEU A 36 5.41 -2.61 -18.39
CA LEU A 36 5.06 -1.19 -18.29
C LEU A 36 4.13 -0.78 -19.44
N ASP A 37 3.57 0.44 -19.36
CA ASP A 37 2.66 0.94 -20.39
C ASP A 37 2.90 2.42 -20.67
N TYR A 38 3.58 2.72 -21.79
CA TYR A 38 3.87 4.12 -22.18
C TYR A 38 2.99 4.57 -23.37
N SER A 39 2.01 3.74 -23.77
CA SER A 39 1.15 4.04 -24.93
C SER A 39 0.33 5.30 -24.71
N ARG A 40 -0.20 5.47 -23.49
CA ARG A 40 -1.05 6.64 -23.17
C ARG A 40 -0.26 7.81 -22.57
N TYR A 41 1.07 7.66 -22.43
CA TYR A 41 1.92 8.71 -21.86
C TYR A 41 2.00 9.92 -22.80
N CYS A 42 1.68 11.11 -22.27
CA CYS A 42 1.75 12.35 -23.05
C CYS A 42 2.56 13.42 -22.27
N PRO A 43 3.31 14.30 -22.97
CA PRO A 43 4.11 15.37 -22.28
C PRO A 43 3.22 16.50 -21.74
N THR A 44 2.12 16.75 -22.45
CA THR A 44 1.18 17.80 -22.07
C THR A 44 -0.28 17.33 -22.28
N ASP A 45 -1.15 17.67 -21.32
CA ASP A 45 -2.56 17.29 -21.40
C ASP A 45 -3.44 18.35 -20.73
N GLN A 46 -4.71 18.42 -21.15
CA GLN A 46 -5.66 19.40 -20.60
C GLN A 46 -6.92 18.71 -20.09
N ALA A 47 -7.46 19.23 -18.98
CA ALA A 47 -8.66 18.68 -18.36
C ALA A 47 -9.91 18.99 -19.19
N ALA A 48 -10.90 18.08 -19.14
CA ALA A 48 -12.17 18.25 -19.85
C ALA A 48 -13.30 17.60 -19.06
N ALA A 49 -14.52 18.16 -19.19
CA ALA A 49 -15.67 17.63 -18.45
C ALA A 49 -15.97 16.19 -18.85
N GLY A 50 -15.94 15.91 -20.15
CA GLY A 50 -16.15 14.54 -20.66
C GLY A 50 -15.03 13.63 -20.21
N THR A 51 -13.81 14.16 -20.26
CA THR A 51 -12.61 13.42 -19.85
C THR A 51 -12.68 13.06 -18.36
N ASP A 52 -13.25 13.96 -17.55
CA ASP A 52 -13.35 13.74 -16.11
C ASP A 52 -14.12 12.45 -15.81
N ALA A 53 -15.28 12.28 -16.45
CA ALA A 53 -16.09 11.07 -16.24
C ALA A 53 -15.33 9.82 -16.66
N GLU A 54 -14.63 9.89 -17.80
CA GLU A 54 -13.84 8.75 -18.27
C GLU A 54 -12.68 8.47 -17.31
N HIS A 55 -12.06 9.55 -16.84
CA HIS A 55 -10.94 9.47 -15.91
C HIS A 55 -11.39 8.86 -14.58
N VAL A 56 -12.59 9.24 -14.14
CA VAL A 56 -13.16 8.75 -12.89
C VAL A 56 -13.28 7.22 -12.97
N GLN A 57 -13.77 6.72 -14.11
CA GLN A 57 -13.90 5.26 -14.32
C GLN A 57 -12.51 4.62 -14.24
N GLN A 58 -11.55 5.24 -14.90
CA GLN A 58 -10.17 4.73 -14.91
C GLN A 58 -9.59 4.69 -13.49
N PHE A 59 -9.93 5.72 -12.70
CA PHE A 59 -9.43 5.84 -11.32
C PHE A 59 -9.80 4.59 -10.50
N TYR A 60 -11.09 4.21 -10.55
CA TYR A 60 -11.55 3.03 -9.82
C TYR A 60 -10.96 1.75 -10.40
N ASN A 61 -10.86 1.71 -11.74
CA ASN A 61 -10.30 0.54 -12.42
C ASN A 61 -8.88 0.28 -11.95
N LEU A 62 -8.11 1.37 -11.76
CA LEU A 62 -6.74 1.26 -11.26
C LEU A 62 -6.74 0.68 -9.85
N LEU A 63 -7.70 1.11 -9.02
CA LEU A 63 -7.82 0.63 -7.64
C LEU A 63 -8.14 -0.86 -7.61
N THR A 64 -8.99 -1.31 -8.53
CA THR A 64 -9.39 -2.72 -8.59
C THR A 64 -8.14 -3.58 -8.83
N ALA A 65 -7.32 -3.16 -9.78
CA ALA A 65 -6.07 -3.87 -10.08
C ALA A 65 -5.14 -3.84 -8.87
N SER A 66 -5.09 -2.68 -8.19
CA SER A 66 -4.22 -2.50 -7.01
C SER A 66 -4.59 -3.45 -5.88
N ILE A 67 -5.91 -3.57 -5.60
CA ILE A 67 -6.36 -4.38 -4.47
C ILE A 67 -6.06 -5.87 -4.68
N ASP A 68 -6.28 -6.37 -5.90
CA ASP A 68 -5.98 -7.77 -6.21
C ASP A 68 -4.49 -8.06 -6.05
N VAL A 69 -3.66 -7.11 -6.51
CA VAL A 69 -2.20 -7.24 -6.39
C VAL A 69 -1.81 -7.24 -4.90
N SER A 70 -2.42 -6.34 -4.13
CA SER A 70 -2.15 -6.23 -2.70
C SER A 70 -2.57 -7.50 -1.95
N ARG A 71 -3.65 -8.15 -2.42
CA ARG A 71 -4.13 -9.39 -1.78
C ARG A 71 -3.07 -10.46 -1.84
N SER A 72 -2.49 -10.64 -3.02
CA SER A 72 -1.44 -11.64 -3.22
C SER A 72 -0.23 -11.31 -2.36
N TRP A 73 0.09 -10.03 -2.30
CA TRP A 73 1.20 -9.55 -1.48
C TRP A 73 0.95 -9.84 0.01
N ALA A 74 -0.28 -9.56 0.48
CA ALA A 74 -0.67 -9.82 1.88
C ALA A 74 -0.57 -11.32 2.19
N GLU A 75 -0.98 -12.13 1.23
CA GLU A 75 -0.97 -13.58 1.35
C GLU A 75 0.47 -14.13 1.50
N LYS A 76 1.41 -13.47 0.80
CA LYS A 76 2.84 -13.88 0.83
C LYS A 76 3.48 -13.63 2.20
N ILE A 77 2.89 -12.72 2.98
CA ILE A 77 3.44 -12.37 4.30
C ILE A 77 3.33 -13.58 5.28
N PRO A 78 4.43 -14.08 5.88
CA PRO A 78 4.38 -15.24 6.84
C PRO A 78 3.52 -14.93 8.06
N GLY A 79 2.69 -15.89 8.46
CA GLY A 79 1.84 -15.75 9.64
C GLY A 79 0.51 -15.03 9.33
N PHE A 80 0.41 -14.43 8.12
CA PHE A 80 -0.80 -13.73 7.70
C PHE A 80 -1.97 -14.70 7.60
N THR A 81 -1.69 -15.88 7.03
CA THR A 81 -2.69 -16.92 6.86
C THR A 81 -3.19 -17.42 8.23
N ASP A 82 -2.25 -17.55 9.17
CA ASP A 82 -2.55 -18.06 10.51
C ASP A 82 -3.62 -17.21 11.21
N LEU A 83 -3.60 -15.90 10.99
CA LEU A 83 -4.55 -14.98 11.63
C LEU A 83 -5.97 -15.36 11.18
N PRO A 84 -7.02 -15.15 12.02
CA PRO A 84 -8.44 -15.43 11.62
C PRO A 84 -8.71 -14.93 10.19
N LYS A 85 -9.59 -15.63 9.47
CA LYS A 85 -9.89 -15.27 8.09
C LYS A 85 -10.43 -13.85 8.01
N GLU A 86 -11.30 -13.50 8.95
CA GLU A 86 -11.89 -12.17 9.00
C GLU A 86 -10.80 -11.09 9.19
N ASP A 87 -9.80 -11.40 10.03
CA ASP A 87 -8.70 -10.44 10.29
C ASP A 87 -7.97 -10.13 9.00
N GLN A 88 -7.66 -11.18 8.26
CA GLN A 88 -6.90 -11.06 7.04
C GLN A 88 -7.65 -10.19 6.03
N THR A 89 -8.97 -10.42 5.93
CA THR A 89 -9.82 -9.64 5.03
C THR A 89 -9.89 -8.17 5.48
N LEU A 90 -10.07 -7.97 6.80
CA LEU A 90 -10.19 -6.62 7.36
C LEU A 90 -8.91 -5.81 7.15
N LEU A 91 -7.76 -6.44 7.37
CA LEU A 91 -6.47 -5.77 7.24
C LEU A 91 -6.25 -5.30 5.80
N ILE A 92 -6.60 -6.16 4.84
CA ILE A 92 -6.41 -5.85 3.41
C ILE A 92 -7.29 -4.66 2.99
N GLU A 93 -8.58 -4.71 3.36
CA GLU A 93 -9.54 -3.66 2.97
C GLU A 93 -9.15 -2.31 3.58
N SER A 94 -8.76 -2.34 4.86
CA SER A 94 -8.38 -1.13 5.58
C SER A 94 -7.05 -0.55 5.08
N ALA A 95 -6.11 -1.45 4.76
CA ALA A 95 -4.76 -1.04 4.34
C ALA A 95 -4.62 -0.85 2.83
N PHE A 96 -5.69 -1.11 2.07
CA PHE A 96 -5.64 -0.98 0.61
C PHE A 96 -5.22 0.44 0.18
N LEU A 97 -5.88 1.45 0.73
CA LEU A 97 -5.59 2.85 0.35
C LEU A 97 -4.15 3.24 0.70
N GLU A 98 -3.70 2.83 1.90
CA GLU A 98 -2.36 3.17 2.37
C GLU A 98 -1.27 2.49 1.52
N LEU A 99 -1.47 1.20 1.22
CA LEU A 99 -0.50 0.41 0.45
C LEU A 99 -0.36 0.93 -0.97
N PHE A 100 -1.48 1.29 -1.60
CA PHE A 100 -1.47 1.82 -2.96
C PHE A 100 -0.65 3.11 -2.98
N VAL A 101 -0.91 4.00 -2.03
CA VAL A 101 -0.21 5.29 -1.92
C VAL A 101 1.29 5.07 -1.68
N LEU A 102 1.60 4.24 -0.69
CA LEU A 102 2.98 3.99 -0.29
C LEU A 102 3.79 3.36 -1.43
N ARG A 103 3.22 2.31 -2.00
CA ARG A 103 3.86 1.56 -3.08
C ARG A 103 3.96 2.39 -4.36
N LEU A 104 2.91 3.17 -4.64
CA LEU A 104 2.86 4.02 -5.84
C LEU A 104 3.98 5.06 -5.82
N SER A 105 4.18 5.67 -4.66
CA SER A 105 5.19 6.71 -4.49
C SER A 105 6.59 6.18 -4.79
N ILE A 106 6.84 4.94 -4.38
CA ILE A 106 8.14 4.30 -4.59
C ILE A 106 8.45 4.14 -6.09
N ARG A 107 7.48 3.59 -6.83
CA ARG A 107 7.65 3.32 -8.25
C ARG A 107 7.60 4.61 -9.09
N SER A 108 6.76 5.56 -8.65
CA SER A 108 6.58 6.82 -9.36
C SER A 108 7.81 7.71 -9.27
N ASN A 109 8.05 8.50 -10.33
CA ASN A 109 9.18 9.43 -10.38
C ASN A 109 8.70 10.88 -10.28
N THR A 110 8.97 11.51 -9.13
CA THR A 110 8.52 12.90 -8.90
C THR A 110 9.28 13.88 -9.78
N ALA A 111 10.55 13.59 -10.05
CA ALA A 111 11.38 14.45 -10.90
C ALA A 111 10.76 14.55 -12.30
N GLU A 112 10.24 13.40 -12.77
CA GLU A 112 9.56 13.33 -14.07
C GLU A 112 8.06 13.58 -13.94
N ASP A 113 7.55 13.74 -12.70
CA ASP A 113 6.13 13.99 -12.46
C ASP A 113 5.28 12.88 -13.09
N LYS A 114 5.83 11.65 -13.08
CA LYS A 114 5.14 10.49 -13.66
C LYS A 114 4.82 9.43 -12.61
N PHE A 115 3.68 8.76 -12.79
CA PHE A 115 3.25 7.68 -11.90
C PHE A 115 3.15 6.37 -12.67
N VAL A 116 4.09 5.47 -12.41
CA VAL A 116 4.16 4.18 -13.09
C VAL A 116 2.99 3.25 -12.70
N PHE A 117 2.63 3.25 -11.40
CA PHE A 117 1.58 2.34 -10.87
C PHE A 117 2.03 0.88 -11.05
N CYS A 118 1.50 0.00 -10.19
CA CYS A 118 1.80 -1.44 -10.29
C CYS A 118 1.28 -2.02 -11.62
N ASN A 119 0.32 -1.32 -12.23
CA ASN A 119 -0.24 -1.74 -13.52
C ASN A 119 0.69 -1.36 -14.69
N GLY A 120 1.75 -0.57 -14.41
CA GLY A 120 2.68 -0.12 -15.44
C GLY A 120 2.18 1.13 -16.20
N LEU A 121 0.99 1.63 -15.83
CA LEU A 121 0.39 2.81 -16.48
C LEU A 121 1.17 4.07 -16.09
N VAL A 122 1.50 4.90 -17.09
CA VAL A 122 2.26 6.14 -16.83
C VAL A 122 1.40 7.38 -17.14
N LEU A 123 1.21 8.23 -16.13
CA LEU A 123 0.44 9.47 -16.28
C LEU A 123 1.32 10.68 -15.96
N HIS A 124 1.18 11.74 -16.76
CA HIS A 124 2.07 12.92 -16.68
C HIS A 124 1.58 14.00 -15.67
N ARG A 125 1.26 13.58 -14.43
CA ARG A 125 0.83 14.53 -13.35
C ARG A 125 -0.52 15.21 -13.71
N LEU A 126 -0.48 16.07 -14.73
CA LEU A 126 -1.65 16.79 -15.21
C LEU A 126 -2.72 15.80 -15.67
N GLN A 127 -2.28 14.65 -16.24
CA GLN A 127 -3.22 13.63 -16.69
C GLN A 127 -4.07 13.15 -15.51
N CYS A 128 -3.41 12.96 -14.36
CA CYS A 128 -4.12 12.53 -13.13
C CYS A 128 -4.89 13.69 -12.48
N LEU A 129 -4.47 14.92 -12.76
CA LEU A 129 -5.06 16.13 -12.16
C LEU A 129 -6.58 16.20 -12.42
N ARG A 130 -7.06 15.54 -13.48
CA ARG A 130 -8.49 15.54 -13.83
C ARG A 130 -9.38 14.98 -12.71
N GLY A 131 -8.92 13.90 -12.05
CA GLY A 131 -9.72 13.26 -11.00
C GLY A 131 -8.97 13.21 -9.70
N PHE A 132 -7.69 12.83 -9.78
CA PHE A 132 -6.86 12.78 -8.58
C PHE A 132 -6.77 14.17 -7.99
N GLY A 133 -6.42 15.15 -8.83
CA GLY A 133 -6.29 16.53 -8.38
C GLY A 133 -5.24 16.59 -7.28
N GLU A 134 -5.64 17.10 -6.13
CA GLU A 134 -4.77 17.17 -4.97
C GLU A 134 -4.35 15.75 -4.51
N TRP A 135 -5.17 14.73 -4.84
CA TRP A 135 -4.90 13.35 -4.43
C TRP A 135 -3.54 12.87 -5.00
N LEU A 136 -3.30 13.13 -6.29
CA LEU A 136 -2.02 12.77 -6.93
C LEU A 136 -0.89 13.68 -6.44
N ASP A 137 -1.17 14.98 -6.40
CA ASP A 137 -0.16 15.97 -6.01
C ASP A 137 0.39 15.65 -4.62
N SER A 138 -0.49 15.27 -3.70
CA SER A 138 -0.10 14.91 -2.35
C SER A 138 0.84 13.70 -2.36
N ILE A 139 0.54 12.72 -3.24
CA ILE A 139 1.34 11.52 -3.36
C ILE A 139 2.76 11.87 -3.82
N LYS A 140 2.84 12.77 -4.80
CA LYS A 140 4.13 13.20 -5.35
C LYS A 140 4.98 13.83 -4.25
N ASP A 141 4.36 14.68 -3.43
CA ASP A 141 5.06 15.31 -2.31
C ASP A 141 5.51 14.25 -1.30
N PHE A 142 4.64 13.27 -1.05
CA PHE A 142 4.96 12.16 -0.13
C PHE A 142 6.16 11.38 -0.63
N SER A 143 6.17 11.11 -1.94
CA SER A 143 7.23 10.34 -2.57
C SER A 143 8.58 11.02 -2.37
N LEU A 144 8.61 12.35 -2.50
CA LEU A 144 9.85 13.12 -2.33
C LEU A 144 10.38 12.89 -0.91
N ASN A 145 9.49 12.97 0.08
CA ASN A 145 9.85 12.73 1.47
C ASN A 145 10.35 11.30 1.65
N LEU A 146 9.68 10.36 0.97
CA LEU A 146 10.06 8.94 1.04
C LEU A 146 11.48 8.74 0.51
N GLN A 147 11.80 9.43 -0.60
CA GLN A 147 13.13 9.35 -1.21
C GLN A 147 14.20 9.86 -0.24
N SER A 148 13.85 10.92 0.51
CA SER A 148 14.76 11.50 1.49
C SER A 148 15.15 10.46 2.54
N LEU A 149 14.17 9.64 2.94
CA LEU A 149 14.38 8.60 3.95
C LEU A 149 15.45 7.61 3.48
N ASN A 150 15.46 7.31 2.16
CA ASN A 150 16.43 6.38 1.57
C ASN A 150 16.32 4.99 2.21
N LEU A 151 15.08 4.55 2.43
CA LEU A 151 14.82 3.22 2.99
C LEU A 151 15.24 2.13 2.02
N ASP A 152 15.79 1.04 2.56
CA ASP A 152 16.24 -0.08 1.74
C ASP A 152 15.05 -0.95 1.35
N ILE A 153 15.32 -1.96 0.51
CA ILE A 153 14.27 -2.87 0.06
C ILE A 153 13.65 -3.59 1.26
N GLN A 154 14.52 -4.13 2.11
CA GLN A 154 14.10 -4.87 3.31
C GLN A 154 13.42 -3.95 4.31
N ALA A 155 13.98 -2.75 4.50
CA ALA A 155 13.41 -1.77 5.42
C ALA A 155 12.02 -1.36 4.97
N LEU A 156 11.87 -1.16 3.67
CA LEU A 156 10.58 -0.78 3.08
C LEU A 156 9.61 -1.95 3.13
N ALA A 157 10.12 -3.17 2.91
CA ALA A 157 9.29 -4.37 2.91
C ALA A 157 8.58 -4.53 4.26
N CYS A 158 9.32 -4.33 5.35
CA CYS A 158 8.73 -4.42 6.69
C CYS A 158 7.73 -3.29 6.94
N LEU A 159 8.08 -2.07 6.47
CA LEU A 159 7.20 -0.89 6.65
C LEU A 159 5.89 -1.06 5.89
N SER A 160 5.96 -1.62 4.67
CA SER A 160 4.75 -1.89 3.89
C SER A 160 3.90 -2.92 4.64
N ALA A 161 4.58 -3.92 5.23
CA ALA A 161 3.92 -4.93 6.04
C ALA A 161 3.28 -4.27 7.27
N LEU A 162 3.99 -3.28 7.84
CA LEU A 162 3.50 -2.54 9.00
C LEU A 162 2.20 -1.81 8.67
N SER A 163 2.12 -1.25 7.46
CA SER A 163 0.91 -0.57 7.03
C SER A 163 -0.26 -1.56 6.97
N MET A 164 0.02 -2.75 6.42
CA MET A 164 -0.97 -3.82 6.33
C MET A 164 -1.43 -4.28 7.72
N ILE A 165 -0.46 -4.47 8.61
CA ILE A 165 -0.72 -4.98 9.96
C ILE A 165 -0.78 -3.83 10.97
N THR A 166 -2.00 -3.58 11.49
CA THR A 166 -2.20 -2.54 12.50
C THR A 166 -3.53 -2.76 13.24
N GLU A 167 -3.59 -2.33 14.50
CA GLU A 167 -4.80 -2.52 15.33
C GLU A 167 -6.01 -1.77 14.71
N ARG A 168 -7.13 -2.48 14.57
CA ARG A 168 -8.36 -1.90 13.98
C ARG A 168 -9.58 -2.20 14.87
N HIS A 169 -9.95 -1.20 15.71
CA HIS A 169 -11.12 -1.26 16.64
C HIS A 169 -11.68 -2.69 16.87
N GLY A 170 -12.71 -3.11 16.10
CA GLY A 170 -13.31 -4.43 16.25
C GLY A 170 -12.47 -5.49 15.57
N LEU A 171 -11.21 -5.56 15.98
CA LEU A 171 -10.24 -6.49 15.40
C LEU A 171 -10.43 -7.91 15.92
N LYS A 172 -10.10 -8.90 15.05
CA LYS A 172 -10.07 -10.26 15.50
C LYS A 172 -8.82 -10.47 16.32
N GLU A 173 -9.01 -10.46 17.60
CA GLU A 173 -7.90 -10.72 18.46
C GLU A 173 -6.85 -9.60 18.17
N PRO A 174 -6.92 -8.44 18.84
CA PRO A 174 -5.91 -7.34 18.63
C PRO A 174 -4.52 -7.94 18.64
N LYS A 175 -4.38 -8.93 19.48
CA LYS A 175 -3.17 -9.65 19.67
C LYS A 175 -2.75 -10.41 18.41
N ARG A 176 -3.72 -10.88 17.53
CA ARG A 176 -3.31 -11.56 16.31
C ARG A 176 -2.58 -10.60 15.41
N VAL A 177 -3.18 -9.42 15.24
CA VAL A 177 -2.56 -8.39 14.41
C VAL A 177 -1.26 -7.88 15.04
N GLU A 178 -1.27 -7.73 16.36
CA GLU A 178 -0.09 -7.28 17.11
C GLU A 178 1.03 -8.29 17.03
N GLU A 179 0.66 -9.57 17.01
CA GLU A 179 1.61 -10.67 16.91
C GLU A 179 2.44 -10.49 15.65
N LEU A 180 1.73 -10.20 14.57
CA LEU A 180 2.34 -9.97 13.27
C LEU A 180 3.15 -8.67 13.27
N CYS A 181 2.60 -7.66 13.93
CA CYS A 181 3.26 -6.36 14.02
C CYS A 181 4.62 -6.52 14.67
N ASN A 182 4.65 -7.28 15.78
CA ASN A 182 5.90 -7.57 16.48
C ASN A 182 6.86 -8.34 15.57
N LYS A 183 6.31 -9.28 14.79
CA LYS A 183 7.09 -10.08 13.84
C LYS A 183 7.78 -9.22 12.78
N ILE A 184 7.03 -8.26 12.24
CA ILE A 184 7.55 -7.37 11.22
C ILE A 184 8.62 -6.46 11.85
N THR A 185 8.33 -5.96 13.05
CA THR A 185 9.26 -5.08 13.77
C THR A 185 10.52 -5.82 14.16
N SER A 186 10.41 -7.13 14.45
CA SER A 186 11.58 -7.93 14.82
C SER A 186 12.59 -7.99 13.68
N SER A 187 12.11 -8.34 12.47
CA SER A 187 12.97 -8.38 11.28
C SER A 187 13.50 -6.99 10.96
N LEU A 188 12.60 -6.03 11.01
CA LEU A 188 12.88 -4.63 10.70
C LEU A 188 13.95 -4.08 11.64
N LYS A 189 13.77 -4.36 12.91
CA LYS A 189 14.69 -3.91 13.96
C LYS A 189 16.08 -4.45 13.66
N ASP A 190 16.13 -5.74 13.33
CA ASP A 190 17.39 -6.39 12.98
C ASP A 190 17.99 -5.69 11.77
N HIS A 191 17.14 -5.34 10.80
CA HIS A 191 17.57 -4.65 9.58
C HIS A 191 18.23 -3.30 9.95
N GLN A 192 17.58 -2.55 10.86
CA GLN A 192 18.10 -1.23 11.27
C GLN A 192 19.43 -1.34 12.01
N SER A 193 19.68 -2.48 12.66
CA SER A 193 20.92 -2.70 13.41
C SER A 193 22.12 -2.94 12.46
N LYS A 194 21.83 -3.14 11.16
CA LYS A 194 22.87 -3.41 10.17
C LYS A 194 23.45 -2.10 9.57
N GLY A 195 22.90 -0.95 9.98
CA GLY A 195 23.34 0.36 9.48
C GLY A 195 24.73 0.71 10.00
N GLN A 196 25.32 1.75 9.40
CA GLN A 196 26.67 2.19 9.78
C GLN A 196 26.72 2.73 11.22
N ALA A 197 25.63 3.38 11.63
CA ALA A 197 25.54 3.96 12.99
C ALA A 197 24.47 3.24 13.85
N LEU A 198 23.77 2.25 13.27
CA LEU A 198 22.71 1.52 13.98
C LEU A 198 21.57 2.46 14.43
N GLU A 199 21.58 3.72 13.93
CA GLU A 199 20.54 4.67 14.25
C GLU A 199 19.22 4.28 13.56
N PRO A 200 18.06 4.29 14.26
CA PRO A 200 16.77 3.94 13.64
C PRO A 200 16.15 5.14 12.98
N THR A 201 15.76 4.97 11.72
CA THR A 201 15.05 6.00 10.99
C THR A 201 13.53 5.90 11.26
N GLU A 202 13.15 5.07 12.26
CA GLU A 202 11.76 4.84 12.61
C GLU A 202 11.08 6.14 13.04
N SER A 203 11.81 6.99 13.76
CA SER A 203 11.25 8.26 14.22
C SER A 203 10.83 9.11 13.02
N LYS A 204 11.69 9.15 12.00
CA LYS A 204 11.40 9.85 10.75
C LYS A 204 10.21 9.20 10.04
N VAL A 205 10.16 7.87 10.10
CA VAL A 205 9.07 7.08 9.50
C VAL A 205 7.76 7.45 10.15
N LEU A 206 7.75 7.61 11.49
CA LEU A 206 6.52 7.95 12.19
C LEU A 206 6.00 9.32 11.74
N GLY A 207 6.93 10.26 11.48
CA GLY A 207 6.56 11.60 10.99
C GLY A 207 5.94 11.51 9.59
N ALA A 208 6.52 10.63 8.76
CA ALA A 208 6.00 10.39 7.40
C ALA A 208 4.77 9.50 7.45
N LEU A 209 4.61 8.76 8.56
CA LEU A 209 3.46 7.90 8.75
C LEU A 209 2.23 8.75 9.03
N VAL A 210 2.43 9.82 9.82
CA VAL A 210 1.34 10.76 10.12
C VAL A 210 0.87 11.35 8.79
N GLU A 211 1.82 11.80 7.97
CA GLU A 211 1.52 12.35 6.65
C GLU A 211 0.86 11.28 5.76
N LEU A 212 1.37 10.04 5.84
CA LEU A 212 0.81 8.93 5.06
C LEU A 212 -0.66 8.70 5.44
N ARG A 213 -0.94 8.80 6.74
CA ARG A 213 -2.28 8.66 7.26
C ARG A 213 -3.19 9.75 6.72
N LYS A 214 -2.64 10.97 6.59
CA LYS A 214 -3.41 12.09 6.05
C LYS A 214 -3.83 11.74 4.62
N ILE A 215 -2.92 11.11 3.88
CA ILE A 215 -3.20 10.65 2.53
C ILE A 215 -4.24 9.51 2.59
N CYS A 216 -4.12 8.63 3.59
CA CYS A 216 -5.04 7.50 3.74
C CYS A 216 -6.48 8.00 3.90
N THR A 217 -6.65 9.08 4.67
CA THR A 217 -7.98 9.68 4.88
C THR A 217 -8.40 10.56 3.69
N LEU A 218 -7.41 11.18 3.04
CA LEU A 218 -7.67 12.03 1.85
C LEU A 218 -8.29 11.22 0.73
N GLY A 219 -7.82 9.98 0.56
CA GLY A 219 -8.32 9.11 -0.49
C GLY A 219 -9.82 8.87 -0.33
N LEU A 220 -10.25 8.66 0.93
CA LEU A 220 -11.66 8.45 1.22
C LEU A 220 -12.47 9.72 0.94
N GLN A 221 -11.90 10.87 1.31
CA GLN A 221 -12.58 12.17 1.13
C GLN A 221 -12.77 12.52 -0.34
N ARG A 222 -11.72 12.28 -1.15
CA ARG A 222 -11.76 12.60 -2.58
C ARG A 222 -12.84 11.80 -3.29
N ILE A 223 -12.87 10.51 -3.00
CA ILE A 223 -13.85 9.60 -3.59
C ILE A 223 -15.27 9.97 -3.17
N PHE A 224 -15.44 10.37 -1.90
CA PHE A 224 -16.77 10.71 -1.39
C PHE A 224 -17.41 11.82 -2.24
N TYR A 225 -16.63 12.89 -2.49
CA TYR A 225 -17.10 14.01 -3.33
C TYR A 225 -17.33 13.53 -4.76
N LEU A 226 -16.43 12.66 -5.25
CA LEU A 226 -16.54 12.12 -6.61
C LEU A 226 -17.81 11.31 -6.78
N LYS A 227 -18.19 10.55 -5.75
CA LYS A 227 -19.42 9.72 -5.77
C LYS A 227 -20.66 10.58 -5.91
N LEU A 228 -20.69 11.72 -5.20
CA LEU A 228 -21.83 12.64 -5.28
C LEU A 228 -22.00 13.10 -6.73
N GLU A 229 -20.87 13.42 -7.36
CA GLU A 229 -20.83 13.78 -8.77
C GLU A 229 -21.17 12.53 -9.62
N ASP A 230 -20.66 11.37 -9.17
CA ASP A 230 -20.87 10.08 -9.81
C ASP A 230 -20.17 10.00 -11.19
N LEU A 231 -20.89 10.35 -12.28
CA LEU A 231 -20.38 10.26 -13.66
C LEU A 231 -20.33 8.81 -14.14
N VAL A 232 -19.69 7.93 -13.35
CA VAL A 232 -19.58 6.50 -13.71
C VAL A 232 -19.94 5.56 -12.53
N SER A 233 -20.06 6.14 -11.32
CA SER A 233 -20.39 5.36 -10.10
C SER A 233 -19.27 4.31 -9.78
N PRO A 234 -18.79 4.22 -8.52
CA PRO A 234 -17.73 3.23 -8.14
C PRO A 234 -18.13 1.76 -8.43
N PRO A 235 -17.15 0.85 -8.63
CA PRO A 235 -17.43 -0.60 -8.78
C PRO A 235 -17.88 -1.19 -7.45
N SER A 236 -18.50 -2.35 -7.48
CA SER A 236 -19.05 -2.97 -6.27
C SER A 236 -17.97 -3.18 -5.20
N ILE A 237 -16.80 -3.65 -5.63
CA ILE A 237 -15.70 -3.96 -4.70
C ILE A 237 -15.19 -2.68 -4.01
N ILE A 238 -14.91 -1.63 -4.80
CA ILE A 238 -14.38 -0.37 -4.26
C ILE A 238 -15.39 0.32 -3.33
N ASP A 239 -16.65 0.45 -3.80
CA ASP A 239 -17.71 1.04 -2.97
C ASP A 239 -17.87 0.23 -1.68
N LYS A 240 -17.79 -1.09 -1.81
CA LYS A 240 -17.88 -2.01 -0.68
C LYS A 240 -16.79 -1.71 0.35
N LEU A 241 -15.59 -1.44 -0.14
CA LEU A 241 -14.43 -1.18 0.71
C LEU A 241 -14.67 0.04 1.61
N PHE A 242 -15.28 1.09 1.05
CA PHE A 242 -15.54 2.34 1.78
C PHE A 242 -16.41 2.10 3.02
N LEU A 243 -17.40 1.23 2.88
CA LEU A 243 -18.31 0.92 3.99
C LEU A 243 -17.81 -0.27 4.83
N ASP A 244 -16.98 -1.13 4.22
CA ASP A 244 -16.40 -2.28 4.91
C ASP A 244 -15.47 -1.84 6.03
N THR A 245 -14.69 -0.79 5.76
CA THR A 245 -13.70 -0.28 6.71
C THR A 245 -13.97 1.18 7.07
N LEU A 246 -13.31 1.63 8.15
CA LEU A 246 -13.47 2.99 8.64
C LEU A 246 -12.09 3.68 8.80
N PRO A 247 -12.02 5.03 8.80
CA PRO A 247 -10.72 5.78 8.93
C PRO A 247 -9.91 5.31 10.15
N PHE A 248 -10.61 5.04 11.25
CA PHE A 248 -9.96 4.61 12.49
C PHE A 248 -10.96 3.94 13.42
N LYS A 1 -9.49 -31.78 49.12
CA LYS A 1 -9.42 -30.42 49.73
C LYS A 1 -8.62 -29.50 48.80
N SER A 2 -7.33 -29.80 48.63
CA SER A 2 -6.44 -29.01 47.78
C SER A 2 -5.78 -29.91 46.70
N PRO A 3 -6.33 -29.97 45.46
CA PRO A 3 -5.74 -30.81 44.36
C PRO A 3 -4.40 -30.26 43.88
N LEU A 4 -3.55 -31.16 43.36
CA LEU A 4 -2.23 -30.77 42.86
C LEU A 4 -2.35 -30.09 41.50
N GLN A 5 -2.11 -28.77 41.48
CA GLN A 5 -2.18 -28.00 40.24
C GLN A 5 -0.77 -27.61 39.78
N GLN A 6 -0.19 -28.46 38.92
CA GLN A 6 1.16 -28.23 38.42
C GLN A 6 1.23 -26.95 37.60
N GLU A 7 0.21 -26.74 36.74
CA GLU A 7 0.12 -25.54 35.88
C GLU A 7 1.53 -25.20 35.25
N PRO A 8 2.18 -26.18 34.57
CA PRO A 8 3.53 -25.94 33.95
C PRO A 8 3.45 -25.07 32.70
N SER A 9 4.45 -24.19 32.54
CA SER A 9 4.52 -23.32 31.36
C SER A 9 4.77 -24.13 30.09
N GLN A 10 5.60 -25.19 30.23
CA GLN A 10 5.96 -26.11 29.11
C GLN A 10 6.04 -25.37 27.73
N PRO A 11 6.83 -24.27 27.62
CA PRO A 11 6.97 -23.53 26.33
C PRO A 11 7.70 -24.34 25.26
N SER A 12 7.24 -24.22 24.03
CA SER A 12 7.85 -24.91 22.90
C SER A 12 8.10 -23.92 21.72
N PRO A 13 9.11 -23.04 21.83
CA PRO A 13 9.38 -22.02 20.77
C PRO A 13 9.90 -22.66 19.45
N PRO A 14 9.51 -22.13 18.26
CA PRO A 14 9.97 -22.67 16.95
C PRO A 14 11.34 -22.11 16.56
N SER A 15 11.83 -22.52 15.39
CA SER A 15 13.11 -22.05 14.88
C SER A 15 12.96 -21.50 13.43
N PRO A 16 12.26 -20.34 13.25
CA PRO A 16 12.05 -19.74 11.89
C PRO A 16 13.38 -19.42 11.19
N PRO A 17 13.47 -19.54 9.84
CA PRO A 17 14.72 -19.24 9.09
C PRO A 17 15.03 -17.74 9.05
N ILE A 18 16.32 -17.41 8.92
CA ILE A 18 16.76 -16.01 8.85
C ILE A 18 16.18 -15.30 7.60
N CYS A 19 15.76 -16.10 6.60
CA CYS A 19 15.24 -15.56 5.33
C CYS A 19 13.81 -14.99 5.44
N MET A 20 13.33 -14.75 6.68
CA MET A 20 12.00 -14.17 6.88
C MET A 20 11.92 -12.82 6.17
N MET A 21 12.95 -11.98 6.41
CA MET A 21 13.05 -10.67 5.74
C MET A 21 13.08 -10.87 4.21
N ASN A 22 13.88 -11.85 3.78
CA ASN A 22 14.05 -12.13 2.36
C ASN A 22 12.73 -12.50 1.70
N ALA A 23 11.93 -13.29 2.42
CA ALA A 23 10.62 -13.70 1.92
C ALA A 23 9.72 -12.48 1.72
N LEU A 24 9.78 -11.54 2.67
CA LEU A 24 8.97 -10.31 2.59
C LEU A 24 9.39 -9.49 1.37
N VAL A 25 10.71 -9.38 1.17
CA VAL A 25 11.27 -8.65 0.04
C VAL A 25 10.88 -9.31 -1.28
N ARG A 26 10.96 -10.65 -1.31
CA ARG A 26 10.62 -11.41 -2.51
C ARG A 26 9.17 -11.15 -2.90
N ALA A 27 8.30 -11.16 -1.90
CA ALA A 27 6.88 -10.89 -2.12
C ALA A 27 6.70 -9.48 -2.70
N LEU A 28 7.44 -8.52 -2.13
CA LEU A 28 7.38 -7.13 -2.57
C LEU A 28 7.89 -6.98 -4.01
N THR A 29 9.03 -7.62 -4.28
CA THR A 29 9.67 -7.57 -5.60
C THR A 29 8.88 -8.34 -6.64
N ASP A 30 8.23 -9.41 -6.22
CA ASP A 30 7.45 -10.25 -7.14
C ASP A 30 6.26 -9.48 -7.71
N SER A 31 5.64 -8.64 -6.88
CA SER A 31 4.51 -7.82 -7.32
C SER A 31 4.99 -6.50 -7.94
N THR A 32 5.47 -6.59 -9.20
CA THR A 32 5.97 -5.40 -9.92
C THR A 32 5.85 -5.57 -11.46
N PRO A 33 5.61 -4.49 -12.22
CA PRO A 33 5.53 -4.57 -13.71
C PRO A 33 6.91 -4.41 -14.36
N ARG A 34 7.51 -5.54 -14.72
CA ARG A 34 8.82 -5.52 -15.36
C ARG A 34 8.72 -4.99 -16.78
N ASP A 35 7.66 -5.39 -17.47
CA ASP A 35 7.41 -5.00 -18.85
C ASP A 35 7.24 -3.49 -18.97
N LEU A 36 6.45 -2.90 -18.06
CA LEU A 36 6.20 -1.46 -18.05
C LEU A 36 5.52 -1.01 -19.34
N ASP A 37 4.69 0.04 -19.22
CA ASP A 37 3.96 0.58 -20.37
C ASP A 37 4.10 2.10 -20.43
N TYR A 38 4.94 2.58 -21.36
CA TYR A 38 5.16 4.02 -21.51
C TYR A 38 4.38 4.63 -22.69
N SER A 39 3.60 3.79 -23.40
CA SER A 39 2.80 4.25 -24.54
C SER A 39 1.78 5.29 -24.08
N ARG A 40 1.14 5.00 -22.94
CA ARG A 40 0.14 5.90 -22.35
C ARG A 40 0.78 7.21 -21.89
N TYR A 41 2.01 7.12 -21.37
CA TYR A 41 2.74 8.29 -20.88
C TYR A 41 2.77 9.39 -21.96
N CYS A 42 2.38 10.62 -21.54
CA CYS A 42 2.35 11.77 -22.43
C CYS A 42 2.96 13.00 -21.74
N PRO A 43 3.64 13.91 -22.47
CA PRO A 43 4.22 15.16 -21.86
C PRO A 43 3.12 16.14 -21.49
N THR A 44 2.05 16.15 -22.30
CA THR A 44 0.89 17.01 -22.07
C THR A 44 -0.39 16.18 -22.18
N ASP A 45 -1.27 16.29 -21.17
CA ASP A 45 -2.54 15.57 -21.16
C ASP A 45 -3.72 16.55 -21.17
N GLN A 46 -4.40 16.62 -22.33
CA GLN A 46 -5.54 17.53 -22.49
C GLN A 46 -6.70 17.19 -21.55
N ALA A 47 -7.19 18.22 -20.85
CA ALA A 47 -8.31 18.08 -19.92
C ALA A 47 -9.64 18.33 -20.63
N ALA A 48 -10.75 18.06 -19.92
CA ALA A 48 -12.11 18.27 -20.46
C ALA A 48 -12.47 17.24 -21.54
N ALA A 49 -13.63 17.42 -22.19
CA ALA A 49 -14.11 16.49 -23.23
C ALA A 49 -14.43 15.12 -22.63
N GLY A 50 -15.39 15.10 -21.69
CA GLY A 50 -15.78 13.86 -21.00
C GLY A 50 -14.67 13.38 -20.05
N THR A 51 -13.87 14.34 -19.56
CA THR A 51 -12.75 14.04 -18.68
C THR A 51 -13.19 13.40 -17.35
N ASP A 52 -14.14 14.05 -16.66
CA ASP A 52 -14.59 13.57 -15.34
C ASP A 52 -15.08 12.13 -15.35
N ALA A 53 -16.10 11.83 -16.17
CA ALA A 53 -16.66 10.48 -16.23
C ALA A 53 -15.62 9.44 -16.67
N GLU A 54 -14.85 9.77 -17.71
CA GLU A 54 -13.82 8.84 -18.24
C GLU A 54 -12.70 8.64 -17.22
N HIS A 55 -12.27 9.74 -16.57
CA HIS A 55 -11.20 9.68 -15.58
C HIS A 55 -11.65 8.98 -14.31
N VAL A 56 -12.91 9.18 -13.92
CA VAL A 56 -13.48 8.51 -12.75
C VAL A 56 -13.51 6.99 -12.99
N GLN A 57 -13.91 6.58 -14.20
CA GLN A 57 -13.94 5.16 -14.55
C GLN A 57 -12.54 4.57 -14.45
N GLN A 58 -11.58 5.28 -15.02
CA GLN A 58 -10.17 4.85 -14.99
C GLN A 58 -9.66 4.83 -13.55
N PHE A 59 -10.10 5.81 -12.76
CA PHE A 59 -9.67 5.96 -11.37
C PHE A 59 -9.98 4.69 -10.56
N TYR A 60 -11.23 4.22 -10.65
CA TYR A 60 -11.62 2.97 -9.96
C TYR A 60 -11.01 1.76 -10.63
N ASN A 61 -10.90 1.80 -11.97
CA ASN A 61 -10.35 0.66 -12.73
C ASN A 61 -8.93 0.38 -12.27
N LEU A 62 -8.13 1.44 -12.11
CA LEU A 62 -6.77 1.31 -11.62
C LEU A 62 -6.76 0.74 -10.20
N LEU A 63 -7.72 1.22 -9.39
CA LEU A 63 -7.85 0.78 -8.01
C LEU A 63 -8.20 -0.71 -7.92
N THR A 64 -9.06 -1.17 -8.84
CA THR A 64 -9.48 -2.57 -8.87
C THR A 64 -8.27 -3.48 -9.06
N ALA A 65 -7.42 -3.14 -10.02
CA ALA A 65 -6.21 -3.89 -10.29
C ALA A 65 -5.26 -3.83 -9.08
N SER A 66 -5.16 -2.65 -8.46
CA SER A 66 -4.27 -2.43 -7.33
C SER A 66 -4.70 -3.22 -6.08
N ILE A 67 -6.02 -3.29 -5.84
CA ILE A 67 -6.52 -4.00 -4.65
C ILE A 67 -6.22 -5.50 -4.75
N ASP A 68 -6.33 -6.05 -5.96
CA ASP A 68 -6.00 -7.46 -6.18
C ASP A 68 -4.50 -7.69 -5.89
N VAL A 69 -3.67 -6.73 -6.33
CA VAL A 69 -2.23 -6.79 -6.09
C VAL A 69 -1.94 -6.68 -4.58
N SER A 70 -2.64 -5.76 -3.91
CA SER A 70 -2.47 -5.56 -2.46
C SER A 70 -2.85 -6.83 -1.71
N ARG A 71 -3.93 -7.49 -2.16
CA ARG A 71 -4.38 -8.72 -1.55
C ARG A 71 -3.31 -9.78 -1.65
N SER A 72 -2.73 -9.92 -2.85
CA SER A 72 -1.66 -10.89 -3.06
C SER A 72 -0.44 -10.54 -2.22
N TRP A 73 -0.15 -9.23 -2.11
CA TRP A 73 0.95 -8.73 -1.29
C TRP A 73 0.75 -9.15 0.17
N ALA A 74 -0.45 -8.94 0.70
CA ALA A 74 -0.79 -9.33 2.07
C ALA A 74 -0.69 -10.84 2.24
N GLU A 75 -1.17 -11.57 1.22
CA GLU A 75 -1.20 -13.04 1.24
C GLU A 75 0.21 -13.65 1.28
N LYS A 76 1.19 -13.03 0.60
CA LYS A 76 2.57 -13.56 0.56
C LYS A 76 3.27 -13.45 1.92
N ILE A 77 2.80 -12.52 2.76
CA ILE A 77 3.43 -12.28 4.07
C ILE A 77 3.30 -13.55 4.97
N PRO A 78 4.41 -14.08 5.54
CA PRO A 78 4.34 -15.29 6.45
C PRO A 78 3.45 -15.03 7.67
N GLY A 79 2.57 -15.99 7.97
CA GLY A 79 1.67 -15.89 9.13
C GLY A 79 0.37 -15.12 8.82
N PHE A 80 0.31 -14.47 7.64
CA PHE A 80 -0.87 -13.71 7.24
C PHE A 80 -2.09 -14.62 7.14
N THR A 81 -1.90 -15.76 6.49
CA THR A 81 -2.98 -16.74 6.29
C THR A 81 -3.50 -17.25 7.64
N ASP A 82 -2.56 -17.45 8.57
CA ASP A 82 -2.89 -17.97 9.91
C ASP A 82 -3.93 -17.11 10.62
N LEU A 83 -3.89 -15.79 10.38
CA LEU A 83 -4.84 -14.86 11.02
C LEU A 83 -6.26 -15.17 10.53
N PRO A 84 -7.31 -15.00 11.38
CA PRO A 84 -8.73 -15.25 10.94
C PRO A 84 -9.01 -14.67 9.54
N LYS A 85 -9.98 -15.27 8.83
CA LYS A 85 -10.33 -14.84 7.47
C LYS A 85 -10.75 -13.37 7.45
N GLU A 86 -11.60 -13.01 8.38
CA GLU A 86 -12.09 -11.64 8.48
C GLU A 86 -10.94 -10.68 8.78
N ASP A 87 -9.99 -11.14 9.59
CA ASP A 87 -8.83 -10.33 10.00
C ASP A 87 -8.05 -9.90 8.77
N GLN A 88 -7.80 -10.87 7.89
CA GLN A 88 -7.00 -10.62 6.70
C GLN A 88 -7.71 -9.60 5.80
N THR A 89 -9.04 -9.74 5.69
CA THR A 89 -9.85 -8.81 4.87
C THR A 89 -9.82 -7.39 5.48
N LEU A 90 -9.99 -7.28 6.81
CA LEU A 90 -10.01 -5.97 7.46
C LEU A 90 -8.66 -5.27 7.28
N LEU A 91 -7.58 -6.02 7.45
CA LEU A 91 -6.24 -5.48 7.31
C LEU A 91 -5.96 -5.00 5.88
N ILE A 92 -6.36 -5.81 4.90
CA ILE A 92 -6.14 -5.49 3.47
C ILE A 92 -7.00 -4.28 3.03
N GLU A 93 -8.29 -4.34 3.36
CA GLU A 93 -9.22 -3.30 2.93
C GLU A 93 -8.88 -1.93 3.53
N SER A 94 -8.54 -1.93 4.82
CA SER A 94 -8.15 -0.70 5.51
C SER A 94 -6.80 -0.19 4.99
N ALA A 95 -5.90 -1.13 4.71
CA ALA A 95 -4.54 -0.83 4.26
C ALA A 95 -4.46 -0.56 2.75
N PHE A 96 -5.58 -0.76 2.02
CA PHE A 96 -5.56 -0.59 0.57
C PHE A 96 -5.11 0.82 0.16
N LEU A 97 -5.70 1.87 0.76
CA LEU A 97 -5.36 3.25 0.40
C LEU A 97 -3.92 3.62 0.77
N GLU A 98 -3.49 3.21 1.98
CA GLU A 98 -2.15 3.55 2.47
C GLU A 98 -1.06 2.80 1.70
N LEU A 99 -1.28 1.50 1.49
CA LEU A 99 -0.32 0.64 0.76
C LEU A 99 -0.18 1.09 -0.67
N PHE A 100 -1.31 1.46 -1.29
CA PHE A 100 -1.32 1.93 -2.67
C PHE A 100 -0.46 3.19 -2.80
N VAL A 101 -0.69 4.14 -1.90
CA VAL A 101 0.06 5.41 -1.90
C VAL A 101 1.56 5.16 -1.61
N LEU A 102 1.81 4.38 -0.58
CA LEU A 102 3.18 4.08 -0.14
C LEU A 102 3.96 3.38 -1.24
N ARG A 103 3.37 2.34 -1.79
CA ARG A 103 4.00 1.54 -2.84
C ARG A 103 4.13 2.34 -4.14
N LEU A 104 3.10 3.12 -4.45
CA LEU A 104 3.07 3.95 -5.66
C LEU A 104 4.20 4.99 -5.63
N SER A 105 4.39 5.61 -4.45
CA SER A 105 5.40 6.65 -4.28
C SER A 105 6.80 6.11 -4.53
N ILE A 106 7.05 4.87 -4.08
CA ILE A 106 8.37 4.25 -4.26
C ILE A 106 8.68 4.04 -5.76
N ARG A 107 7.70 3.50 -6.48
CA ARG A 107 7.87 3.20 -7.91
C ARG A 107 7.83 4.47 -8.77
N SER A 108 7.04 5.47 -8.34
CA SER A 108 6.87 6.72 -9.08
C SER A 108 8.12 7.58 -9.05
N ASN A 109 8.15 8.56 -9.95
CA ASN A 109 9.28 9.50 -10.05
C ASN A 109 8.77 10.96 -9.96
N THR A 110 9.04 11.61 -8.83
CA THR A 110 8.56 12.99 -8.59
C THR A 110 9.26 13.99 -9.49
N ALA A 111 10.56 13.76 -9.75
CA ALA A 111 11.33 14.66 -10.62
C ALA A 111 10.72 14.70 -12.01
N GLU A 112 10.28 13.54 -12.46
CA GLU A 112 9.63 13.42 -13.76
C GLU A 112 8.11 13.69 -13.68
N ASP A 113 7.57 13.81 -12.45
CA ASP A 113 6.15 14.05 -12.25
C ASP A 113 5.32 12.92 -12.89
N LYS A 114 5.85 11.70 -12.82
CA LYS A 114 5.18 10.52 -13.37
C LYS A 114 4.92 9.50 -12.27
N PHE A 115 3.81 8.77 -12.41
CA PHE A 115 3.44 7.74 -11.45
C PHE A 115 3.44 6.38 -12.12
N VAL A 116 4.27 5.47 -11.60
CA VAL A 116 4.33 4.11 -12.12
C VAL A 116 3.55 3.18 -11.19
N PHE A 117 2.49 2.60 -11.73
CA PHE A 117 1.61 1.71 -10.97
C PHE A 117 2.09 0.27 -11.09
N CYS A 118 1.65 -0.57 -10.13
CA CYS A 118 2.03 -1.99 -10.14
C CYS A 118 1.59 -2.68 -11.45
N ASN A 119 0.69 -2.04 -12.20
CA ASN A 119 0.20 -2.59 -13.47
C ASN A 119 1.12 -2.24 -14.66
N GLY A 120 2.19 -1.44 -14.40
CA GLY A 120 3.12 -1.03 -15.45
C GLY A 120 2.69 0.29 -16.13
N LEU A 121 1.47 0.77 -15.81
CA LEU A 121 0.96 2.00 -16.40
C LEU A 121 1.67 3.22 -15.80
N VAL A 122 2.16 4.11 -16.68
CA VAL A 122 2.85 5.32 -16.24
C VAL A 122 2.00 6.54 -16.61
N LEU A 123 1.60 7.34 -15.59
CA LEU A 123 0.75 8.52 -15.82
C LEU A 123 1.46 9.81 -15.39
N HIS A 124 1.48 10.77 -16.31
CA HIS A 124 2.16 12.04 -16.07
C HIS A 124 1.31 13.01 -15.27
N ARG A 125 1.56 13.06 -13.94
CA ARG A 125 0.89 14.02 -12.97
C ARG A 125 -0.51 14.53 -13.45
N LEU A 126 -0.53 15.36 -14.50
CA LEU A 126 -1.76 15.93 -15.05
C LEU A 126 -2.75 14.85 -15.48
N GLN A 127 -2.23 13.72 -15.99
CA GLN A 127 -3.08 12.62 -16.44
C GLN A 127 -3.95 12.11 -15.28
N CYS A 128 -3.35 12.04 -14.09
CA CYS A 128 -4.07 11.59 -12.88
C CYS A 128 -4.68 12.78 -12.10
N LEU A 129 -4.29 14.01 -12.46
CA LEU A 129 -4.79 15.22 -11.80
C LEU A 129 -6.33 15.33 -11.99
N ARG A 130 -6.79 14.95 -13.18
CA ARG A 130 -8.22 15.00 -13.53
C ARG A 130 -9.08 14.21 -12.53
N GLY A 131 -8.51 13.16 -11.92
CA GLY A 131 -9.26 12.31 -11.00
C GLY A 131 -8.74 12.46 -9.60
N PHE A 132 -7.50 12.03 -9.39
CA PHE A 132 -6.86 12.12 -8.09
C PHE A 132 -6.79 13.58 -7.65
N GLY A 133 -6.44 14.47 -8.60
CA GLY A 133 -6.34 15.89 -8.32
C GLY A 133 -5.35 16.17 -7.21
N GLU A 134 -5.81 16.93 -6.22
CA GLU A 134 -4.99 17.28 -5.08
C GLU A 134 -4.48 16.02 -4.38
N TRP A 135 -5.22 14.89 -4.52
CA TRP A 135 -4.82 13.65 -3.86
C TRP A 135 -3.46 13.18 -4.38
N LEU A 136 -3.28 13.25 -5.71
CA LEU A 136 -2.02 12.86 -6.35
C LEU A 136 -0.89 13.80 -5.94
N ASP A 137 -1.18 15.11 -5.93
CA ASP A 137 -0.17 16.12 -5.62
C ASP A 137 0.46 15.85 -4.26
N SER A 138 -0.40 15.51 -3.29
CA SER A 138 0.06 15.19 -1.94
C SER A 138 0.97 13.97 -1.95
N ILE A 139 0.61 12.98 -2.79
CA ILE A 139 1.39 11.75 -2.92
C ILE A 139 2.81 12.06 -3.44
N LYS A 140 2.89 12.94 -4.44
CA LYS A 140 4.18 13.31 -5.03
C LYS A 140 5.09 13.93 -3.97
N ASP A 141 4.50 14.80 -3.13
CA ASP A 141 5.26 15.43 -2.03
C ASP A 141 5.75 14.35 -1.04
N PHE A 142 4.88 13.39 -0.75
CA PHE A 142 5.22 12.27 0.15
C PHE A 142 6.40 11.47 -0.42
N SER A 143 6.31 11.16 -1.72
CA SER A 143 7.33 10.37 -2.39
C SER A 143 8.70 11.03 -2.29
N LEU A 144 8.73 12.36 -2.46
CA LEU A 144 9.99 13.11 -2.38
C LEU A 144 10.61 12.92 -0.99
N ASN A 145 9.78 13.04 0.05
CA ASN A 145 10.23 12.85 1.43
C ASN A 145 10.74 11.41 1.62
N LEU A 146 10.02 10.46 1.03
CA LEU A 146 10.39 9.04 1.13
C LEU A 146 11.75 8.80 0.49
N GLN A 147 11.99 9.43 -0.66
CA GLN A 147 13.27 9.29 -1.38
C GLN A 147 14.43 9.78 -0.53
N SER A 148 14.20 10.89 0.20
CA SER A 148 15.23 11.44 1.09
C SER A 148 15.62 10.40 2.14
N LEU A 149 14.61 9.74 2.71
CA LEU A 149 14.82 8.69 3.71
C LEU A 149 15.57 7.51 3.10
N ASN A 150 15.25 7.20 1.83
CA ASN A 150 15.85 6.07 1.10
C ASN A 150 15.22 4.75 1.52
N LEU A 151 15.45 4.34 2.77
CA LEU A 151 14.88 3.08 3.29
C LEU A 151 15.19 1.90 2.38
N ASP A 152 16.17 1.08 2.77
CA ASP A 152 16.58 -0.09 1.97
C ASP A 152 15.37 -0.94 1.59
N ILE A 153 15.60 -1.94 0.75
CA ILE A 153 14.55 -2.82 0.26
C ILE A 153 13.89 -3.57 1.43
N GLN A 154 14.72 -4.13 2.31
CA GLN A 154 14.23 -4.91 3.45
C GLN A 154 13.40 -4.02 4.39
N ALA A 155 13.90 -2.81 4.63
CA ALA A 155 13.22 -1.86 5.50
C ALA A 155 11.86 -1.48 4.93
N LEU A 156 11.81 -1.24 3.61
CA LEU A 156 10.58 -0.86 2.93
C LEU A 156 9.54 -1.96 2.99
N ALA A 157 9.99 -3.20 2.81
CA ALA A 157 9.08 -4.35 2.82
C ALA A 157 8.38 -4.49 4.17
N CYS A 158 9.16 -4.39 5.25
CA CYS A 158 8.59 -4.49 6.61
C CYS A 158 7.71 -3.31 6.97
N LEU A 159 8.12 -2.10 6.57
CA LEU A 159 7.35 -0.88 6.89
C LEU A 159 5.96 -0.92 6.25
N SER A 160 5.89 -1.37 4.99
CA SER A 160 4.60 -1.48 4.30
C SER A 160 3.74 -2.55 4.97
N ALA A 161 4.39 -3.66 5.36
CA ALA A 161 3.72 -4.74 6.08
C ALA A 161 3.21 -4.22 7.43
N LEU A 162 4.05 -3.40 8.09
CA LEU A 162 3.68 -2.77 9.36
C LEU A 162 2.46 -1.88 9.17
N SER A 163 2.45 -1.13 8.06
CA SER A 163 1.31 -0.29 7.71
C SER A 163 0.07 -1.15 7.51
N MET A 164 0.27 -2.28 6.82
CA MET A 164 -0.79 -3.24 6.53
C MET A 164 -1.37 -3.80 7.84
N ILE A 165 -0.49 -4.10 8.79
CA ILE A 165 -0.89 -4.72 10.04
C ILE A 165 -0.86 -3.71 11.19
N THR A 166 -2.05 -3.37 11.69
CA THR A 166 -2.19 -2.41 12.79
C THR A 166 -3.52 -2.61 13.52
N GLU A 167 -3.57 -2.19 14.80
CA GLU A 167 -4.79 -2.33 15.61
C GLU A 167 -5.92 -1.46 15.05
N ARG A 168 -7.08 -2.08 14.86
CA ARG A 168 -8.27 -1.43 14.33
C ARG A 168 -9.50 -1.85 15.11
N HIS A 169 -10.53 -1.00 15.13
CA HIS A 169 -11.76 -1.30 15.87
C HIS A 169 -12.50 -2.47 15.22
N GLY A 170 -13.10 -3.32 16.07
CA GLY A 170 -13.84 -4.50 15.59
C GLY A 170 -12.89 -5.54 14.97
N LEU A 171 -11.65 -5.60 15.48
CA LEU A 171 -10.63 -6.51 14.96
C LEU A 171 -10.84 -7.94 15.42
N LYS A 172 -10.45 -8.91 14.57
CA LYS A 172 -10.45 -10.30 14.98
C LYS A 172 -9.23 -10.55 15.83
N GLU A 173 -9.47 -10.58 17.11
CA GLU A 173 -8.39 -10.89 18.00
C GLU A 173 -7.30 -9.80 17.77
N PRO A 174 -7.38 -8.63 18.44
CA PRO A 174 -6.35 -7.55 18.27
C PRO A 174 -4.96 -8.17 18.31
N LYS A 175 -4.86 -9.19 19.13
CA LYS A 175 -3.67 -9.93 19.33
C LYS A 175 -3.22 -10.67 18.06
N ARG A 176 -4.18 -11.16 17.17
CA ARG A 176 -3.72 -11.81 15.94
C ARG A 176 -2.98 -10.82 15.08
N VAL A 177 -3.55 -9.63 14.95
CA VAL A 177 -2.93 -8.56 14.17
C VAL A 177 -1.61 -8.10 14.82
N GLU A 178 -1.64 -7.99 16.15
CA GLU A 178 -0.45 -7.56 16.93
C GLU A 178 0.68 -8.57 16.82
N GLU A 179 0.30 -9.85 16.79
CA GLU A 179 1.24 -10.95 16.69
C GLU A 179 2.04 -10.79 15.41
N LEU A 180 1.32 -10.53 14.32
CA LEU A 180 1.93 -10.33 13.02
C LEU A 180 2.69 -9.01 12.96
N CYS A 181 2.13 -7.99 13.62
CA CYS A 181 2.75 -6.67 13.67
C CYS A 181 4.13 -6.78 14.30
N ASN A 182 4.20 -7.52 15.43
CA ASN A 182 5.46 -7.75 16.13
C ASN A 182 6.44 -8.49 15.23
N LYS A 183 5.92 -9.47 14.46
CA LYS A 183 6.73 -10.26 13.53
C LYS A 183 7.38 -9.39 12.44
N ILE A 184 6.58 -8.48 11.87
CA ILE A 184 7.04 -7.60 10.79
C ILE A 184 8.12 -6.66 11.31
N THR A 185 7.84 -6.05 12.47
CA THR A 185 8.78 -5.10 13.08
C THR A 185 10.00 -5.83 13.68
N SER A 186 9.84 -7.11 14.05
CA SER A 186 10.94 -7.89 14.63
C SER A 186 12.07 -8.06 13.60
N SER A 187 11.70 -8.48 12.38
CA SER A 187 12.67 -8.60 11.28
C SER A 187 13.24 -7.23 10.94
N LEU A 188 12.36 -6.25 10.92
CA LEU A 188 12.70 -4.87 10.60
C LEU A 188 13.74 -4.35 11.58
N LYS A 189 13.50 -4.62 12.84
CA LYS A 189 14.38 -4.18 13.92
C LYS A 189 15.77 -4.75 13.69
N ASP A 190 15.82 -6.03 13.27
CA ASP A 190 17.08 -6.68 12.95
C ASP A 190 17.75 -5.92 11.80
N HIS A 191 16.95 -5.51 10.80
CA HIS A 191 17.45 -4.75 9.66
C HIS A 191 18.06 -3.41 10.14
N GLN A 192 17.33 -2.72 11.02
CA GLN A 192 17.79 -1.42 11.56
C GLN A 192 19.06 -1.57 12.41
N SER A 193 19.24 -2.76 12.99
CA SER A 193 20.42 -3.04 13.78
C SER A 193 21.67 -2.96 12.90
N LYS A 194 21.51 -3.42 11.67
CA LYS A 194 22.60 -3.48 10.70
C LYS A 194 23.18 -2.07 10.43
N GLY A 195 22.39 -1.03 10.72
CA GLY A 195 22.82 0.35 10.49
C GLY A 195 23.76 0.83 11.60
N GLN A 196 24.24 2.06 11.45
CA GLN A 196 25.18 2.66 12.41
C GLN A 196 24.49 2.93 13.75
N ALA A 197 25.21 2.61 14.82
CA ALA A 197 24.71 2.82 16.19
C ALA A 197 23.35 2.14 16.43
N LEU A 198 22.98 1.21 15.54
CA LEU A 198 21.72 0.47 15.67
C LEU A 198 20.53 1.43 15.88
N GLU A 199 20.70 2.71 15.48
CA GLU A 199 19.65 3.70 15.61
C GLU A 199 18.49 3.42 14.63
N PRO A 200 17.21 3.50 15.09
CA PRO A 200 16.06 3.30 14.19
C PRO A 200 15.66 4.59 13.50
N THR A 201 15.44 4.51 12.21
CA THR A 201 14.96 5.65 11.45
C THR A 201 13.40 5.67 11.45
N GLU A 202 12.80 4.85 12.33
CA GLU A 202 11.35 4.72 12.43
C GLU A 202 10.69 6.04 12.82
N SER A 203 11.34 6.81 13.72
CA SER A 203 10.77 8.09 14.17
C SER A 203 10.60 9.05 12.99
N LYS A 204 11.59 9.05 12.09
CA LYS A 204 11.51 9.85 10.87
C LYS A 204 10.38 9.34 9.97
N VAL A 205 10.23 8.02 9.92
CA VAL A 205 9.16 7.37 9.16
C VAL A 205 7.81 7.81 9.68
N LEU A 206 7.68 7.88 11.02
CA LEU A 206 6.40 8.24 11.64
C LEU A 206 5.95 9.66 11.27
N GLY A 207 6.91 10.60 11.17
CA GLY A 207 6.57 11.99 10.80
C GLY A 207 6.00 12.05 9.38
N ALA A 208 6.60 11.24 8.50
CA ALA A 208 6.12 11.14 7.12
C ALA A 208 4.88 10.26 7.08
N LEU A 209 4.76 9.35 8.05
CA LEU A 209 3.61 8.47 8.16
C LEU A 209 2.38 9.28 8.51
N VAL A 210 2.54 10.29 9.39
CA VAL A 210 1.44 11.17 9.75
C VAL A 210 0.95 11.85 8.48
N GLU A 211 1.90 12.35 7.67
CA GLU A 211 1.55 12.94 6.37
C GLU A 211 0.88 11.87 5.47
N LEU A 212 1.38 10.63 5.52
CA LEU A 212 0.82 9.52 4.73
C LEU A 212 -0.63 9.26 5.14
N ARG A 213 -0.89 9.33 6.46
CA ARG A 213 -2.21 9.13 7.00
C ARG A 213 -3.16 10.21 6.46
N LYS A 214 -2.64 11.44 6.34
CA LYS A 214 -3.42 12.56 5.82
C LYS A 214 -3.84 12.24 4.39
N ILE A 215 -2.90 11.66 3.63
CA ILE A 215 -3.16 11.24 2.26
C ILE A 215 -4.23 10.13 2.25
N CYS A 216 -4.11 9.20 3.22
CA CYS A 216 -5.04 8.05 3.32
C CYS A 216 -6.47 8.53 3.55
N THR A 217 -6.64 9.52 4.43
CA THR A 217 -7.97 10.08 4.72
C THR A 217 -8.44 10.96 3.57
N LEU A 218 -7.50 11.69 2.96
CA LEU A 218 -7.78 12.52 1.80
C LEU A 218 -8.29 11.66 0.64
N GLY A 219 -7.68 10.47 0.49
CA GLY A 219 -8.10 9.52 -0.54
C GLY A 219 -9.55 9.11 -0.32
N LEU A 220 -9.91 8.87 0.96
CA LEU A 220 -11.29 8.51 1.32
C LEU A 220 -12.24 9.64 0.97
N GLN A 221 -11.80 10.88 1.21
CA GLN A 221 -12.60 12.06 0.90
C GLN A 221 -12.88 12.14 -0.60
N ARG A 222 -11.85 11.83 -1.40
CA ARG A 222 -11.97 11.84 -2.85
C ARG A 222 -13.07 10.87 -3.29
N ILE A 223 -13.04 9.67 -2.70
CA ILE A 223 -14.03 8.64 -3.00
C ILE A 223 -15.44 9.13 -2.62
N PHE A 224 -15.54 9.75 -1.43
CA PHE A 224 -16.82 10.22 -0.91
C PHE A 224 -17.45 11.25 -1.87
N TYR A 225 -16.65 12.25 -2.30
CA TYR A 225 -17.15 13.30 -3.20
C TYR A 225 -17.56 12.72 -4.55
N LEU A 226 -16.75 11.78 -5.06
CA LEU A 226 -17.03 11.16 -6.36
C LEU A 226 -18.32 10.36 -6.33
N LYS A 227 -18.55 9.65 -5.21
CA LYS A 227 -19.76 8.84 -5.04
C LYS A 227 -21.01 9.68 -5.04
N LEU A 228 -20.94 10.88 -4.43
CA LEU A 228 -22.08 11.78 -4.43
C LEU A 228 -22.44 12.15 -5.86
N GLU A 229 -21.40 12.40 -6.68
CA GLU A 229 -21.55 12.70 -8.10
C GLU A 229 -22.03 11.45 -8.86
N ASP A 230 -21.44 10.30 -8.52
CA ASP A 230 -21.79 9.00 -9.11
C ASP A 230 -21.82 9.06 -10.66
N LEU A 231 -20.71 9.53 -11.28
CA LEU A 231 -20.63 9.58 -12.76
C LEU A 231 -20.68 8.16 -13.35
N VAL A 232 -20.01 7.22 -12.69
CA VAL A 232 -19.97 5.81 -13.15
C VAL A 232 -20.26 4.80 -12.02
N SER A 233 -20.47 5.29 -10.78
CA SER A 233 -20.73 4.43 -9.62
C SER A 233 -19.51 3.51 -9.33
N PRO A 234 -18.97 3.48 -8.08
CA PRO A 234 -17.78 2.64 -7.73
C PRO A 234 -17.97 1.12 -8.01
N PRO A 235 -16.86 0.38 -8.23
CA PRO A 235 -16.91 -1.10 -8.40
C PRO A 235 -17.25 -1.77 -7.07
N SER A 236 -17.57 -3.06 -7.13
CA SER A 236 -18.01 -3.80 -5.94
C SER A 236 -16.95 -3.81 -4.83
N ILE A 237 -15.67 -4.01 -5.19
CA ILE A 237 -14.60 -4.10 -4.18
C ILE A 237 -14.37 -2.73 -3.50
N ILE A 238 -14.28 -1.68 -4.32
CA ILE A 238 -14.00 -0.33 -3.81
C ILE A 238 -15.16 0.19 -2.95
N ASP A 239 -16.40 0.06 -3.44
CA ASP A 239 -17.58 0.49 -2.68
C ASP A 239 -17.65 -0.28 -1.36
N LYS A 240 -17.42 -1.60 -1.44
CA LYS A 240 -17.43 -2.47 -0.26
C LYS A 240 -16.32 -2.01 0.70
N LEU A 241 -15.15 -1.73 0.12
CA LEU A 241 -13.99 -1.31 0.89
C LEU A 241 -14.29 -0.01 1.63
N PHE A 242 -14.96 0.91 0.96
CA PHE A 242 -15.35 2.18 1.55
C PHE A 242 -16.25 1.91 2.76
N LEU A 243 -17.21 1.01 2.58
CA LEU A 243 -18.15 0.64 3.64
C LEU A 243 -17.41 -0.01 4.82
N ASP A 244 -16.42 -0.86 4.48
CA ASP A 244 -15.62 -1.54 5.50
C ASP A 244 -14.89 -0.53 6.38
N THR A 245 -14.36 0.52 5.75
CA THR A 245 -13.64 1.58 6.46
C THR A 245 -14.62 2.44 7.25
N LEU A 246 -14.08 3.22 8.19
CA LEU A 246 -14.90 4.07 9.04
C LEU A 246 -14.35 5.52 9.09
N PRO A 247 -15.20 6.54 9.37
CA PRO A 247 -14.75 7.97 9.42
C PRO A 247 -13.73 8.23 10.53
N PHE A 248 -13.76 7.41 11.58
CA PHE A 248 -12.83 7.56 12.70
C PHE A 248 -12.31 6.21 13.16
N LYS A 1 -27.77 -23.63 29.82
CA LYS A 1 -26.71 -23.51 30.86
C LYS A 1 -25.68 -24.63 30.67
N SER A 2 -24.41 -24.24 30.49
CA SER A 2 -23.33 -25.20 30.28
C SER A 2 -22.12 -24.88 31.22
N PRO A 3 -22.07 -25.47 32.44
CA PRO A 3 -20.95 -25.22 33.41
C PRO A 3 -19.58 -25.60 32.81
N LEU A 4 -18.55 -24.85 33.19
CA LEU A 4 -17.16 -25.06 32.71
C LEU A 4 -16.95 -24.58 31.26
N GLN A 5 -17.91 -24.88 30.38
CA GLN A 5 -17.82 -24.47 28.98
C GLN A 5 -16.50 -24.97 28.36
N GLN A 6 -16.50 -26.23 27.91
CA GLN A 6 -15.31 -26.83 27.32
C GLN A 6 -14.79 -25.98 26.17
N GLU A 7 -13.50 -25.64 26.21
CA GLU A 7 -12.87 -24.81 25.18
C GLU A 7 -11.38 -25.20 25.02
N PRO A 8 -11.05 -26.22 24.20
CA PRO A 8 -9.63 -26.67 23.99
C PRO A 8 -8.76 -25.53 23.47
N SER A 9 -7.49 -25.51 23.91
CA SER A 9 -6.55 -24.47 23.50
C SER A 9 -6.20 -24.61 22.02
N GLN A 10 -5.69 -23.51 21.44
CA GLN A 10 -5.32 -23.50 20.02
C GLN A 10 -3.81 -23.65 19.83
N PRO A 11 -3.34 -24.29 18.72
CA PRO A 11 -1.89 -24.46 18.46
C PRO A 11 -1.22 -23.14 18.09
N SER A 12 0.05 -23.02 18.44
CA SER A 12 0.83 -21.81 18.13
C SER A 12 1.01 -21.68 16.60
N PRO A 13 1.11 -20.44 16.05
CA PRO A 13 1.26 -20.24 14.57
C PRO A 13 2.65 -20.71 14.06
N PRO A 14 2.74 -21.30 12.84
CA PRO A 14 4.05 -21.76 12.26
C PRO A 14 5.06 -20.62 12.11
N SER A 15 6.33 -20.93 12.37
CA SER A 15 7.42 -19.96 12.22
C SER A 15 7.96 -19.99 10.77
N PRO A 16 7.94 -18.85 10.01
CA PRO A 16 8.42 -18.86 8.58
C PRO A 16 9.85 -19.44 8.44
N PRO A 17 10.12 -20.32 7.44
CA PRO A 17 11.47 -20.94 7.25
C PRO A 17 12.47 -20.00 6.57
N ILE A 18 13.75 -20.34 6.70
CA ILE A 18 14.85 -19.58 6.07
C ILE A 18 15.07 -18.19 6.77
N CYS A 19 14.73 -17.07 6.09
CA CYS A 19 14.91 -15.74 6.67
C CYS A 19 13.64 -14.90 6.56
N MET A 20 13.24 -14.30 7.68
CA MET A 20 12.04 -13.45 7.73
C MET A 20 12.22 -12.24 6.78
N MET A 21 13.37 -11.55 6.91
CA MET A 21 13.64 -10.37 6.09
C MET A 21 13.60 -10.71 4.60
N ASN A 22 14.23 -11.84 4.24
CA ASN A 22 14.31 -12.27 2.85
C ASN A 22 12.92 -12.52 2.26
N ALA A 23 12.04 -13.15 3.04
CA ALA A 23 10.69 -13.46 2.58
C ALA A 23 9.93 -12.18 2.25
N LEU A 24 10.08 -11.17 3.11
CA LEU A 24 9.41 -9.87 2.91
C LEU A 24 9.94 -9.18 1.65
N VAL A 25 11.26 -9.25 1.45
CA VAL A 25 11.91 -8.65 0.27
C VAL A 25 11.43 -9.34 -1.00
N ARG A 26 11.33 -10.67 -0.95
CA ARG A 26 10.94 -11.46 -2.11
C ARG A 26 9.55 -11.02 -2.57
N ALA A 27 8.64 -10.90 -1.63
CA ALA A 27 7.29 -10.42 -1.92
C ALA A 27 7.32 -8.98 -2.43
N LEU A 28 8.18 -8.14 -1.81
CA LEU A 28 8.27 -6.73 -2.15
C LEU A 28 8.74 -6.51 -3.61
N THR A 29 9.84 -7.19 -3.99
CA THR A 29 10.37 -7.09 -5.36
C THR A 29 9.46 -7.81 -6.35
N ASP A 30 8.88 -8.92 -5.91
CA ASP A 30 7.94 -9.68 -6.72
C ASP A 30 6.69 -8.87 -7.03
N SER A 31 6.27 -8.05 -6.05
CA SER A 31 5.07 -7.23 -6.18
C SER A 31 5.32 -5.98 -7.06
N THR A 32 5.51 -6.22 -8.36
CA THR A 32 5.76 -5.14 -9.31
C THR A 32 5.48 -5.63 -10.78
N PRO A 33 5.00 -4.75 -11.69
CA PRO A 33 4.70 -5.15 -13.09
C PRO A 33 5.98 -5.44 -13.88
N ARG A 34 5.89 -6.40 -14.80
CA ARG A 34 7.04 -6.81 -15.60
C ARG A 34 6.89 -6.32 -17.03
N ASP A 35 5.71 -6.54 -17.59
CA ASP A 35 5.42 -6.15 -18.96
C ASP A 35 5.49 -4.63 -19.14
N LEU A 36 4.99 -3.89 -18.13
CA LEU A 36 4.99 -2.42 -18.18
C LEU A 36 4.15 -1.93 -19.37
N ASP A 37 3.62 -0.70 -19.26
CA ASP A 37 2.79 -0.15 -20.34
C ASP A 37 2.96 1.37 -20.46
N TYR A 38 3.71 1.79 -21.49
CA TYR A 38 3.93 3.23 -21.76
C TYR A 38 3.01 3.75 -22.89
N SER A 39 2.16 2.88 -23.46
CA SER A 39 1.24 3.28 -24.53
C SER A 39 0.29 4.36 -24.02
N ARG A 40 -0.28 4.13 -22.83
CA ARG A 40 -1.18 5.08 -22.19
C ARG A 40 -0.44 6.37 -21.81
N TYR A 41 0.80 6.20 -21.36
CA TYR A 41 1.65 7.32 -20.94
C TYR A 41 1.78 8.36 -22.07
N CYS A 42 1.53 9.63 -21.74
CA CYS A 42 1.64 10.73 -22.70
C CYS A 42 2.51 11.87 -22.12
N PRO A 43 3.25 12.63 -22.96
CA PRO A 43 4.12 13.75 -22.46
C PRO A 43 3.29 14.95 -22.01
N THR A 44 2.15 15.16 -22.67
CA THR A 44 1.26 16.28 -22.37
C THR A 44 -0.19 15.79 -22.21
N ASP A 45 -0.84 16.19 -21.11
CA ASP A 45 -2.22 15.80 -20.85
C ASP A 45 -3.05 16.98 -20.34
N GLN A 46 -4.13 17.30 -21.06
CA GLN A 46 -5.01 18.41 -20.70
C GLN A 46 -6.41 17.90 -20.34
N ALA A 47 -7.01 18.50 -19.29
CA ALA A 47 -8.35 18.11 -18.84
C ALA A 47 -9.41 18.48 -19.87
N ALA A 48 -10.50 17.72 -19.90
CA ALA A 48 -11.60 17.96 -20.86
C ALA A 48 -12.96 17.77 -20.19
N ALA A 49 -14.01 18.31 -20.83
CA ALA A 49 -15.37 18.26 -20.30
C ALA A 49 -15.87 16.82 -20.11
N GLY A 50 -15.56 15.95 -21.09
CA GLY A 50 -16.01 14.54 -21.03
C GLY A 50 -14.92 13.61 -20.46
N THR A 51 -13.66 14.06 -20.57
CA THR A 51 -12.53 13.28 -20.07
C THR A 51 -12.65 13.01 -18.58
N ASP A 52 -13.23 13.97 -17.83
CA ASP A 52 -13.38 13.81 -16.38
C ASP A 52 -14.18 12.55 -16.04
N ALA A 53 -15.34 12.36 -16.69
CA ALA A 53 -16.18 11.18 -16.44
C ALA A 53 -15.44 9.91 -16.79
N GLU A 54 -14.74 9.90 -17.93
CA GLU A 54 -13.96 8.73 -18.35
C GLU A 54 -12.81 8.45 -17.37
N HIS A 55 -12.15 9.53 -16.93
CA HIS A 55 -11.04 9.43 -15.98
C HIS A 55 -11.55 8.90 -14.64
N VAL A 56 -12.74 9.37 -14.24
CA VAL A 56 -13.37 8.94 -13.00
C VAL A 56 -13.60 7.42 -13.05
N GLN A 57 -14.11 6.94 -14.20
CA GLN A 57 -14.32 5.51 -14.41
C GLN A 57 -12.98 4.77 -14.32
N GLN A 58 -11.97 5.35 -14.96
CA GLN A 58 -10.63 4.78 -14.99
C GLN A 58 -10.06 4.69 -13.56
N PHE A 59 -10.34 5.72 -12.75
CA PHE A 59 -9.86 5.80 -11.38
C PHE A 59 -10.35 4.58 -10.57
N TYR A 60 -11.64 4.30 -10.65
CA TYR A 60 -12.21 3.15 -9.94
C TYR A 60 -11.71 1.83 -10.52
N ASN A 61 -11.58 1.79 -11.86
CA ASN A 61 -11.10 0.59 -12.55
C ASN A 61 -9.69 0.26 -12.09
N LEU A 62 -8.86 1.30 -11.93
CA LEU A 62 -7.50 1.13 -11.43
C LEU A 62 -7.52 0.61 -10.00
N LEU A 63 -8.45 1.13 -9.19
CA LEU A 63 -8.58 0.72 -7.80
C LEU A 63 -8.97 -0.75 -7.69
N THR A 64 -9.88 -1.19 -8.58
CA THR A 64 -10.32 -2.59 -8.60
C THR A 64 -9.13 -3.51 -8.90
N ALA A 65 -8.35 -3.14 -9.91
CA ALA A 65 -7.17 -3.89 -10.29
C ALA A 65 -6.14 -3.87 -9.16
N SER A 66 -5.98 -2.71 -8.53
CA SER A 66 -4.99 -2.53 -7.45
C SER A 66 -5.35 -3.33 -6.21
N ILE A 67 -6.66 -3.40 -5.87
CA ILE A 67 -7.09 -4.12 -4.66
C ILE A 67 -6.84 -5.63 -4.79
N ASP A 68 -7.17 -6.20 -5.95
CA ASP A 68 -6.92 -7.63 -6.19
C ASP A 68 -5.42 -7.92 -6.15
N VAL A 69 -4.64 -7.01 -6.73
CA VAL A 69 -3.19 -7.11 -6.70
C VAL A 69 -2.70 -7.01 -5.24
N SER A 70 -3.32 -6.08 -4.49
CA SER A 70 -3.00 -5.88 -3.07
C SER A 70 -3.29 -7.15 -2.27
N ARG A 71 -4.39 -7.85 -2.62
CA ARG A 71 -4.76 -9.07 -1.91
C ARG A 71 -3.64 -10.08 -2.00
N SER A 72 -3.14 -10.29 -3.22
CA SER A 72 -2.01 -11.19 -3.44
C SER A 72 -0.74 -10.66 -2.78
N TRP A 73 -0.59 -9.34 -2.80
CA TRP A 73 0.58 -8.67 -2.23
C TRP A 73 0.68 -8.99 -0.73
N ALA A 74 -0.44 -8.84 -0.03
CA ALA A 74 -0.52 -9.13 1.41
C ALA A 74 -0.30 -10.63 1.69
N GLU A 75 -0.85 -11.46 0.80
CA GLU A 75 -0.77 -12.92 0.93
C GLU A 75 0.67 -13.43 0.93
N LYS A 76 1.54 -12.76 0.17
CA LYS A 76 2.96 -13.14 0.09
C LYS A 76 3.63 -13.01 1.46
N ILE A 77 3.20 -12.00 2.23
CA ILE A 77 3.78 -11.72 3.55
C ILE A 77 3.61 -12.96 4.48
N PRO A 78 4.69 -13.46 5.16
CA PRO A 78 4.58 -14.66 6.05
C PRO A 78 3.58 -14.46 7.19
N GLY A 79 2.73 -15.48 7.41
CA GLY A 79 1.75 -15.46 8.51
C GLY A 79 0.44 -14.74 8.15
N PHE A 80 0.43 -14.02 7.02
CA PHE A 80 -0.75 -13.27 6.58
C PHE A 80 -1.89 -14.22 6.22
N THR A 81 -1.54 -15.31 5.53
CA THR A 81 -2.51 -16.27 5.06
C THR A 81 -3.23 -16.94 6.25
N ASP A 82 -2.47 -17.27 7.29
CA ASP A 82 -3.03 -17.97 8.46
C ASP A 82 -3.67 -16.98 9.46
N LEU A 83 -4.78 -16.36 9.03
CA LEU A 83 -5.54 -15.44 9.88
C LEU A 83 -7.05 -15.70 9.73
N PRO A 84 -7.89 -15.35 10.73
CA PRO A 84 -9.37 -15.50 10.61
C PRO A 84 -9.86 -14.81 9.32
N LYS A 85 -10.83 -15.45 8.66
CA LYS A 85 -11.31 -14.98 7.35
C LYS A 85 -11.87 -13.55 7.41
N GLU A 86 -12.70 -13.26 8.41
CA GLU A 86 -13.30 -11.93 8.54
C GLU A 86 -12.21 -10.87 8.71
N ASP A 87 -11.19 -11.21 9.48
CA ASP A 87 -10.06 -10.32 9.70
C ASP A 87 -9.34 -9.99 8.42
N GLN A 88 -9.18 -11.01 7.56
CA GLN A 88 -8.48 -10.84 6.30
C GLN A 88 -9.19 -9.80 5.44
N THR A 89 -10.53 -9.85 5.43
CA THR A 89 -11.33 -8.90 4.66
C THR A 89 -11.18 -7.45 5.21
N LEU A 90 -11.29 -7.30 6.54
CA LEU A 90 -11.21 -5.96 7.17
C LEU A 90 -9.85 -5.29 6.93
N LEU A 91 -8.78 -6.07 7.15
CA LEU A 91 -7.41 -5.53 7.01
C LEU A 91 -7.13 -5.10 5.58
N ILE A 92 -7.56 -5.91 4.62
CA ILE A 92 -7.35 -5.62 3.21
C ILE A 92 -8.11 -4.34 2.81
N GLU A 93 -9.38 -4.26 3.21
CA GLU A 93 -10.23 -3.11 2.87
C GLU A 93 -9.72 -1.83 3.51
N SER A 94 -9.35 -1.92 4.80
CA SER A 94 -8.87 -0.76 5.55
C SER A 94 -7.47 -0.32 5.11
N ALA A 95 -6.62 -1.30 4.79
CA ALA A 95 -5.23 -1.04 4.41
C ALA A 95 -5.05 -0.83 2.90
N PHE A 96 -6.14 -0.98 2.12
CA PHE A 96 -6.06 -0.84 0.66
C PHE A 96 -5.56 0.57 0.26
N LEU A 97 -6.18 1.63 0.80
CA LEU A 97 -5.80 3.00 0.44
C LEU A 97 -4.38 3.34 0.90
N GLU A 98 -4.03 2.94 2.13
CA GLU A 98 -2.71 3.24 2.70
C GLU A 98 -1.61 2.45 1.98
N LEU A 99 -1.85 1.17 1.77
CA LEU A 99 -0.88 0.28 1.12
C LEU A 99 -0.62 0.72 -0.31
N PHE A 100 -1.71 1.09 -1.01
CA PHE A 100 -1.61 1.53 -2.39
C PHE A 100 -0.75 2.80 -2.49
N VAL A 101 -1.03 3.78 -1.63
CA VAL A 101 -0.30 5.06 -1.63
C VAL A 101 1.18 4.84 -1.27
N LEU A 102 1.42 4.11 -0.19
CA LEU A 102 2.77 3.88 0.32
C LEU A 102 3.60 3.11 -0.70
N ARG A 103 3.03 2.03 -1.19
CA ARG A 103 3.70 1.14 -2.14
C ARG A 103 3.91 1.82 -3.49
N LEU A 104 2.90 2.59 -3.92
CA LEU A 104 2.95 3.31 -5.19
C LEU A 104 4.07 4.34 -5.19
N SER A 105 4.22 5.05 -4.06
CA SER A 105 5.23 6.10 -3.93
C SER A 105 6.64 5.52 -4.09
N ILE A 106 6.85 4.32 -3.56
CA ILE A 106 8.16 3.65 -3.65
C ILE A 106 8.50 3.38 -5.13
N ARG A 107 7.53 2.86 -5.87
CA ARG A 107 7.72 2.52 -7.29
C ARG A 107 7.79 3.78 -8.16
N SER A 108 7.01 4.80 -7.79
CA SER A 108 6.96 6.06 -8.55
C SER A 108 8.20 6.92 -8.36
N ASN A 109 8.34 7.90 -9.24
CA ASN A 109 9.47 8.83 -9.20
C ASN A 109 8.96 10.28 -9.32
N THR A 110 9.14 11.06 -8.24
CA THR A 110 8.65 12.46 -8.19
C THR A 110 9.38 13.34 -9.18
N ALA A 111 10.68 13.08 -9.36
CA ALA A 111 11.50 13.86 -10.29
C ALA A 111 10.94 13.74 -11.70
N GLU A 112 10.50 12.53 -12.04
CA GLU A 112 9.90 12.24 -13.33
C GLU A 112 8.40 12.61 -13.36
N ASP A 113 7.81 12.89 -12.17
CA ASP A 113 6.40 13.24 -12.07
C ASP A 113 5.52 12.16 -12.70
N LYS A 114 5.91 10.90 -12.48
CA LYS A 114 5.17 9.75 -13.01
C LYS A 114 4.66 8.88 -11.89
N PHE A 115 3.60 8.13 -12.16
CA PHE A 115 3.04 7.19 -11.19
C PHE A 115 2.95 5.81 -11.79
N VAL A 116 3.98 5.00 -11.55
CA VAL A 116 4.02 3.63 -12.05
C VAL A 116 3.13 2.76 -11.17
N PHE A 117 2.02 2.31 -11.74
CA PHE A 117 1.05 1.47 -11.03
C PHE A 117 1.51 0.02 -11.04
N CYS A 118 1.07 -0.75 -10.04
CA CYS A 118 1.45 -2.15 -9.92
C CYS A 118 1.04 -2.95 -11.17
N ASN A 119 0.16 -2.37 -12.00
CA ASN A 119 -0.33 -3.03 -13.24
C ASN A 119 0.58 -2.73 -14.45
N GLY A 120 1.66 -1.95 -14.24
CA GLY A 120 2.57 -1.58 -15.33
C GLY A 120 2.14 -0.26 -16.02
N LEU A 121 0.94 0.24 -15.67
CA LEU A 121 0.43 1.48 -16.23
C LEU A 121 1.20 2.68 -15.68
N VAL A 122 1.62 3.59 -16.57
CA VAL A 122 2.36 4.79 -16.16
C VAL A 122 1.60 6.05 -16.58
N LEU A 123 1.31 6.93 -15.60
CA LEU A 123 0.58 8.17 -15.86
C LEU A 123 1.37 9.40 -15.40
N HIS A 124 1.51 10.37 -16.30
CA HIS A 124 2.30 11.56 -16.04
C HIS A 124 1.51 12.61 -15.26
N ARG A 125 1.72 12.63 -13.92
CA ARG A 125 1.12 13.65 -12.99
C ARG A 125 -0.26 14.22 -13.47
N LEU A 126 -0.23 15.06 -14.52
CA LEU A 126 -1.43 15.69 -15.07
C LEU A 126 -2.45 14.66 -15.54
N GLN A 127 -1.95 13.53 -16.08
CA GLN A 127 -2.83 12.47 -16.58
C GLN A 127 -3.73 11.94 -15.47
N CYS A 128 -3.18 11.80 -14.26
CA CYS A 128 -3.96 11.36 -13.09
C CYS A 128 -4.63 12.55 -12.35
N LEU A 129 -4.26 13.78 -12.72
CA LEU A 129 -4.78 15.00 -12.07
C LEU A 129 -6.33 15.13 -12.23
N ARG A 130 -6.87 14.57 -13.32
CA ARG A 130 -8.33 14.66 -13.60
C ARG A 130 -9.21 14.12 -12.45
N GLY A 131 -8.76 13.03 -11.80
CA GLY A 131 -9.55 12.39 -10.75
C GLY A 131 -8.88 12.51 -9.42
N PHE A 132 -7.62 12.09 -9.36
CA PHE A 132 -6.83 12.19 -8.14
C PHE A 132 -6.74 13.66 -7.73
N GLY A 133 -6.46 14.52 -8.72
CA GLY A 133 -6.35 15.96 -8.50
C GLY A 133 -5.30 16.27 -7.46
N GLU A 134 -5.68 17.08 -6.48
CA GLU A 134 -4.80 17.43 -5.39
C GLU A 134 -4.33 16.17 -4.65
N TRP A 135 -5.12 15.06 -4.75
CA TRP A 135 -4.77 13.82 -4.06
C TRP A 135 -3.44 13.29 -4.60
N LEU A 136 -3.27 13.33 -5.94
CA LEU A 136 -2.03 12.88 -6.57
C LEU A 136 -0.87 13.76 -6.16
N ASP A 137 -1.11 15.08 -6.16
CA ASP A 137 -0.06 16.04 -5.82
C ASP A 137 0.50 15.75 -4.43
N SER A 138 -0.41 15.44 -3.49
CA SER A 138 -0.02 15.10 -2.13
C SER A 138 0.83 13.83 -2.11
N ILE A 139 0.46 12.85 -2.96
CA ILE A 139 1.18 11.58 -3.04
C ILE A 139 2.62 11.83 -3.51
N LYS A 140 2.77 12.69 -4.53
CA LYS A 140 4.09 13.01 -5.06
C LYS A 140 4.97 13.61 -3.96
N ASP A 141 4.38 14.52 -3.16
CA ASP A 141 5.10 15.13 -2.05
C ASP A 141 5.54 14.06 -1.05
N PHE A 142 4.64 13.10 -0.78
CA PHE A 142 4.94 11.98 0.12
C PHE A 142 6.12 11.16 -0.41
N SER A 143 6.05 10.83 -1.70
CA SER A 143 7.09 10.02 -2.35
C SER A 143 8.44 10.73 -2.28
N LEU A 144 8.44 12.04 -2.49
CA LEU A 144 9.67 12.84 -2.44
C LEU A 144 10.29 12.72 -1.04
N ASN A 145 9.45 12.87 -0.02
CA ASN A 145 9.90 12.75 1.37
C ASN A 145 10.43 11.34 1.64
N LEU A 146 9.73 10.34 1.09
CA LEU A 146 10.12 8.94 1.25
C LEU A 146 11.52 8.70 0.66
N GLN A 147 11.76 9.28 -0.52
CA GLN A 147 13.05 9.17 -1.19
C GLN A 147 14.15 9.80 -0.35
N SER A 148 13.82 10.92 0.30
CA SER A 148 14.77 11.64 1.17
C SER A 148 15.24 10.73 2.30
N LEU A 149 14.31 9.93 2.84
CA LEU A 149 14.61 9.00 3.94
C LEU A 149 15.68 7.98 3.51
N ASN A 150 15.70 7.66 2.20
CA ASN A 150 16.68 6.71 1.65
C ASN A 150 16.55 5.32 2.32
N LEU A 151 15.30 4.90 2.56
CA LEU A 151 15.03 3.59 3.15
C LEU A 151 15.43 2.48 2.17
N ASP A 152 15.99 1.40 2.71
CA ASP A 152 16.42 0.27 1.87
C ASP A 152 15.25 -0.64 1.54
N ILE A 153 15.52 -1.67 0.73
CA ILE A 153 14.50 -2.62 0.32
C ILE A 153 13.94 -3.33 1.55
N GLN A 154 14.84 -3.81 2.41
CA GLN A 154 14.45 -4.53 3.61
C GLN A 154 13.67 -3.63 4.58
N ALA A 155 14.14 -2.40 4.77
CA ALA A 155 13.46 -1.45 5.65
C ALA A 155 12.05 -1.17 5.14
N LEU A 156 11.94 -0.95 3.83
CA LEU A 156 10.66 -0.70 3.19
C LEU A 156 9.75 -1.92 3.28
N ALA A 157 10.34 -3.09 3.09
CA ALA A 157 9.59 -4.35 3.10
C ALA A 157 8.90 -4.57 4.44
N CYS A 158 9.63 -4.33 5.54
CA CYS A 158 9.06 -4.50 6.89
C CYS A 158 7.93 -3.50 7.12
N LEU A 159 8.14 -2.25 6.68
CA LEU A 159 7.13 -1.20 6.85
C LEU A 159 5.86 -1.51 6.06
N SER A 160 6.03 -2.03 4.83
CA SER A 160 4.86 -2.41 4.01
C SER A 160 4.08 -3.51 4.71
N ALA A 161 4.80 -4.46 5.31
CA ALA A 161 4.20 -5.52 6.09
C ALA A 161 3.49 -4.93 7.32
N LEU A 162 4.13 -3.92 7.92
CA LEU A 162 3.58 -3.23 9.09
C LEU A 162 2.27 -2.53 8.77
N SER A 163 2.19 -1.90 7.59
CA SER A 163 0.96 -1.19 7.19
C SER A 163 -0.19 -2.19 7.07
N MET A 164 0.09 -3.32 6.45
CA MET A 164 -0.90 -4.40 6.28
C MET A 164 -1.25 -5.03 7.65
N ILE A 165 -0.23 -5.23 8.46
CA ILE A 165 -0.36 -5.88 9.77
C ILE A 165 -0.47 -4.83 10.88
N THR A 166 -1.70 -4.63 11.41
CA THR A 166 -1.93 -3.66 12.48
C THR A 166 -3.24 -3.93 13.24
N GLU A 167 -3.36 -3.35 14.44
CA GLU A 167 -4.55 -3.52 15.29
C GLU A 167 -5.72 -2.65 14.79
N ARG A 168 -6.92 -3.24 14.72
CA ARG A 168 -8.14 -2.52 14.29
C ARG A 168 -9.19 -2.49 15.44
N HIS A 169 -9.96 -3.61 15.61
CA HIS A 169 -10.99 -3.70 16.70
C HIS A 169 -11.81 -5.02 16.59
N GLY A 170 -11.84 -5.80 17.69
CA GLY A 170 -12.64 -7.06 17.74
C GLY A 170 -12.21 -8.05 16.65
N LEU A 171 -10.92 -8.04 16.36
CA LEU A 171 -10.34 -8.82 15.26
C LEU A 171 -9.99 -10.32 15.59
N LYS A 172 -9.87 -10.71 16.88
CA LYS A 172 -9.29 -12.09 17.28
C LYS A 172 -7.74 -12.08 17.09
N GLU A 173 -7.38 -11.67 15.93
CA GLU A 173 -6.04 -11.56 15.55
C GLU A 173 -5.42 -10.17 15.79
N PRO A 174 -5.94 -9.24 16.69
CA PRO A 174 -5.15 -8.06 17.08
C PRO A 174 -3.85 -8.58 17.67
N LYS A 175 -4.03 -9.61 18.51
CA LYS A 175 -2.97 -10.26 19.17
C LYS A 175 -2.16 -11.10 18.20
N ARG A 176 -2.84 -11.87 17.26
CA ARG A 176 -1.97 -12.65 16.27
C ARG A 176 -1.16 -11.67 15.39
N VAL A 177 -1.83 -10.63 14.96
CA VAL A 177 -1.27 -9.57 14.11
C VAL A 177 -0.16 -8.83 14.85
N GLU A 178 -0.37 -8.58 16.14
CA GLU A 178 0.63 -7.91 17.00
C GLU A 178 1.87 -8.77 17.16
N GLU A 179 1.63 -10.09 17.29
CA GLU A 179 2.73 -11.05 17.36
C GLU A 179 3.56 -10.93 16.08
N LEU A 180 2.85 -10.81 14.98
CA LEU A 180 3.43 -10.66 13.65
C LEU A 180 4.13 -9.30 13.53
N CYS A 181 3.52 -8.28 14.13
CA CYS A 181 4.08 -6.93 14.12
C CYS A 181 5.43 -6.92 14.80
N ASN A 182 5.51 -7.60 15.96
CA ASN A 182 6.78 -7.73 16.69
C ASN A 182 7.81 -8.45 15.83
N LYS A 183 7.34 -9.48 15.10
CA LYS A 183 8.20 -10.26 14.20
C LYS A 183 8.81 -9.39 13.09
N ILE A 184 7.98 -8.52 12.50
CA ILE A 184 8.43 -7.62 11.45
C ILE A 184 9.41 -6.60 12.03
N THR A 185 9.07 -6.07 13.21
CA THR A 185 9.91 -5.08 13.87
C THR A 185 11.23 -5.69 14.32
N SER A 186 11.23 -7.01 14.64
CA SER A 186 12.45 -7.69 15.05
C SER A 186 13.46 -7.71 13.90
N SER A 187 12.99 -8.13 12.72
CA SER A 187 13.83 -8.15 11.50
C SER A 187 14.23 -6.74 11.12
N LEU A 188 13.26 -5.85 11.16
CA LEU A 188 13.43 -4.45 10.79
C LEU A 188 14.47 -3.79 11.70
N LYS A 189 14.31 -4.02 12.98
CA LYS A 189 15.20 -3.47 13.99
C LYS A 189 16.61 -3.98 13.75
N ASP A 190 16.73 -5.27 13.43
CA ASP A 190 18.01 -5.86 13.09
C ASP A 190 18.58 -5.18 11.86
N HIS A 191 17.71 -4.91 10.88
CA HIS A 191 18.09 -4.24 9.65
C HIS A 191 18.66 -2.84 9.96
N GLN A 192 17.96 -2.10 10.83
CA GLN A 192 18.43 -0.76 11.26
C GLN A 192 19.72 -0.89 12.07
N SER A 193 19.89 -2.04 12.74
CA SER A 193 21.09 -2.31 13.53
C SER A 193 22.31 -2.66 12.65
N LYS A 194 22.08 -2.82 11.33
CA LYS A 194 23.13 -3.21 10.39
C LYS A 194 24.25 -2.17 10.35
N GLY A 195 23.87 -0.89 10.39
CA GLY A 195 24.83 0.22 10.29
C GLY A 195 25.45 0.58 11.64
N GLN A 196 26.41 1.51 11.60
CA GLN A 196 27.10 1.97 12.81
C GLN A 196 26.16 2.87 13.63
N ALA A 197 26.26 2.75 14.96
CA ALA A 197 25.41 3.51 15.92
C ALA A 197 24.02 2.88 16.08
N LEU A 198 23.65 1.98 15.15
CA LEU A 198 22.38 1.26 15.22
C LEU A 198 21.19 2.22 15.40
N GLU A 199 21.32 3.44 14.86
CA GLU A 199 20.26 4.43 14.97
C GLU A 199 19.00 3.97 14.18
N PRO A 200 17.78 4.08 14.76
CA PRO A 200 16.55 3.71 14.04
C PRO A 200 15.99 4.90 13.29
N THR A 201 15.65 4.67 12.04
CA THR A 201 15.01 5.69 11.23
C THR A 201 13.47 5.61 11.40
N GLU A 202 13.01 4.83 12.41
CA GLU A 202 11.60 4.63 12.68
C GLU A 202 10.90 5.93 13.03
N SER A 203 11.58 6.79 13.81
CA SER A 203 10.99 8.07 14.22
C SER A 203 10.64 8.91 13.00
N LYS A 204 11.55 8.93 12.03
CA LYS A 204 11.33 9.65 10.78
C LYS A 204 10.14 9.04 10.02
N VAL A 205 10.04 7.71 10.06
CA VAL A 205 8.96 6.98 9.41
C VAL A 205 7.62 7.39 10.02
N LEU A 206 7.57 7.55 11.35
CA LEU A 206 6.32 7.93 12.01
C LEU A 206 5.85 9.32 11.58
N GLY A 207 6.80 10.26 11.38
CA GLY A 207 6.46 11.62 10.91
C GLY A 207 5.88 11.57 9.50
N ALA A 208 6.46 10.71 8.68
CA ALA A 208 5.97 10.50 7.31
C ALA A 208 4.72 9.62 7.32
N LEU A 209 4.58 8.82 8.40
CA LEU A 209 3.43 7.97 8.58
C LEU A 209 2.20 8.83 8.75
N VAL A 210 2.34 9.90 9.54
CA VAL A 210 1.26 10.84 9.75
C VAL A 210 0.86 11.44 8.39
N GLU A 211 1.87 11.85 7.61
CA GLU A 211 1.60 12.39 6.26
C GLU A 211 0.90 11.32 5.39
N LEU A 212 1.33 10.07 5.53
CA LEU A 212 0.72 8.94 4.80
C LEU A 212 -0.76 8.82 5.17
N ARG A 213 -1.04 8.97 6.47
CA ARG A 213 -2.39 8.90 6.99
C ARG A 213 -3.24 10.01 6.39
N LYS A 214 -2.64 11.21 6.21
CA LYS A 214 -3.34 12.34 5.64
C LYS A 214 -3.83 11.99 4.24
N ILE A 215 -2.98 11.30 3.49
CA ILE A 215 -3.31 10.86 2.15
C ILE A 215 -4.47 9.83 2.22
N CYS A 216 -4.42 8.95 3.22
CA CYS A 216 -5.44 7.90 3.40
C CYS A 216 -6.82 8.51 3.61
N THR A 217 -6.88 9.57 4.43
CA THR A 217 -8.14 10.27 4.70
C THR A 217 -8.53 11.16 3.52
N LEU A 218 -7.52 11.74 2.87
CA LEU A 218 -7.73 12.56 1.68
C LEU A 218 -8.35 11.71 0.56
N GLY A 219 -7.89 10.46 0.44
CA GLY A 219 -8.45 9.52 -0.54
C GLY A 219 -9.93 9.30 -0.27
N LEU A 220 -10.28 9.15 1.01
CA LEU A 220 -11.68 8.97 1.40
C LEU A 220 -12.51 10.19 1.02
N GLN A 221 -11.93 11.38 1.23
CA GLN A 221 -12.62 12.64 0.92
C GLN A 221 -12.83 12.79 -0.59
N ARG A 222 -11.78 12.45 -1.37
CA ARG A 222 -11.84 12.55 -2.83
C ARG A 222 -12.90 11.61 -3.39
N ILE A 223 -12.86 10.37 -2.94
CA ILE A 223 -13.75 9.33 -3.42
C ILE A 223 -15.21 9.70 -3.10
N PHE A 224 -15.45 10.14 -1.87
CA PHE A 224 -16.80 10.53 -1.43
C PHE A 224 -17.33 11.69 -2.29
N TYR A 225 -16.50 12.73 -2.47
CA TYR A 225 -16.89 13.91 -3.26
C TYR A 225 -17.22 13.52 -4.70
N LEU A 226 -16.34 12.69 -5.29
CA LEU A 226 -16.52 12.26 -6.67
C LEU A 226 -17.83 11.53 -6.86
N LYS A 227 -18.20 10.72 -5.86
CA LYS A 227 -19.46 9.97 -5.90
C LYS A 227 -20.65 10.89 -5.95
N LEU A 228 -20.59 12.00 -5.21
CA LEU A 228 -21.68 12.99 -5.22
C LEU A 228 -21.84 13.53 -6.64
N GLU A 229 -20.69 13.78 -7.29
CA GLU A 229 -20.66 14.20 -8.69
C GLU A 229 -21.13 13.05 -9.61
N ASP A 230 -20.73 11.82 -9.24
CA ASP A 230 -21.06 10.59 -9.99
C ASP A 230 -20.32 10.51 -11.37
N LEU A 231 -20.99 10.96 -12.46
CA LEU A 231 -20.44 10.89 -13.83
C LEU A 231 -20.50 9.46 -14.37
N VAL A 232 -19.95 8.50 -13.60
CA VAL A 232 -19.95 7.08 -14.02
C VAL A 232 -20.38 6.12 -12.88
N SER A 233 -20.43 6.63 -11.63
CA SER A 233 -20.82 5.82 -10.46
C SER A 233 -19.79 4.69 -10.19
N PRO A 234 -19.28 4.54 -8.93
CA PRO A 234 -18.26 3.47 -8.58
C PRO A 234 -18.77 2.01 -8.83
N PRO A 235 -17.83 1.05 -9.01
CA PRO A 235 -18.17 -0.41 -9.11
C PRO A 235 -18.59 -0.94 -7.74
N SER A 236 -19.18 -2.13 -7.72
CA SER A 236 -19.68 -2.71 -6.48
C SER A 236 -18.56 -2.93 -5.44
N ILE A 237 -17.39 -3.42 -5.90
CA ILE A 237 -16.27 -3.71 -4.97
C ILE A 237 -15.75 -2.41 -4.33
N ILE A 238 -15.47 -1.41 -5.17
CA ILE A 238 -14.90 -0.15 -4.68
C ILE A 238 -15.89 0.62 -3.77
N ASP A 239 -17.15 0.73 -4.22
CA ASP A 239 -18.18 1.39 -3.42
C ASP A 239 -18.34 0.67 -2.07
N LYS A 240 -18.33 -0.66 -2.13
CA LYS A 240 -18.45 -1.49 -0.93
C LYS A 240 -17.32 -1.19 0.05
N LEU A 241 -16.11 -1.02 -0.50
CA LEU A 241 -14.92 -0.75 0.31
C LEU A 241 -15.11 0.53 1.14
N PHE A 242 -15.62 1.58 0.50
CA PHE A 242 -15.83 2.87 1.18
C PHE A 242 -16.78 2.69 2.37
N LEU A 243 -17.90 1.98 2.12
CA LEU A 243 -18.90 1.72 3.17
C LEU A 243 -18.33 0.83 4.27
N ASP A 244 -17.52 -0.16 3.88
CA ASP A 244 -16.92 -1.09 4.84
C ASP A 244 -16.06 -0.36 5.85
N THR A 245 -15.26 0.59 5.35
CA THR A 245 -14.38 1.39 6.20
C THR A 245 -15.18 2.42 6.98
N LEU A 246 -14.57 2.96 8.04
CA LEU A 246 -15.24 3.98 8.89
C LEU A 246 -16.52 3.40 9.53
N PRO A 247 -17.00 3.97 10.66
CA PRO A 247 -18.25 3.47 11.35
C PRO A 247 -19.44 3.42 10.38
N PHE A 248 -19.51 4.42 9.49
CA PHE A 248 -20.59 4.51 8.51
C PHE A 248 -20.35 3.55 7.35
N LYS A 1 47.61 -25.86 -21.23
CA LYS A 1 46.97 -24.51 -21.32
C LYS A 1 45.48 -24.62 -21.04
N SER A 2 45.08 -24.17 -19.84
CA SER A 2 43.68 -24.22 -19.42
C SER A 2 42.83 -23.18 -20.18
N PRO A 3 41.51 -23.40 -20.33
CA PRO A 3 40.61 -22.44 -21.05
C PRO A 3 40.69 -21.04 -20.43
N LEU A 4 40.60 -20.02 -21.29
CA LEU A 4 40.71 -18.63 -20.83
C LEU A 4 39.36 -18.10 -20.32
N GLN A 5 39.29 -17.88 -19.00
CA GLN A 5 38.11 -17.32 -18.34
C GLN A 5 36.82 -18.13 -18.61
N GLN A 6 36.19 -17.91 -19.78
CA GLN A 6 34.92 -18.56 -20.11
C GLN A 6 33.88 -18.32 -19.02
N GLU A 7 32.66 -18.82 -19.24
CA GLU A 7 31.58 -18.66 -18.26
C GLU A 7 30.90 -20.03 -17.95
N PRO A 8 31.60 -20.97 -17.28
CA PRO A 8 31.01 -22.31 -16.93
C PRO A 8 29.86 -22.20 -15.94
N SER A 9 29.89 -21.13 -15.11
CA SER A 9 28.85 -20.89 -14.12
C SER A 9 28.70 -22.07 -13.17
N GLN A 10 27.98 -21.86 -12.07
CA GLN A 10 27.74 -22.91 -11.08
C GLN A 10 26.23 -23.19 -10.96
N PRO A 11 25.70 -24.24 -11.64
CA PRO A 11 24.24 -24.57 -11.58
C PRO A 11 23.83 -25.11 -10.21
N SER A 12 22.64 -24.70 -9.77
CA SER A 12 22.11 -25.13 -8.48
C SER A 12 20.56 -25.07 -8.48
N PRO A 13 19.84 -26.09 -7.95
CA PRO A 13 18.34 -26.08 -7.91
C PRO A 13 17.79 -24.84 -7.14
N PRO A 14 16.66 -24.23 -7.59
CA PRO A 14 16.06 -23.04 -6.88
C PRO A 14 15.74 -23.38 -5.43
N SER A 15 15.96 -22.40 -4.53
CA SER A 15 15.72 -22.60 -3.10
C SER A 15 14.56 -21.70 -2.59
N PRO A 16 13.77 -22.17 -1.59
CA PRO A 16 12.64 -21.36 -1.01
C PRO A 16 13.16 -20.26 -0.05
N PRO A 17 12.33 -19.23 0.28
CA PRO A 17 12.77 -18.15 1.22
C PRO A 17 13.24 -18.72 2.55
N ILE A 18 14.34 -18.15 3.08
CA ILE A 18 14.94 -18.64 4.35
C ILE A 18 14.83 -17.59 5.48
N CYS A 19 14.19 -16.45 5.20
CA CYS A 19 14.05 -15.38 6.20
C CYS A 19 12.78 -14.58 5.97
N MET A 20 12.17 -14.13 7.09
CA MET A 20 10.94 -13.34 7.03
C MET A 20 11.18 -12.06 6.21
N MET A 21 12.29 -11.38 6.51
CA MET A 21 12.63 -10.13 5.81
C MET A 21 12.72 -10.39 4.29
N ASN A 22 13.41 -11.47 3.92
CA ASN A 22 13.55 -11.84 2.51
C ASN A 22 12.19 -12.16 1.88
N ALA A 23 11.35 -12.88 2.63
CA ALA A 23 10.02 -13.26 2.15
C ALA A 23 9.16 -12.02 1.85
N LEU A 24 9.22 -11.04 2.77
CA LEU A 24 8.48 -9.79 2.60
C LEU A 24 8.99 -9.03 1.38
N VAL A 25 10.31 -9.03 1.22
CA VAL A 25 10.96 -8.36 0.11
C VAL A 25 10.58 -9.02 -1.22
N ARG A 26 10.51 -10.35 -1.20
CA ARG A 26 10.23 -11.13 -2.41
C ARG A 26 8.85 -10.73 -2.96
N ALA A 27 7.86 -10.69 -2.07
CA ALA A 27 6.50 -10.28 -2.47
C ALA A 27 6.50 -8.82 -2.93
N LEU A 28 7.26 -7.97 -2.23
CA LEU A 28 7.31 -6.54 -2.53
C LEU A 28 7.84 -6.30 -3.96
N THR A 29 8.97 -6.93 -4.28
CA THR A 29 9.57 -6.79 -5.62
C THR A 29 8.76 -7.54 -6.69
N ASP A 30 8.12 -8.65 -6.28
CA ASP A 30 7.30 -9.45 -7.19
C ASP A 30 6.10 -8.68 -7.74
N SER A 31 5.50 -7.83 -6.89
CA SER A 31 4.32 -7.06 -7.27
C SER A 31 4.71 -5.75 -7.97
N THR A 32 5.13 -5.86 -9.23
CA THR A 32 5.53 -4.69 -10.03
C THR A 32 5.45 -4.98 -11.56
N PRO A 33 5.02 -4.02 -12.41
CA PRO A 33 4.91 -4.24 -13.88
C PRO A 33 6.27 -4.22 -14.60
N ARG A 34 6.38 -5.02 -15.66
CA ARG A 34 7.60 -5.09 -16.47
C ARG A 34 7.32 -4.67 -17.90
N ASP A 35 6.21 -5.18 -18.43
CA ASP A 35 5.78 -4.86 -19.79
C ASP A 35 5.52 -3.37 -19.94
N LEU A 36 4.91 -2.77 -18.90
CA LEU A 36 4.60 -1.34 -18.91
C LEU A 36 3.66 -0.99 -20.06
N ASP A 37 2.93 0.13 -19.92
CA ASP A 37 2.00 0.59 -20.94
C ASP A 37 2.10 2.10 -21.13
N TYR A 38 2.79 2.52 -22.19
CA TYR A 38 2.95 3.96 -22.49
C TYR A 38 2.00 4.43 -23.61
N SER A 39 1.15 3.53 -24.11
CA SER A 39 0.20 3.88 -25.17
C SER A 39 -0.75 4.96 -24.70
N ARG A 40 -1.28 4.77 -23.48
CA ARG A 40 -2.20 5.75 -22.87
C ARG A 40 -1.44 7.01 -22.42
N TYR A 41 -0.13 6.84 -22.11
CA TYR A 41 0.71 7.94 -21.64
C TYR A 41 0.79 9.06 -22.69
N CYS A 42 0.71 10.30 -22.20
CA CYS A 42 0.81 11.48 -23.04
C CYS A 42 1.86 12.45 -22.45
N PRO A 43 2.62 13.20 -23.30
CA PRO A 43 3.64 14.18 -22.78
C PRO A 43 2.97 15.39 -22.12
N THR A 44 1.74 15.66 -22.54
CA THR A 44 0.94 16.74 -21.99
C THR A 44 -0.55 16.38 -22.04
N ASP A 45 -1.34 16.93 -21.11
CA ASP A 45 -2.76 16.64 -21.04
C ASP A 45 -3.56 17.89 -20.73
N GLN A 46 -4.84 17.87 -21.10
CA GLN A 46 -5.74 19.01 -20.87
C GLN A 46 -7.13 18.53 -20.46
N ALA A 47 -7.81 19.33 -19.65
CA ALA A 47 -9.15 18.99 -19.16
C ALA A 47 -10.19 19.10 -20.27
N ALA A 48 -11.20 18.23 -20.19
CA ALA A 48 -12.30 18.22 -21.16
C ALA A 48 -13.59 17.77 -20.47
N ALA A 49 -14.71 17.93 -21.18
CA ALA A 49 -16.02 17.59 -20.63
C ALA A 49 -16.10 16.12 -20.25
N GLY A 50 -15.55 15.25 -21.11
CA GLY A 50 -15.58 13.80 -20.86
C GLY A 50 -14.32 13.27 -20.14
N THR A 51 -13.33 14.16 -19.92
CA THR A 51 -12.08 13.77 -19.26
C THR A 51 -12.33 13.31 -17.83
N ASP A 52 -13.11 14.10 -17.08
CA ASP A 52 -13.39 13.80 -15.68
C ASP A 52 -14.12 12.46 -15.54
N ALA A 53 -15.21 12.28 -16.30
CA ALA A 53 -16.00 11.04 -16.22
C ALA A 53 -15.16 9.82 -16.57
N GLU A 54 -14.36 9.93 -17.65
CA GLU A 54 -13.49 8.82 -18.07
C GLU A 54 -12.43 8.56 -17.01
N HIS A 55 -11.88 9.65 -16.47
CA HIS A 55 -10.86 9.57 -15.43
C HIS A 55 -11.41 8.95 -14.13
N VAL A 56 -12.66 9.28 -13.80
CA VAL A 56 -13.29 8.75 -12.59
C VAL A 56 -13.38 7.22 -12.69
N GLN A 57 -13.81 6.73 -13.86
CA GLN A 57 -13.91 5.28 -14.11
C GLN A 57 -12.54 4.62 -14.01
N GLN A 58 -11.55 5.24 -14.64
CA GLN A 58 -10.19 4.71 -14.65
C GLN A 58 -9.63 4.68 -13.22
N PHE A 59 -9.97 5.70 -12.43
CA PHE A 59 -9.52 5.81 -11.05
C PHE A 59 -9.94 4.58 -10.22
N TYR A 60 -11.23 4.21 -10.29
CA TYR A 60 -11.72 3.05 -9.55
C TYR A 60 -11.16 1.76 -10.12
N ASN A 61 -11.05 1.70 -11.46
CA ASN A 61 -10.54 0.51 -12.14
C ASN A 61 -9.13 0.19 -11.68
N LEU A 62 -8.30 1.23 -11.57
CA LEU A 62 -6.91 1.07 -11.12
C LEU A 62 -6.87 0.55 -9.69
N LEU A 63 -7.75 1.08 -8.83
CA LEU A 63 -7.83 0.65 -7.42
C LEU A 63 -8.25 -0.81 -7.33
N THR A 64 -9.19 -1.22 -8.19
CA THR A 64 -9.67 -2.61 -8.21
C THR A 64 -8.50 -3.54 -8.52
N ALA A 65 -7.70 -3.17 -9.52
CA ALA A 65 -6.52 -3.94 -9.89
C ALA A 65 -5.51 -3.94 -8.74
N SER A 66 -5.36 -2.76 -8.10
CA SER A 66 -4.39 -2.61 -6.99
C SER A 66 -4.74 -3.51 -5.81
N ILE A 67 -6.03 -3.60 -5.47
CA ILE A 67 -6.46 -4.41 -4.32
C ILE A 67 -6.26 -5.90 -4.55
N ASP A 68 -6.54 -6.38 -5.76
CA ASP A 68 -6.34 -7.80 -6.09
C ASP A 68 -4.86 -8.16 -5.98
N VAL A 69 -4.00 -7.24 -6.45
CA VAL A 69 -2.56 -7.44 -6.38
C VAL A 69 -2.12 -7.47 -4.90
N SER A 70 -2.68 -6.54 -4.10
CA SER A 70 -2.36 -6.46 -2.67
C SER A 70 -2.80 -7.74 -1.94
N ARG A 71 -3.90 -8.36 -2.40
CA ARG A 71 -4.38 -9.61 -1.80
C ARG A 71 -3.32 -10.68 -1.93
N SER A 72 -2.77 -10.81 -3.14
CA SER A 72 -1.71 -11.79 -3.40
C SER A 72 -0.44 -11.43 -2.64
N TRP A 73 -0.17 -10.12 -2.54
CA TRP A 73 1.00 -9.62 -1.82
C TRP A 73 0.91 -10.05 -0.35
N ALA A 74 -0.29 -9.87 0.23
CA ALA A 74 -0.55 -10.28 1.60
C ALA A 74 -0.37 -11.79 1.76
N GLU A 75 -0.82 -12.53 0.76
CA GLU A 75 -0.74 -14.00 0.75
C GLU A 75 0.72 -14.46 0.76
N LYS A 76 1.60 -13.70 0.09
CA LYS A 76 3.03 -14.03 0.02
C LYS A 76 3.71 -13.88 1.38
N ILE A 77 3.13 -13.04 2.25
CA ILE A 77 3.73 -12.77 3.56
C ILE A 77 3.64 -14.04 4.48
N PRO A 78 4.79 -14.57 4.99
CA PRO A 78 4.75 -15.78 5.89
C PRO A 78 4.00 -15.51 7.19
N GLY A 79 3.13 -16.44 7.57
CA GLY A 79 2.39 -16.36 8.84
C GLY A 79 1.09 -15.56 8.71
N PHE A 80 0.90 -14.85 7.58
CA PHE A 80 -0.32 -14.10 7.35
C PHE A 80 -1.51 -15.05 7.23
N THR A 81 -1.29 -16.16 6.52
CA THR A 81 -2.31 -17.19 6.35
C THR A 81 -2.79 -17.73 7.70
N ASP A 82 -1.87 -17.77 8.66
CA ASP A 82 -2.13 -18.30 9.99
C ASP A 82 -3.25 -17.53 10.71
N LEU A 83 -3.29 -16.20 10.52
CA LEU A 83 -4.28 -15.36 11.19
C LEU A 83 -5.69 -15.74 10.71
N PRO A 84 -6.75 -15.57 11.54
CA PRO A 84 -8.15 -15.88 11.11
C PRO A 84 -8.42 -15.35 9.68
N LYS A 85 -9.35 -16.02 8.97
CA LYS A 85 -9.68 -15.63 7.60
C LYS A 85 -10.19 -14.19 7.55
N GLU A 86 -11.08 -13.86 8.48
CA GLU A 86 -11.67 -12.54 8.55
C GLU A 86 -10.60 -11.47 8.79
N ASP A 87 -9.59 -11.79 9.62
CA ASP A 87 -8.52 -10.83 9.92
C ASP A 87 -7.79 -10.46 8.65
N GLN A 88 -7.46 -11.48 7.88
CA GLN A 88 -6.68 -11.29 6.66
C GLN A 88 -7.43 -10.37 5.70
N THR A 89 -8.75 -10.63 5.56
CA THR A 89 -9.61 -9.81 4.70
C THR A 89 -9.74 -8.37 5.26
N LEU A 90 -9.93 -8.26 6.58
CA LEU A 90 -10.11 -6.97 7.25
C LEU A 90 -8.87 -6.10 7.08
N LEU A 91 -7.70 -6.72 7.25
CA LEU A 91 -6.43 -6.00 7.13
C LEU A 91 -6.27 -5.41 5.74
N ILE A 92 -6.62 -6.19 4.72
CA ILE A 92 -6.50 -5.76 3.32
C ILE A 92 -7.43 -4.56 3.03
N GLU A 93 -8.71 -4.68 3.44
CA GLU A 93 -9.71 -3.64 3.18
C GLU A 93 -9.35 -2.33 3.87
N SER A 94 -8.94 -2.43 5.14
CA SER A 94 -8.60 -1.26 5.95
C SER A 94 -7.33 -0.56 5.47
N ALA A 95 -6.33 -1.36 5.07
CA ALA A 95 -5.02 -0.82 4.68
C ALA A 95 -4.80 -0.72 3.17
N PHE A 96 -5.85 -1.00 2.37
CA PHE A 96 -5.71 -0.93 0.90
C PHE A 96 -5.27 0.48 0.45
N LEU A 97 -5.94 1.52 0.95
CA LEU A 97 -5.64 2.89 0.53
C LEU A 97 -4.20 3.28 0.86
N GLU A 98 -3.75 2.92 2.07
CA GLU A 98 -2.39 3.25 2.50
C GLU A 98 -1.36 2.47 1.65
N LEU A 99 -1.64 1.18 1.43
CA LEU A 99 -0.74 0.32 0.64
C LEU A 99 -0.65 0.81 -0.80
N PHE A 100 -1.79 1.22 -1.35
CA PHE A 100 -1.85 1.74 -2.71
C PHE A 100 -0.91 2.96 -2.84
N VAL A 101 -1.04 3.88 -1.89
CA VAL A 101 -0.24 5.11 -1.87
C VAL A 101 1.26 4.81 -1.66
N LEU A 102 1.54 4.00 -0.64
CA LEU A 102 2.92 3.70 -0.26
C LEU A 102 3.67 3.02 -1.39
N ARG A 103 3.06 1.99 -1.93
CA ARG A 103 3.65 1.20 -3.00
C ARG A 103 3.76 2.02 -4.29
N LEU A 104 2.71 2.82 -4.57
CA LEU A 104 2.67 3.66 -5.76
C LEU A 104 3.78 4.72 -5.72
N SER A 105 3.95 5.35 -4.55
CA SER A 105 4.94 6.43 -4.38
C SER A 105 6.37 5.93 -4.60
N ILE A 106 6.65 4.72 -4.10
CA ILE A 106 7.99 4.13 -4.23
C ILE A 106 8.33 3.89 -5.70
N ARG A 107 7.38 3.30 -6.42
CA ARG A 107 7.56 2.93 -7.82
C ARG A 107 7.54 4.15 -8.76
N SER A 108 6.72 5.15 -8.42
CA SER A 108 6.52 6.34 -9.27
C SER A 108 7.75 7.23 -9.33
N ASN A 109 7.78 8.08 -10.35
CA ASN A 109 8.88 9.04 -10.56
C ASN A 109 8.36 10.47 -10.44
N THR A 110 8.68 11.13 -9.32
CA THR A 110 8.21 12.51 -9.08
C THR A 110 8.90 13.52 -9.99
N ALA A 111 10.19 13.27 -10.27
CA ALA A 111 10.96 14.16 -11.16
C ALA A 111 10.32 14.19 -12.54
N GLU A 112 9.87 13.02 -12.99
CA GLU A 112 9.20 12.87 -14.27
C GLU A 112 7.69 13.17 -14.15
N ASP A 113 7.18 13.30 -12.91
CA ASP A 113 5.76 13.57 -12.68
C ASP A 113 4.89 12.50 -13.35
N LYS A 114 5.36 11.25 -13.28
CA LYS A 114 4.64 10.11 -13.89
C LYS A 114 4.35 9.02 -12.84
N PHE A 115 3.21 8.35 -13.01
CA PHE A 115 2.82 7.24 -12.12
C PHE A 115 2.61 5.97 -12.93
N VAL A 116 3.59 5.06 -12.84
CA VAL A 116 3.54 3.80 -13.60
C VAL A 116 2.49 2.82 -13.06
N PHE A 117 2.11 2.99 -11.77
CA PHE A 117 1.12 2.09 -11.13
C PHE A 117 1.62 0.65 -11.16
N CYS A 118 1.00 -0.20 -10.33
CA CYS A 118 1.36 -1.62 -10.31
C CYS A 118 0.89 -2.35 -11.59
N ASN A 119 0.00 -1.69 -12.36
CA ASN A 119 -0.53 -2.26 -13.61
C ASN A 119 0.32 -1.89 -14.84
N GLY A 120 1.39 -1.10 -14.61
CA GLY A 120 2.28 -0.66 -15.70
C GLY A 120 1.72 0.58 -16.45
N LEU A 121 0.55 1.07 -16.02
CA LEU A 121 -0.07 2.25 -16.63
C LEU A 121 0.65 3.52 -16.18
N VAL A 122 1.11 4.32 -17.15
CA VAL A 122 1.86 5.56 -16.85
C VAL A 122 0.97 6.79 -17.03
N LEU A 123 0.77 7.56 -15.95
CA LEU A 123 -0.04 8.78 -15.99
C LEU A 123 0.79 10.01 -15.64
N HIS A 124 0.76 11.00 -16.53
CA HIS A 124 1.54 12.22 -16.37
C HIS A 124 0.82 13.24 -15.49
N ARG A 125 1.10 13.21 -14.16
CA ARG A 125 0.56 14.19 -13.15
C ARG A 125 -0.84 14.76 -13.52
N LEU A 126 -0.87 15.62 -14.54
CA LEU A 126 -2.12 16.26 -15.00
C LEU A 126 -3.16 15.22 -15.39
N GLN A 127 -2.71 14.05 -15.90
CA GLN A 127 -3.64 13.00 -16.30
C GLN A 127 -4.48 12.56 -15.10
N CYS A 128 -3.84 12.44 -13.93
CA CYS A 128 -4.57 12.08 -12.69
C CYS A 128 -5.12 13.32 -11.94
N LEU A 129 -4.68 14.52 -12.37
CA LEU A 129 -5.16 15.77 -11.77
C LEU A 129 -6.68 15.90 -11.98
N ARG A 130 -7.13 15.50 -13.17
CA ARG A 130 -8.54 15.52 -13.53
C ARG A 130 -9.39 14.70 -12.52
N GLY A 131 -8.77 13.69 -11.89
CA GLY A 131 -9.48 12.82 -10.95
C GLY A 131 -9.02 13.09 -9.55
N PHE A 132 -7.80 12.66 -9.24
CA PHE A 132 -7.22 12.86 -7.92
C PHE A 132 -7.15 14.34 -7.60
N GLY A 133 -6.67 15.13 -8.56
CA GLY A 133 -6.51 16.57 -8.36
C GLY A 133 -5.40 16.84 -7.35
N GLU A 134 -5.69 17.72 -6.40
CA GLU A 134 -4.73 18.05 -5.34
C GLU A 134 -4.31 16.79 -4.57
N TRP A 135 -5.13 15.71 -4.66
CA TRP A 135 -4.83 14.47 -3.95
C TRP A 135 -3.56 13.84 -4.50
N LEU A 136 -3.43 13.87 -5.83
CA LEU A 136 -2.24 13.38 -6.51
C LEU A 136 -1.03 14.21 -6.12
N ASP A 137 -1.22 15.54 -6.10
CA ASP A 137 -0.13 16.46 -5.80
C ASP A 137 0.49 16.11 -4.45
N SER A 138 -0.37 15.80 -3.46
CA SER A 138 0.09 15.42 -2.13
C SER A 138 0.92 14.13 -2.20
N ILE A 139 0.47 13.18 -3.04
CA ILE A 139 1.17 11.90 -3.20
C ILE A 139 2.59 12.11 -3.75
N LYS A 140 2.70 12.94 -4.80
CA LYS A 140 4.00 13.22 -5.43
C LYS A 140 4.95 13.85 -4.42
N ASP A 141 4.43 14.80 -3.63
CA ASP A 141 5.23 15.47 -2.60
C ASP A 141 5.70 14.45 -1.56
N PHE A 142 4.80 13.53 -1.19
CA PHE A 142 5.10 12.48 -0.22
C PHE A 142 6.24 11.59 -0.72
N SER A 143 6.13 11.19 -1.99
CA SER A 143 7.11 10.28 -2.60
C SER A 143 8.50 10.88 -2.55
N LEU A 144 8.60 12.20 -2.79
CA LEU A 144 9.89 12.89 -2.73
C LEU A 144 10.47 12.75 -1.31
N ASN A 145 9.61 12.96 -0.31
CA ASN A 145 10.01 12.82 1.09
C ASN A 145 10.44 11.38 1.39
N LEU A 146 9.71 10.42 0.83
CA LEU A 146 10.03 9.01 1.01
C LEU A 146 11.42 8.70 0.47
N GLN A 147 11.75 9.31 -0.69
CA GLN A 147 13.06 9.14 -1.31
C GLN A 147 14.15 9.70 -0.39
N SER A 148 13.85 10.81 0.30
CA SER A 148 14.80 11.45 1.23
C SER A 148 15.19 10.47 2.33
N LEU A 149 14.22 9.65 2.78
CA LEU A 149 14.48 8.67 3.84
C LEU A 149 15.59 7.70 3.41
N ASN A 150 15.61 7.34 2.11
CA ASN A 150 16.62 6.44 1.55
C ASN A 150 16.61 5.09 2.28
N LEU A 151 15.41 4.62 2.61
CA LEU A 151 15.23 3.34 3.28
C LEU A 151 15.47 2.18 2.30
N ASP A 152 16.16 1.14 2.78
CA ASP A 152 16.53 -0.01 1.95
C ASP A 152 15.30 -0.83 1.55
N ILE A 153 15.53 -1.81 0.69
CA ILE A 153 14.47 -2.69 0.20
C ILE A 153 13.85 -3.42 1.40
N GLN A 154 14.72 -3.97 2.24
CA GLN A 154 14.31 -4.75 3.37
C GLN A 154 13.57 -3.91 4.40
N ALA A 155 14.08 -2.70 4.65
CA ALA A 155 13.45 -1.77 5.59
C ALA A 155 12.06 -1.37 5.09
N LEU A 156 11.98 -1.11 3.78
CA LEU A 156 10.71 -0.74 3.13
C LEU A 156 9.71 -1.88 3.20
N ALA A 157 10.20 -3.11 3.01
CA ALA A 157 9.34 -4.29 3.02
C ALA A 157 8.62 -4.44 4.35
N CYS A 158 9.36 -4.27 5.47
CA CYS A 158 8.74 -4.35 6.80
C CYS A 158 7.75 -3.22 7.02
N LEU A 159 8.11 -2.00 6.56
CA LEU A 159 7.23 -0.82 6.72
C LEU A 159 5.93 -1.00 5.96
N SER A 160 6.00 -1.56 4.74
CA SER A 160 4.79 -1.81 3.95
C SER A 160 3.90 -2.81 4.67
N ALA A 161 4.54 -3.83 5.27
CA ALA A 161 3.84 -4.82 6.06
C ALA A 161 3.25 -4.16 7.32
N LEU A 162 4.00 -3.22 7.90
CA LEU A 162 3.56 -2.50 9.10
C LEU A 162 2.30 -1.69 8.82
N SER A 163 2.25 -1.04 7.67
CA SER A 163 1.07 -0.28 7.28
C SER A 163 -0.13 -1.21 7.13
N MET A 164 0.13 -2.38 6.54
CA MET A 164 -0.88 -3.40 6.31
C MET A 164 -1.39 -4.00 7.64
N ILE A 165 -0.47 -4.19 8.58
CA ILE A 165 -0.77 -4.77 9.89
C ILE A 165 -0.89 -3.68 10.95
N THR A 166 -2.11 -3.49 11.46
CA THR A 166 -2.38 -2.52 12.51
C THR A 166 -3.74 -2.80 13.16
N GLU A 167 -3.88 -2.44 14.44
CA GLU A 167 -5.13 -2.68 15.18
C GLU A 167 -6.30 -1.90 14.54
N ARG A 168 -7.39 -2.61 14.29
CA ARG A 168 -8.59 -2.03 13.67
C ARG A 168 -9.83 -2.44 14.45
N HIS A 169 -10.91 -1.66 14.32
CA HIS A 169 -12.16 -1.96 15.02
C HIS A 169 -12.77 -3.28 14.54
N GLY A 170 -13.30 -4.07 15.47
CA GLY A 170 -13.92 -5.37 15.14
C GLY A 170 -12.88 -6.37 14.62
N LEU A 171 -11.64 -6.25 15.11
CA LEU A 171 -10.54 -7.12 14.66
C LEU A 171 -10.67 -8.53 15.20
N LYS A 172 -10.23 -9.50 14.39
CA LYS A 172 -10.15 -10.86 14.87
C LYS A 172 -8.94 -10.97 15.74
N GLU A 173 -9.17 -10.97 17.01
CA GLU A 173 -8.09 -11.14 17.92
C GLU A 173 -7.10 -9.96 17.67
N PRO A 174 -7.26 -8.82 18.34
CA PRO A 174 -6.28 -7.67 18.17
C PRO A 174 -4.87 -8.20 18.23
N LYS A 175 -4.72 -9.21 19.06
CA LYS A 175 -3.50 -9.88 19.29
C LYS A 175 -3.00 -10.61 18.03
N ARG A 176 -3.92 -11.13 17.14
CA ARG A 176 -3.45 -11.78 15.92
C ARG A 176 -2.71 -10.76 15.06
N VAL A 177 -3.31 -9.59 14.90
CA VAL A 177 -2.68 -8.50 14.13
C VAL A 177 -1.40 -8.00 14.83
N GLU A 178 -1.47 -7.88 16.15
CA GLU A 178 -0.32 -7.39 16.95
C GLU A 178 0.83 -8.38 16.90
N GLU A 179 0.48 -9.65 16.87
CA GLU A 179 1.46 -10.73 16.79
C GLU A 179 2.30 -10.55 15.54
N LEU A 180 1.60 -10.28 14.45
CA LEU A 180 2.23 -10.06 13.16
C LEU A 180 3.01 -8.75 13.16
N CYS A 181 2.45 -7.72 13.79
CA CYS A 181 3.09 -6.41 13.87
C CYS A 181 4.43 -6.53 14.58
N ASN A 182 4.45 -7.24 15.71
CA ASN A 182 5.68 -7.46 16.48
C ASN A 182 6.70 -8.24 15.64
N LYS A 183 6.21 -9.21 14.88
CA LYS A 183 7.05 -10.03 14.01
C LYS A 183 7.80 -9.19 12.96
N ILE A 184 7.08 -8.23 12.37
CA ILE A 184 7.67 -7.36 11.36
C ILE A 184 8.70 -6.43 12.01
N THR A 185 8.34 -5.90 13.19
CA THR A 185 9.22 -4.99 13.92
C THR A 185 10.47 -5.67 14.42
N SER A 186 10.38 -6.98 14.76
CA SER A 186 11.54 -7.72 15.24
C SER A 186 12.58 -7.92 14.13
N SER A 187 12.10 -8.31 12.94
CA SER A 187 12.96 -8.49 11.77
C SER A 187 13.52 -7.14 11.34
N LEU A 188 12.64 -6.18 11.33
CA LEU A 188 12.91 -4.81 10.95
C LEU A 188 13.96 -4.19 11.86
N LYS A 189 13.76 -4.38 13.14
CA LYS A 189 14.67 -3.85 14.16
C LYS A 189 16.07 -4.43 13.94
N ASP A 190 16.11 -5.73 13.60
CA ASP A 190 17.37 -6.39 13.28
C ASP A 190 18.01 -5.69 12.07
N HIS A 191 17.18 -5.33 11.08
CA HIS A 191 17.66 -4.63 9.88
C HIS A 191 18.30 -3.29 10.28
N GLN A 192 17.63 -2.56 11.17
CA GLN A 192 18.13 -1.27 11.65
C GLN A 192 19.41 -1.41 12.48
N SER A 193 19.62 -2.59 13.09
CA SER A 193 20.81 -2.84 13.93
C SER A 193 22.04 -3.22 13.08
N LYS A 194 21.82 -3.50 11.79
CA LYS A 194 22.90 -3.90 10.88
C LYS A 194 23.94 -2.79 10.73
N GLY A 195 23.46 -1.53 10.67
CA GLY A 195 24.32 -0.38 10.48
C GLY A 195 25.20 -0.13 11.69
N GLN A 196 26.32 0.57 11.46
CA GLN A 196 27.21 0.98 12.56
C GLN A 196 26.42 1.89 13.52
N ALA A 197 25.43 2.62 12.97
CA ALA A 197 24.55 3.43 13.76
C ALA A 197 23.25 2.66 14.03
N LEU A 198 23.33 1.74 14.96
CA LEU A 198 22.20 0.88 15.34
C LEU A 198 20.94 1.70 15.67
N GLU A 199 21.08 3.02 15.88
CA GLU A 199 19.95 3.87 16.18
C GLU A 199 18.84 3.69 15.11
N PRO A 200 17.55 3.62 15.50
CA PRO A 200 16.46 3.48 14.53
C PRO A 200 16.12 4.82 13.92
N THR A 201 15.96 4.81 12.61
CA THR A 201 15.53 6.00 11.90
C THR A 201 13.98 6.04 11.82
N GLU A 202 13.33 5.24 12.69
CA GLU A 202 11.87 5.13 12.74
C GLU A 202 11.22 6.49 13.08
N SER A 203 11.96 7.36 13.77
CA SER A 203 11.44 8.68 14.13
C SER A 203 11.05 9.45 12.87
N LYS A 204 11.93 9.41 11.87
CA LYS A 204 11.66 10.06 10.58
C LYS A 204 10.46 9.39 9.90
N VAL A 205 10.38 8.06 10.03
CA VAL A 205 9.28 7.29 9.47
C VAL A 205 7.97 7.71 10.09
N LEU A 206 7.97 7.94 11.41
CA LEU A 206 6.74 8.34 12.11
C LEU A 206 6.23 9.71 11.63
N GLY A 207 7.15 10.64 11.35
CA GLY A 207 6.77 11.97 10.83
C GLY A 207 6.15 11.84 9.44
N ALA A 208 6.73 10.94 8.64
CA ALA A 208 6.22 10.65 7.31
C ALA A 208 4.99 9.73 7.40
N LEU A 209 4.84 9.04 8.55
CA LEU A 209 3.71 8.17 8.76
C LEU A 209 2.45 8.99 8.91
N VAL A 210 2.56 10.09 9.68
CA VAL A 210 1.45 11.00 9.87
C VAL A 210 1.04 11.55 8.50
N GLU A 211 2.05 11.99 7.72
CA GLU A 211 1.79 12.48 6.36
C GLU A 211 1.17 11.36 5.50
N LEU A 212 1.66 10.13 5.68
CA LEU A 212 1.15 8.97 4.95
C LEU A 212 -0.33 8.76 5.27
N ARG A 213 -0.67 8.94 6.56
CA ARG A 213 -2.05 8.81 7.03
C ARG A 213 -2.93 9.85 6.35
N LYS A 214 -2.39 11.06 6.13
CA LYS A 214 -3.14 12.13 5.50
C LYS A 214 -3.52 11.72 4.07
N ILE A 215 -2.58 11.03 3.40
CA ILE A 215 -2.75 10.64 2.01
C ILE A 215 -3.82 9.52 1.87
N CYS A 216 -3.82 8.52 2.79
CA CYS A 216 -4.80 7.43 2.70
C CYS A 216 -6.20 7.95 2.95
N THR A 217 -6.33 8.87 3.92
CA THR A 217 -7.61 9.53 4.19
C THR A 217 -7.99 10.44 3.00
N LEU A 218 -6.96 11.01 2.35
CA LEU A 218 -7.16 11.82 1.12
C LEU A 218 -7.99 11.01 0.13
N GLY A 219 -7.62 9.73 -0.03
CA GLY A 219 -8.35 8.83 -0.92
C GLY A 219 -9.79 8.70 -0.49
N LEU A 220 -10.03 8.60 0.83
CA LEU A 220 -11.39 8.50 1.35
C LEU A 220 -12.18 9.76 1.02
N GLN A 221 -11.51 10.93 1.14
CA GLN A 221 -12.16 12.21 0.85
C GLN A 221 -12.49 12.35 -0.63
N ARG A 222 -11.53 11.99 -1.49
CA ARG A 222 -11.69 12.10 -2.95
C ARG A 222 -12.83 11.22 -3.43
N ILE A 223 -12.82 9.98 -2.97
CA ILE A 223 -13.78 8.98 -3.39
C ILE A 223 -15.21 9.43 -3.01
N PHE A 224 -15.36 9.96 -1.80
CA PHE A 224 -16.65 10.45 -1.33
C PHE A 224 -17.17 11.56 -2.26
N TYR A 225 -16.29 12.52 -2.59
CA TYR A 225 -16.66 13.62 -3.48
C TYR A 225 -17.00 13.12 -4.89
N LEU A 226 -16.23 12.12 -5.36
CA LEU A 226 -16.46 11.54 -6.69
C LEU A 226 -17.85 10.92 -6.78
N LYS A 227 -18.24 10.24 -5.70
CA LYS A 227 -19.58 9.64 -5.62
C LYS A 227 -20.65 10.73 -5.65
N LEU A 228 -20.37 11.86 -4.98
CA LEU A 228 -21.28 13.01 -5.00
C LEU A 228 -21.42 13.55 -6.41
N GLU A 229 -20.29 13.58 -7.15
CA GLU A 229 -20.28 14.02 -8.55
C GLU A 229 -21.19 13.11 -9.38
N ASP A 230 -21.14 11.81 -9.08
CA ASP A 230 -21.99 10.79 -9.70
C ASP A 230 -21.70 10.53 -11.19
N LEU A 231 -20.42 10.73 -11.59
CA LEU A 231 -20.00 10.37 -12.94
C LEU A 231 -19.37 8.98 -12.87
N VAL A 232 -19.87 8.03 -13.68
CA VAL A 232 -19.42 6.62 -13.62
C VAL A 232 -19.30 6.14 -12.16
N SER A 233 -20.39 5.59 -11.65
CA SER A 233 -20.48 5.18 -10.24
C SER A 233 -19.39 4.15 -9.88
N PRO A 234 -18.94 4.10 -8.60
CA PRO A 234 -17.89 3.15 -8.15
C PRO A 234 -18.28 1.65 -8.40
N PRO A 235 -17.29 0.76 -8.55
CA PRO A 235 -17.54 -0.70 -8.67
C PRO A 235 -18.00 -1.26 -7.31
N SER A 236 -18.56 -2.47 -7.32
CA SER A 236 -19.09 -3.08 -6.10
C SER A 236 -18.01 -3.24 -5.03
N ILE A 237 -16.83 -3.67 -5.45
CA ILE A 237 -15.71 -3.92 -4.51
C ILE A 237 -15.26 -2.61 -3.84
N ILE A 238 -15.00 -1.57 -4.65
CA ILE A 238 -14.52 -0.28 -4.13
C ILE A 238 -15.58 0.41 -3.25
N ASP A 239 -16.82 0.49 -3.75
CA ASP A 239 -17.91 1.08 -2.97
C ASP A 239 -18.09 0.33 -1.65
N LYS A 240 -18.03 -1.00 -1.74
CA LYS A 240 -18.15 -1.87 -0.56
C LYS A 240 -17.02 -1.56 0.42
N LEU A 241 -15.82 -1.41 -0.11
CA LEU A 241 -14.64 -1.12 0.71
C LEU A 241 -14.83 0.19 1.45
N PHE A 242 -15.33 1.20 0.73
CA PHE A 242 -15.60 2.51 1.33
C PHE A 242 -16.63 2.37 2.45
N LEU A 243 -17.68 1.59 2.17
CA LEU A 243 -18.75 1.35 3.13
C LEU A 243 -18.21 0.63 4.38
N ASP A 244 -17.31 -0.33 4.16
CA ASP A 244 -16.71 -1.10 5.25
C ASP A 244 -15.98 -0.16 6.22
N THR A 245 -15.23 0.77 5.64
CA THR A 245 -14.48 1.76 6.44
C THR A 245 -15.41 2.88 6.90
N LEU A 246 -14.94 3.67 7.87
CA LEU A 246 -15.73 4.77 8.41
C LEU A 246 -17.15 4.31 8.81
N PRO A 247 -17.27 3.46 9.84
CA PRO A 247 -18.59 2.93 10.31
C PRO A 247 -19.58 4.04 10.68
N PHE A 248 -19.05 5.16 11.20
CA PHE A 248 -19.87 6.29 11.67
C PHE A 248 -20.68 5.89 12.90
N LYS A 1 -27.91 -20.89 18.62
CA LYS A 1 -28.63 -22.10 18.12
C LYS A 1 -27.79 -23.34 18.46
N SER A 2 -26.63 -23.48 17.80
CA SER A 2 -25.72 -24.61 18.03
C SER A 2 -24.86 -24.36 19.29
N PRO A 3 -24.39 -25.42 19.97
CA PRO A 3 -23.54 -25.25 21.20
C PRO A 3 -22.17 -24.67 20.86
N LEU A 4 -21.60 -23.92 21.81
CA LEU A 4 -20.28 -23.31 21.60
C LEU A 4 -20.30 -22.38 20.38
N GLN A 5 -20.94 -21.22 20.52
CA GLN A 5 -21.05 -20.25 19.43
C GLN A 5 -19.66 -19.77 19.03
N GLN A 6 -18.80 -19.54 20.02
CA GLN A 6 -17.43 -19.09 19.77
C GLN A 6 -16.54 -20.30 19.47
N GLU A 7 -15.64 -20.13 18.49
CA GLU A 7 -14.74 -21.22 18.08
C GLU A 7 -13.24 -20.74 18.10
N PRO A 8 -12.62 -20.61 19.29
CA PRO A 8 -11.19 -20.17 19.40
C PRO A 8 -10.21 -21.26 18.94
N SER A 9 -10.66 -22.52 19.02
CA SER A 9 -9.82 -23.66 18.64
C SER A 9 -8.51 -23.64 19.42
N GLN A 10 -7.70 -24.70 19.24
CA GLN A 10 -6.41 -24.80 19.94
C GLN A 10 -5.26 -24.31 19.03
N PRO A 11 -4.22 -23.66 19.60
CA PRO A 11 -3.07 -23.16 18.78
C PRO A 11 -2.18 -24.30 18.30
N SER A 12 -1.70 -24.18 17.07
CA SER A 12 -0.81 -25.17 16.48
C SER A 12 0.60 -25.10 17.13
N PRO A 13 1.37 -26.21 17.16
CA PRO A 13 2.74 -26.21 17.79
C PRO A 13 3.65 -25.12 17.14
N PRO A 14 4.52 -24.44 17.94
CA PRO A 14 5.40 -23.35 17.39
C PRO A 14 6.47 -23.91 16.45
N SER A 15 6.81 -23.11 15.44
CA SER A 15 7.82 -23.50 14.45
C SER A 15 9.05 -22.56 14.55
N PRO A 16 10.23 -23.03 15.06
CA PRO A 16 11.43 -22.15 15.19
C PRO A 16 11.76 -21.36 13.89
N PRO A 17 11.75 -21.99 12.68
CA PRO A 17 12.03 -21.24 11.40
C PRO A 17 10.87 -20.35 11.00
N ILE A 18 11.19 -19.19 10.40
CA ILE A 18 10.16 -18.25 9.95
C ILE A 18 10.58 -17.53 8.66
N CYS A 19 11.90 -17.30 8.51
CA CYS A 19 12.43 -16.61 7.32
C CYS A 19 11.58 -15.35 6.98
N MET A 20 11.14 -14.66 8.03
CA MET A 20 10.29 -13.47 7.88
C MET A 20 10.98 -12.38 7.06
N MET A 21 12.23 -12.05 7.43
CA MET A 21 12.99 -11.00 6.73
C MET A 21 13.14 -11.35 5.24
N ASN A 22 13.62 -12.55 4.97
CA ASN A 22 13.85 -12.98 3.60
C ASN A 22 12.55 -13.03 2.82
N ALA A 23 11.50 -13.53 3.46
CA ALA A 23 10.19 -13.66 2.83
C ALA A 23 9.64 -12.29 2.44
N LEU A 24 9.83 -11.29 3.32
CA LEU A 24 9.37 -9.94 3.06
C LEU A 24 10.09 -9.35 1.85
N VAL A 25 11.40 -9.63 1.76
CA VAL A 25 12.20 -9.16 0.63
C VAL A 25 11.66 -9.74 -0.68
N ARG A 26 11.36 -11.05 -0.66
CA ARG A 26 10.86 -11.75 -1.84
C ARG A 26 9.56 -11.11 -2.29
N ALA A 27 8.66 -10.92 -1.34
CA ALA A 27 7.36 -10.30 -1.63
C ALA A 27 7.53 -8.87 -2.13
N LEU A 28 8.45 -8.13 -1.50
CA LEU A 28 8.69 -6.73 -1.86
C LEU A 28 9.16 -6.62 -3.32
N THR A 29 10.16 -7.44 -3.68
CA THR A 29 10.70 -7.44 -5.04
C THR A 29 9.72 -8.02 -6.05
N ASP A 30 8.94 -9.02 -5.62
CA ASP A 30 7.98 -9.71 -6.49
C ASP A 30 6.88 -8.77 -6.98
N SER A 31 6.44 -7.86 -6.10
CA SER A 31 5.38 -6.92 -6.45
C SER A 31 5.93 -5.75 -7.26
N THR A 32 6.13 -5.98 -8.57
CA THR A 32 6.67 -4.97 -9.46
C THR A 32 6.39 -5.33 -10.95
N PRO A 33 6.08 -4.34 -11.83
CA PRO A 33 5.80 -4.63 -13.28
C PRO A 33 6.98 -5.37 -13.96
N ARG A 34 8.13 -4.64 -14.11
CA ARG A 34 9.39 -5.14 -14.77
C ARG A 34 9.32 -4.89 -16.27
N ASP A 35 8.12 -4.96 -16.80
CA ASP A 35 7.86 -4.76 -18.21
C ASP A 35 7.59 -3.29 -18.52
N LEU A 36 6.92 -2.59 -17.59
CA LEU A 36 6.56 -1.19 -17.76
C LEU A 36 5.64 -1.00 -18.97
N ASP A 37 4.76 0.00 -18.88
CA ASP A 37 3.78 0.27 -19.94
C ASP A 37 3.75 1.76 -20.25
N TYR A 38 4.21 2.13 -21.46
CA TYR A 38 4.27 3.52 -21.89
C TYR A 38 3.13 3.89 -22.87
N SER A 39 2.16 2.98 -23.03
CA SER A 39 1.03 3.21 -23.96
C SER A 39 0.24 4.44 -23.56
N ARG A 40 0.14 4.67 -22.25
CA ARG A 40 -0.68 5.79 -21.73
C ARG A 40 0.20 6.93 -21.17
N TYR A 41 1.47 6.96 -21.58
CA TYR A 41 2.41 7.99 -21.14
C TYR A 41 2.49 9.10 -22.19
N CYS A 42 2.15 10.33 -21.78
CA CYS A 42 2.20 11.49 -22.69
C CYS A 42 2.95 12.66 -22.02
N PRO A 43 3.70 13.49 -22.80
CA PRO A 43 4.44 14.66 -22.21
C PRO A 43 3.49 15.78 -21.81
N THR A 44 2.40 15.92 -22.57
CA THR A 44 1.39 16.94 -22.30
C THR A 44 -0.01 16.30 -22.32
N ASP A 45 -0.80 16.57 -21.27
CA ASP A 45 -2.16 16.04 -21.18
C ASP A 45 -3.09 17.02 -20.47
N GLN A 46 -3.98 17.63 -21.25
CA GLN A 46 -4.95 18.59 -20.71
C GLN A 46 -6.25 17.88 -20.36
N ALA A 47 -6.91 18.33 -19.28
CA ALA A 47 -8.17 17.74 -18.84
C ALA A 47 -9.22 17.88 -19.95
N ALA A 48 -9.86 16.76 -20.33
CA ALA A 48 -10.88 16.79 -21.41
C ALA A 48 -11.62 15.47 -21.59
N ALA A 49 -12.71 15.52 -22.37
CA ALA A 49 -13.51 14.33 -22.70
C ALA A 49 -14.06 13.65 -21.44
N GLY A 50 -15.07 14.29 -20.82
CA GLY A 50 -15.68 13.74 -19.60
C GLY A 50 -14.62 13.60 -18.53
N THR A 51 -13.79 14.62 -18.41
CA THR A 51 -12.63 14.62 -17.51
C THR A 51 -12.88 13.88 -16.17
N ASP A 52 -13.78 14.43 -15.35
CA ASP A 52 -14.03 13.88 -14.02
C ASP A 52 -14.71 12.51 -14.04
N ALA A 53 -15.85 12.42 -14.74
CA ALA A 53 -16.62 11.17 -14.77
C ALA A 53 -15.86 10.00 -15.40
N GLU A 54 -15.20 10.26 -16.54
CA GLU A 54 -14.44 9.21 -17.23
C GLU A 54 -13.22 8.81 -16.43
N HIS A 55 -12.53 9.81 -15.84
CA HIS A 55 -11.33 9.52 -15.06
C HIS A 55 -11.69 8.70 -13.82
N VAL A 56 -12.82 9.06 -13.18
CA VAL A 56 -13.26 8.36 -11.98
C VAL A 56 -13.52 6.87 -12.27
N GLN A 57 -14.25 6.58 -13.35
CA GLN A 57 -14.54 5.19 -13.72
C GLN A 57 -13.26 4.41 -14.05
N GLN A 58 -12.42 5.00 -14.90
CA GLN A 58 -11.20 4.34 -15.32
C GLN A 58 -10.30 4.07 -14.12
N PHE A 59 -10.14 5.10 -13.28
CA PHE A 59 -9.28 4.98 -12.13
C PHE A 59 -9.76 3.87 -11.20
N TYR A 60 -11.09 3.76 -11.03
CA TYR A 60 -11.66 2.71 -10.16
C TYR A 60 -11.28 1.33 -10.70
N ASN A 61 -11.35 1.19 -12.03
CA ASN A 61 -10.96 -0.06 -12.68
C ASN A 61 -9.50 -0.37 -12.36
N LEU A 62 -8.66 0.67 -12.42
CA LEU A 62 -7.24 0.54 -12.09
C LEU A 62 -7.06 0.15 -10.62
N LEU A 63 -7.88 0.75 -9.75
CA LEU A 63 -7.85 0.46 -8.31
C LEU A 63 -8.24 -0.99 -8.05
N THR A 64 -9.21 -1.50 -8.81
CA THR A 64 -9.65 -2.88 -8.67
C THR A 64 -8.45 -3.81 -8.93
N ALA A 65 -7.69 -3.49 -9.99
CA ALA A 65 -6.49 -4.25 -10.32
C ALA A 65 -5.43 -4.12 -9.22
N SER A 66 -5.29 -2.90 -8.66
CA SER A 66 -4.28 -2.65 -7.61
C SER A 66 -4.58 -3.41 -6.32
N ILE A 67 -5.88 -3.51 -5.96
CA ILE A 67 -6.25 -4.23 -4.74
C ILE A 67 -5.92 -5.72 -4.86
N ASP A 68 -6.14 -6.27 -6.06
CA ASP A 68 -5.82 -7.68 -6.31
C ASP A 68 -4.32 -7.92 -6.13
N VAL A 69 -3.50 -6.96 -6.61
CA VAL A 69 -2.05 -7.06 -6.46
C VAL A 69 -1.67 -6.97 -4.97
N SER A 70 -2.34 -6.06 -4.24
CA SER A 70 -2.08 -5.91 -2.80
C SER A 70 -2.46 -7.18 -2.05
N ARG A 71 -3.52 -7.88 -2.53
CA ARG A 71 -3.94 -9.13 -1.90
C ARG A 71 -2.83 -10.15 -1.95
N SER A 72 -2.22 -10.29 -3.13
CA SER A 72 -1.11 -11.22 -3.32
C SER A 72 0.08 -10.79 -2.46
N TRP A 73 0.29 -9.47 -2.35
CA TRP A 73 1.35 -8.93 -1.51
C TRP A 73 1.13 -9.37 -0.06
N ALA A 74 -0.10 -9.21 0.44
CA ALA A 74 -0.46 -9.64 1.80
C ALA A 74 -0.30 -11.15 1.97
N GLU A 75 -0.71 -11.89 0.95
CA GLU A 75 -0.66 -13.35 0.95
C GLU A 75 0.78 -13.87 1.04
N LYS A 76 1.71 -13.17 0.39
CA LYS A 76 3.13 -13.54 0.41
C LYS A 76 3.72 -13.44 1.82
N ILE A 77 3.24 -12.45 2.58
CA ILE A 77 3.75 -12.20 3.93
C ILE A 77 3.51 -13.46 4.83
N PRO A 78 4.57 -14.05 5.45
CA PRO A 78 4.39 -15.25 6.34
C PRO A 78 3.48 -14.94 7.53
N GLY A 79 2.55 -15.87 7.81
CA GLY A 79 1.63 -15.73 8.94
C GLY A 79 0.36 -14.95 8.57
N PHE A 80 0.36 -14.29 7.40
CA PHE A 80 -0.81 -13.54 6.94
C PHE A 80 -2.01 -14.47 6.77
N THR A 81 -1.75 -15.59 6.11
CA THR A 81 -2.78 -16.60 5.85
C THR A 81 -3.31 -17.17 7.19
N ASP A 82 -2.39 -17.37 8.14
CA ASP A 82 -2.73 -17.95 9.44
C ASP A 82 -3.82 -17.16 10.16
N LEU A 83 -3.81 -15.83 9.98
CA LEU A 83 -4.80 -14.95 10.64
C LEU A 83 -6.20 -15.31 10.11
N PRO A 84 -7.28 -15.14 10.91
CA PRO A 84 -8.66 -15.44 10.43
C PRO A 84 -8.91 -14.88 9.03
N LYS A 85 -9.84 -15.49 8.29
CA LYS A 85 -10.17 -15.04 6.94
C LYS A 85 -10.63 -13.60 6.96
N GLU A 86 -11.50 -13.29 7.90
CA GLU A 86 -12.07 -11.96 8.02
C GLU A 86 -10.97 -10.92 8.29
N ASP A 87 -9.97 -11.30 9.12
CA ASP A 87 -8.86 -10.37 9.45
C ASP A 87 -8.12 -9.99 8.21
N GLN A 88 -7.80 -11.01 7.40
CA GLN A 88 -7.02 -10.81 6.19
C GLN A 88 -7.78 -9.89 5.23
N THR A 89 -9.09 -10.11 5.13
CA THR A 89 -9.95 -9.28 4.28
C THR A 89 -9.99 -7.83 4.81
N LEU A 90 -10.14 -7.70 6.13
CA LEU A 90 -10.21 -6.39 6.78
C LEU A 90 -8.92 -5.61 6.57
N LEU A 91 -7.78 -6.30 6.72
CA LEU A 91 -6.47 -5.69 6.56
C LEU A 91 -6.30 -5.15 5.14
N ILE A 92 -6.75 -5.95 4.16
CA ILE A 92 -6.66 -5.57 2.75
C ILE A 92 -7.51 -4.32 2.47
N GLU A 93 -8.77 -4.34 2.93
CA GLU A 93 -9.70 -3.23 2.67
C GLU A 93 -9.22 -1.93 3.33
N SER A 94 -8.78 -2.04 4.59
CA SER A 94 -8.32 -0.88 5.36
C SER A 94 -6.98 -0.36 4.84
N ALA A 95 -6.10 -1.29 4.46
CA ALA A 95 -4.74 -0.94 4.05
C ALA A 95 -4.61 -0.65 2.54
N PHE A 96 -5.70 -0.82 1.78
CA PHE A 96 -5.64 -0.62 0.33
C PHE A 96 -5.23 0.82 -0.03
N LEU A 97 -5.89 1.83 0.55
CA LEU A 97 -5.59 3.24 0.23
C LEU A 97 -4.18 3.63 0.66
N GLU A 98 -3.77 3.21 1.86
CA GLU A 98 -2.45 3.54 2.39
C GLU A 98 -1.34 2.82 1.61
N LEU A 99 -1.55 1.53 1.35
CA LEU A 99 -0.58 0.72 0.60
C LEU A 99 -0.44 1.21 -0.83
N PHE A 100 -1.56 1.56 -1.44
CA PHE A 100 -1.56 2.07 -2.81
C PHE A 100 -0.72 3.35 -2.89
N VAL A 101 -0.98 4.27 -1.97
CA VAL A 101 -0.26 5.55 -1.92
C VAL A 101 1.24 5.33 -1.64
N LEU A 102 1.52 4.53 -0.60
CA LEU A 102 2.90 4.28 -0.17
C LEU A 102 3.70 3.59 -1.26
N ARG A 103 3.15 2.52 -1.80
CA ARG A 103 3.80 1.71 -2.82
C ARG A 103 3.92 2.48 -4.14
N LEU A 104 2.88 3.22 -4.49
CA LEU A 104 2.85 4.02 -5.72
C LEU A 104 3.95 5.08 -5.68
N SER A 105 4.07 5.75 -4.54
CA SER A 105 5.04 6.82 -4.36
C SER A 105 6.47 6.31 -4.53
N ILE A 106 6.75 5.10 -4.03
CA ILE A 106 8.09 4.51 -4.14
C ILE A 106 8.48 4.30 -5.61
N ARG A 107 7.57 3.71 -6.39
CA ARG A 107 7.83 3.39 -7.80
C ARG A 107 7.77 4.65 -8.69
N SER A 108 6.89 5.59 -8.31
CA SER A 108 6.69 6.83 -9.09
C SER A 108 7.92 7.73 -9.07
N ASN A 109 8.11 8.48 -10.18
CA ASN A 109 9.22 9.42 -10.32
C ASN A 109 8.72 10.87 -10.23
N THR A 110 8.99 11.52 -9.10
CA THR A 110 8.52 12.91 -8.88
C THR A 110 9.23 13.89 -9.80
N ALA A 111 10.52 13.64 -10.04
CA ALA A 111 11.32 14.50 -10.91
C ALA A 111 10.73 14.52 -12.31
N GLU A 112 10.27 13.36 -12.76
CA GLU A 112 9.62 13.22 -14.06
C GLU A 112 8.12 13.56 -13.98
N ASP A 113 7.59 13.73 -12.74
CA ASP A 113 6.18 14.02 -12.54
C ASP A 113 5.30 12.91 -13.14
N LYS A 114 5.78 11.67 -13.01
CA LYS A 114 5.05 10.50 -13.51
C LYS A 114 4.77 9.51 -12.38
N PHE A 115 3.66 8.78 -12.52
CA PHE A 115 3.27 7.77 -11.54
C PHE A 115 3.32 6.39 -12.16
N VAL A 116 4.13 5.51 -11.58
CA VAL A 116 4.29 4.15 -12.09
C VAL A 116 3.57 3.17 -11.15
N PHE A 117 2.59 2.45 -11.71
CA PHE A 117 1.80 1.49 -10.94
C PHE A 117 2.38 0.10 -11.00
N CYS A 118 1.96 -0.78 -10.08
CA CYS A 118 2.45 -2.16 -10.05
C CYS A 118 2.10 -2.91 -11.35
N ASN A 119 1.14 -2.37 -12.13
CA ASN A 119 0.75 -2.97 -13.42
C ASN A 119 1.65 -2.47 -14.57
N GLY A 120 2.62 -1.58 -14.25
CA GLY A 120 3.53 -1.03 -15.25
C GLY A 120 2.98 0.25 -15.91
N LEU A 121 1.70 0.57 -15.64
CA LEU A 121 1.07 1.76 -16.21
C LEU A 121 1.75 3.04 -15.69
N VAL A 122 2.14 3.92 -16.63
CA VAL A 122 2.81 5.18 -16.27
C VAL A 122 1.95 6.38 -16.69
N LEU A 123 1.60 7.25 -15.73
CA LEU A 123 0.79 8.44 -16.01
C LEU A 123 1.53 9.74 -15.65
N HIS A 124 1.51 10.67 -16.59
CA HIS A 124 2.22 11.94 -16.43
C HIS A 124 1.40 12.95 -15.61
N ARG A 125 1.65 12.97 -14.29
CA ARG A 125 1.02 13.94 -13.31
C ARG A 125 -0.38 14.47 -13.77
N LEU A 126 -0.39 15.34 -14.78
CA LEU A 126 -1.63 15.95 -15.28
C LEU A 126 -2.64 14.89 -15.73
N GLN A 127 -2.14 13.73 -16.19
CA GLN A 127 -3.01 12.65 -16.64
C GLN A 127 -3.95 12.19 -15.50
N CYS A 128 -3.42 12.11 -14.27
CA CYS A 128 -4.26 11.74 -13.10
C CYS A 128 -4.82 12.99 -12.36
N LEU A 129 -4.34 14.19 -12.74
CA LEU A 129 -4.82 15.44 -12.14
C LEU A 129 -6.32 15.67 -12.46
N ARG A 130 -6.83 14.96 -13.47
CA ARG A 130 -8.23 15.11 -13.90
C ARG A 130 -9.23 14.78 -12.79
N GLY A 131 -8.92 13.78 -11.94
CA GLY A 131 -9.85 13.36 -10.87
C GLY A 131 -9.21 13.50 -9.52
N PHE A 132 -8.01 12.93 -9.38
CA PHE A 132 -7.28 13.02 -8.12
C PHE A 132 -7.01 14.48 -7.80
N GLY A 133 -6.60 15.24 -8.82
CA GLY A 133 -6.34 16.66 -8.64
C GLY A 133 -5.29 16.86 -7.56
N GLU A 134 -5.67 17.59 -6.52
CA GLU A 134 -4.80 17.83 -5.39
C GLU A 134 -4.37 16.51 -4.72
N TRP A 135 -5.24 15.46 -4.83
CA TRP A 135 -4.92 14.17 -4.20
C TRP A 135 -3.64 13.59 -4.78
N LEU A 136 -3.52 13.66 -6.10
CA LEU A 136 -2.33 13.18 -6.80
C LEU A 136 -1.11 14.01 -6.41
N ASP A 137 -1.28 15.34 -6.38
CA ASP A 137 -0.18 16.25 -6.07
C ASP A 137 0.43 15.94 -4.72
N SER A 138 -0.44 15.63 -3.74
CA SER A 138 0.00 15.28 -2.40
C SER A 138 0.86 14.01 -2.44
N ILE A 139 0.47 13.05 -3.29
CA ILE A 139 1.20 11.79 -3.42
C ILE A 139 2.63 12.06 -3.92
N LYS A 140 2.75 12.93 -4.92
CA LYS A 140 4.06 13.28 -5.48
C LYS A 140 4.94 13.89 -4.39
N ASP A 141 4.35 14.78 -3.58
CA ASP A 141 5.09 15.42 -2.49
C ASP A 141 5.58 14.36 -1.49
N PHE A 142 4.70 13.39 -1.20
CA PHE A 142 5.05 12.28 -0.30
C PHE A 142 6.21 11.48 -0.91
N SER A 143 6.10 11.20 -2.19
CA SER A 143 7.11 10.42 -2.91
C SER A 143 8.47 11.08 -2.88
N LEU A 144 8.50 12.40 -3.11
CA LEU A 144 9.77 13.14 -3.10
C LEU A 144 10.44 13.01 -1.73
N ASN A 145 9.64 13.22 -0.67
CA ASN A 145 10.13 13.10 0.70
C ASN A 145 10.57 11.68 1.01
N LEU A 146 9.81 10.70 0.52
CA LEU A 146 10.11 9.28 0.75
C LEU A 146 11.43 8.89 0.09
N GLN A 147 11.65 9.38 -1.14
CA GLN A 147 12.88 9.12 -1.87
C GLN A 147 14.08 9.69 -1.12
N SER A 148 13.89 10.87 -0.52
CA SER A 148 14.95 11.52 0.27
C SER A 148 15.36 10.63 1.43
N LEU A 149 14.37 9.97 2.06
CA LEU A 149 14.63 9.07 3.20
C LEU A 149 15.54 7.92 2.75
N ASN A 150 15.30 7.42 1.52
CA ASN A 150 16.09 6.32 0.94
C ASN A 150 15.74 4.97 1.58
N LEU A 151 15.99 4.86 2.89
CA LEU A 151 15.71 3.63 3.62
C LEU A 151 16.40 2.42 2.94
N ASP A 152 16.26 1.24 3.56
CA ASP A 152 16.86 0.02 3.00
C ASP A 152 15.79 -0.83 2.33
N ILE A 153 16.23 -1.94 1.73
CA ILE A 153 15.32 -2.84 1.02
C ILE A 153 14.31 -3.41 2.02
N GLN A 154 14.82 -3.91 3.15
CA GLN A 154 13.97 -4.50 4.18
C GLN A 154 13.27 -3.46 5.03
N ALA A 155 13.90 -2.29 5.19
CA ALA A 155 13.29 -1.23 5.97
C ALA A 155 11.95 -0.85 5.35
N LEU A 156 11.95 -0.73 4.02
CA LEU A 156 10.72 -0.44 3.28
C LEU A 156 9.77 -1.66 3.29
N ALA A 157 10.35 -2.86 3.13
CA ALA A 157 9.56 -4.09 3.06
C ALA A 157 8.77 -4.33 4.36
N CYS A 158 9.46 -4.25 5.50
CA CYS A 158 8.83 -4.45 6.81
C CYS A 158 7.84 -3.33 7.14
N LEU A 159 8.23 -2.09 6.81
CA LEU A 159 7.37 -0.92 7.07
C LEU A 159 6.07 -1.00 6.27
N SER A 160 6.16 -1.44 5.00
CA SER A 160 4.96 -1.58 4.18
C SER A 160 4.02 -2.61 4.79
N ALA A 161 4.62 -3.71 5.30
CA ALA A 161 3.86 -4.73 6.01
C ALA A 161 3.26 -4.15 7.29
N LEU A 162 4.05 -3.31 7.98
CA LEU A 162 3.63 -2.66 9.22
C LEU A 162 2.43 -1.75 9.01
N SER A 163 2.45 -0.99 7.91
CA SER A 163 1.34 -0.10 7.58
C SER A 163 0.07 -0.92 7.32
N MET A 164 0.26 -2.07 6.65
CA MET A 164 -0.83 -2.99 6.34
C MET A 164 -1.39 -3.64 7.61
N ILE A 165 -0.48 -4.01 8.50
CA ILE A 165 -0.83 -4.67 9.76
C ILE A 165 -0.88 -3.67 10.90
N THR A 166 -2.09 -3.42 11.38
CA THR A 166 -2.32 -2.49 12.49
C THR A 166 -3.68 -2.75 13.12
N GLU A 167 -3.81 -2.42 14.40
CA GLU A 167 -5.08 -2.63 15.10
C GLU A 167 -6.20 -1.82 14.44
N ARG A 168 -7.32 -2.50 14.16
CA ARG A 168 -8.49 -1.84 13.52
C ARG A 168 -9.74 -2.11 14.36
N HIS A 169 -10.72 -1.21 14.26
CA HIS A 169 -11.97 -1.35 15.01
C HIS A 169 -12.72 -2.62 14.55
N GLY A 170 -13.13 -3.45 15.51
CA GLY A 170 -13.83 -4.72 15.20
C GLY A 170 -12.87 -5.76 14.58
N LEU A 171 -11.60 -5.71 14.99
CA LEU A 171 -10.58 -6.64 14.46
C LEU A 171 -10.81 -8.05 14.93
N LYS A 172 -10.43 -9.01 14.07
CA LYS A 172 -10.44 -10.38 14.49
C LYS A 172 -9.21 -10.61 15.34
N GLU A 173 -9.45 -10.64 16.62
CA GLU A 173 -8.37 -10.92 17.50
C GLU A 173 -7.30 -9.81 17.29
N PRO A 174 -7.39 -8.67 18.00
CA PRO A 174 -6.35 -7.57 17.88
C PRO A 174 -4.97 -8.19 17.92
N LYS A 175 -4.89 -9.22 18.73
CA LYS A 175 -3.71 -9.96 18.96
C LYS A 175 -3.22 -10.66 17.68
N ARG A 176 -4.15 -11.11 16.76
CA ARG A 176 -3.68 -11.72 15.52
C ARG A 176 -2.89 -10.72 14.71
N VAL A 177 -3.47 -9.54 14.56
CA VAL A 177 -2.79 -8.46 13.81
C VAL A 177 -1.51 -8.01 14.54
N GLU A 178 -1.61 -7.91 15.86
CA GLU A 178 -0.47 -7.48 16.71
C GLU A 178 0.66 -8.49 16.64
N GLU A 179 0.28 -9.77 16.55
CA GLU A 179 1.23 -10.87 16.46
C GLU A 179 2.11 -10.65 15.23
N LEU A 180 1.45 -10.32 14.13
CA LEU A 180 2.11 -10.05 12.87
C LEU A 180 2.97 -8.79 12.97
N CYS A 181 2.43 -7.77 13.64
CA CYS A 181 3.13 -6.51 13.81
C CYS A 181 4.45 -6.74 14.56
N ASN A 182 4.38 -7.51 15.64
CA ASN A 182 5.57 -7.85 16.42
C ASN A 182 6.56 -8.66 15.57
N LYS A 183 6.01 -9.56 14.75
CA LYS A 183 6.82 -10.41 13.86
C LYS A 183 7.63 -9.59 12.85
N ILE A 184 6.98 -8.60 12.23
CA ILE A 184 7.63 -7.74 11.26
C ILE A 184 8.69 -6.88 11.96
N THR A 185 8.34 -6.37 13.16
CA THR A 185 9.25 -5.53 13.93
C THR A 185 10.45 -6.32 14.43
N SER A 186 10.28 -7.63 14.70
CA SER A 186 11.39 -8.45 15.21
C SER A 186 12.47 -8.62 14.14
N SER A 187 12.05 -8.98 12.92
CA SER A 187 12.99 -9.09 11.78
C SER A 187 13.53 -7.71 11.40
N LEU A 188 12.64 -6.74 11.38
CA LEU A 188 12.96 -5.36 11.02
C LEU A 188 14.00 -4.79 11.97
N LYS A 189 13.75 -4.97 13.26
CA LYS A 189 14.63 -4.46 14.31
C LYS A 189 16.02 -5.08 14.16
N ASP A 190 16.04 -6.38 13.89
CA ASP A 190 17.30 -7.08 13.62
C ASP A 190 17.97 -6.46 12.39
N HIS A 191 17.15 -6.13 11.38
CA HIS A 191 17.63 -5.52 10.15
C HIS A 191 18.27 -4.15 10.44
N GLN A 192 17.64 -3.36 11.33
CA GLN A 192 18.13 -2.01 11.65
C GLN A 192 19.48 -2.07 12.38
N SER A 193 19.74 -3.17 13.10
CA SER A 193 21.02 -3.33 13.83
C SER A 193 22.18 -3.65 12.88
N LYS A 194 21.83 -4.12 11.68
CA LYS A 194 22.82 -4.52 10.68
C LYS A 194 23.67 -3.32 10.23
N GLY A 195 23.02 -2.17 10.07
CA GLY A 195 23.69 -0.96 9.63
C GLY A 195 24.80 -0.57 10.59
N GLN A 196 25.81 0.15 10.07
CA GLN A 196 26.96 0.58 10.88
C GLN A 196 26.50 1.46 12.03
N ALA A 197 25.69 2.45 11.71
CA ALA A 197 25.14 3.39 12.67
C ALA A 197 24.30 2.69 13.74
N LEU A 198 23.56 1.66 13.31
CA LEU A 198 22.62 0.94 14.21
C LEU A 198 21.42 1.83 14.62
N GLU A 199 21.29 3.01 13.96
CA GLU A 199 20.19 3.92 14.25
C GLU A 199 18.92 3.53 13.44
N PRO A 200 17.75 3.27 14.09
CA PRO A 200 16.50 2.93 13.36
C PRO A 200 15.92 4.17 12.70
N THR A 201 15.61 4.05 11.42
CA THR A 201 15.01 5.16 10.65
C THR A 201 13.47 5.19 10.82
N GLU A 202 12.96 4.41 11.77
CA GLU A 202 11.53 4.31 12.01
C GLU A 202 10.94 5.66 12.41
N SER A 203 11.69 6.42 13.23
CA SER A 203 11.24 7.73 13.69
C SER A 203 11.00 8.66 12.50
N LYS A 204 11.94 8.64 11.56
CA LYS A 204 11.83 9.43 10.33
C LYS A 204 10.61 8.96 9.52
N VAL A 205 10.40 7.64 9.50
CA VAL A 205 9.27 7.03 8.83
C VAL A 205 7.97 7.49 9.45
N LEU A 206 7.94 7.60 10.79
CA LEU A 206 6.71 8.01 11.49
C LEU A 206 6.28 9.43 11.11
N GLY A 207 7.25 10.34 10.91
CA GLY A 207 6.92 11.72 10.49
C GLY A 207 6.26 11.72 9.12
N ALA A 208 6.77 10.87 8.23
CA ALA A 208 6.21 10.69 6.90
C ALA A 208 4.95 9.82 6.97
N LEU A 209 4.85 9.03 8.04
CA LEU A 209 3.70 8.17 8.27
C LEU A 209 2.48 9.02 8.55
N VAL A 210 2.67 10.06 9.38
CA VAL A 210 1.60 10.99 9.70
C VAL A 210 1.11 11.64 8.41
N GLU A 211 2.07 12.10 7.59
CA GLU A 211 1.73 12.68 6.28
C GLU A 211 1.02 11.64 5.39
N LEU A 212 1.51 10.39 5.46
CA LEU A 212 0.92 9.29 4.67
C LEU A 212 -0.55 9.09 5.07
N ARG A 213 -0.81 9.16 6.38
CA ARG A 213 -2.15 9.01 6.91
C ARG A 213 -3.05 10.12 6.40
N LYS A 214 -2.48 11.34 6.29
CA LYS A 214 -3.24 12.49 5.80
C LYS A 214 -3.72 12.19 4.38
N ILE A 215 -2.86 11.55 3.59
CA ILE A 215 -3.20 11.17 2.22
C ILE A 215 -4.34 10.14 2.24
N CYS A 216 -4.27 9.20 3.21
CA CYS A 216 -5.27 8.14 3.33
C CYS A 216 -6.66 8.72 3.58
N THR A 217 -6.74 9.72 4.47
CA THR A 217 -8.01 10.40 4.76
C THR A 217 -8.42 11.32 3.61
N LEU A 218 -7.42 11.91 2.95
CA LEU A 218 -7.65 12.76 1.78
C LEU A 218 -8.27 11.93 0.65
N GLY A 219 -7.80 10.68 0.51
CA GLY A 219 -8.33 9.76 -0.49
C GLY A 219 -9.81 9.51 -0.26
N LEU A 220 -10.17 9.32 1.01
CA LEU A 220 -11.56 9.08 1.39
C LEU A 220 -12.43 10.28 1.06
N GLN A 221 -11.89 11.49 1.30
CA GLN A 221 -12.62 12.73 1.05
C GLN A 221 -12.91 12.90 -0.44
N ARG A 222 -11.90 12.60 -1.27
CA ARG A 222 -12.02 12.74 -2.72
C ARG A 222 -13.12 11.80 -3.25
N ILE A 223 -13.10 10.56 -2.78
CA ILE A 223 -14.08 9.54 -3.19
C ILE A 223 -15.48 9.87 -2.66
N PHE A 224 -15.55 10.34 -1.40
CA PHE A 224 -16.82 10.62 -0.75
C PHE A 224 -17.62 11.67 -1.55
N TYR A 225 -16.94 12.77 -1.92
CA TYR A 225 -17.58 13.84 -2.71
C TYR A 225 -17.99 13.32 -4.09
N LEU A 226 -17.13 12.50 -4.70
CA LEU A 226 -17.42 11.92 -6.02
C LEU A 226 -18.66 11.04 -5.98
N LYS A 227 -18.77 10.24 -4.91
CA LYS A 227 -19.93 9.35 -4.72
C LYS A 227 -21.22 10.14 -4.57
N LEU A 228 -21.16 11.28 -3.88
CA LEU A 228 -22.34 12.13 -3.73
C LEU A 228 -22.80 12.59 -5.11
N GLU A 229 -21.83 12.95 -5.96
CA GLU A 229 -22.09 13.36 -7.33
C GLU A 229 -22.59 12.17 -8.18
N ASP A 230 -22.02 10.99 -7.92
CA ASP A 230 -22.37 9.77 -8.67
C ASP A 230 -22.10 9.95 -10.19
N LEU A 231 -20.89 10.42 -10.52
CA LEU A 231 -20.52 10.64 -11.93
C LEU A 231 -20.54 9.33 -12.71
N VAL A 232 -20.05 8.27 -12.08
CA VAL A 232 -20.02 6.94 -12.73
C VAL A 232 -20.36 5.80 -11.74
N SER A 233 -20.62 6.15 -10.46
CA SER A 233 -20.93 5.15 -9.43
C SER A 233 -19.74 4.16 -9.23
N PRO A 234 -19.13 4.07 -8.02
CA PRO A 234 -17.97 3.15 -7.76
C PRO A 234 -18.30 1.67 -8.08
N PRO A 235 -17.29 0.85 -8.41
CA PRO A 235 -17.48 -0.61 -8.64
C PRO A 235 -17.85 -1.30 -7.33
N SER A 236 -18.35 -2.53 -7.42
CA SER A 236 -18.80 -3.27 -6.23
C SER A 236 -17.67 -3.45 -5.23
N ILE A 237 -16.46 -3.77 -5.72
CA ILE A 237 -15.30 -4.01 -4.84
C ILE A 237 -14.92 -2.73 -4.07
N ILE A 238 -14.79 -1.62 -4.82
CA ILE A 238 -14.36 -0.34 -4.24
C ILE A 238 -15.46 0.26 -3.34
N ASP A 239 -16.71 0.24 -3.82
CA ASP A 239 -17.85 0.74 -3.04
C ASP A 239 -17.98 -0.06 -1.74
N LYS A 240 -17.78 -1.37 -1.84
CA LYS A 240 -17.86 -2.26 -0.68
C LYS A 240 -16.82 -1.85 0.37
N LEU A 241 -15.64 -1.49 -0.11
CA LEU A 241 -14.54 -1.08 0.76
C LEU A 241 -14.95 0.09 1.64
N PHE A 242 -15.66 1.05 1.04
CA PHE A 242 -16.13 2.23 1.78
C PHE A 242 -17.02 1.78 2.94
N LEU A 243 -17.94 0.87 2.65
CA LEU A 243 -18.85 0.32 3.68
C LEU A 243 -18.09 -0.48 4.74
N ASP A 244 -17.08 -1.21 4.28
CA ASP A 244 -16.28 -2.08 5.18
C ASP A 244 -15.60 -1.27 6.28
N THR A 245 -15.02 -0.12 5.90
CA THR A 245 -14.29 0.72 6.86
C THR A 245 -14.94 2.12 6.98
N LEU A 246 -16.19 2.16 7.45
CA LEU A 246 -16.91 3.42 7.62
C LEU A 246 -16.15 4.37 8.59
N PRO A 247 -15.77 3.94 9.81
CA PRO A 247 -15.01 4.80 10.78
C PRO A 247 -13.56 5.05 10.32
N PHE A 248 -13.02 4.10 9.54
CA PHE A 248 -11.65 4.19 9.03
C PHE A 248 -10.66 4.57 10.15
N LYS A 1 -8.04 -56.60 15.43
CA LYS A 1 -7.70 -58.04 15.60
C LYS A 1 -6.21 -58.16 15.98
N SER A 2 -5.37 -57.34 15.33
CA SER A 2 -3.93 -57.36 15.58
C SER A 2 -3.41 -55.91 15.85
N PRO A 3 -3.72 -55.32 17.03
CA PRO A 3 -3.26 -53.92 17.37
C PRO A 3 -1.75 -53.77 17.31
N LEU A 4 -1.29 -52.64 16.76
CA LEU A 4 0.13 -52.35 16.63
C LEU A 4 0.45 -50.96 17.18
N GLN A 5 1.66 -50.82 17.75
CA GLN A 5 2.12 -49.53 18.28
C GLN A 5 2.22 -48.50 17.16
N GLN A 6 2.70 -48.95 15.98
CA GLN A 6 2.81 -48.07 14.81
C GLN A 6 1.91 -48.57 13.68
N GLU A 7 1.18 -47.63 13.06
CA GLU A 7 0.29 -47.97 11.94
C GLU A 7 0.17 -46.80 10.92
N PRO A 8 -0.39 -45.62 11.31
CA PRO A 8 -0.55 -44.48 10.34
C PRO A 8 0.78 -43.82 9.97
N SER A 9 0.87 -43.32 8.74
CA SER A 9 2.07 -42.64 8.26
C SER A 9 2.31 -41.34 9.01
N GLN A 10 1.20 -40.62 9.31
CA GLN A 10 1.25 -39.33 10.03
C GLN A 10 2.47 -38.47 9.60
N PRO A 11 2.33 -37.58 8.57
CA PRO A 11 3.48 -36.73 8.10
C PRO A 11 3.93 -35.75 9.17
N SER A 12 5.24 -35.59 9.28
CA SER A 12 5.85 -34.70 10.28
C SER A 12 5.48 -33.22 10.01
N PRO A 13 5.09 -32.44 11.05
CA PRO A 13 4.74 -30.98 10.87
C PRO A 13 5.93 -30.18 10.28
N PRO A 14 5.68 -29.12 9.48
CA PRO A 14 6.79 -28.32 8.85
C PRO A 14 7.58 -27.53 9.90
N SER A 15 8.87 -27.32 9.60
CA SER A 15 9.77 -26.60 10.50
C SER A 15 9.47 -25.08 10.51
N PRO A 16 9.93 -24.32 11.53
CA PRO A 16 9.68 -22.84 11.61
C PRO A 16 10.21 -22.09 10.36
N PRO A 17 9.54 -21.00 9.91
CA PRO A 17 9.99 -20.23 8.69
C PRO A 17 11.43 -19.73 8.81
N ILE A 18 12.16 -19.76 7.68
CA ILE A 18 13.56 -19.33 7.65
C ILE A 18 13.73 -18.15 6.69
N CYS A 19 14.47 -17.13 7.13
CA CYS A 19 14.72 -15.92 6.32
C CYS A 19 13.42 -15.11 6.09
N MET A 20 12.84 -14.65 7.21
CA MET A 20 11.58 -13.87 7.18
C MET A 20 11.75 -12.59 6.33
N MET A 21 12.85 -11.86 6.58
CA MET A 21 13.10 -10.58 5.88
C MET A 21 13.10 -10.83 4.36
N ASN A 22 13.79 -11.87 3.94
CA ASN A 22 13.91 -12.20 2.51
C ASN A 22 12.55 -12.51 1.88
N ALA A 23 11.72 -13.27 2.61
CA ALA A 23 10.39 -13.64 2.11
C ALA A 23 9.53 -12.40 1.86
N LEU A 24 9.60 -11.45 2.79
CA LEU A 24 8.86 -10.18 2.67
C LEU A 24 9.36 -9.39 1.47
N VAL A 25 10.69 -9.40 1.28
CA VAL A 25 11.32 -8.70 0.17
C VAL A 25 10.87 -9.30 -1.18
N ARG A 26 10.79 -10.64 -1.21
CA ARG A 26 10.41 -11.35 -2.44
C ARG A 26 9.01 -10.91 -2.89
N ALA A 27 8.08 -10.86 -1.94
CA ALA A 27 6.71 -10.43 -2.22
C ALA A 27 6.71 -8.97 -2.71
N LEU A 28 7.54 -8.14 -2.06
CA LEU A 28 7.64 -6.72 -2.42
C LEU A 28 8.14 -6.57 -3.87
N THR A 29 9.18 -7.33 -4.20
CA THR A 29 9.78 -7.27 -5.54
C THR A 29 8.85 -7.86 -6.60
N ASP A 30 8.07 -8.88 -6.22
CA ASP A 30 7.16 -9.56 -7.15
C ASP A 30 6.06 -8.62 -7.65
N SER A 31 5.56 -7.75 -6.76
CA SER A 31 4.46 -6.84 -7.12
C SER A 31 4.99 -5.55 -7.76
N THR A 32 5.38 -5.66 -9.03
CA THR A 32 5.91 -4.51 -9.79
C THR A 32 5.83 -4.76 -11.32
N PRO A 33 5.60 -3.72 -12.15
CA PRO A 33 5.51 -3.89 -13.63
C PRO A 33 6.70 -4.63 -14.22
N ARG A 34 6.43 -5.49 -15.19
CA ARG A 34 7.48 -6.26 -15.87
C ARG A 34 7.65 -5.80 -17.31
N ASP A 35 6.53 -5.51 -17.95
CA ASP A 35 6.53 -5.05 -19.35
C ASP A 35 6.49 -3.53 -19.46
N LEU A 36 5.87 -2.85 -18.48
CA LEU A 36 5.76 -1.39 -18.48
C LEU A 36 4.99 -0.88 -19.69
N ASP A 37 4.27 0.24 -19.51
CA ASP A 37 3.51 0.85 -20.60
C ASP A 37 3.63 2.37 -20.57
N TYR A 38 4.46 2.92 -21.47
CA TYR A 38 4.67 4.38 -21.55
C TYR A 38 3.86 5.02 -22.70
N SER A 39 3.10 4.19 -23.46
CA SER A 39 2.30 4.68 -24.58
C SER A 39 1.25 5.69 -24.12
N ARG A 40 0.59 5.38 -23.00
CA ARG A 40 -0.47 6.24 -22.45
C ARG A 40 0.09 7.57 -21.92
N TYR A 41 1.36 7.56 -21.52
CA TYR A 41 2.03 8.74 -20.98
C TYR A 41 1.98 9.90 -21.99
N CYS A 42 1.57 11.09 -21.51
CA CYS A 42 1.50 12.29 -22.36
C CYS A 42 2.23 13.47 -21.68
N PRO A 43 2.85 14.39 -22.45
CA PRO A 43 3.57 15.57 -21.85
C PRO A 43 2.61 16.62 -21.30
N THR A 44 1.47 16.77 -21.99
CA THR A 44 0.46 17.76 -21.60
C THR A 44 -0.94 17.15 -21.71
N ASP A 45 -1.76 17.37 -20.66
CA ASP A 45 -3.13 16.82 -20.65
C ASP A 45 -4.13 17.83 -20.14
N GLN A 46 -5.06 18.21 -21.02
CA GLN A 46 -6.11 19.16 -20.69
C GLN A 46 -7.31 18.41 -20.13
N ALA A 47 -8.12 19.09 -19.32
CA ALA A 47 -9.27 18.47 -18.69
C ALA A 47 -10.53 19.27 -18.93
N ALA A 48 -11.65 18.58 -18.85
CA ALA A 48 -12.96 19.17 -19.06
C ALA A 48 -14.03 18.34 -18.36
N ALA A 49 -15.28 18.83 -18.41
CA ALA A 49 -16.41 18.15 -17.76
C ALA A 49 -16.45 16.66 -18.16
N GLY A 50 -16.20 16.39 -19.44
CA GLY A 50 -16.17 15.02 -19.97
C GLY A 50 -14.97 14.20 -19.44
N THR A 51 -13.81 14.86 -19.26
CA THR A 51 -12.57 14.17 -18.86
C THR A 51 -12.73 13.49 -17.50
N ASP A 52 -13.40 14.17 -16.56
CA ASP A 52 -13.54 13.64 -15.21
C ASP A 52 -14.24 12.28 -15.22
N ALA A 53 -15.35 12.18 -15.96
CA ALA A 53 -16.09 10.92 -16.05
C ALA A 53 -15.25 9.80 -16.62
N GLU A 54 -14.51 10.09 -17.71
CA GLU A 54 -13.64 9.07 -18.33
C GLU A 54 -12.51 8.70 -17.38
N HIS A 55 -11.94 9.71 -16.71
CA HIS A 55 -10.84 9.49 -15.79
C HIS A 55 -11.28 8.64 -14.60
N VAL A 56 -12.50 8.91 -14.10
CA VAL A 56 -13.05 8.17 -12.96
C VAL A 56 -13.16 6.67 -13.32
N GLN A 57 -13.60 6.38 -14.55
CA GLN A 57 -13.71 4.98 -14.99
C GLN A 57 -12.34 4.30 -14.91
N GLN A 58 -11.33 4.98 -15.44
CA GLN A 58 -9.96 4.47 -15.39
C GLN A 58 -9.49 4.35 -13.93
N PHE A 59 -9.91 5.32 -13.12
CA PHE A 59 -9.52 5.39 -11.71
C PHE A 59 -9.93 4.11 -10.95
N TYR A 60 -11.20 3.67 -11.08
CA TYR A 60 -11.63 2.45 -10.37
C TYR A 60 -10.98 1.20 -10.94
N ASN A 61 -10.81 1.18 -12.27
CA ASN A 61 -10.22 0.03 -12.94
C ASN A 61 -8.82 -0.24 -12.38
N LEU A 62 -8.04 0.83 -12.21
CA LEU A 62 -6.70 0.72 -11.64
C LEU A 62 -6.77 0.22 -10.19
N LEU A 63 -7.76 0.75 -9.45
CA LEU A 63 -7.94 0.37 -8.04
C LEU A 63 -8.29 -1.11 -7.90
N THR A 64 -9.14 -1.61 -8.79
CA THR A 64 -9.55 -3.00 -8.76
C THR A 64 -8.33 -3.92 -8.90
N ALA A 65 -7.49 -3.60 -9.88
CA ALA A 65 -6.26 -4.36 -10.13
C ALA A 65 -5.28 -4.22 -8.97
N SER A 66 -5.16 -3.00 -8.43
CA SER A 66 -4.20 -2.72 -7.35
C SER A 66 -4.56 -3.48 -6.07
N ILE A 67 -5.88 -3.57 -5.77
CA ILE A 67 -6.31 -4.27 -4.56
C ILE A 67 -6.02 -5.78 -4.66
N ASP A 68 -6.26 -6.35 -5.85
CA ASP A 68 -5.99 -7.77 -6.07
C ASP A 68 -4.50 -8.07 -5.91
N VAL A 69 -3.66 -7.15 -6.42
CA VAL A 69 -2.20 -7.28 -6.29
C VAL A 69 -1.82 -7.22 -4.81
N SER A 70 -2.45 -6.29 -4.08
CA SER A 70 -2.21 -6.14 -2.65
C SER A 70 -2.59 -7.40 -1.90
N ARG A 71 -3.72 -8.01 -2.31
CA ARG A 71 -4.18 -9.26 -1.68
C ARG A 71 -3.15 -10.34 -1.85
N SER A 72 -2.66 -10.50 -3.08
CA SER A 72 -1.66 -11.51 -3.38
C SER A 72 -0.37 -11.23 -2.64
N TRP A 73 0.00 -9.94 -2.56
CA TRP A 73 1.21 -9.52 -1.85
C TRP A 73 1.10 -9.92 -0.38
N ALA A 74 -0.05 -9.62 0.23
CA ALA A 74 -0.29 -9.98 1.62
C ALA A 74 -0.27 -11.49 1.82
N GLU A 75 -0.84 -12.21 0.85
CA GLU A 75 -0.91 -13.68 0.89
C GLU A 75 0.49 -14.30 0.88
N LYS A 76 1.42 -13.66 0.15
CA LYS A 76 2.81 -14.14 0.08
C LYS A 76 3.46 -14.07 1.45
N ILE A 77 3.11 -13.03 2.22
CA ILE A 77 3.69 -12.82 3.54
C ILE A 77 3.36 -14.05 4.46
N PRO A 78 4.37 -14.68 5.11
CA PRO A 78 4.11 -15.88 5.99
C PRO A 78 3.16 -15.56 7.14
N GLY A 79 2.13 -16.40 7.31
CA GLY A 79 1.19 -16.26 8.43
C GLY A 79 -0.02 -15.38 8.09
N PHE A 80 0.07 -14.62 6.99
CA PHE A 80 -1.05 -13.76 6.56
C PHE A 80 -2.26 -14.64 6.28
N THR A 81 -2.02 -15.70 5.51
CA THR A 81 -3.05 -16.64 5.14
C THR A 81 -3.70 -17.28 6.38
N ASP A 82 -2.88 -17.47 7.41
CA ASP A 82 -3.30 -18.10 8.66
C ASP A 82 -4.39 -17.29 9.35
N LEU A 83 -4.39 -15.96 9.18
CA LEU A 83 -5.35 -15.10 9.88
C LEU A 83 -6.79 -15.47 9.48
N PRO A 84 -7.77 -15.45 10.42
CA PRO A 84 -9.19 -15.77 10.10
C PRO A 84 -9.64 -15.01 8.85
N LYS A 85 -10.66 -15.54 8.17
CA LYS A 85 -11.16 -14.92 6.95
C LYS A 85 -11.58 -13.48 7.21
N GLU A 86 -12.32 -13.29 8.29
CA GLU A 86 -12.79 -11.98 8.66
C GLU A 86 -11.63 -11.02 8.91
N ASP A 87 -10.56 -11.54 9.57
CA ASP A 87 -9.39 -10.72 9.87
C ASP A 87 -8.76 -10.21 8.58
N GLN A 88 -8.53 -11.14 7.64
CA GLN A 88 -7.87 -10.81 6.38
C GLN A 88 -8.68 -9.81 5.56
N THR A 89 -10.00 -9.99 5.55
CA THR A 89 -10.87 -9.13 4.75
C THR A 89 -10.80 -7.67 5.21
N LEU A 90 -10.92 -7.43 6.52
CA LEU A 90 -10.89 -6.06 7.04
C LEU A 90 -9.49 -5.44 6.92
N LEU A 91 -8.45 -6.24 7.22
CA LEU A 91 -7.07 -5.73 7.17
C LEU A 91 -6.74 -5.24 5.76
N ILE A 92 -7.13 -6.03 4.76
CA ILE A 92 -6.87 -5.70 3.36
C ILE A 92 -7.62 -4.41 2.95
N GLU A 93 -8.91 -4.35 3.28
CA GLU A 93 -9.75 -3.20 2.90
C GLU A 93 -9.27 -1.90 3.56
N SER A 94 -8.96 -1.99 4.85
CA SER A 94 -8.51 -0.81 5.62
C SER A 94 -7.14 -0.31 5.17
N ALA A 95 -6.24 -1.25 4.87
CA ALA A 95 -4.86 -0.91 4.51
C ALA A 95 -4.67 -0.70 2.99
N PHE A 96 -5.71 -0.93 2.19
CA PHE A 96 -5.60 -0.78 0.74
C PHE A 96 -5.17 0.64 0.33
N LEU A 97 -5.84 1.68 0.88
CA LEU A 97 -5.52 3.06 0.51
C LEU A 97 -4.09 3.44 0.92
N GLU A 98 -3.70 3.02 2.13
CA GLU A 98 -2.35 3.33 2.63
C GLU A 98 -1.29 2.60 1.81
N LEU A 99 -1.56 1.33 1.52
CA LEU A 99 -0.64 0.51 0.73
C LEU A 99 -0.49 1.07 -0.68
N PHE A 100 -1.61 1.50 -1.26
CA PHE A 100 -1.60 2.08 -2.60
C PHE A 100 -0.72 3.35 -2.62
N VAL A 101 -0.93 4.24 -1.65
CA VAL A 101 -0.19 5.51 -1.56
C VAL A 101 1.32 5.23 -1.37
N LEU A 102 1.63 4.38 -0.40
CA LEU A 102 3.02 4.05 -0.07
C LEU A 102 3.71 3.35 -1.24
N ARG A 103 3.06 2.34 -1.76
CA ARG A 103 3.59 1.52 -2.86
C ARG A 103 3.73 2.34 -4.15
N LEU A 104 2.72 3.18 -4.42
CA LEU A 104 2.71 4.02 -5.63
C LEU A 104 3.85 5.04 -5.59
N SER A 105 4.06 5.66 -4.41
CA SER A 105 5.08 6.69 -4.25
C SER A 105 6.49 6.12 -4.51
N ILE A 106 6.71 4.88 -4.07
CA ILE A 106 7.99 4.22 -4.24
C ILE A 106 8.31 4.03 -5.74
N ARG A 107 7.33 3.52 -6.48
CA ARG A 107 7.50 3.23 -7.90
C ARG A 107 7.48 4.51 -8.75
N SER A 108 6.70 5.51 -8.32
CA SER A 108 6.54 6.76 -9.08
C SER A 108 7.80 7.62 -9.07
N ASN A 109 7.83 8.57 -9.99
CA ASN A 109 8.97 9.49 -10.13
C ASN A 109 8.49 10.95 -10.03
N THR A 110 8.82 11.60 -8.90
CA THR A 110 8.38 12.99 -8.66
C THR A 110 9.06 13.97 -9.59
N ALA A 111 10.34 13.71 -9.89
CA ALA A 111 11.13 14.58 -10.77
C ALA A 111 10.48 14.64 -12.15
N GLU A 112 9.98 13.49 -12.60
CA GLU A 112 9.30 13.38 -13.88
C GLU A 112 7.80 13.72 -13.77
N ASP A 113 7.29 13.86 -12.53
CA ASP A 113 5.87 14.16 -12.31
C ASP A 113 4.99 13.06 -12.94
N LYS A 114 5.47 11.81 -12.83
CA LYS A 114 4.75 10.66 -13.37
C LYS A 114 4.49 9.64 -12.26
N PHE A 115 3.39 8.90 -12.41
CA PHE A 115 3.03 7.86 -11.44
C PHE A 115 2.98 6.51 -12.14
N VAL A 116 3.73 5.55 -11.60
CA VAL A 116 3.79 4.22 -12.17
C VAL A 116 2.95 3.25 -11.32
N PHE A 117 1.93 2.67 -11.96
CA PHE A 117 1.05 1.71 -11.30
C PHE A 117 1.64 0.32 -11.37
N CYS A 118 1.18 -0.58 -10.49
CA CYS A 118 1.64 -1.97 -10.49
C CYS A 118 1.36 -2.66 -11.85
N ASN A 119 0.48 -2.04 -12.65
CA ASN A 119 0.11 -2.57 -13.97
C ASN A 119 1.07 -2.06 -15.08
N GLY A 120 2.07 -1.24 -14.70
CA GLY A 120 3.03 -0.68 -15.67
C GLY A 120 2.50 0.58 -16.36
N LEU A 121 1.26 0.99 -16.03
CA LEU A 121 0.65 2.18 -16.61
C LEU A 121 1.28 3.44 -15.99
N VAL A 122 1.66 4.39 -16.85
CA VAL A 122 2.30 5.64 -16.39
C VAL A 122 1.43 6.85 -16.76
N LEU A 123 1.08 7.67 -15.75
CA LEU A 123 0.27 8.86 -15.96
C LEU A 123 1.03 10.13 -15.54
N HIS A 124 0.97 11.14 -16.39
CA HIS A 124 1.69 12.39 -16.17
C HIS A 124 0.91 13.32 -15.24
N ARG A 125 1.27 13.29 -13.93
CA ARG A 125 0.68 14.19 -12.86
C ARG A 125 -0.75 14.72 -13.18
N LEU A 126 -0.85 15.61 -14.17
CA LEU A 126 -2.12 16.22 -14.58
C LEU A 126 -3.14 15.16 -15.02
N GLN A 127 -2.65 14.10 -15.67
CA GLN A 127 -3.53 13.02 -16.15
C GLN A 127 -4.29 12.40 -14.98
N CYS A 128 -3.59 12.22 -13.85
CA CYS A 128 -4.22 11.70 -12.62
C CYS A 128 -4.90 12.81 -11.80
N LEU A 129 -4.53 14.07 -12.08
CA LEU A 129 -5.07 15.22 -11.36
C LEU A 129 -6.61 15.30 -11.50
N ARG A 130 -7.10 14.98 -12.69
CA ARG A 130 -8.55 15.05 -12.99
C ARG A 130 -9.40 14.25 -11.98
N GLY A 131 -8.84 13.18 -11.39
CA GLY A 131 -9.57 12.36 -10.42
C GLY A 131 -8.96 12.46 -9.06
N PHE A 132 -7.66 12.16 -8.98
CA PHE A 132 -6.94 12.23 -7.73
C PHE A 132 -6.92 13.68 -7.24
N GLY A 133 -6.68 14.62 -8.17
CA GLY A 133 -6.62 16.04 -7.85
C GLY A 133 -5.55 16.32 -6.82
N GLU A 134 -5.93 17.04 -5.78
CA GLU A 134 -5.02 17.35 -4.69
C GLU A 134 -4.50 16.06 -4.05
N TRP A 135 -5.23 14.93 -4.25
CA TRP A 135 -4.82 13.66 -3.66
C TRP A 135 -3.47 13.23 -4.24
N LEU A 136 -3.32 13.37 -5.57
CA LEU A 136 -2.06 13.02 -6.24
C LEU A 136 -0.95 13.96 -5.83
N ASP A 137 -1.26 15.26 -5.78
CA ASP A 137 -0.25 16.27 -5.47
C ASP A 137 0.41 15.95 -4.12
N SER A 138 -0.42 15.56 -3.15
CA SER A 138 0.06 15.17 -1.82
C SER A 138 0.98 13.96 -1.91
N ILE A 139 0.61 13.00 -2.78
CA ILE A 139 1.39 11.78 -2.96
C ILE A 139 2.80 12.11 -3.47
N LYS A 140 2.87 13.01 -4.45
CA LYS A 140 4.15 13.41 -5.04
C LYS A 140 5.06 14.01 -3.97
N ASP A 141 4.49 14.88 -3.12
CA ASP A 141 5.25 15.47 -2.01
C ASP A 141 5.71 14.39 -1.04
N PHE A 142 4.82 13.42 -0.77
CA PHE A 142 5.14 12.29 0.11
C PHE A 142 6.31 11.48 -0.46
N SER A 143 6.23 11.19 -1.75
CA SER A 143 7.24 10.40 -2.44
C SER A 143 8.61 11.08 -2.34
N LEU A 144 8.63 12.40 -2.50
CA LEU A 144 9.89 13.16 -2.41
C LEU A 144 10.51 12.95 -1.02
N ASN A 145 9.68 13.05 0.01
CA ASN A 145 10.11 12.84 1.39
C ASN A 145 10.61 11.40 1.57
N LEU A 146 9.89 10.45 0.96
CA LEU A 146 10.23 9.04 1.05
C LEU A 146 11.61 8.79 0.42
N GLN A 147 11.86 9.44 -0.74
CA GLN A 147 13.13 9.32 -1.44
C GLN A 147 14.28 9.85 -0.59
N SER A 148 14.01 10.94 0.15
CA SER A 148 15.02 11.55 1.02
C SER A 148 15.49 10.55 2.08
N LEU A 149 14.54 9.76 2.61
CA LEU A 149 14.86 8.76 3.63
C LEU A 149 15.82 7.72 3.05
N ASN A 150 15.58 7.35 1.79
CA ASN A 150 16.45 6.40 1.08
C ASN A 150 16.58 5.08 1.86
N LEU A 151 15.43 4.57 2.33
CA LEU A 151 15.41 3.30 3.07
C LEU A 151 15.71 2.13 2.13
N ASP A 152 16.37 1.10 2.67
CA ASP A 152 16.75 -0.07 1.87
C ASP A 152 15.55 -0.93 1.53
N ILE A 153 15.78 -1.96 0.74
CA ILE A 153 14.74 -2.87 0.28
C ILE A 153 14.09 -3.57 1.49
N GLN A 154 14.95 -4.12 2.34
CA GLN A 154 14.52 -4.91 3.48
C GLN A 154 13.74 -4.09 4.51
N ALA A 155 14.25 -2.89 4.82
CA ALA A 155 13.57 -1.99 5.76
C ALA A 155 12.23 -1.53 5.21
N LEU A 156 12.23 -1.22 3.91
CA LEU A 156 11.03 -0.76 3.22
C LEU A 156 9.97 -1.86 3.19
N ALA A 157 10.42 -3.10 2.94
CA ALA A 157 9.51 -4.24 2.87
C ALA A 157 8.77 -4.45 4.19
N CYS A 158 9.50 -4.34 5.32
CA CYS A 158 8.89 -4.52 6.64
C CYS A 158 7.84 -3.44 6.91
N LEU A 159 8.14 -2.19 6.52
CA LEU A 159 7.21 -1.08 6.73
C LEU A 159 5.90 -1.28 5.97
N SER A 160 5.99 -1.78 4.72
CA SER A 160 4.78 -2.05 3.94
C SER A 160 3.93 -3.10 4.63
N ALA A 161 4.61 -4.12 5.20
CA ALA A 161 3.93 -5.15 5.98
C ALA A 161 3.29 -4.53 7.22
N LEU A 162 4.03 -3.59 7.84
CA LEU A 162 3.56 -2.90 9.04
C LEU A 162 2.29 -2.11 8.79
N SER A 163 2.23 -1.42 7.65
CA SER A 163 1.04 -0.65 7.28
C SER A 163 -0.15 -1.60 7.09
N MET A 164 0.12 -2.72 6.43
CA MET A 164 -0.90 -3.74 6.16
C MET A 164 -1.42 -4.38 7.46
N ILE A 165 -0.48 -4.62 8.36
CA ILE A 165 -0.76 -5.29 9.64
C ILE A 165 -1.01 -4.26 10.74
N THR A 166 -2.27 -4.26 11.26
CA THR A 166 -2.67 -3.32 12.30
C THR A 166 -3.94 -3.81 13.03
N GLU A 167 -4.14 -3.30 14.25
CA GLU A 167 -5.32 -3.64 15.07
C GLU A 167 -6.56 -2.87 14.58
N ARG A 168 -7.70 -3.59 14.40
CA ARG A 168 -8.95 -2.92 13.98
C ARG A 168 -10.10 -3.23 14.99
N HIS A 169 -10.93 -4.27 14.73
CA HIS A 169 -12.02 -4.65 15.66
C HIS A 169 -12.77 -5.90 15.20
N GLY A 170 -13.00 -6.84 16.14
CA GLY A 170 -13.74 -8.07 15.85
C GLY A 170 -13.00 -8.96 14.84
N LEU A 171 -11.68 -8.86 14.81
CA LEU A 171 -10.84 -9.62 13.88
C LEU A 171 -10.40 -10.98 14.46
N LYS A 172 -10.55 -11.16 15.82
CA LYS A 172 -10.01 -12.35 16.58
C LYS A 172 -8.49 -12.23 16.72
N GLU A 173 -7.89 -12.03 15.61
CA GLU A 173 -6.51 -11.91 15.55
C GLU A 173 -6.04 -10.45 15.28
N PRO A 174 -6.72 -9.35 15.87
CA PRO A 174 -6.17 -7.98 15.84
C PRO A 174 -4.92 -8.01 16.68
N LYS A 175 -5.13 -8.58 17.88
CA LYS A 175 -4.14 -8.72 18.85
C LYS A 175 -3.09 -9.67 18.32
N ARG A 176 -3.52 -10.74 17.57
CA ARG A 176 -2.48 -11.59 16.93
C ARG A 176 -1.65 -10.71 15.96
N VAL A 177 -2.37 -9.93 15.19
CA VAL A 177 -1.81 -9.01 14.19
C VAL A 177 -0.86 -8.01 14.89
N GLU A 178 -1.21 -7.62 16.11
CA GLU A 178 -0.35 -6.72 16.91
C GLU A 178 0.96 -7.42 17.22
N GLU A 179 0.85 -8.70 17.56
CA GLU A 179 2.01 -9.55 17.81
C GLU A 179 2.84 -9.61 16.53
N LEU A 180 2.12 -9.76 15.42
CA LEU A 180 2.69 -9.82 14.08
C LEU A 180 3.44 -8.52 13.76
N CYS A 181 2.85 -7.39 14.19
CA CYS A 181 3.47 -6.08 13.98
C CYS A 181 4.84 -6.06 14.63
N ASN A 182 4.88 -6.54 15.89
CA ASN A 182 6.15 -6.66 16.61
C ASN A 182 7.10 -7.61 15.88
N LYS A 183 6.55 -8.69 15.32
CA LYS A 183 7.35 -9.66 14.56
C LYS A 183 8.00 -9.03 13.35
N ILE A 184 7.25 -8.18 12.65
CA ILE A 184 7.75 -7.49 11.48
C ILE A 184 8.84 -6.50 11.90
N THR A 185 8.60 -5.80 13.02
CA THR A 185 9.58 -4.86 13.55
C THR A 185 10.84 -5.59 14.02
N SER A 186 10.70 -6.88 14.41
CA SER A 186 11.86 -7.68 14.86
C SER A 186 12.84 -7.91 13.71
N SER A 187 12.29 -8.32 12.54
CA SER A 187 13.11 -8.51 11.32
C SER A 187 13.73 -7.19 10.91
N LEU A 188 12.91 -6.17 10.94
CA LEU A 188 13.30 -4.81 10.60
C LEU A 188 14.42 -4.32 11.52
N LYS A 189 14.26 -4.61 12.79
CA LYS A 189 15.18 -4.17 13.83
C LYS A 189 16.59 -4.69 13.54
N ASP A 190 16.70 -5.98 13.19
CA ASP A 190 18.02 -6.55 12.85
C ASP A 190 18.58 -5.87 11.59
N HIS A 191 17.66 -5.50 10.66
CA HIS A 191 18.05 -4.77 9.47
C HIS A 191 18.66 -3.42 9.86
N GLN A 192 18.03 -2.74 10.82
CA GLN A 192 18.51 -1.44 11.28
C GLN A 192 19.90 -1.56 11.94
N SER A 193 20.19 -2.73 12.53
CA SER A 193 21.50 -2.96 13.15
C SER A 193 22.59 -3.15 12.10
N LYS A 194 22.20 -3.50 10.86
CA LYS A 194 23.13 -3.72 9.76
C LYS A 194 23.75 -2.38 9.30
N GLY A 195 23.03 -1.28 9.49
CA GLY A 195 23.51 0.06 9.08
C GLY A 195 24.47 0.63 10.10
N GLN A 196 25.02 1.81 9.79
CA GLN A 196 25.96 2.46 10.70
C GLN A 196 25.22 3.04 11.93
N ALA A 197 25.96 3.23 13.00
CA ALA A 197 25.42 3.77 14.26
C ALA A 197 24.26 2.92 14.84
N LEU A 198 23.95 1.78 14.18
CA LEU A 198 22.89 0.86 14.63
C LEU A 198 21.64 1.61 15.14
N GLU A 199 21.42 2.83 14.61
CA GLU A 199 20.27 3.64 15.02
C GLU A 199 19.04 3.37 14.10
N PRO A 200 17.86 2.99 14.65
CA PRO A 200 16.64 2.77 13.82
C PRO A 200 16.10 4.09 13.30
N THR A 201 15.81 4.13 12.00
CA THR A 201 15.25 5.33 11.36
C THR A 201 13.70 5.30 11.40
N GLU A 202 13.14 4.47 12.30
CA GLU A 202 11.70 4.29 12.41
C GLU A 202 11.00 5.60 12.81
N SER A 203 11.65 6.39 13.69
CA SER A 203 11.06 7.65 14.15
C SER A 203 10.79 8.58 12.98
N LYS A 204 11.72 8.63 12.03
CA LYS A 204 11.55 9.43 10.82
C LYS A 204 10.37 8.90 9.99
N VAL A 205 10.25 7.57 9.94
CA VAL A 205 9.17 6.91 9.22
C VAL A 205 7.83 7.29 9.83
N LEU A 206 7.77 7.35 11.16
CA LEU A 206 6.51 7.67 11.86
C LEU A 206 6.03 9.08 11.53
N GLY A 207 6.97 10.03 11.39
CA GLY A 207 6.60 11.43 11.04
C GLY A 207 5.99 11.48 9.64
N ALA A 208 6.57 10.69 8.74
CA ALA A 208 6.07 10.57 7.37
C ALA A 208 4.84 9.66 7.35
N LEU A 209 4.72 8.78 8.37
CA LEU A 209 3.59 7.89 8.50
C LEU A 209 2.35 8.70 8.81
N VAL A 210 2.50 9.72 9.68
CA VAL A 210 1.40 10.60 10.02
C VAL A 210 0.94 11.29 8.72
N GLU A 211 1.91 11.77 7.92
CA GLU A 211 1.58 12.40 6.64
C GLU A 211 0.90 11.37 5.71
N LEU A 212 1.39 10.13 5.74
CA LEU A 212 0.82 9.04 4.94
C LEU A 212 -0.65 8.80 5.33
N ARG A 213 -0.92 8.86 6.63
CA ARG A 213 -2.26 8.70 7.16
C ARG A 213 -3.17 9.80 6.63
N LYS A 214 -2.63 11.03 6.53
CA LYS A 214 -3.39 12.16 6.05
C LYS A 214 -3.84 11.89 4.62
N ILE A 215 -2.96 11.27 3.84
CA ILE A 215 -3.27 10.92 2.46
C ILE A 215 -4.41 9.88 2.43
N CYS A 216 -4.37 8.93 3.38
CA CYS A 216 -5.39 7.86 3.45
C CYS A 216 -6.78 8.43 3.69
N THR A 217 -6.89 9.40 4.61
CA THR A 217 -8.16 10.07 4.91
C THR A 217 -8.56 11.01 3.77
N LEU A 218 -7.55 11.65 3.18
CA LEU A 218 -7.75 12.53 2.02
C LEU A 218 -8.31 11.73 0.85
N GLY A 219 -7.82 10.48 0.70
CA GLY A 219 -8.29 9.58 -0.36
C GLY A 219 -9.79 9.34 -0.20
N LEU A 220 -10.22 9.16 1.04
CA LEU A 220 -11.64 8.95 1.36
C LEU A 220 -12.47 10.19 1.01
N GLN A 221 -11.90 11.36 1.24
CA GLN A 221 -12.59 12.62 0.97
C GLN A 221 -12.91 12.76 -0.52
N ARG A 222 -11.93 12.41 -1.35
CA ARG A 222 -12.09 12.50 -2.80
C ARG A 222 -13.19 11.55 -3.31
N ILE A 223 -13.19 10.33 -2.77
CA ILE A 223 -14.15 9.30 -3.16
C ILE A 223 -15.59 9.77 -2.85
N PHE A 224 -15.77 10.36 -1.66
CA PHE A 224 -17.09 10.82 -1.23
C PHE A 224 -17.67 11.85 -2.22
N TYR A 225 -16.85 12.85 -2.57
CA TYR A 225 -17.29 13.92 -3.48
C TYR A 225 -17.66 13.33 -4.86
N LEU A 226 -16.80 12.46 -5.39
CA LEU A 226 -17.02 11.86 -6.71
C LEU A 226 -18.33 11.05 -6.72
N LYS A 227 -18.59 10.31 -5.63
CA LYS A 227 -19.82 9.50 -5.50
C LYS A 227 -21.07 10.36 -5.53
N LEU A 228 -21.04 11.55 -4.90
CA LEU A 228 -22.20 12.46 -4.96
C LEU A 228 -22.49 12.81 -6.42
N GLU A 229 -21.40 13.05 -7.17
CA GLU A 229 -21.47 13.38 -8.58
C GLU A 229 -21.98 12.17 -9.43
N ASP A 230 -21.51 10.95 -9.07
CA ASP A 230 -21.88 9.72 -9.81
C ASP A 230 -21.63 9.84 -11.33
N LEU A 231 -20.41 10.25 -11.71
CA LEU A 231 -20.05 10.34 -13.13
C LEU A 231 -20.14 8.96 -13.77
N VAL A 232 -19.70 7.93 -13.03
CA VAL A 232 -19.75 6.55 -13.52
C VAL A 232 -20.13 5.53 -12.40
N SER A 233 -20.32 6.02 -11.16
CA SER A 233 -20.67 5.16 -10.02
C SER A 233 -19.52 4.15 -9.72
N PRO A 234 -18.99 4.07 -8.47
CA PRO A 234 -17.88 3.13 -8.11
C PRO A 234 -18.24 1.64 -8.36
N PRO A 235 -17.23 0.77 -8.57
CA PRO A 235 -17.45 -0.71 -8.70
C PRO A 235 -17.83 -1.30 -7.34
N SER A 236 -18.36 -2.52 -7.35
CA SER A 236 -18.80 -3.17 -6.12
C SER A 236 -17.65 -3.33 -5.11
N ILE A 237 -16.46 -3.71 -5.61
CA ILE A 237 -15.30 -3.94 -4.72
C ILE A 237 -14.89 -2.64 -4.03
N ILE A 238 -14.73 -1.57 -4.82
CA ILE A 238 -14.27 -0.27 -4.31
C ILE A 238 -15.36 0.40 -3.44
N ASP A 239 -16.60 0.39 -3.93
CA ASP A 239 -17.74 0.96 -3.18
C ASP A 239 -17.87 0.24 -1.83
N LYS A 240 -17.67 -1.07 -1.84
CA LYS A 240 -17.75 -1.88 -0.63
C LYS A 240 -16.72 -1.38 0.40
N LEU A 241 -15.53 -1.07 -0.08
CA LEU A 241 -14.46 -0.58 0.78
C LEU A 241 -14.90 0.71 1.48
N PHE A 242 -15.55 1.60 0.73
CA PHE A 242 -16.06 2.86 1.29
C PHE A 242 -17.04 2.56 2.43
N LEU A 243 -17.97 1.65 2.17
CA LEU A 243 -18.98 1.27 3.16
C LEU A 243 -18.35 0.64 4.39
N ASP A 244 -17.33 -0.19 4.16
CA ASP A 244 -16.63 -0.87 5.25
C ASP A 244 -15.97 0.13 6.18
N THR A 245 -15.33 1.14 5.60
CA THR A 245 -14.63 2.17 6.37
C THR A 245 -15.62 3.14 7.00
N LEU A 246 -15.17 3.85 8.04
CA LEU A 246 -16.01 4.82 8.75
C LEU A 246 -15.30 6.18 8.87
N PRO A 247 -16.07 7.30 9.02
CA PRO A 247 -15.46 8.67 9.12
C PRO A 247 -14.92 8.98 10.54
N PHE A 248 -13.90 8.21 10.95
CA PHE A 248 -13.26 8.39 12.26
C PHE A 248 -11.97 9.19 12.12
N LYS A 1 -5.23 -40.26 -27.69
CA LYS A 1 -5.19 -40.65 -26.25
C LYS A 1 -6.32 -39.95 -25.51
N SER A 2 -6.92 -40.65 -24.54
CA SER A 2 -8.00 -40.10 -23.73
C SER A 2 -7.76 -40.40 -22.22
N PRO A 3 -6.79 -39.71 -21.57
CA PRO A 3 -6.49 -39.93 -20.11
C PRO A 3 -7.55 -39.31 -19.22
N LEU A 4 -7.67 -39.82 -17.99
CA LEU A 4 -8.64 -39.31 -17.03
C LEU A 4 -7.95 -38.42 -16.00
N GLN A 5 -8.35 -37.15 -15.95
CA GLN A 5 -7.76 -36.18 -15.02
C GLN A 5 -8.40 -36.30 -13.65
N GLN A 6 -7.57 -36.12 -12.61
CA GLN A 6 -8.04 -36.21 -11.23
C GLN A 6 -7.52 -35.03 -10.42
N GLU A 7 -8.31 -34.60 -9.43
CA GLU A 7 -7.93 -33.49 -8.55
C GLU A 7 -8.13 -33.88 -7.06
N PRO A 8 -7.25 -34.74 -6.50
CA PRO A 8 -7.36 -35.19 -5.07
C PRO A 8 -7.32 -34.03 -4.09
N SER A 9 -8.12 -34.13 -3.02
CA SER A 9 -8.17 -33.11 -1.99
C SER A 9 -7.44 -33.58 -0.72
N GLN A 10 -6.26 -34.20 -0.94
CA GLN A 10 -5.44 -34.72 0.16
C GLN A 10 -4.80 -33.55 0.94
N PRO A 11 -4.43 -33.74 2.22
CA PRO A 11 -3.83 -32.65 3.04
C PRO A 11 -2.46 -32.23 2.47
N SER A 12 -2.23 -30.92 2.44
CA SER A 12 -0.99 -30.37 1.89
C SER A 12 0.21 -30.60 2.85
N PRO A 13 1.44 -30.82 2.33
CA PRO A 13 2.65 -31.01 3.19
C PRO A 13 2.92 -29.76 4.08
N PRO A 14 3.52 -29.91 5.27
CA PRO A 14 3.81 -28.73 6.17
C PRO A 14 4.85 -27.82 5.54
N SER A 15 4.71 -26.51 5.76
CA SER A 15 5.62 -25.52 5.19
C SER A 15 6.09 -24.48 6.24
N PRO A 16 7.16 -24.78 7.02
CA PRO A 16 7.70 -23.82 8.04
C PRO A 16 8.41 -22.62 7.37
N PRO A 17 8.42 -21.42 8.01
CA PRO A 17 9.08 -20.22 7.40
C PRO A 17 10.61 -20.36 7.40
N ILE A 18 11.24 -19.77 6.38
CA ILE A 18 12.71 -19.83 6.26
C ILE A 18 13.32 -18.51 6.74
N CYS A 19 13.12 -17.43 5.97
CA CYS A 19 13.62 -16.10 6.33
C CYS A 19 12.48 -15.08 6.26
N MET A 20 12.17 -14.48 7.42
CA MET A 20 11.09 -13.49 7.49
C MET A 20 11.39 -12.27 6.61
N MET A 21 12.61 -11.73 6.74
CA MET A 21 13.02 -10.55 5.98
C MET A 21 12.94 -10.82 4.47
N ASN A 22 13.45 -11.99 4.06
CA ASN A 22 13.49 -12.36 2.64
C ASN A 22 12.08 -12.48 2.04
N ALA A 23 11.18 -13.11 2.81
CA ALA A 23 9.80 -13.31 2.34
C ALA A 23 9.11 -11.99 2.09
N LEU A 24 9.33 -11.03 3.00
CA LEU A 24 8.74 -9.70 2.88
C LEU A 24 9.29 -8.99 1.64
N VAL A 25 10.60 -9.15 1.40
CA VAL A 25 11.26 -8.54 0.24
C VAL A 25 10.70 -9.15 -1.07
N ARG A 26 10.50 -10.48 -1.07
CA ARG A 26 10.02 -11.17 -2.27
C ARG A 26 8.68 -10.61 -2.72
N ALA A 27 7.75 -10.49 -1.78
CA ALA A 27 6.43 -9.92 -2.10
C ALA A 27 6.57 -8.48 -2.58
N LEU A 28 7.48 -7.72 -1.93
CA LEU A 28 7.68 -6.30 -2.27
C LEU A 28 8.18 -6.15 -3.72
N THR A 29 9.23 -6.90 -4.09
CA THR A 29 9.79 -6.85 -5.44
C THR A 29 8.85 -7.49 -6.46
N ASP A 30 8.21 -8.58 -6.06
CA ASP A 30 7.30 -9.34 -6.91
C ASP A 30 6.08 -8.53 -7.32
N SER A 31 5.58 -7.68 -6.41
CA SER A 31 4.40 -6.86 -6.70
C SER A 31 4.80 -5.54 -7.38
N THR A 32 5.62 -5.67 -8.42
CA THR A 32 6.09 -4.53 -9.21
C THR A 32 5.95 -4.87 -10.72
N PRO A 33 5.69 -3.88 -11.61
CA PRO A 33 5.52 -4.16 -13.07
C PRO A 33 6.77 -4.78 -13.67
N ARG A 34 6.57 -5.81 -14.49
CA ARG A 34 7.70 -6.43 -15.20
C ARG A 34 8.19 -5.47 -16.28
N ASP A 35 7.23 -4.83 -16.94
CA ASP A 35 7.50 -3.89 -18.01
C ASP A 35 6.67 -2.61 -17.81
N LEU A 36 7.24 -1.47 -18.22
CA LEU A 36 6.53 -0.18 -18.08
C LEU A 36 5.69 0.10 -19.32
N ASP A 37 4.57 0.81 -19.12
CA ASP A 37 3.65 1.13 -20.22
C ASP A 37 3.44 2.65 -20.37
N TYR A 38 3.94 3.19 -21.48
CA TYR A 38 3.79 4.62 -21.79
C TYR A 38 2.71 4.88 -22.86
N SER A 39 1.84 3.88 -23.09
CA SER A 39 0.78 3.98 -24.08
C SER A 39 -0.17 5.14 -23.77
N ARG A 40 -0.55 5.26 -22.49
CA ARG A 40 -1.46 6.32 -22.04
C ARG A 40 -0.71 7.59 -21.55
N TYR A 41 0.63 7.52 -21.53
CA TYR A 41 1.46 8.65 -21.09
C TYR A 41 1.27 9.86 -22.02
N CYS A 42 1.07 11.04 -21.41
CA CYS A 42 0.90 12.29 -22.17
C CYS A 42 1.97 13.33 -21.76
N PRO A 43 2.61 14.04 -22.72
CA PRO A 43 3.64 15.08 -22.37
C PRO A 43 2.98 16.33 -21.81
N THR A 44 1.82 16.67 -22.40
CA THR A 44 1.01 17.78 -21.94
C THR A 44 -0.47 17.35 -21.92
N ASP A 45 -1.13 17.53 -20.76
CA ASP A 45 -2.54 17.13 -20.63
C ASP A 45 -3.39 18.27 -20.03
N GLN A 46 -4.06 19.01 -20.93
CA GLN A 46 -4.91 20.14 -20.53
C GLN A 46 -6.13 19.66 -19.75
N ALA A 47 -6.68 18.50 -20.16
CA ALA A 47 -7.89 17.92 -19.54
C ALA A 47 -9.14 18.77 -19.83
N ALA A 48 -10.32 18.14 -19.68
CA ALA A 48 -11.61 18.80 -19.94
C ALA A 48 -12.71 18.23 -19.04
N ALA A 49 -13.91 18.82 -19.12
CA ALA A 49 -15.04 18.37 -18.29
C ALA A 49 -15.39 16.92 -18.60
N GLY A 50 -15.37 16.58 -19.90
CA GLY A 50 -15.64 15.20 -20.36
C GLY A 50 -14.59 14.24 -19.79
N THR A 51 -13.35 14.73 -19.71
CA THR A 51 -12.23 13.93 -19.23
C THR A 51 -12.49 13.42 -17.80
N ASP A 52 -13.19 14.22 -16.99
CA ASP A 52 -13.44 13.84 -15.59
C ASP A 52 -14.18 12.50 -15.50
N ALA A 53 -15.31 12.38 -16.22
CA ALA A 53 -16.10 11.15 -16.21
C ALA A 53 -15.31 9.96 -16.74
N GLU A 54 -14.58 10.18 -17.85
CA GLU A 54 -13.76 9.13 -18.44
C GLU A 54 -12.63 8.73 -17.49
N HIS A 55 -12.02 9.74 -16.85
CA HIS A 55 -10.93 9.52 -15.93
C HIS A 55 -11.39 8.75 -14.71
N VAL A 56 -12.59 9.08 -14.22
CA VAL A 56 -13.16 8.39 -13.06
C VAL A 56 -13.31 6.90 -13.38
N GLN A 57 -13.76 6.61 -14.63
CA GLN A 57 -13.88 5.22 -15.07
C GLN A 57 -12.51 4.53 -15.02
N GLN A 58 -11.50 5.21 -15.56
CA GLN A 58 -10.14 4.68 -15.56
C GLN A 58 -9.62 4.50 -14.13
N PHE A 59 -10.01 5.44 -13.26
CA PHE A 59 -9.58 5.45 -11.87
C PHE A 59 -10.00 4.15 -11.16
N TYR A 60 -11.29 3.76 -11.29
CA TYR A 60 -11.74 2.54 -10.61
C TYR A 60 -11.13 1.30 -11.22
N ASN A 61 -10.97 1.31 -12.55
CA ASN A 61 -10.39 0.16 -13.26
C ASN A 61 -9.00 -0.13 -12.71
N LEU A 62 -8.19 0.93 -12.57
CA LEU A 62 -6.83 0.81 -12.02
C LEU A 62 -6.86 0.42 -10.54
N LEU A 63 -7.80 1.02 -9.80
CA LEU A 63 -7.95 0.75 -8.36
C LEU A 63 -8.34 -0.71 -8.12
N THR A 64 -9.23 -1.23 -8.97
CA THR A 64 -9.67 -2.61 -8.87
C THR A 64 -8.46 -3.54 -9.07
N ALA A 65 -7.64 -3.23 -10.07
CA ALA A 65 -6.44 -4.00 -10.34
C ALA A 65 -5.45 -3.92 -9.17
N SER A 66 -5.32 -2.72 -8.60
CA SER A 66 -4.39 -2.50 -7.48
C SER A 66 -4.77 -3.29 -6.23
N ILE A 67 -6.08 -3.41 -5.96
CA ILE A 67 -6.54 -4.16 -4.77
C ILE A 67 -6.27 -5.65 -4.91
N ASP A 68 -6.42 -6.18 -6.12
CA ASP A 68 -6.12 -7.58 -6.37
C ASP A 68 -4.64 -7.86 -6.12
N VAL A 69 -3.78 -6.91 -6.52
CA VAL A 69 -2.34 -7.00 -6.29
C VAL A 69 -2.08 -7.02 -4.78
N SER A 70 -2.80 -6.14 -4.05
CA SER A 70 -2.67 -6.05 -2.60
C SER A 70 -3.08 -7.36 -1.94
N ARG A 71 -4.14 -7.98 -2.46
CA ARG A 71 -4.62 -9.25 -1.91
C ARG A 71 -3.54 -10.31 -2.01
N SER A 72 -2.94 -10.39 -3.20
CA SER A 72 -1.86 -11.35 -3.44
C SER A 72 -0.63 -11.00 -2.61
N TRP A 73 -0.35 -9.70 -2.48
CA TRP A 73 0.80 -9.23 -1.71
C TRP A 73 0.66 -9.67 -0.25
N ALA A 74 -0.53 -9.46 0.32
CA ALA A 74 -0.80 -9.86 1.70
C ALA A 74 -0.66 -11.39 1.86
N GLU A 75 -1.13 -12.12 0.86
CA GLU A 75 -1.09 -13.59 0.85
C GLU A 75 0.36 -14.11 0.89
N LYS A 76 1.26 -13.40 0.21
CA LYS A 76 2.68 -13.78 0.16
C LYS A 76 3.31 -13.73 1.56
N ILE A 77 2.86 -12.75 2.36
CA ILE A 77 3.41 -12.53 3.70
C ILE A 77 3.22 -13.81 4.57
N PRO A 78 4.29 -14.35 5.22
CA PRO A 78 4.15 -15.59 6.07
C PRO A 78 3.18 -15.38 7.25
N GLY A 79 2.30 -16.36 7.45
CA GLY A 79 1.36 -16.34 8.57
C GLY A 79 0.13 -15.45 8.29
N PHE A 80 0.11 -14.76 7.14
CA PHE A 80 -1.01 -13.89 6.79
C PHE A 80 -2.28 -14.72 6.68
N THR A 81 -2.19 -15.83 5.96
CA THR A 81 -3.32 -16.73 5.76
C THR A 81 -3.78 -17.31 7.11
N ASP A 82 -2.81 -17.64 7.95
CA ASP A 82 -3.09 -18.25 9.25
C ASP A 82 -4.06 -17.40 10.10
N LEU A 83 -4.17 -16.09 9.78
CA LEU A 83 -5.05 -15.20 10.53
C LEU A 83 -6.53 -15.55 10.25
N PRO A 84 -7.45 -15.27 11.19
CA PRO A 84 -8.91 -15.56 10.97
C PRO A 84 -9.38 -15.01 9.62
N LYS A 85 -10.41 -15.64 9.05
CA LYS A 85 -10.94 -15.25 7.74
C LYS A 85 -11.42 -13.80 7.77
N GLU A 86 -12.12 -13.43 8.83
CA GLU A 86 -12.65 -12.09 8.98
C GLU A 86 -11.51 -11.07 9.00
N ASP A 87 -10.40 -11.43 9.64
CA ASP A 87 -9.23 -10.55 9.72
C ASP A 87 -8.72 -10.22 8.34
N GLN A 88 -8.54 -11.27 7.54
CA GLN A 88 -7.91 -11.16 6.25
C GLN A 88 -8.67 -10.20 5.34
N THR A 89 -10.00 -10.30 5.38
CA THR A 89 -10.85 -9.41 4.58
C THR A 89 -10.71 -7.93 5.05
N LEU A 90 -10.76 -7.73 6.38
CA LEU A 90 -10.69 -6.37 6.94
C LEU A 90 -9.31 -5.72 6.71
N LEU A 91 -8.24 -6.51 6.89
CA LEU A 91 -6.87 -6.00 6.72
C LEU A 91 -6.66 -5.50 5.31
N ILE A 92 -7.14 -6.28 4.33
CA ILE A 92 -6.99 -5.94 2.92
C ILE A 92 -7.72 -4.62 2.61
N GLU A 93 -8.99 -4.53 3.05
CA GLU A 93 -9.81 -3.34 2.79
C GLU A 93 -9.27 -2.10 3.51
N SER A 94 -8.88 -2.27 4.77
CA SER A 94 -8.37 -1.16 5.59
C SER A 94 -7.00 -0.68 5.12
N ALA A 95 -6.13 -1.62 4.73
CA ALA A 95 -4.75 -1.29 4.34
C ALA A 95 -4.62 -0.98 2.85
N PHE A 96 -5.68 -1.20 2.07
CA PHE A 96 -5.62 -0.97 0.61
C PHE A 96 -5.25 0.49 0.26
N LEU A 97 -5.95 1.46 0.86
CA LEU A 97 -5.70 2.88 0.53
C LEU A 97 -4.29 3.32 0.94
N GLU A 98 -3.86 2.92 2.16
CA GLU A 98 -2.54 3.30 2.67
C GLU A 98 -1.42 2.59 1.91
N LEU A 99 -1.60 1.29 1.66
CA LEU A 99 -0.61 0.49 0.95
C LEU A 99 -0.42 0.99 -0.47
N PHE A 100 -1.53 1.33 -1.12
CA PHE A 100 -1.50 1.84 -2.49
C PHE A 100 -0.70 3.14 -2.54
N VAL A 101 -1.01 4.07 -1.63
CA VAL A 101 -0.33 5.36 -1.56
C VAL A 101 1.16 5.19 -1.26
N LEU A 102 1.45 4.39 -0.24
CA LEU A 102 2.82 4.17 0.21
C LEU A 102 3.67 3.54 -0.90
N ARG A 103 3.13 2.47 -1.48
CA ARG A 103 3.82 1.72 -2.52
C ARG A 103 3.93 2.53 -3.82
N LEU A 104 2.86 3.27 -4.14
CA LEU A 104 2.82 4.09 -5.35
C LEU A 104 3.92 5.16 -5.32
N SER A 105 4.09 5.80 -4.16
CA SER A 105 5.07 6.87 -4.00
C SER A 105 6.49 6.36 -4.25
N ILE A 106 6.77 5.14 -3.80
CA ILE A 106 8.10 4.54 -3.96
C ILE A 106 8.43 4.35 -5.45
N ARG A 107 7.48 3.78 -6.19
CA ARG A 107 7.68 3.47 -7.61
C ARG A 107 7.63 4.75 -8.48
N SER A 108 6.79 5.71 -8.07
CA SER A 108 6.60 6.97 -8.80
C SER A 108 7.83 7.89 -8.74
N ASN A 109 7.96 8.72 -9.78
CA ASN A 109 9.07 9.69 -9.90
C ASN A 109 8.55 11.14 -9.77
N THR A 110 8.82 11.78 -8.63
CA THR A 110 8.35 13.16 -8.38
C THR A 110 9.07 14.17 -9.27
N ALA A 111 10.37 13.93 -9.49
CA ALA A 111 11.18 14.83 -10.33
C ALA A 111 10.62 14.89 -11.74
N GLU A 112 10.17 13.73 -12.22
CA GLU A 112 9.58 13.61 -13.55
C GLU A 112 8.07 13.92 -13.55
N ASP A 113 7.47 14.04 -12.34
CA ASP A 113 6.04 14.32 -12.21
C ASP A 113 5.22 13.22 -12.92
N LYS A 114 5.73 11.99 -12.83
CA LYS A 114 5.05 10.83 -13.40
C LYS A 114 4.79 9.80 -12.30
N PHE A 115 3.66 9.11 -12.39
CA PHE A 115 3.31 8.09 -11.40
C PHE A 115 3.35 6.71 -12.02
N VAL A 116 4.10 5.81 -11.39
CA VAL A 116 4.23 4.44 -11.87
C VAL A 116 3.46 3.50 -10.94
N PHE A 117 2.46 2.81 -11.50
CA PHE A 117 1.60 1.91 -10.72
C PHE A 117 2.10 0.47 -10.80
N CYS A 118 1.57 -0.38 -9.91
CA CYS A 118 1.94 -1.80 -9.88
C CYS A 118 1.59 -2.50 -11.22
N ASN A 119 0.73 -1.86 -12.03
CA ASN A 119 0.33 -2.39 -13.33
C ASN A 119 1.28 -1.91 -14.46
N GLY A 120 2.30 -1.11 -14.11
CA GLY A 120 3.26 -0.60 -15.08
C GLY A 120 2.73 0.67 -15.82
N LEU A 121 1.49 1.09 -15.51
CA LEU A 121 0.90 2.27 -16.14
C LEU A 121 1.59 3.54 -15.64
N VAL A 122 2.00 4.40 -16.58
CA VAL A 122 2.69 5.66 -16.24
C VAL A 122 1.83 6.85 -16.65
N LEU A 123 1.51 7.73 -15.68
CA LEU A 123 0.70 8.92 -15.95
C LEU A 123 1.40 10.21 -15.49
N HIS A 124 1.41 11.20 -16.37
CA HIS A 124 2.10 12.46 -16.11
C HIS A 124 1.26 13.41 -15.25
N ARG A 125 1.50 13.40 -13.92
CA ARG A 125 0.84 14.33 -12.93
C ARG A 125 -0.58 14.80 -13.35
N LEU A 126 -0.66 15.66 -14.36
CA LEU A 126 -1.92 16.21 -14.86
C LEU A 126 -2.87 15.11 -15.32
N GLN A 127 -2.29 14.05 -15.91
CA GLN A 127 -3.10 12.92 -16.41
C GLN A 127 -3.92 12.31 -15.27
N CYS A 128 -3.30 12.19 -14.08
CA CYS A 128 -4.02 11.67 -12.89
C CYS A 128 -4.74 12.79 -12.10
N LEU A 129 -4.44 14.05 -12.42
CA LEU A 129 -5.06 15.20 -11.76
C LEU A 129 -6.59 15.21 -11.94
N ARG A 130 -7.04 14.81 -13.13
CA ARG A 130 -8.47 14.80 -13.47
C ARG A 130 -9.32 13.99 -12.47
N GLY A 131 -8.71 12.97 -11.83
CA GLY A 131 -9.45 12.12 -10.88
C GLY A 131 -8.88 12.23 -9.50
N PHE A 132 -7.59 11.92 -9.38
CA PHE A 132 -6.89 12.01 -8.10
C PHE A 132 -6.91 13.46 -7.63
N GLY A 133 -6.67 14.39 -8.56
CA GLY A 133 -6.66 15.82 -8.25
C GLY A 133 -5.66 16.15 -7.18
N GLU A 134 -6.11 16.88 -6.18
CA GLU A 134 -5.27 17.24 -5.05
C GLU A 134 -4.71 16.00 -4.37
N TRP A 135 -5.40 14.85 -4.54
CA TRP A 135 -4.95 13.60 -3.92
C TRP A 135 -3.58 13.22 -4.47
N LEU A 136 -3.42 13.35 -5.80
CA LEU A 136 -2.14 13.04 -6.46
C LEU A 136 -1.05 14.00 -6.02
N ASP A 137 -1.39 15.29 -5.97
CA ASP A 137 -0.41 16.32 -5.63
C ASP A 137 0.20 16.03 -4.27
N SER A 138 -0.65 15.63 -3.31
CA SER A 138 -0.20 15.27 -1.96
C SER A 138 0.75 14.07 -2.01
N ILE A 139 0.42 13.10 -2.88
CA ILE A 139 1.24 11.89 -3.03
C ILE A 139 2.65 12.26 -3.50
N LYS A 140 2.72 13.16 -4.49
CA LYS A 140 4.02 13.58 -5.03
C LYS A 140 4.87 14.20 -3.94
N ASP A 141 4.24 15.05 -3.10
CA ASP A 141 4.95 15.69 -1.99
C ASP A 141 5.46 14.64 -1.00
N PHE A 142 4.60 13.65 -0.71
CA PHE A 142 4.97 12.54 0.18
C PHE A 142 6.15 11.74 -0.39
N SER A 143 6.04 11.42 -1.67
CA SER A 143 7.05 10.62 -2.36
C SER A 143 8.42 11.29 -2.32
N LEU A 144 8.44 12.61 -2.54
CA LEU A 144 9.69 13.37 -2.51
C LEU A 144 10.35 13.23 -1.14
N ASN A 145 9.54 13.40 -0.09
CA ASN A 145 10.01 13.25 1.29
C ASN A 145 10.51 11.82 1.53
N LEU A 146 9.77 10.85 0.98
CA LEU A 146 10.11 9.44 1.12
C LEU A 146 11.48 9.17 0.49
N GLN A 147 11.73 9.77 -0.68
CA GLN A 147 13.01 9.61 -1.37
C GLN A 147 14.15 10.14 -0.52
N SER A 148 13.89 11.25 0.19
CA SER A 148 14.91 11.85 1.06
C SER A 148 15.32 10.85 2.14
N LEU A 149 14.32 10.16 2.71
CA LEU A 149 14.57 9.13 3.74
C LEU A 149 15.44 7.99 3.15
N ASN A 150 15.35 7.78 1.82
CA ASN A 150 16.09 6.73 1.11
C ASN A 150 15.52 5.34 1.38
N LEU A 151 15.61 4.90 2.64
CA LEU A 151 15.09 3.59 3.05
C LEU A 151 15.72 2.47 2.23
N ASP A 152 15.55 1.23 2.70
CA ASP A 152 16.08 0.05 1.99
C ASP A 152 14.97 -0.89 1.62
N ILE A 153 15.31 -1.93 0.86
CA ILE A 153 14.35 -2.91 0.40
C ILE A 153 13.74 -3.66 1.59
N GLN A 154 14.61 -4.18 2.46
CA GLN A 154 14.20 -4.95 3.63
C GLN A 154 13.43 -4.08 4.63
N ALA A 155 13.92 -2.86 4.84
CA ALA A 155 13.28 -1.92 5.76
C ALA A 155 11.88 -1.55 5.28
N LEU A 156 11.76 -1.34 3.96
CA LEU A 156 10.48 -0.99 3.35
C LEU A 156 9.50 -2.16 3.43
N ALA A 157 10.01 -3.37 3.15
CA ALA A 157 9.17 -4.57 3.16
C ALA A 157 8.53 -4.79 4.53
N CYS A 158 9.34 -4.65 5.59
CA CYS A 158 8.84 -4.83 6.96
C CYS A 158 7.83 -3.74 7.31
N LEU A 159 8.13 -2.49 6.92
CA LEU A 159 7.25 -1.35 7.19
C LEU A 159 5.91 -1.49 6.47
N SER A 160 5.94 -1.95 5.21
CA SER A 160 4.72 -2.15 4.44
C SER A 160 3.85 -3.20 5.12
N ALA A 161 4.49 -4.26 5.62
CA ALA A 161 3.81 -5.30 6.37
C ALA A 161 3.24 -4.70 7.67
N LEU A 162 4.02 -3.82 8.29
CA LEU A 162 3.63 -3.16 9.54
C LEU A 162 2.40 -2.28 9.35
N SER A 163 2.35 -1.54 8.23
CA SER A 163 1.20 -0.67 7.95
C SER A 163 -0.07 -1.50 7.76
N MET A 164 0.07 -2.63 7.05
CA MET A 164 -1.02 -3.55 6.80
C MET A 164 -1.46 -4.25 8.10
N ILE A 165 -0.47 -4.63 8.89
CA ILE A 165 -0.68 -5.35 10.15
C ILE A 165 -0.79 -4.37 11.32
N THR A 166 -2.01 -4.22 11.84
CA THR A 166 -2.27 -3.30 12.95
C THR A 166 -3.62 -3.61 13.65
N GLU A 167 -3.87 -2.93 14.77
CA GLU A 167 -5.11 -3.10 15.53
C GLU A 167 -6.29 -2.36 14.85
N ARG A 168 -7.46 -3.04 14.76
CA ARG A 168 -8.65 -2.43 14.15
C ARG A 168 -9.86 -2.46 15.15
N HIS A 169 -10.73 -3.50 15.07
CA HIS A 169 -11.89 -3.61 16.00
C HIS A 169 -12.57 -4.99 15.89
N GLY A 170 -12.76 -5.66 17.05
CA GLY A 170 -13.43 -6.99 17.07
C GLY A 170 -12.75 -7.94 16.09
N LEU A 171 -11.43 -7.85 16.04
CA LEU A 171 -10.63 -8.56 15.05
C LEU A 171 -10.24 -10.02 15.44
N LYS A 172 -10.25 -10.35 16.76
CA LYS A 172 -9.72 -11.69 17.30
C LYS A 172 -8.15 -11.64 17.32
N GLU A 173 -7.67 -11.21 16.22
CA GLU A 173 -6.30 -11.11 16.00
C GLU A 173 -5.72 -9.70 16.21
N PRO A 174 -6.35 -8.75 17.01
CA PRO A 174 -5.64 -7.52 17.40
C PRO A 174 -4.34 -7.96 18.07
N LYS A 175 -4.51 -8.97 18.94
CA LYS A 175 -3.45 -9.56 19.66
C LYS A 175 -2.56 -10.41 18.78
N ARG A 176 -3.15 -11.25 17.83
CA ARG A 176 -2.20 -12.03 16.93
C ARG A 176 -1.38 -11.07 16.05
N VAL A 177 -2.05 -10.06 15.57
CA VAL A 177 -1.47 -9.02 14.73
C VAL A 177 -0.39 -8.25 15.48
N GLU A 178 -0.62 -7.99 16.77
CA GLU A 178 0.40 -7.30 17.61
C GLU A 178 1.63 -8.18 17.78
N GLU A 179 1.39 -9.47 17.95
CA GLU A 179 2.46 -10.46 18.01
C GLU A 179 3.24 -10.41 16.68
N LEU A 180 2.49 -10.30 15.60
CA LEU A 180 3.02 -10.24 14.26
C LEU A 180 3.80 -8.94 14.05
N CYS A 181 3.28 -7.83 14.59
CA CYS A 181 3.89 -6.51 14.44
C CYS A 181 5.28 -6.52 15.06
N ASN A 182 5.37 -7.06 16.29
CA ASN A 182 6.65 -7.18 16.98
C ASN A 182 7.60 -8.07 16.17
N LYS A 183 7.04 -9.14 15.60
CA LYS A 183 7.79 -10.08 14.77
C LYS A 183 8.38 -9.43 13.52
N ILE A 184 7.57 -8.60 12.84
CA ILE A 184 8.02 -7.89 11.66
C ILE A 184 9.10 -6.88 12.06
N THR A 185 8.86 -6.19 13.19
CA THR A 185 9.83 -5.23 13.69
C THR A 185 11.12 -5.92 14.13
N SER A 186 11.03 -7.20 14.53
CA SER A 186 12.22 -7.96 14.94
C SER A 186 13.17 -8.16 13.76
N SER A 187 12.61 -8.57 12.60
CA SER A 187 13.42 -8.71 11.37
C SER A 187 13.96 -7.37 10.94
N LEU A 188 13.09 -6.38 10.99
CA LEU A 188 13.39 -5.02 10.61
C LEU A 188 14.52 -4.46 11.47
N LYS A 189 14.41 -4.71 12.75
CA LYS A 189 15.37 -4.25 13.74
C LYS A 189 16.75 -4.78 13.40
N ASP A 190 16.80 -6.07 13.08
CA ASP A 190 18.04 -6.71 12.68
C ASP A 190 18.60 -6.01 11.44
N HIS A 191 17.70 -5.65 10.51
CA HIS A 191 18.10 -4.92 9.30
C HIS A 191 18.70 -3.55 9.69
N GLN A 192 18.05 -2.86 10.62
CA GLN A 192 18.48 -1.53 11.08
C GLN A 192 19.82 -1.60 11.83
N SER A 193 20.13 -2.75 12.45
CA SER A 193 21.39 -2.91 13.19
C SER A 193 22.60 -2.99 12.23
N LYS A 194 22.32 -3.24 10.95
CA LYS A 194 23.36 -3.37 9.94
C LYS A 194 24.03 -2.02 9.64
N GLY A 195 23.31 -0.91 9.92
CA GLY A 195 23.82 0.43 9.65
C GLY A 195 24.63 0.98 10.83
N GLN A 196 25.11 2.22 10.67
CA GLN A 196 25.90 2.89 11.71
C GLN A 196 25.01 3.30 12.89
N ALA A 197 25.56 3.17 14.10
CA ALA A 197 24.84 3.52 15.34
C ALA A 197 23.65 2.57 15.63
N LEU A 198 23.46 1.55 14.77
CA LEU A 198 22.39 0.56 14.96
C LEU A 198 21.03 1.24 15.26
N GLU A 199 20.89 2.52 14.88
CA GLU A 199 19.66 3.26 15.14
C GLU A 199 18.59 2.96 14.06
N PRO A 200 17.34 2.56 14.45
CA PRO A 200 16.23 2.36 13.47
C PRO A 200 15.82 3.69 12.87
N THR A 201 15.53 3.68 11.57
CA THR A 201 15.05 4.90 10.87
C THR A 201 13.51 4.99 10.94
N GLU A 202 12.91 4.28 11.90
CA GLU A 202 11.48 4.23 12.07
C GLU A 202 10.90 5.61 12.39
N SER A 203 11.63 6.41 13.18
CA SER A 203 11.17 7.73 13.60
C SER A 203 10.92 8.61 12.37
N LYS A 204 11.84 8.55 11.40
CA LYS A 204 11.68 9.30 10.14
C LYS A 204 10.43 8.82 9.41
N VAL A 205 10.21 7.50 9.43
CA VAL A 205 9.05 6.88 8.81
C VAL A 205 7.78 7.36 9.49
N LEU A 206 7.80 7.49 10.83
CA LEU A 206 6.61 7.90 11.58
C LEU A 206 6.15 9.31 11.20
N GLY A 207 7.09 10.22 10.94
CA GLY A 207 6.75 11.59 10.52
C GLY A 207 6.06 11.58 9.15
N ALA A 208 6.57 10.71 8.27
CA ALA A 208 5.99 10.55 6.94
C ALA A 208 4.74 9.68 7.01
N LEU A 209 4.63 8.88 8.08
CA LEU A 209 3.48 8.03 8.29
C LEU A 209 2.26 8.90 8.61
N VAL A 210 2.49 9.96 9.42
CA VAL A 210 1.44 10.90 9.76
C VAL A 210 0.95 11.55 8.47
N GLU A 211 1.90 11.99 7.62
CA GLU A 211 1.55 12.58 6.32
C GLU A 211 0.82 11.53 5.45
N LEU A 212 1.28 10.27 5.53
CA LEU A 212 0.67 9.17 4.78
C LEU A 212 -0.80 8.99 5.21
N ARG A 213 -1.04 9.10 6.52
CA ARG A 213 -2.39 8.99 7.08
C ARG A 213 -3.28 10.09 6.52
N LYS A 214 -2.71 11.29 6.36
CA LYS A 214 -3.46 12.41 5.81
C LYS A 214 -3.92 12.07 4.40
N ILE A 215 -3.01 11.44 3.64
CA ILE A 215 -3.32 10.97 2.30
C ILE A 215 -4.39 9.86 2.37
N CYS A 216 -4.27 8.98 3.37
CA CYS A 216 -5.20 7.86 3.54
C CYS A 216 -6.63 8.36 3.75
N THR A 217 -6.77 9.40 4.59
CA THR A 217 -8.09 9.99 4.86
C THR A 217 -8.56 10.82 3.67
N LEU A 218 -7.60 11.50 3.02
CA LEU A 218 -7.88 12.29 1.82
C LEU A 218 -8.40 11.39 0.70
N GLY A 219 -7.83 10.16 0.59
CA GLY A 219 -8.26 9.20 -0.42
C GLY A 219 -9.73 8.87 -0.27
N LEU A 220 -10.15 8.67 0.99
CA LEU A 220 -11.56 8.39 1.30
C LEU A 220 -12.44 9.58 0.93
N GLN A 221 -11.94 10.78 1.20
CA GLN A 221 -12.67 12.02 0.91
C GLN A 221 -12.88 12.18 -0.59
N ARG A 222 -11.84 11.86 -1.36
CA ARG A 222 -11.91 11.99 -2.82
C ARG A 222 -13.03 11.13 -3.38
N ILE A 223 -13.10 9.89 -2.90
CA ILE A 223 -14.13 8.95 -3.35
C ILE A 223 -15.54 9.47 -3.00
N PHE A 224 -15.70 9.95 -1.76
CA PHE A 224 -17.00 10.44 -1.28
C PHE A 224 -17.50 11.61 -2.14
N TYR A 225 -16.63 12.61 -2.37
CA TYR A 225 -16.99 13.78 -3.18
C TYR A 225 -17.30 13.39 -4.62
N LEU A 226 -16.51 12.45 -5.16
CA LEU A 226 -16.72 11.97 -6.54
C LEU A 226 -18.07 11.30 -6.67
N LYS A 227 -18.47 10.54 -5.65
CA LYS A 227 -19.77 9.86 -5.66
C LYS A 227 -20.91 10.86 -5.77
N LEU A 228 -20.77 12.00 -5.10
CA LEU A 228 -21.75 13.08 -5.24
C LEU A 228 -21.79 13.52 -6.70
N GLU A 229 -20.60 13.59 -7.32
CA GLU A 229 -20.45 13.91 -8.73
C GLU A 229 -20.41 12.59 -9.54
N ASP A 230 -21.55 11.91 -9.61
CA ASP A 230 -21.65 10.58 -10.23
C ASP A 230 -20.73 10.38 -11.46
N LEU A 231 -21.13 10.92 -12.62
CA LEU A 231 -20.37 10.76 -13.87
C LEU A 231 -20.40 9.29 -14.35
N VAL A 232 -19.68 8.40 -13.62
CA VAL A 232 -19.66 6.97 -13.98
C VAL A 232 -20.01 6.06 -12.77
N SER A 233 -20.08 6.64 -11.55
CA SER A 233 -20.42 5.89 -10.33
C SER A 233 -19.36 4.79 -10.01
N PRO A 234 -18.91 4.62 -8.74
CA PRO A 234 -17.89 3.59 -8.36
C PRO A 234 -18.34 2.13 -8.65
N PRO A 235 -17.41 1.19 -8.85
CA PRO A 235 -17.73 -0.27 -8.97
C PRO A 235 -18.14 -0.82 -7.61
N SER A 236 -18.76 -1.99 -7.61
CA SER A 236 -19.24 -2.60 -6.37
C SER A 236 -18.11 -2.82 -5.36
N ILE A 237 -16.97 -3.29 -5.85
CA ILE A 237 -15.82 -3.60 -4.97
C ILE A 237 -15.29 -2.32 -4.28
N ILE A 238 -15.05 -1.28 -5.08
CA ILE A 238 -14.49 -0.01 -4.57
C ILE A 238 -15.49 0.70 -3.64
N ASP A 239 -16.75 0.80 -4.08
CA ASP A 239 -17.81 1.43 -3.26
C ASP A 239 -17.96 0.67 -1.94
N LYS A 240 -17.92 -0.65 -2.02
CA LYS A 240 -18.04 -1.51 -0.83
C LYS A 240 -16.92 -1.20 0.16
N LEU A 241 -15.72 -1.01 -0.35
CA LEU A 241 -14.55 -0.72 0.48
C LEU A 241 -14.78 0.54 1.31
N PHE A 242 -15.32 1.59 0.67
CA PHE A 242 -15.59 2.85 1.35
C PHE A 242 -16.55 2.62 2.54
N LEU A 243 -17.62 1.88 2.28
CA LEU A 243 -18.61 1.57 3.31
C LEU A 243 -18.03 0.67 4.41
N ASP A 244 -17.15 -0.26 4.00
CA ASP A 244 -16.55 -1.21 4.94
C ASP A 244 -15.79 -0.47 6.03
N THR A 245 -15.05 0.57 5.64
CA THR A 245 -14.29 1.37 6.60
C THR A 245 -14.48 2.86 6.32
N LEU A 246 -14.80 3.61 7.40
CA LEU A 246 -15.01 5.06 7.30
C LEU A 246 -14.80 5.75 8.68
N PRO A 247 -13.63 5.56 9.33
CA PRO A 247 -13.36 6.20 10.67
C PRO A 247 -13.34 7.73 10.59
N PHE A 248 -13.10 8.27 9.38
CA PHE A 248 -13.05 9.71 9.17
C PHE A 248 -11.96 10.36 10.01
N LYS A 1 -13.55 -23.63 -21.76
CA LYS A 1 -14.04 -22.40 -21.07
C LYS A 1 -14.72 -22.80 -19.76
N SER A 2 -13.92 -22.83 -18.68
CA SER A 2 -14.42 -23.19 -17.35
C SER A 2 -13.55 -22.55 -16.25
N PRO A 3 -14.12 -22.15 -15.08
CA PRO A 3 -13.32 -21.52 -13.98
C PRO A 3 -12.16 -22.41 -13.56
N LEU A 4 -11.00 -21.79 -13.30
CA LEU A 4 -9.79 -22.52 -12.92
C LEU A 4 -9.48 -22.35 -11.43
N GLN A 5 -9.53 -23.46 -10.70
CA GLN A 5 -9.22 -23.47 -9.27
C GLN A 5 -8.85 -24.88 -8.82
N GLN A 6 -8.20 -24.97 -7.65
CA GLN A 6 -7.80 -26.28 -7.12
C GLN A 6 -9.02 -27.07 -6.68
N GLU A 7 -9.09 -28.34 -7.14
CA GLU A 7 -10.22 -29.20 -6.79
C GLU A 7 -10.35 -29.37 -5.25
N PRO A 8 -9.24 -29.65 -4.50
CA PRO A 8 -9.32 -29.79 -3.02
C PRO A 8 -9.40 -28.43 -2.32
N SER A 9 -10.63 -28.02 -1.96
CA SER A 9 -10.85 -26.74 -1.28
C SER A 9 -10.44 -26.80 0.21
N GLN A 10 -10.04 -27.98 0.68
CA GLN A 10 -9.63 -28.17 2.07
C GLN A 10 -8.33 -27.39 2.37
N PRO A 11 -8.09 -26.98 3.63
CA PRO A 11 -6.86 -26.19 3.98
C PRO A 11 -5.58 -26.88 3.51
N SER A 12 -4.65 -26.07 3.00
CA SER A 12 -3.38 -26.57 2.49
C SER A 12 -2.47 -27.05 3.65
N PRO A 13 -1.49 -27.94 3.39
CA PRO A 13 -0.58 -28.47 4.47
C PRO A 13 0.38 -27.37 5.00
N PRO A 14 0.79 -27.41 6.29
CA PRO A 14 1.73 -26.39 6.87
C PRO A 14 3.06 -26.33 6.12
N SER A 15 3.60 -25.11 6.01
CA SER A 15 4.89 -24.89 5.35
C SER A 15 5.80 -23.99 6.24
N PRO A 16 6.99 -24.46 6.68
CA PRO A 16 7.90 -23.64 7.55
C PRO A 16 8.33 -22.31 6.87
N PRO A 17 8.34 -21.16 7.60
CA PRO A 17 8.77 -19.85 7.01
C PRO A 17 10.30 -19.77 6.88
N ILE A 18 10.77 -19.09 5.83
CA ILE A 18 12.21 -18.91 5.61
C ILE A 18 12.54 -17.42 5.48
N CYS A 19 13.39 -16.92 6.37
CA CYS A 19 13.81 -15.50 6.34
C CYS A 19 12.60 -14.57 6.21
N MET A 20 12.18 -13.98 7.33
CA MET A 20 11.03 -13.10 7.36
C MET A 20 11.23 -11.90 6.42
N MET A 21 12.40 -11.24 6.53
CA MET A 21 12.69 -10.08 5.69
C MET A 21 12.62 -10.45 4.20
N ASN A 22 13.27 -11.57 3.85
CA ASN A 22 13.34 -12.02 2.45
C ASN A 22 11.95 -12.31 1.91
N ALA A 23 11.12 -12.95 2.71
CA ALA A 23 9.75 -13.28 2.31
C ALA A 23 8.96 -12.01 1.99
N LEU A 24 9.11 -10.99 2.84
CA LEU A 24 8.45 -9.70 2.63
C LEU A 24 8.98 -9.02 1.37
N VAL A 25 10.30 -9.10 1.18
CA VAL A 25 10.96 -8.50 0.02
C VAL A 25 10.50 -9.16 -1.27
N ARG A 26 10.40 -10.50 -1.24
CA ARG A 26 10.00 -11.27 -2.41
C ARG A 26 8.61 -10.84 -2.85
N ALA A 27 7.69 -10.73 -1.89
CA ALA A 27 6.33 -10.29 -2.16
C ALA A 27 6.34 -8.87 -2.72
N LEU A 28 7.19 -8.02 -2.12
CA LEU A 28 7.31 -6.63 -2.54
C LEU A 28 7.80 -6.54 -3.99
N THR A 29 8.81 -7.34 -4.32
CA THR A 29 9.39 -7.37 -5.67
C THR A 29 8.41 -7.99 -6.66
N ASP A 30 7.64 -8.98 -6.19
CA ASP A 30 6.64 -9.64 -7.04
C ASP A 30 5.55 -8.65 -7.46
N SER A 31 5.17 -7.77 -6.53
CA SER A 31 4.12 -6.80 -6.78
C SER A 31 4.68 -5.48 -7.36
N THR A 32 5.16 -5.56 -8.61
CA THR A 32 5.68 -4.40 -9.31
C THR A 32 5.85 -4.69 -10.83
N PRO A 33 5.62 -3.70 -11.73
CA PRO A 33 5.75 -3.91 -13.21
C PRO A 33 7.15 -4.36 -13.61
N ARG A 34 7.23 -5.27 -14.58
CA ARG A 34 8.51 -5.76 -15.08
C ARG A 34 8.80 -5.21 -16.48
N ASP A 35 7.75 -5.08 -17.29
CA ASP A 35 7.86 -4.56 -18.66
C ASP A 35 7.52 -3.06 -18.73
N LEU A 36 6.71 -2.58 -17.77
CA LEU A 36 6.28 -1.17 -17.73
C LEU A 36 5.40 -0.83 -18.92
N ASP A 37 4.36 -0.02 -18.66
CA ASP A 37 3.42 0.39 -19.69
C ASP A 37 3.40 1.92 -19.87
N TYR A 38 3.59 2.36 -21.11
CA TYR A 38 3.58 3.80 -21.46
C TYR A 38 2.42 4.13 -22.44
N SER A 39 1.40 3.27 -22.48
CA SER A 39 0.27 3.44 -23.40
C SER A 39 -0.48 4.76 -23.18
N ARG A 40 -0.74 5.12 -21.91
CA ARG A 40 -1.52 6.32 -21.58
C ARG A 40 -0.63 7.49 -21.10
N TYR A 41 0.67 7.44 -21.42
CA TYR A 41 1.59 8.50 -21.02
C TYR A 41 1.53 9.67 -22.02
N CYS A 42 1.09 10.84 -21.53
CA CYS A 42 0.99 12.04 -22.37
C CYS A 42 1.59 13.26 -21.64
N PRO A 43 2.17 14.25 -22.37
CA PRO A 43 2.75 15.48 -21.72
C PRO A 43 1.65 16.41 -21.20
N THR A 44 0.52 16.44 -21.92
CA THR A 44 -0.62 17.28 -21.55
C THR A 44 -1.92 16.47 -21.63
N ASP A 45 -2.73 16.56 -20.57
CA ASP A 45 -4.02 15.87 -20.51
C ASP A 45 -5.14 16.84 -20.12
N GLN A 46 -6.00 17.16 -21.11
CA GLN A 46 -7.11 18.09 -20.88
C GLN A 46 -8.04 17.59 -19.77
N ALA A 47 -8.58 18.54 -18.99
CA ALA A 47 -9.47 18.21 -17.88
C ALA A 47 -10.90 18.79 -18.10
N ALA A 48 -11.53 18.42 -19.25
CA ALA A 48 -12.90 18.87 -19.59
C ALA A 48 -13.25 18.58 -21.07
N ALA A 49 -13.85 17.39 -21.33
CA ALA A 49 -14.26 16.96 -22.69
C ALA A 49 -14.64 15.47 -22.69
N GLY A 50 -15.42 15.07 -21.68
CA GLY A 50 -15.78 13.65 -21.48
C GLY A 50 -14.71 12.93 -20.62
N THR A 51 -13.58 13.63 -20.39
CA THR A 51 -12.48 13.12 -19.59
C THR A 51 -12.94 12.71 -18.19
N ASP A 52 -13.95 13.40 -17.68
CA ASP A 52 -14.47 13.16 -16.34
C ASP A 52 -14.93 11.71 -16.15
N ALA A 53 -15.93 11.29 -16.93
CA ALA A 53 -16.46 9.94 -16.84
C ALA A 53 -15.40 8.88 -17.16
N GLU A 54 -14.60 9.14 -18.21
CA GLU A 54 -13.56 8.20 -18.62
C GLU A 54 -12.50 8.04 -17.52
N HIS A 55 -12.12 9.16 -16.91
CA HIS A 55 -11.13 9.17 -15.83
C HIS A 55 -11.64 8.49 -14.56
N VAL A 56 -12.92 8.69 -14.24
CA VAL A 56 -13.51 8.06 -13.03
C VAL A 56 -13.54 6.54 -13.23
N GLN A 57 -13.96 6.10 -14.43
CA GLN A 57 -14.00 4.67 -14.75
C GLN A 57 -12.59 4.07 -14.68
N GLN A 58 -11.64 4.77 -15.29
CA GLN A 58 -10.25 4.34 -15.29
C GLN A 58 -9.71 4.33 -13.85
N PHE A 59 -10.13 5.30 -13.07
CA PHE A 59 -9.71 5.46 -11.70
C PHE A 59 -10.05 4.21 -10.88
N TYR A 60 -11.31 3.77 -10.97
CA TYR A 60 -11.76 2.60 -10.21
C TYR A 60 -11.18 1.28 -10.72
N ASN A 61 -11.08 1.11 -12.06
CA ASN A 61 -10.56 -0.17 -12.60
C ASN A 61 -9.09 -0.34 -12.26
N LEU A 62 -8.35 0.78 -12.16
CA LEU A 62 -6.95 0.75 -11.73
C LEU A 62 -6.89 0.31 -10.27
N LEU A 63 -7.83 0.84 -9.46
CA LEU A 63 -7.93 0.48 -8.05
C LEU A 63 -8.26 -1.00 -7.89
N THR A 64 -9.16 -1.50 -8.76
CA THR A 64 -9.56 -2.90 -8.72
C THR A 64 -8.34 -3.80 -8.94
N ALA A 65 -7.53 -3.44 -9.95
CA ALA A 65 -6.31 -4.18 -10.27
C ALA A 65 -5.32 -4.10 -9.10
N SER A 66 -5.21 -2.91 -8.50
CA SER A 66 -4.27 -2.68 -7.40
C SER A 66 -4.65 -3.46 -6.14
N ILE A 67 -5.98 -3.55 -5.84
CA ILE A 67 -6.43 -4.25 -4.64
C ILE A 67 -6.18 -5.76 -4.75
N ASP A 68 -6.38 -6.33 -5.95
CA ASP A 68 -6.11 -7.75 -6.17
C ASP A 68 -4.62 -8.04 -5.96
N VAL A 69 -3.79 -7.12 -6.46
CA VAL A 69 -2.35 -7.22 -6.30
C VAL A 69 -2.01 -7.12 -4.81
N SER A 70 -2.68 -6.18 -4.11
CA SER A 70 -2.47 -5.99 -2.68
C SER A 70 -2.84 -7.26 -1.92
N ARG A 71 -3.95 -7.91 -2.32
CA ARG A 71 -4.37 -9.16 -1.69
C ARG A 71 -3.34 -10.24 -1.87
N SER A 72 -2.83 -10.37 -3.10
CA SER A 72 -1.82 -11.37 -3.39
C SER A 72 -0.53 -11.06 -2.62
N TRP A 73 -0.20 -9.77 -2.53
CA TRP A 73 0.98 -9.31 -1.80
C TRP A 73 0.84 -9.68 -0.31
N ALA A 74 -0.32 -9.40 0.27
CA ALA A 74 -0.59 -9.71 1.67
C ALA A 74 -0.52 -11.22 1.92
N GLU A 75 -1.06 -11.98 0.96
CA GLU A 75 -1.11 -13.44 1.05
C GLU A 75 0.29 -14.06 1.10
N LYS A 76 1.24 -13.47 0.37
CA LYS A 76 2.63 -13.98 0.32
C LYS A 76 3.37 -13.78 1.65
N ILE A 77 2.92 -12.81 2.44
CA ILE A 77 3.59 -12.47 3.71
C ILE A 77 3.46 -13.65 4.73
N PRO A 78 4.58 -14.18 5.30
CA PRO A 78 4.52 -15.29 6.31
C PRO A 78 3.74 -14.87 7.56
N GLY A 79 2.88 -15.77 8.05
CA GLY A 79 2.08 -15.52 9.26
C GLY A 79 0.76 -14.81 8.95
N PHE A 80 0.63 -14.28 7.74
CA PHE A 80 -0.60 -13.59 7.32
C PHE A 80 -1.77 -14.57 7.29
N THR A 81 -1.51 -15.75 6.73
CA THR A 81 -2.53 -16.79 6.57
C THR A 81 -3.05 -17.30 7.93
N ASP A 82 -2.15 -17.45 8.91
CA ASP A 82 -2.51 -18.04 10.22
C ASP A 82 -3.57 -17.21 10.98
N LEU A 83 -3.78 -15.97 10.53
CA LEU A 83 -4.72 -15.05 11.20
C LEU A 83 -6.16 -15.40 10.78
N PRO A 84 -7.18 -15.16 11.65
CA PRO A 84 -8.61 -15.38 11.27
C PRO A 84 -8.90 -14.83 9.86
N LYS A 85 -9.87 -15.45 9.18
CA LYS A 85 -10.21 -15.06 7.81
C LYS A 85 -10.64 -13.60 7.77
N GLU A 86 -11.49 -13.21 8.71
CA GLU A 86 -12.00 -11.85 8.76
C GLU A 86 -10.87 -10.84 8.97
N ASP A 87 -9.87 -11.19 9.79
CA ASP A 87 -8.73 -10.29 10.07
C ASP A 87 -8.01 -9.97 8.78
N GLN A 88 -7.77 -11.02 8.00
CA GLN A 88 -7.03 -10.89 6.76
C GLN A 88 -7.74 -9.93 5.81
N THR A 89 -9.08 -10.08 5.73
CA THR A 89 -9.91 -9.21 4.88
C THR A 89 -9.90 -7.76 5.40
N LEU A 90 -10.05 -7.59 6.72
CA LEU A 90 -10.09 -6.26 7.35
C LEU A 90 -8.77 -5.52 7.15
N LEU A 91 -7.66 -6.22 7.34
CA LEU A 91 -6.34 -5.62 7.21
C LEU A 91 -6.12 -5.09 5.80
N ILE A 92 -6.50 -5.89 4.81
CA ILE A 92 -6.34 -5.51 3.41
C ILE A 92 -7.25 -4.34 3.04
N GLU A 93 -8.53 -4.43 3.44
CA GLU A 93 -9.52 -3.40 3.10
C GLU A 93 -9.16 -2.05 3.71
N SER A 94 -8.78 -2.07 4.99
CA SER A 94 -8.41 -0.85 5.71
C SER A 94 -7.07 -0.29 5.23
N ALA A 95 -6.14 -1.19 4.93
CA ALA A 95 -4.78 -0.82 4.53
C ALA A 95 -4.60 -0.66 3.01
N PHE A 96 -5.66 -0.89 2.24
CA PHE A 96 -5.57 -0.78 0.77
C PHE A 96 -5.13 0.63 0.35
N LEU A 97 -5.79 1.67 0.89
CA LEU A 97 -5.46 3.05 0.53
C LEU A 97 -4.03 3.41 0.93
N GLU A 98 -3.63 2.99 2.14
CA GLU A 98 -2.28 3.29 2.64
C GLU A 98 -1.20 2.56 1.84
N LEU A 99 -1.45 1.29 1.55
CA LEU A 99 -0.50 0.47 0.78
C LEU A 99 -0.33 1.02 -0.63
N PHE A 100 -1.45 1.41 -1.24
CA PHE A 100 -1.43 1.98 -2.58
C PHE A 100 -0.61 3.27 -2.60
N VAL A 101 -0.87 4.14 -1.64
CA VAL A 101 -0.16 5.42 -1.54
C VAL A 101 1.34 5.20 -1.29
N LEU A 102 1.66 4.34 -0.32
CA LEU A 102 3.04 4.07 0.05
C LEU A 102 3.81 3.46 -1.11
N ARG A 103 3.22 2.44 -1.71
CA ARG A 103 3.82 1.72 -2.83
C ARG A 103 3.92 2.60 -4.07
N LEU A 104 2.89 3.40 -4.31
CA LEU A 104 2.83 4.28 -5.47
C LEU A 104 3.96 5.31 -5.44
N SER A 105 4.20 5.89 -4.26
CA SER A 105 5.21 6.92 -4.09
C SER A 105 6.62 6.39 -4.41
N ILE A 106 6.90 5.16 -3.98
CA ILE A 106 8.21 4.54 -4.21
C ILE A 106 8.45 4.27 -5.71
N ARG A 107 7.44 3.68 -6.36
CA ARG A 107 7.53 3.31 -7.78
C ARG A 107 7.45 4.55 -8.71
N SER A 108 6.65 5.54 -8.29
CA SER A 108 6.42 6.76 -9.07
C SER A 108 7.66 7.66 -9.13
N ASN A 109 7.73 8.45 -10.20
CA ASN A 109 8.86 9.38 -10.42
C ASN A 109 8.38 10.84 -10.30
N THR A 110 8.71 11.49 -9.18
CA THR A 110 8.27 12.88 -8.91
C THR A 110 8.97 13.87 -9.83
N ALA A 111 10.25 13.60 -10.13
CA ALA A 111 11.03 14.48 -11.01
C ALA A 111 10.38 14.57 -12.38
N GLU A 112 9.87 13.43 -12.83
CA GLU A 112 9.17 13.32 -14.12
C GLU A 112 7.67 13.67 -13.98
N ASP A 113 7.18 13.81 -12.73
CA ASP A 113 5.76 14.11 -12.48
C ASP A 113 4.87 13.02 -13.11
N LYS A 114 5.34 11.78 -13.05
CA LYS A 114 4.60 10.63 -13.55
C LYS A 114 4.37 9.63 -12.44
N PHE A 115 3.22 8.94 -12.49
CA PHE A 115 2.89 7.93 -11.49
C PHE A 115 2.92 6.55 -12.10
N VAL A 116 3.69 5.66 -11.49
CA VAL A 116 3.83 4.29 -11.98
C VAL A 116 3.01 3.35 -11.10
N PHE A 117 2.10 2.61 -11.73
CA PHE A 117 1.20 1.70 -11.01
C PHE A 117 1.69 0.25 -11.10
N CYS A 118 1.11 -0.61 -10.28
CA CYS A 118 1.50 -2.03 -10.24
C CYS A 118 1.30 -2.70 -11.60
N ASN A 119 0.45 -2.11 -12.45
CA ASN A 119 0.18 -2.66 -13.79
C ASN A 119 1.15 -2.10 -14.85
N GLY A 120 2.07 -1.21 -14.43
CA GLY A 120 3.05 -0.60 -15.34
C GLY A 120 2.53 0.68 -15.99
N LEU A 121 1.22 0.95 -15.85
CA LEU A 121 0.61 2.12 -16.45
C LEU A 121 1.22 3.39 -15.87
N VAL A 122 1.63 4.29 -16.76
CA VAL A 122 2.27 5.55 -16.35
C VAL A 122 1.37 6.74 -16.69
N LEU A 123 0.99 7.51 -15.67
CA LEU A 123 0.13 8.68 -15.85
C LEU A 123 0.88 9.96 -15.47
N HIS A 124 0.91 10.91 -16.39
CA HIS A 124 1.64 12.15 -16.21
C HIS A 124 0.87 13.15 -15.33
N ARG A 125 1.16 13.13 -14.02
CA ARG A 125 0.58 14.09 -13.01
C ARG A 125 -0.84 14.61 -13.37
N LEU A 126 -0.93 15.47 -14.40
CA LEU A 126 -2.18 16.04 -14.86
C LEU A 126 -3.18 14.95 -15.27
N GLN A 127 -2.66 13.80 -15.72
CA GLN A 127 -3.51 12.68 -16.14
C GLN A 127 -4.40 12.20 -14.99
N CYS A 128 -3.82 12.16 -13.77
CA CYS A 128 -4.60 11.76 -12.57
C CYS A 128 -5.09 12.98 -11.77
N LEU A 129 -4.49 14.15 -12.04
CA LEU A 129 -4.90 15.41 -11.38
C LEU A 129 -6.38 15.71 -11.68
N ARG A 130 -6.85 15.23 -12.83
CA ARG A 130 -8.21 15.47 -13.29
C ARG A 130 -9.24 15.02 -12.24
N GLY A 131 -8.93 13.92 -11.53
CA GLY A 131 -9.85 13.37 -10.54
C GLY A 131 -9.25 13.44 -9.16
N PHE A 132 -8.07 12.80 -9.00
CA PHE A 132 -7.39 12.80 -7.72
C PHE A 132 -7.03 14.21 -7.32
N GLY A 133 -6.60 15.01 -8.30
CA GLY A 133 -6.29 16.41 -8.05
C GLY A 133 -5.26 16.57 -6.96
N GLU A 134 -5.65 17.30 -5.93
CA GLU A 134 -4.78 17.55 -4.79
C GLU A 134 -4.35 16.24 -4.13
N TRP A 135 -5.19 15.18 -4.24
CA TRP A 135 -4.84 13.89 -3.61
C TRP A 135 -3.56 13.35 -4.22
N LEU A 136 -3.48 13.42 -5.55
CA LEU A 136 -2.31 12.95 -6.28
C LEU A 136 -1.10 13.84 -5.94
N ASP A 137 -1.32 15.16 -5.92
CA ASP A 137 -0.24 16.12 -5.68
C ASP A 137 0.41 15.87 -4.33
N SER A 138 -0.40 15.56 -3.32
CA SER A 138 0.10 15.27 -1.98
C SER A 138 1.03 14.05 -2.02
N ILE A 139 0.64 13.05 -2.83
CA ILE A 139 1.43 11.82 -2.97
C ILE A 139 2.81 12.13 -3.54
N LYS A 140 2.85 12.98 -4.57
CA LYS A 140 4.11 13.36 -5.20
C LYS A 140 5.02 14.04 -4.18
N ASP A 141 4.43 14.96 -3.37
CA ASP A 141 5.18 15.65 -2.32
C ASP A 141 5.68 14.65 -1.27
N PHE A 142 4.80 13.69 -0.92
CA PHE A 142 5.13 12.65 0.06
C PHE A 142 6.32 11.81 -0.45
N SER A 143 6.26 11.45 -1.73
CA SER A 143 7.29 10.64 -2.35
C SER A 143 8.65 11.34 -2.27
N LEU A 144 8.65 12.67 -2.49
CA LEU A 144 9.88 13.45 -2.43
C LEU A 144 10.48 13.32 -1.03
N ASN A 145 9.63 13.44 -0.01
CA ASN A 145 10.05 13.30 1.38
C ASN A 145 10.60 11.89 1.63
N LEU A 146 9.92 10.89 1.05
CA LEU A 146 10.33 9.50 1.17
C LEU A 146 11.73 9.28 0.57
N GLN A 147 11.96 9.90 -0.60
CA GLN A 147 13.24 9.80 -1.28
C GLN A 147 14.36 10.38 -0.44
N SER A 148 14.06 11.47 0.27
CA SER A 148 15.04 12.11 1.15
C SER A 148 15.48 11.14 2.24
N LEU A 149 14.51 10.38 2.78
CA LEU A 149 14.80 9.38 3.80
C LEU A 149 15.72 8.29 3.24
N ASN A 150 15.49 7.93 1.97
CA ASN A 150 16.27 6.89 1.28
C ASN A 150 15.88 5.49 1.73
N LEU A 151 16.16 5.18 3.00
CA LEU A 151 15.83 3.86 3.55
C LEU A 151 16.41 2.75 2.66
N ASP A 152 16.17 1.48 3.05
CA ASP A 152 16.65 0.33 2.28
C ASP A 152 15.49 -0.47 1.70
N ILE A 153 15.83 -1.41 0.83
CA ILE A 153 14.83 -2.28 0.19
C ILE A 153 14.11 -3.09 1.26
N GLN A 154 14.91 -3.70 2.11
CA GLN A 154 14.43 -4.57 3.17
C GLN A 154 13.63 -3.78 4.20
N ALA A 155 14.12 -2.58 4.52
CA ALA A 155 13.44 -1.71 5.49
C ALA A 155 12.05 -1.33 4.98
N LEU A 156 11.96 -1.05 3.68
CA LEU A 156 10.69 -0.71 3.05
C LEU A 156 9.72 -1.89 3.08
N ALA A 157 10.27 -3.11 2.90
CA ALA A 157 9.45 -4.32 2.89
C ALA A 157 8.71 -4.50 4.22
N CYS A 158 9.44 -4.32 5.34
CA CYS A 158 8.82 -4.43 6.66
C CYS A 158 7.82 -3.30 6.90
N LEU A 159 8.18 -2.09 6.46
CA LEU A 159 7.30 -0.91 6.62
C LEU A 159 6.00 -1.09 5.85
N SER A 160 6.09 -1.64 4.64
CA SER A 160 4.89 -1.90 3.83
C SER A 160 4.00 -2.90 4.55
N ALA A 161 4.62 -3.91 5.16
CA ALA A 161 3.91 -4.89 5.96
C ALA A 161 3.29 -4.22 7.20
N LEU A 162 4.06 -3.27 7.79
CA LEU A 162 3.61 -2.52 8.96
C LEU A 162 2.37 -1.70 8.65
N SER A 163 2.34 -1.08 7.47
CA SER A 163 1.17 -0.32 7.05
C SER A 163 -0.03 -1.27 6.86
N MET A 164 0.27 -2.46 6.33
CA MET A 164 -0.75 -3.49 6.12
C MET A 164 -1.31 -3.99 7.47
N ILE A 165 -0.43 -4.11 8.46
CA ILE A 165 -0.79 -4.66 9.77
C ILE A 165 -0.84 -3.55 10.84
N THR A 166 -2.04 -3.33 11.38
CA THR A 166 -2.25 -2.34 12.43
C THR A 166 -3.62 -2.54 13.08
N GLU A 167 -3.75 -2.13 14.35
CA GLU A 167 -5.03 -2.25 15.06
C GLU A 167 -6.06 -1.29 14.43
N ARG A 168 -7.23 -1.84 14.07
CA ARG A 168 -8.28 -1.06 13.41
C ARG A 168 -9.54 -0.90 14.35
N HIS A 169 -10.67 -1.58 14.03
CA HIS A 169 -11.89 -1.51 14.84
C HIS A 169 -12.70 -2.78 14.66
N GLY A 170 -13.07 -3.42 15.77
CA GLY A 170 -13.81 -4.69 15.72
C GLY A 170 -12.92 -5.79 15.13
N LEU A 171 -11.60 -5.65 15.34
CA LEU A 171 -10.61 -6.56 14.80
C LEU A 171 -10.74 -7.97 15.34
N LYS A 172 -10.37 -8.95 14.51
CA LYS A 172 -10.31 -10.31 14.99
C LYS A 172 -9.08 -10.48 15.82
N GLU A 173 -9.29 -10.49 17.11
CA GLU A 173 -8.20 -10.75 17.98
C GLU A 173 -7.14 -9.63 17.72
N PRO A 174 -7.28 -8.44 18.33
CA PRO A 174 -6.30 -7.32 18.12
C PRO A 174 -4.88 -7.87 18.19
N LYS A 175 -4.75 -8.85 19.06
CA LYS A 175 -3.52 -9.51 19.30
C LYS A 175 -3.01 -10.30 18.09
N ARG A 176 -3.93 -10.84 17.19
CA ARG A 176 -3.44 -11.52 15.99
C ARG A 176 -2.75 -10.52 15.10
N VAL A 177 -3.39 -9.36 14.92
CA VAL A 177 -2.82 -8.28 14.11
C VAL A 177 -1.52 -7.75 14.76
N GLU A 178 -1.55 -7.58 16.08
CA GLU A 178 -0.39 -7.09 16.85
C GLU A 178 0.77 -8.07 16.79
N GLU A 179 0.44 -9.35 16.79
CA GLU A 179 1.43 -10.42 16.73
C GLU A 179 2.26 -10.25 15.47
N LEU A 180 1.56 -10.01 14.38
CA LEU A 180 2.18 -9.79 13.08
C LEU A 180 3.02 -8.52 13.10
N CYS A 181 2.50 -7.49 13.76
CA CYS A 181 3.21 -6.22 13.87
C CYS A 181 4.55 -6.44 14.56
N ASN A 182 4.53 -7.19 15.67
CA ASN A 182 5.75 -7.54 16.41
C ASN A 182 6.69 -8.37 15.52
N LYS A 183 6.11 -9.28 14.73
CA LYS A 183 6.87 -10.14 13.83
C LYS A 183 7.64 -9.33 12.77
N ILE A 184 6.97 -8.34 12.20
CA ILE A 184 7.58 -7.48 11.19
C ILE A 184 8.68 -6.64 11.84
N THR A 185 8.39 -6.13 13.04
CA THR A 185 9.35 -5.30 13.77
C THR A 185 10.58 -6.12 14.17
N SER A 186 10.40 -7.43 14.40
CA SER A 186 11.53 -8.31 14.75
C SER A 186 12.53 -8.38 13.59
N SER A 187 12.00 -8.64 12.38
CA SER A 187 12.84 -8.66 11.16
C SER A 187 13.44 -7.30 10.89
N LEU A 188 12.59 -6.31 10.98
CA LEU A 188 12.96 -4.92 10.71
C LEU A 188 14.07 -4.45 11.65
N LYS A 189 13.87 -4.75 12.92
CA LYS A 189 14.81 -4.37 13.95
C LYS A 189 16.17 -5.01 13.68
N ASP A 190 16.15 -6.27 13.23
CA ASP A 190 17.37 -6.97 12.84
C ASP A 190 18.06 -6.22 11.71
N HIS A 191 17.25 -5.73 10.76
CA HIS A 191 17.76 -4.98 9.62
C HIS A 191 18.48 -3.72 10.10
N GLN A 192 17.87 -3.01 11.05
CA GLN A 192 18.45 -1.77 11.57
C GLN A 192 19.70 -2.05 12.42
N SER A 193 19.75 -3.25 13.04
CA SER A 193 20.90 -3.64 13.87
C SER A 193 22.14 -3.97 13.01
N LYS A 194 21.91 -4.32 11.74
CA LYS A 194 23.03 -4.65 10.82
C LYS A 194 23.50 -3.42 10.02
N GLY A 195 22.66 -2.38 9.96
CA GLY A 195 22.99 -1.16 9.24
C GLY A 195 24.07 -0.36 9.97
N GLN A 196 24.63 0.63 9.28
CA GLN A 196 25.70 1.46 9.85
C GLN A 196 25.20 2.26 11.05
N ALA A 197 26.07 2.38 12.06
CA ALA A 197 25.76 3.11 13.30
C ALA A 197 24.53 2.53 14.03
N LEU A 198 24.06 1.35 13.59
CA LEU A 198 22.91 0.68 14.24
C LEU A 198 21.76 1.68 14.56
N GLU A 199 21.70 2.78 13.80
CA GLU A 199 20.67 3.80 14.02
C GLU A 199 19.33 3.40 13.33
N PRO A 200 18.18 3.35 14.07
CA PRO A 200 16.86 3.04 13.46
C PRO A 200 16.25 4.29 12.82
N THR A 201 15.82 4.16 11.57
CA THR A 201 15.17 5.27 10.85
C THR A 201 13.65 5.27 11.08
N GLU A 202 13.18 4.47 12.04
CA GLU A 202 11.76 4.33 12.34
C GLU A 202 11.16 5.65 12.79
N SER A 203 11.91 6.42 13.60
CA SER A 203 11.40 7.70 14.13
C SER A 203 11.08 8.65 12.98
N LYS A 204 11.98 8.70 12.00
CA LYS A 204 11.77 9.52 10.81
C LYS A 204 10.54 9.01 10.04
N VAL A 205 10.39 7.70 9.98
CA VAL A 205 9.26 7.04 9.35
C VAL A 205 7.97 7.41 10.04
N LEU A 206 7.99 7.49 11.39
CA LEU A 206 6.77 7.80 12.15
C LEU A 206 6.24 9.19 11.81
N GLY A 207 7.15 10.16 11.58
CA GLY A 207 6.73 11.52 11.19
C GLY A 207 6.07 11.50 9.81
N ALA A 208 6.64 10.70 8.91
CA ALA A 208 6.10 10.53 7.56
C ALA A 208 4.89 9.59 7.57
N LEU A 209 4.76 8.78 8.64
CA LEU A 209 3.66 7.86 8.78
C LEU A 209 2.38 8.65 9.03
N VAL A 210 2.50 9.69 9.89
CA VAL A 210 1.38 10.58 10.17
C VAL A 210 0.97 11.26 8.86
N GLU A 211 1.97 11.74 8.10
CA GLU A 211 1.70 12.36 6.79
C GLU A 211 1.02 11.34 5.86
N LEU A 212 1.47 10.08 5.92
CA LEU A 212 0.88 9.00 5.11
C LEU A 212 -0.59 8.82 5.48
N ARG A 213 -0.89 8.90 6.79
CA ARG A 213 -2.26 8.77 7.28
C ARG A 213 -3.14 9.88 6.72
N LYS A 214 -2.56 11.09 6.61
CA LYS A 214 -3.29 12.24 6.10
C LYS A 214 -3.73 11.94 4.67
N ILE A 215 -2.83 11.33 3.90
CA ILE A 215 -3.10 10.93 2.53
C ILE A 215 -4.20 9.84 2.53
N CYS A 216 -4.12 8.92 3.50
CA CYS A 216 -5.08 7.81 3.60
C CYS A 216 -6.50 8.33 3.83
N THR A 217 -6.63 9.32 4.71
CA THR A 217 -7.94 9.93 5.01
C THR A 217 -8.39 10.83 3.86
N LEU A 218 -7.42 11.51 3.24
CA LEU A 218 -7.67 12.37 2.09
C LEU A 218 -8.22 11.54 0.92
N GLY A 219 -7.66 10.33 0.75
CA GLY A 219 -8.10 9.41 -0.31
C GLY A 219 -9.57 9.07 -0.14
N LEU A 220 -9.98 8.80 1.11
CA LEU A 220 -11.38 8.49 1.41
C LEU A 220 -12.27 9.68 1.09
N GLN A 221 -11.80 10.89 1.42
CA GLN A 221 -12.55 12.12 1.17
C GLN A 221 -12.76 12.33 -0.32
N ARG A 222 -11.70 12.08 -1.11
CA ARG A 222 -11.74 12.26 -2.56
C ARG A 222 -12.79 11.34 -3.20
N ILE A 223 -12.78 10.08 -2.78
CA ILE A 223 -13.73 9.08 -3.31
C ILE A 223 -15.17 9.52 -3.00
N PHE A 224 -15.38 10.03 -1.78
CA PHE A 224 -16.70 10.48 -1.36
C PHE A 224 -17.18 11.60 -2.30
N TYR A 225 -16.31 12.58 -2.58
CA TYR A 225 -16.64 13.68 -3.48
C TYR A 225 -16.90 13.18 -4.90
N LEU A 226 -16.09 12.21 -5.34
CA LEU A 226 -16.24 11.63 -6.69
C LEU A 226 -17.60 10.97 -6.84
N LYS A 227 -18.03 10.25 -5.80
CA LYS A 227 -19.34 9.60 -5.78
C LYS A 227 -20.45 10.65 -5.85
N LEU A 228 -20.26 11.79 -5.16
CA LEU A 228 -21.23 12.88 -5.20
C LEU A 228 -21.34 13.41 -6.63
N GLU A 229 -20.20 13.54 -7.29
CA GLU A 229 -20.14 13.95 -8.70
C GLU A 229 -20.83 12.88 -9.58
N ASP A 230 -20.59 11.62 -9.22
CA ASP A 230 -21.15 10.47 -9.93
C ASP A 230 -20.44 10.21 -11.29
N LEU A 231 -21.11 10.53 -12.45
CA LEU A 231 -20.55 10.26 -13.80
C LEU A 231 -20.62 8.75 -14.07
N VAL A 232 -19.87 8.02 -13.27
CA VAL A 232 -19.86 6.56 -13.30
C VAL A 232 -19.70 6.07 -11.85
N SER A 233 -20.69 5.30 -11.37
CA SER A 233 -20.71 4.85 -9.97
C SER A 233 -19.54 3.90 -9.68
N PRO A 234 -19.00 3.89 -8.43
CA PRO A 234 -17.88 2.96 -8.06
C PRO A 234 -18.25 1.47 -8.29
N PRO A 235 -17.25 0.60 -8.53
CA PRO A 235 -17.48 -0.86 -8.66
C PRO A 235 -17.82 -1.45 -7.29
N SER A 236 -18.40 -2.65 -7.30
CA SER A 236 -18.84 -3.29 -6.05
C SER A 236 -17.68 -3.46 -5.07
N ILE A 237 -16.53 -3.86 -5.59
CA ILE A 237 -15.34 -4.11 -4.75
C ILE A 237 -14.88 -2.81 -4.05
N ILE A 238 -14.72 -1.74 -4.84
CA ILE A 238 -14.24 -0.46 -4.31
C ILE A 238 -15.28 0.20 -3.36
N ASP A 239 -16.54 0.25 -3.80
CA ASP A 239 -17.62 0.81 -2.96
C ASP A 239 -17.72 0.03 -1.65
N LYS A 240 -17.62 -1.31 -1.76
CA LYS A 240 -17.69 -2.18 -0.59
C LYS A 240 -16.58 -1.83 0.41
N LEU A 241 -15.37 -1.62 -0.12
CA LEU A 241 -14.22 -1.29 0.71
C LEU A 241 -14.47 -0.01 1.51
N PHE A 242 -15.04 0.99 0.84
CA PHE A 242 -15.36 2.26 1.49
C PHE A 242 -16.33 2.01 2.66
N LEU A 243 -17.35 1.20 2.39
CA LEU A 243 -18.36 0.85 3.40
C LEU A 243 -17.72 0.07 4.55
N ASP A 244 -16.80 -0.82 4.21
CA ASP A 244 -16.12 -1.68 5.20
C ASP A 244 -15.38 -0.83 6.23
N THR A 245 -14.74 0.24 5.76
CA THR A 245 -13.98 1.14 6.63
C THR A 245 -14.90 2.17 7.26
N LEU A 246 -15.34 1.90 8.49
CA LEU A 246 -16.24 2.79 9.21
C LEU A 246 -15.60 4.18 9.48
N PRO A 247 -14.34 4.26 9.96
CA PRO A 247 -13.67 5.57 10.24
C PRO A 247 -13.86 6.55 9.09
N PHE A 248 -14.32 7.72 9.46
CA PHE A 248 -14.56 8.80 8.49
C PHE A 248 -13.46 9.85 8.55
N LYS A 1 -27.89 -23.79 25.31
CA LYS A 1 -27.66 -22.85 26.44
C LYS A 1 -26.27 -23.11 27.03
N SER A 2 -25.78 -22.16 27.83
CA SER A 2 -24.46 -22.29 28.48
C SER A 2 -23.36 -22.70 27.43
N PRO A 3 -23.01 -21.79 26.49
CA PRO A 3 -21.98 -22.11 25.44
C PRO A 3 -20.58 -22.30 26.05
N LEU A 4 -19.79 -23.17 25.43
CA LEU A 4 -18.44 -23.48 25.91
C LEU A 4 -17.43 -22.43 25.45
N GLN A 5 -16.46 -22.13 26.32
CA GLN A 5 -15.41 -21.14 26.02
C GLN A 5 -14.03 -21.73 26.31
N GLN A 6 -13.01 -21.20 25.62
CA GLN A 6 -11.64 -21.68 25.80
C GLN A 6 -10.64 -20.53 25.69
N GLU A 7 -9.42 -20.75 26.24
CA GLU A 7 -8.37 -19.73 26.22
C GLU A 7 -7.03 -20.32 25.68
N PRO A 8 -6.94 -20.64 24.36
CA PRO A 8 -5.69 -21.20 23.76
C PRO A 8 -4.50 -20.25 23.93
N SER A 9 -3.31 -20.81 24.17
CA SER A 9 -2.10 -20.01 24.35
C SER A 9 -0.92 -20.63 23.58
N GLN A 10 -0.33 -19.83 22.69
CA GLN A 10 0.80 -20.28 21.88
C GLN A 10 1.78 -19.12 21.59
N PRO A 11 2.65 -18.74 22.56
CA PRO A 11 3.64 -17.63 22.35
C PRO A 11 4.75 -18.04 21.38
N SER A 12 5.25 -17.07 20.62
CA SER A 12 6.31 -17.33 19.64
C SER A 12 5.92 -18.52 18.71
N PRO A 13 4.91 -18.36 17.83
CA PRO A 13 4.44 -19.47 16.94
C PRO A 13 5.47 -19.82 15.83
N PRO A 14 5.48 -21.08 15.33
CA PRO A 14 6.42 -21.50 14.24
C PRO A 14 6.25 -20.65 12.98
N SER A 15 7.36 -20.47 12.24
CA SER A 15 7.33 -19.68 11.01
C SER A 15 7.90 -20.49 9.82
N PRO A 16 7.59 -20.11 8.55
CA PRO A 16 8.08 -20.85 7.35
C PRO A 16 9.62 -20.94 7.30
N PRO A 17 10.21 -22.00 6.70
CA PRO A 17 11.70 -22.16 6.61
C PRO A 17 12.37 -20.91 6.05
N ILE A 18 11.68 -20.26 5.09
CA ILE A 18 12.19 -19.03 4.49
C ILE A 18 12.17 -17.89 5.52
N CYS A 19 13.28 -17.15 5.60
CA CYS A 19 13.41 -16.05 6.56
C CYS A 19 12.33 -15.01 6.35
N MET A 20 11.88 -14.39 7.45
CA MET A 20 10.83 -13.37 7.40
C MET A 20 11.26 -12.21 6.51
N MET A 21 12.50 -11.72 6.74
CA MET A 21 13.04 -10.62 5.96
C MET A 21 13.08 -10.99 4.47
N ASN A 22 13.67 -12.15 4.18
CA ASN A 22 13.87 -12.59 2.82
C ASN A 22 12.55 -12.75 2.07
N ALA A 23 11.56 -13.35 2.73
CA ALA A 23 10.25 -13.58 2.12
C ALA A 23 9.60 -12.25 1.76
N LEU A 24 9.70 -11.28 2.67
CA LEU A 24 9.11 -9.95 2.46
C LEU A 24 9.77 -9.22 1.31
N VAL A 25 11.10 -9.34 1.21
CA VAL A 25 11.85 -8.71 0.13
C VAL A 25 11.42 -9.32 -1.22
N ARG A 26 11.28 -10.66 -1.22
CA ARG A 26 10.86 -11.36 -2.43
C ARG A 26 9.49 -10.86 -2.87
N ALA A 27 8.58 -10.77 -1.89
CA ALA A 27 7.23 -10.27 -2.16
C ALA A 27 7.26 -8.83 -2.66
N LEU A 28 8.13 -8.00 -2.04
CA LEU A 28 8.25 -6.60 -2.41
C LEU A 28 8.72 -6.48 -3.86
N THR A 29 9.73 -7.28 -4.21
CA THR A 29 10.26 -7.30 -5.59
C THR A 29 9.26 -7.95 -6.56
N ASP A 30 8.48 -8.90 -6.05
CA ASP A 30 7.50 -9.63 -6.87
C ASP A 30 6.41 -8.70 -7.41
N SER A 31 6.00 -7.71 -6.60
CA SER A 31 4.94 -6.78 -6.99
C SER A 31 5.54 -5.58 -7.77
N THR A 32 5.88 -5.84 -9.05
CA THR A 32 6.47 -4.80 -9.90
C THR A 32 6.20 -5.07 -11.41
N PRO A 33 5.98 -4.02 -12.23
CA PRO A 33 5.76 -4.19 -13.71
C PRO A 33 6.91 -4.96 -14.36
N ARG A 34 6.58 -5.83 -15.32
CA ARG A 34 7.58 -6.60 -16.06
C ARG A 34 7.58 -6.19 -17.52
N ASP A 35 6.37 -6.04 -18.07
CA ASP A 35 6.20 -5.65 -19.48
C ASP A 35 6.11 -4.12 -19.64
N LEU A 36 5.62 -3.43 -18.60
CA LEU A 36 5.47 -1.97 -18.62
C LEU A 36 4.49 -1.53 -19.71
N ASP A 37 3.79 -0.43 -19.46
CA ASP A 37 2.81 0.10 -20.42
C ASP A 37 2.90 1.62 -20.52
N TYR A 38 3.50 2.10 -21.62
CA TYR A 38 3.65 3.54 -21.88
C TYR A 38 2.67 4.04 -22.96
N SER A 39 1.73 3.17 -23.39
CA SER A 39 0.78 3.52 -24.44
C SER A 39 -0.11 4.69 -24.03
N ARG A 40 -0.56 4.68 -22.78
CA ARG A 40 -1.46 5.73 -22.27
C ARG A 40 -0.68 6.96 -21.78
N TYR A 41 0.64 6.84 -21.62
CA TYR A 41 1.47 7.96 -21.15
C TYR A 41 1.47 9.09 -22.19
N CYS A 42 1.18 10.32 -21.72
CA CYS A 42 1.16 11.49 -22.59
C CYS A 42 1.95 12.66 -21.95
N PRO A 43 2.57 13.55 -22.75
CA PRO A 43 3.36 14.71 -22.20
C PRO A 43 2.44 15.76 -21.58
N THR A 44 1.24 15.88 -22.14
CA THR A 44 0.23 16.84 -21.65
C THR A 44 -1.18 16.35 -21.98
N ASP A 45 -2.13 16.73 -21.12
CA ASP A 45 -3.54 16.33 -21.32
C ASP A 45 -4.49 17.27 -20.58
N GLN A 46 -5.44 17.84 -21.32
CA GLN A 46 -6.43 18.75 -20.73
C GLN A 46 -7.44 17.99 -19.87
N ALA A 47 -8.33 18.73 -19.21
CA ALA A 47 -9.33 18.14 -18.31
C ALA A 47 -10.64 18.92 -18.34
N ALA A 48 -11.74 18.27 -17.90
CA ALA A 48 -13.09 18.90 -17.82
C ALA A 48 -13.76 19.04 -19.19
N ALA A 49 -14.43 17.96 -19.61
CA ALA A 49 -15.18 17.92 -20.90
C ALA A 49 -15.81 16.52 -21.09
N GLY A 50 -16.30 15.95 -19.98
CA GLY A 50 -16.83 14.57 -19.98
C GLY A 50 -15.70 13.57 -19.63
N THR A 51 -14.46 14.02 -19.83
CA THR A 51 -13.26 13.27 -19.52
C THR A 51 -13.19 12.89 -18.04
N ASP A 52 -13.77 13.73 -17.18
CA ASP A 52 -13.76 13.47 -15.75
C ASP A 52 -14.48 12.17 -15.43
N ALA A 53 -15.68 12.00 -16.01
CA ALA A 53 -16.47 10.79 -15.81
C ALA A 53 -15.72 9.56 -16.30
N GLU A 54 -15.10 9.69 -17.48
CA GLU A 54 -14.34 8.57 -18.06
C GLU A 54 -13.11 8.23 -17.22
N HIS A 55 -12.43 9.28 -16.72
CA HIS A 55 -11.20 9.08 -15.92
C HIS A 55 -11.55 8.50 -14.55
N VAL A 56 -12.67 8.94 -13.98
CA VAL A 56 -13.14 8.44 -12.68
C VAL A 56 -13.46 6.94 -12.80
N GLN A 57 -14.12 6.55 -13.91
CA GLN A 57 -14.43 5.13 -14.16
C GLN A 57 -13.14 4.33 -14.27
N GLN A 58 -12.19 4.88 -15.03
CA GLN A 58 -10.89 4.24 -15.21
C GLN A 58 -10.18 4.13 -13.86
N PHE A 59 -10.33 5.18 -13.04
CA PHE A 59 -9.72 5.23 -11.72
C PHE A 59 -10.17 4.06 -10.86
N TYR A 60 -11.47 3.79 -10.85
CA TYR A 60 -12.01 2.65 -10.08
C TYR A 60 -11.49 1.34 -10.63
N ASN A 61 -11.42 1.25 -11.97
CA ASN A 61 -10.92 0.04 -12.62
C ASN A 61 -9.47 -0.20 -12.19
N LEU A 62 -8.70 0.89 -12.12
CA LEU A 62 -7.31 0.82 -11.66
C LEU A 62 -7.25 0.37 -10.20
N LEU A 63 -8.19 0.89 -9.39
CA LEU A 63 -8.27 0.54 -7.97
C LEU A 63 -8.56 -0.95 -7.79
N THR A 64 -9.45 -1.49 -8.64
CA THR A 64 -9.80 -2.90 -8.58
C THR A 64 -8.54 -3.76 -8.84
N ALA A 65 -7.78 -3.38 -9.88
CA ALA A 65 -6.54 -4.07 -10.22
C ALA A 65 -5.50 -3.93 -9.11
N SER A 66 -5.40 -2.71 -8.55
CA SER A 66 -4.41 -2.43 -7.50
C SER A 66 -4.69 -3.21 -6.23
N ILE A 67 -5.98 -3.35 -5.86
CA ILE A 67 -6.34 -4.09 -4.65
C ILE A 67 -5.96 -5.56 -4.77
N ASP A 68 -6.12 -6.13 -5.99
CA ASP A 68 -5.75 -7.51 -6.24
C ASP A 68 -4.24 -7.69 -6.03
N VAL A 69 -3.45 -6.71 -6.50
CA VAL A 69 -2.00 -6.72 -6.32
C VAL A 69 -1.67 -6.65 -4.81
N SER A 70 -2.43 -5.80 -4.10
CA SER A 70 -2.26 -5.64 -2.65
C SER A 70 -2.54 -6.97 -1.94
N ARG A 71 -3.57 -7.69 -2.42
CA ARG A 71 -3.93 -8.98 -1.84
C ARG A 71 -2.78 -9.96 -1.95
N SER A 72 -2.18 -10.02 -3.15
CA SER A 72 -1.05 -10.92 -3.38
C SER A 72 0.12 -10.54 -2.48
N TRP A 73 0.31 -9.23 -2.29
CA TRP A 73 1.34 -8.72 -1.39
C TRP A 73 1.08 -9.22 0.04
N ALA A 74 -0.16 -9.08 0.50
CA ALA A 74 -0.55 -9.55 1.84
C ALA A 74 -0.37 -11.06 1.98
N GLU A 75 -0.72 -11.78 0.92
CA GLU A 75 -0.64 -13.25 0.90
C GLU A 75 0.80 -13.76 1.04
N LYS A 76 1.76 -13.04 0.45
CA LYS A 76 3.17 -13.45 0.50
C LYS A 76 3.76 -13.28 1.91
N ILE A 77 3.14 -12.42 2.73
CA ILE A 77 3.62 -12.15 4.09
C ILE A 77 3.42 -13.41 4.99
N PRO A 78 4.50 -13.96 5.62
CA PRO A 78 4.37 -15.15 6.52
C PRO A 78 3.46 -14.86 7.71
N GLY A 79 2.56 -15.81 8.01
CA GLY A 79 1.66 -15.68 9.16
C GLY A 79 0.36 -14.93 8.80
N PHE A 80 0.33 -14.28 7.63
CA PHE A 80 -0.86 -13.54 7.17
C PHE A 80 -2.05 -14.50 7.03
N THR A 81 -1.79 -15.62 6.38
CA THR A 81 -2.83 -16.63 6.15
C THR A 81 -3.34 -17.21 7.48
N ASP A 82 -2.42 -17.39 8.42
CA ASP A 82 -2.74 -17.98 9.73
C ASP A 82 -3.81 -17.18 10.46
N LEU A 83 -3.77 -15.84 10.33
CA LEU A 83 -4.74 -14.97 11.01
C LEU A 83 -6.16 -15.32 10.51
N PRO A 84 -7.21 -15.21 11.35
CA PRO A 84 -8.60 -15.51 10.90
C PRO A 84 -8.91 -14.92 9.51
N LYS A 85 -9.93 -15.49 8.85
CA LYS A 85 -10.35 -15.02 7.53
C LYS A 85 -10.76 -13.55 7.57
N GLU A 86 -11.57 -13.22 8.56
CA GLU A 86 -12.07 -11.86 8.70
C GLU A 86 -10.93 -10.87 8.95
N ASP A 87 -9.93 -11.30 9.72
CA ASP A 87 -8.79 -10.44 10.02
C ASP A 87 -8.08 -10.05 8.75
N GLN A 88 -7.84 -11.05 7.91
CA GLN A 88 -7.11 -10.85 6.66
C GLN A 88 -7.88 -9.91 5.73
N THR A 89 -9.22 -10.09 5.67
CA THR A 89 -10.05 -9.24 4.79
C THR A 89 -10.08 -7.78 5.30
N LEU A 90 -10.28 -7.60 6.61
CA LEU A 90 -10.36 -6.26 7.21
C LEU A 90 -9.03 -5.51 7.03
N LEU A 91 -7.91 -6.22 7.26
CA LEU A 91 -6.59 -5.61 7.13
C LEU A 91 -6.34 -5.13 5.71
N ILE A 92 -6.73 -5.95 4.72
CA ILE A 92 -6.54 -5.60 3.31
C ILE A 92 -7.39 -4.37 2.94
N GLU A 93 -8.66 -4.36 3.35
CA GLU A 93 -9.58 -3.27 3.01
C GLU A 93 -9.10 -1.94 3.59
N SER A 94 -8.69 -1.97 4.86
CA SER A 94 -8.21 -0.75 5.54
C SER A 94 -6.85 -0.30 5.00
N ALA A 95 -5.99 -1.27 4.67
CA ALA A 95 -4.62 -0.97 4.22
C ALA A 95 -4.51 -0.75 2.71
N PHE A 96 -5.62 -0.92 1.97
CA PHE A 96 -5.58 -0.76 0.51
C PHE A 96 -5.12 0.65 0.09
N LEU A 97 -5.75 1.70 0.64
CA LEU A 97 -5.39 3.07 0.27
C LEU A 97 -3.98 3.42 0.73
N GLU A 98 -3.63 3.01 1.96
CA GLU A 98 -2.32 3.29 2.52
C GLU A 98 -1.21 2.58 1.73
N LEU A 99 -1.42 1.29 1.44
CA LEU A 99 -0.44 0.49 0.70
C LEU A 99 -0.28 0.99 -0.72
N PHE A 100 -1.39 1.34 -1.36
CA PHE A 100 -1.36 1.83 -2.73
C PHE A 100 -0.54 3.11 -2.80
N VAL A 101 -0.81 4.03 -1.88
CA VAL A 101 -0.11 5.32 -1.82
C VAL A 101 1.39 5.10 -1.54
N LEU A 102 1.68 4.29 -0.53
CA LEU A 102 3.05 4.02 -0.11
C LEU A 102 3.84 3.36 -1.23
N ARG A 103 3.26 2.31 -1.79
CA ARG A 103 3.90 1.52 -2.85
C ARG A 103 4.02 2.33 -4.14
N LEU A 104 2.97 3.09 -4.46
CA LEU A 104 2.96 3.91 -5.67
C LEU A 104 4.04 4.98 -5.60
N SER A 105 4.18 5.61 -4.43
CA SER A 105 5.15 6.68 -4.23
C SER A 105 6.58 6.18 -4.46
N ILE A 106 6.85 4.95 -4.02
CA ILE A 106 8.17 4.36 -4.17
C ILE A 106 8.53 4.22 -5.66
N ARG A 107 7.59 3.67 -6.43
CA ARG A 107 7.80 3.43 -7.87
C ARG A 107 7.75 4.73 -8.69
N SER A 108 6.90 5.67 -8.25
CA SER A 108 6.70 6.94 -8.95
C SER A 108 7.96 7.82 -8.91
N ASN A 109 8.17 8.61 -9.97
CA ASN A 109 9.32 9.52 -10.05
C ASN A 109 8.87 10.97 -9.92
N THR A 110 9.15 11.58 -8.76
CA THR A 110 8.75 12.97 -8.49
C THR A 110 9.51 13.96 -9.37
N ALA A 111 10.78 13.64 -9.67
CA ALA A 111 11.61 14.50 -10.52
C ALA A 111 10.98 14.65 -11.90
N GLU A 112 10.45 13.54 -12.41
CA GLU A 112 9.75 13.51 -13.69
C GLU A 112 8.24 13.80 -13.55
N ASP A 113 7.77 13.94 -12.30
CA ASP A 113 6.36 14.17 -12.02
C ASP A 113 5.49 13.09 -12.68
N LYS A 114 6.00 11.85 -12.68
CA LYS A 114 5.28 10.73 -13.27
C LYS A 114 4.97 9.65 -12.22
N PHE A 115 3.81 9.00 -12.37
CA PHE A 115 3.42 7.90 -11.48
C PHE A 115 3.47 6.58 -12.22
N VAL A 116 4.21 5.63 -11.67
CA VAL A 116 4.31 4.30 -12.24
C VAL A 116 3.58 3.31 -11.32
N PHE A 117 2.56 2.65 -11.87
CA PHE A 117 1.74 1.73 -11.10
C PHE A 117 2.27 0.30 -11.19
N CYS A 118 1.89 -0.54 -10.22
CA CYS A 118 2.31 -1.94 -10.19
C CYS A 118 1.86 -2.70 -11.45
N ASN A 119 0.89 -2.12 -12.18
CA ASN A 119 0.38 -2.71 -13.43
C ASN A 119 1.22 -2.28 -14.65
N GLY A 120 2.27 -1.47 -14.41
CA GLY A 120 3.13 -0.96 -15.49
C GLY A 120 2.54 0.28 -16.17
N LEU A 121 1.36 0.74 -15.71
CA LEU A 121 0.73 1.93 -16.27
C LEU A 121 1.45 3.18 -15.76
N VAL A 122 1.77 4.10 -16.69
CA VAL A 122 2.47 5.34 -16.35
C VAL A 122 1.58 6.55 -16.72
N LEU A 123 1.26 7.40 -15.73
CA LEU A 123 0.41 8.58 -15.97
C LEU A 123 1.13 9.89 -15.63
N HIS A 124 1.08 10.82 -16.58
CA HIS A 124 1.75 12.10 -16.44
C HIS A 124 0.92 13.04 -15.57
N ARG A 125 1.33 13.16 -14.28
CA ARG A 125 0.68 14.08 -13.25
C ARG A 125 -0.73 14.57 -13.62
N LEU A 126 -0.84 15.39 -14.68
CA LEU A 126 -2.11 15.97 -15.10
C LEU A 126 -3.15 14.89 -15.42
N GLN A 127 -2.68 13.75 -15.96
CA GLN A 127 -3.58 12.67 -16.34
C GLN A 127 -4.36 12.15 -15.13
N CYS A 128 -3.71 12.07 -13.95
CA CYS A 128 -4.40 11.64 -12.71
C CYS A 128 -4.99 12.84 -11.92
N LEU A 129 -4.53 14.05 -12.24
CA LEU A 129 -5.03 15.28 -11.59
C LEU A 129 -6.55 15.44 -11.82
N ARG A 130 -7.02 14.94 -12.95
CA ARG A 130 -8.42 15.07 -13.37
C ARG A 130 -9.39 14.55 -12.32
N GLY A 131 -8.98 13.51 -11.56
CA GLY A 131 -9.83 12.92 -10.54
C GLY A 131 -9.22 13.08 -9.16
N PHE A 132 -7.99 12.59 -9.01
CA PHE A 132 -7.26 12.71 -7.76
C PHE A 132 -7.05 14.17 -7.42
N GLY A 133 -6.67 14.96 -8.44
CA GLY A 133 -6.43 16.38 -8.25
C GLY A 133 -5.37 16.61 -7.20
N GLU A 134 -5.72 17.38 -6.19
CA GLU A 134 -4.83 17.66 -5.08
C GLU A 134 -4.41 16.35 -4.39
N TRP A 135 -5.24 15.29 -4.52
CA TRP A 135 -4.93 13.99 -3.90
C TRP A 135 -3.63 13.44 -4.50
N LEU A 136 -3.53 13.53 -5.82
CA LEU A 136 -2.36 13.06 -6.55
C LEU A 136 -1.10 13.85 -6.15
N ASP A 137 -1.23 15.19 -6.15
CA ASP A 137 -0.10 16.07 -5.82
C ASP A 137 0.42 15.79 -4.42
N SER A 138 -0.51 15.53 -3.49
CA SER A 138 -0.16 15.24 -2.10
C SER A 138 0.72 13.98 -2.04
N ILE A 139 0.39 12.99 -2.88
CA ILE A 139 1.15 11.75 -2.96
C ILE A 139 2.60 12.07 -3.39
N LYS A 140 2.73 12.98 -4.35
CA LYS A 140 4.05 13.36 -4.86
C LYS A 140 4.93 13.88 -3.72
N ASP A 141 4.32 14.69 -2.84
CA ASP A 141 5.02 15.23 -1.68
C ASP A 141 5.49 14.09 -0.78
N PHE A 142 4.63 13.08 -0.60
CA PHE A 142 4.97 11.90 0.20
C PHE A 142 6.18 11.19 -0.42
N SER A 143 6.12 10.99 -1.74
CA SER A 143 7.18 10.29 -2.46
C SER A 143 8.52 11.01 -2.30
N LEU A 144 8.49 12.35 -2.41
CA LEU A 144 9.70 13.15 -2.28
C LEU A 144 10.32 12.94 -0.89
N ASN A 145 9.47 13.00 0.15
CA ASN A 145 9.91 12.77 1.52
C ASN A 145 10.44 11.36 1.70
N LEU A 146 9.76 10.40 1.07
CA LEU A 146 10.16 8.99 1.16
C LEU A 146 11.54 8.79 0.53
N GLN A 147 11.78 9.46 -0.60
CA GLN A 147 13.07 9.40 -1.28
C GLN A 147 14.19 9.93 -0.37
N SER A 148 13.86 10.99 0.40
CA SER A 148 14.83 11.58 1.32
C SER A 148 15.27 10.55 2.36
N LEU A 149 14.32 9.72 2.83
CA LEU A 149 14.62 8.66 3.79
C LEU A 149 15.61 7.67 3.18
N ASN A 150 15.44 7.38 1.88
CA ASN A 150 16.28 6.42 1.15
C ASN A 150 15.99 4.99 1.62
N LEU A 151 16.39 4.68 2.87
CA LEU A 151 16.16 3.36 3.45
C LEU A 151 16.71 2.26 2.54
N ASP A 152 16.60 1.00 2.99
CA ASP A 152 17.06 -0.14 2.22
C ASP A 152 15.87 -0.99 1.78
N ILE A 153 16.13 -2.05 1.03
CA ILE A 153 15.07 -2.92 0.52
C ILE A 153 14.32 -3.57 1.69
N GLN A 154 15.08 -4.15 2.64
CA GLN A 154 14.49 -4.83 3.79
C GLN A 154 13.75 -3.87 4.71
N ALA A 155 14.38 -2.71 4.98
CA ALA A 155 13.77 -1.72 5.88
C ALA A 155 12.47 -1.19 5.29
N LEU A 156 12.50 -0.89 3.99
CA LEU A 156 11.32 -0.40 3.28
C LEU A 156 10.24 -1.48 3.23
N ALA A 157 10.67 -2.72 2.96
CA ALA A 157 9.76 -3.86 2.89
C ALA A 157 9.07 -4.09 4.23
N CYS A 158 9.85 -3.98 5.33
CA CYS A 158 9.32 -4.21 6.68
C CYS A 158 8.27 -3.15 7.03
N LEU A 159 8.56 -1.89 6.65
CA LEU A 159 7.66 -0.77 6.93
C LEU A 159 6.33 -0.91 6.20
N SER A 160 6.38 -1.40 4.93
CA SER A 160 5.15 -1.62 4.18
C SER A 160 4.27 -2.64 4.90
N ALA A 161 4.92 -3.67 5.45
CA ALA A 161 4.23 -4.68 6.27
C ALA A 161 3.63 -4.01 7.51
N LEU A 162 4.40 -3.09 8.11
CA LEU A 162 3.96 -2.34 9.31
C LEU A 162 2.71 -1.52 9.03
N SER A 163 2.69 -0.85 7.88
CA SER A 163 1.55 -0.01 7.50
C SER A 163 0.28 -0.83 7.36
N MET A 164 0.43 -2.00 6.73
CA MET A 164 -0.69 -2.91 6.50
C MET A 164 -1.24 -3.46 7.82
N ILE A 165 -0.35 -3.76 8.73
CA ILE A 165 -0.67 -4.37 10.02
C ILE A 165 -0.74 -3.32 11.12
N THR A 166 -1.95 -3.17 11.69
CA THR A 166 -2.18 -2.22 12.78
C THR A 166 -3.53 -2.52 13.47
N GLU A 167 -3.69 -2.03 14.71
CA GLU A 167 -4.91 -2.27 15.48
C GLU A 167 -6.12 -1.57 14.84
N ARG A 168 -7.23 -2.30 14.73
CA ARG A 168 -8.48 -1.79 14.15
C ARG A 168 -9.67 -2.23 15.01
N HIS A 169 -10.78 -1.50 14.89
CA HIS A 169 -11.98 -1.76 15.72
C HIS A 169 -12.59 -3.16 15.47
N GLY A 170 -12.60 -3.59 14.20
CA GLY A 170 -13.25 -4.87 13.82
C GLY A 170 -12.26 -6.03 13.76
N LEU A 171 -11.12 -5.91 14.46
CA LEU A 171 -10.09 -6.96 14.45
C LEU A 171 -10.56 -8.23 15.13
N LYS A 172 -10.32 -9.37 14.46
CA LYS A 172 -10.53 -10.61 15.14
C LYS A 172 -9.28 -10.89 15.91
N GLU A 173 -9.41 -10.89 17.20
CA GLU A 173 -8.26 -11.14 18.00
C GLU A 173 -7.24 -10.01 17.68
N PRO A 174 -7.38 -8.82 18.28
CA PRO A 174 -6.38 -7.70 18.06
C PRO A 174 -4.98 -8.26 18.16
N LYS A 175 -4.85 -9.23 19.04
CA LYS A 175 -3.65 -9.89 19.31
C LYS A 175 -3.13 -10.65 18.08
N ARG A 176 -4.04 -11.19 17.18
CA ARG A 176 -3.56 -11.84 15.96
C ARG A 176 -2.80 -10.83 15.12
N VAL A 177 -3.40 -9.65 14.97
CA VAL A 177 -2.75 -8.57 14.20
C VAL A 177 -1.50 -8.05 14.91
N GLU A 178 -1.58 -7.93 16.23
CA GLU A 178 -0.44 -7.45 17.04
C GLU A 178 0.73 -8.42 16.97
N GLU A 179 0.38 -9.70 16.94
CA GLU A 179 1.36 -10.77 16.83
C GLU A 179 2.17 -10.56 15.56
N LEU A 180 1.45 -10.26 14.50
CA LEU A 180 2.04 -10.01 13.20
C LEU A 180 2.89 -8.74 13.25
N CYS A 181 2.38 -7.71 13.91
CA CYS A 181 3.08 -6.44 14.04
C CYS A 181 4.44 -6.67 14.71
N ASN A 182 4.44 -7.42 15.82
CA ASN A 182 5.68 -7.74 16.54
C ASN A 182 6.63 -8.55 15.63
N LYS A 183 6.06 -9.46 14.86
CA LYS A 183 6.83 -10.30 13.93
C LYS A 183 7.55 -9.45 12.89
N ILE A 184 6.84 -8.46 12.35
CA ILE A 184 7.38 -7.58 11.36
C ILE A 184 8.51 -6.74 11.99
N THR A 185 8.28 -6.29 13.23
CA THR A 185 9.27 -5.48 13.95
C THR A 185 10.50 -6.30 14.35
N SER A 186 10.33 -7.61 14.58
CA SER A 186 11.46 -8.46 14.98
C SER A 186 12.49 -8.58 13.86
N SER A 187 12.03 -8.89 12.65
CA SER A 187 12.93 -8.95 11.46
C SER A 187 13.49 -7.57 11.16
N LEU A 188 12.60 -6.59 11.22
CA LEU A 188 12.94 -5.20 10.92
C LEU A 188 14.01 -4.69 11.86
N LYS A 189 13.82 -4.96 13.12
CA LYS A 189 14.75 -4.55 14.17
C LYS A 189 16.13 -5.14 13.89
N ASP A 190 16.15 -6.41 13.49
CA ASP A 190 17.38 -7.08 13.11
C ASP A 190 18.03 -6.33 11.94
N HIS A 191 17.19 -5.92 10.98
CA HIS A 191 17.65 -5.15 9.83
C HIS A 191 18.27 -3.81 10.28
N GLN A 192 17.61 -3.13 11.21
CA GLN A 192 18.06 -1.83 11.71
C GLN A 192 19.42 -1.92 12.40
N SER A 193 19.76 -3.09 12.95
CA SER A 193 21.05 -3.28 13.62
C SER A 193 22.21 -3.39 12.61
N LYS A 194 21.87 -3.57 11.32
CA LYS A 194 22.88 -3.72 10.26
C LYS A 194 23.23 -2.37 9.58
N GLY A 195 22.67 -1.27 10.10
CA GLY A 195 22.92 0.07 9.54
C GLY A 195 24.23 0.70 10.05
N GLN A 196 24.97 -0.04 10.91
CA GLN A 196 26.24 0.43 11.53
C GLN A 196 25.97 1.22 12.82
N ALA A 197 25.11 2.24 12.72
CA ALA A 197 24.71 3.04 13.88
C ALA A 197 23.91 2.19 14.88
N LEU A 198 23.22 1.16 14.35
CA LEU A 198 22.37 0.27 15.17
C LEU A 198 21.19 1.03 15.79
N GLU A 199 20.84 2.18 15.18
CA GLU A 199 19.71 2.97 15.62
C GLU A 199 18.57 2.89 14.57
N PRO A 200 17.32 2.55 14.96
CA PRO A 200 16.19 2.50 13.99
C PRO A 200 15.90 3.90 13.46
N THR A 201 15.79 4.01 12.15
CA THR A 201 15.47 5.29 11.49
C THR A 201 13.95 5.47 11.34
N GLU A 202 13.19 4.75 12.19
CA GLU A 202 11.73 4.76 12.15
C GLU A 202 11.16 6.16 12.41
N SER A 203 11.90 7.01 13.13
CA SER A 203 11.41 8.35 13.48
C SER A 203 11.10 9.16 12.22
N LYS A 204 12.00 9.12 11.24
CA LYS A 204 11.79 9.80 9.96
C LYS A 204 10.57 9.21 9.25
N VAL A 205 10.44 7.88 9.33
CA VAL A 205 9.34 7.16 8.73
C VAL A 205 8.02 7.59 9.36
N LEU A 206 7.99 7.75 10.69
CA LEU A 206 6.75 8.09 11.39
C LEU A 206 6.21 9.45 10.97
N GLY A 207 7.10 10.41 10.71
CA GLY A 207 6.66 11.75 10.27
C GLY A 207 5.95 11.65 8.91
N ALA A 208 6.48 10.80 8.04
CA ALA A 208 5.89 10.55 6.73
C ALA A 208 4.73 9.54 6.83
N LEU A 209 4.75 8.74 7.91
CA LEU A 209 3.71 7.74 8.14
C LEU A 209 2.41 8.45 8.49
N VAL A 210 2.51 9.48 9.34
CA VAL A 210 1.36 10.30 9.70
C VAL A 210 0.83 10.97 8.44
N GLU A 211 1.75 11.52 7.63
CA GLU A 211 1.37 12.15 6.36
C GLU A 211 0.70 11.11 5.44
N LEU A 212 1.22 9.88 5.46
CA LEU A 212 0.67 8.79 4.64
C LEU A 212 -0.78 8.52 5.06
N ARG A 213 -1.03 8.57 6.38
CA ARG A 213 -2.37 8.37 6.92
C ARG A 213 -3.31 9.45 6.40
N LYS A 214 -2.77 10.68 6.30
CA LYS A 214 -3.56 11.81 5.81
C LYS A 214 -3.99 11.53 4.36
N ILE A 215 -3.07 10.94 3.58
CA ILE A 215 -3.31 10.66 2.17
C ILE A 215 -4.49 9.67 1.99
N CYS A 216 -4.50 8.56 2.77
CA CYS A 216 -5.57 7.56 2.62
C CYS A 216 -6.93 8.14 2.98
N THR A 217 -6.99 8.89 4.09
CA THR A 217 -8.23 9.56 4.50
C THR A 217 -8.66 10.60 3.45
N LEU A 218 -7.65 11.27 2.86
CA LEU A 218 -7.87 12.21 1.76
C LEU A 218 -8.49 11.48 0.57
N GLY A 219 -8.03 10.23 0.33
CA GLY A 219 -8.57 9.41 -0.74
C GLY A 219 -10.06 9.17 -0.53
N LEU A 220 -10.44 8.90 0.73
CA LEU A 220 -11.84 8.69 1.08
C LEU A 220 -12.65 9.96 0.83
N GLN A 221 -12.07 11.11 1.19
CA GLN A 221 -12.74 12.41 1.03
C GLN A 221 -12.93 12.75 -0.45
N ARG A 222 -11.88 12.54 -1.24
CA ARG A 222 -11.90 12.83 -2.69
C ARG A 222 -12.95 11.98 -3.38
N ILE A 223 -12.93 10.70 -3.06
CA ILE A 223 -13.84 9.73 -3.64
C ILE A 223 -15.28 10.04 -3.20
N PHE A 224 -15.43 10.44 -1.93
CA PHE A 224 -16.75 10.76 -1.37
C PHE A 224 -17.41 11.89 -2.19
N TYR A 225 -16.64 12.96 -2.46
CA TYR A 225 -17.17 14.09 -3.25
C TYR A 225 -17.55 13.63 -4.65
N LEU A 226 -16.72 12.75 -5.22
CA LEU A 226 -16.97 12.22 -6.57
C LEU A 226 -18.27 11.43 -6.61
N LYS A 227 -18.53 10.67 -5.54
CA LYS A 227 -19.76 9.87 -5.41
C LYS A 227 -20.98 10.76 -5.39
N LEU A 228 -20.88 11.90 -4.71
CA LEU A 228 -22.01 12.85 -4.65
C LEU A 228 -22.35 13.29 -6.07
N GLU A 229 -21.30 13.55 -6.86
CA GLU A 229 -21.45 13.88 -8.27
C GLU A 229 -21.96 12.64 -9.04
N ASP A 230 -21.43 11.46 -8.67
CA ASP A 230 -21.82 10.19 -9.27
C ASP A 230 -21.69 10.23 -10.81
N LEU A 231 -20.49 10.60 -11.29
CA LEU A 231 -20.22 10.68 -12.73
C LEU A 231 -20.38 9.31 -13.39
N VAL A 232 -19.87 8.27 -12.71
CA VAL A 232 -19.94 6.89 -13.24
C VAL A 232 -20.31 5.85 -12.15
N SER A 233 -20.51 6.32 -10.90
CA SER A 233 -20.87 5.43 -9.78
C SER A 233 -19.75 4.39 -9.50
N PRO A 234 -19.17 4.33 -8.27
CA PRO A 234 -18.08 3.35 -7.93
C PRO A 234 -18.51 1.88 -8.15
N PRO A 235 -17.55 0.95 -8.38
CA PRO A 235 -17.85 -0.50 -8.48
C PRO A 235 -18.24 -1.04 -7.11
N SER A 236 -18.85 -2.23 -7.09
CA SER A 236 -19.34 -2.81 -5.84
C SER A 236 -18.22 -3.02 -4.81
N ILE A 237 -17.05 -3.50 -5.27
CA ILE A 237 -15.92 -3.78 -4.35
C ILE A 237 -15.39 -2.48 -3.73
N ILE A 238 -15.14 -1.47 -4.59
CA ILE A 238 -14.58 -0.20 -4.12
C ILE A 238 -15.56 0.55 -3.20
N ASP A 239 -16.83 0.65 -3.63
CA ASP A 239 -17.88 1.25 -2.80
C ASP A 239 -17.99 0.49 -1.48
N LYS A 240 -17.91 -0.84 -1.57
CA LYS A 240 -17.94 -1.72 -0.39
C LYS A 240 -16.79 -1.36 0.53
N LEU A 241 -15.61 -1.16 -0.03
CA LEU A 241 -14.43 -0.81 0.74
C LEU A 241 -14.65 0.51 1.48
N PHE A 242 -15.21 1.50 0.77
CA PHE A 242 -15.48 2.81 1.34
C PHE A 242 -16.43 2.69 2.54
N LEU A 243 -17.53 1.95 2.36
CA LEU A 243 -18.53 1.76 3.41
C LEU A 243 -17.95 0.94 4.58
N ASP A 244 -17.16 -0.08 4.23
CA ASP A 244 -16.52 -0.93 5.22
C ASP A 244 -15.56 -0.13 6.10
N THR A 245 -14.85 0.81 5.48
CA THR A 245 -13.94 1.70 6.20
C THR A 245 -14.76 2.79 6.92
N LEU A 246 -14.15 3.45 7.91
CA LEU A 246 -14.86 4.47 8.69
C LEU A 246 -14.07 5.80 8.75
N PRO A 247 -14.77 6.97 8.86
CA PRO A 247 -14.09 8.30 8.94
C PRO A 247 -13.38 8.51 10.29
N PHE A 248 -13.85 7.81 11.32
CA PHE A 248 -13.28 7.94 12.68
C PHE A 248 -11.96 7.19 12.77
N LYS A 1 -31.25 -33.12 27.07
CA LYS A 1 -30.66 -33.43 25.74
C LYS A 1 -29.14 -33.55 25.89
N SER A 2 -28.53 -34.34 24.99
CA SER A 2 -27.08 -34.53 25.00
C SER A 2 -26.34 -33.19 24.75
N PRO A 3 -25.27 -32.87 25.51
CA PRO A 3 -24.51 -31.58 25.31
C PRO A 3 -24.10 -31.38 23.86
N LEU A 4 -23.71 -32.49 23.20
CA LEU A 4 -23.28 -32.44 21.80
C LEU A 4 -22.18 -31.39 21.59
N GLN A 5 -21.05 -31.59 22.28
CA GLN A 5 -19.92 -30.67 22.19
C GLN A 5 -18.71 -31.38 21.59
N GLN A 6 -17.86 -30.61 20.89
CA GLN A 6 -16.68 -31.17 20.24
C GLN A 6 -15.64 -31.60 21.27
N GLU A 7 -15.69 -32.89 21.66
CA GLU A 7 -14.75 -33.45 22.63
C GLU A 7 -13.28 -33.34 22.14
N PRO A 8 -12.95 -33.76 20.89
CA PRO A 8 -11.55 -33.68 20.37
C PRO A 8 -11.16 -32.24 20.02
N SER A 9 -9.84 -31.99 19.94
CA SER A 9 -9.32 -30.66 19.64
C SER A 9 -8.26 -30.73 18.56
N GLN A 10 -8.03 -29.60 17.87
CA GLN A 10 -7.06 -29.52 16.79
C GLN A 10 -5.79 -28.75 17.23
N PRO A 11 -4.59 -29.39 17.26
CA PRO A 11 -3.33 -28.68 17.65
C PRO A 11 -3.08 -27.48 16.76
N SER A 12 -2.53 -26.41 17.35
CA SER A 12 -2.27 -25.18 16.62
C SER A 12 -1.22 -25.43 15.50
N PRO A 13 -1.21 -24.61 14.42
CA PRO A 13 -0.25 -24.81 13.27
C PRO A 13 1.24 -24.76 13.73
N PRO A 14 2.14 -25.59 13.15
CA PRO A 14 3.59 -25.59 13.52
C PRO A 14 4.31 -24.36 12.97
N SER A 15 5.52 -24.09 13.48
CA SER A 15 6.32 -22.94 13.05
C SER A 15 7.72 -23.39 12.52
N PRO A 16 7.78 -24.04 11.32
CA PRO A 16 9.08 -24.49 10.72
C PRO A 16 10.04 -23.29 10.49
N PRO A 17 11.38 -23.49 10.59
CA PRO A 17 12.37 -22.38 10.39
C PRO A 17 12.16 -21.68 9.06
N ILE A 18 12.21 -20.34 9.08
CA ILE A 18 12.03 -19.52 7.88
C ILE A 18 12.56 -18.10 8.11
N CYS A 19 13.04 -17.46 7.03
CA CYS A 19 13.55 -16.09 7.12
C CYS A 19 12.46 -15.09 6.75
N MET A 20 12.00 -14.35 7.75
CA MET A 20 10.93 -13.37 7.56
C MET A 20 11.31 -12.27 6.59
N MET A 21 12.48 -11.70 6.81
CA MET A 21 12.97 -10.59 6.00
C MET A 21 13.08 -10.98 4.53
N ASN A 22 13.66 -12.15 4.26
CA ASN A 22 13.86 -12.63 2.89
C ASN A 22 12.52 -12.83 2.17
N ALA A 23 11.56 -13.45 2.85
CA ALA A 23 10.25 -13.74 2.26
C ALA A 23 9.52 -12.45 1.89
N LEU A 24 9.59 -11.45 2.77
CA LEU A 24 8.93 -10.18 2.54
C LEU A 24 9.52 -9.47 1.31
N VAL A 25 10.84 -9.55 1.18
CA VAL A 25 11.55 -8.91 0.06
C VAL A 25 11.12 -9.56 -1.27
N ARG A 26 11.01 -10.89 -1.27
CA ARG A 26 10.62 -11.63 -2.47
C ARG A 26 9.25 -11.16 -2.93
N ALA A 27 8.32 -11.06 -1.98
CA ALA A 27 6.97 -10.60 -2.24
C ALA A 27 6.97 -9.16 -2.75
N LEU A 28 7.80 -8.32 -2.13
CA LEU A 28 7.89 -6.91 -2.49
C LEU A 28 8.42 -6.77 -3.93
N THR A 29 9.45 -7.55 -4.26
CA THR A 29 10.05 -7.51 -5.59
C THR A 29 9.11 -8.09 -6.66
N ASP A 30 8.30 -9.08 -6.27
CA ASP A 30 7.37 -9.74 -7.19
C ASP A 30 6.31 -8.76 -7.71
N SER A 31 5.86 -7.87 -6.82
CA SER A 31 4.82 -6.90 -7.17
C SER A 31 5.40 -5.69 -7.92
N THR A 32 5.72 -5.89 -9.20
CA THR A 32 6.29 -4.82 -10.02
C THR A 32 6.12 -5.09 -11.54
N PRO A 33 5.85 -4.06 -12.39
CA PRO A 33 5.68 -4.26 -13.87
C PRO A 33 6.92 -4.89 -14.51
N ARG A 34 6.70 -5.87 -15.40
CA ARG A 34 7.78 -6.46 -16.19
C ARG A 34 8.00 -5.63 -17.45
N ASP A 35 6.88 -5.20 -18.04
CA ASP A 35 6.90 -4.34 -19.21
C ASP A 35 6.09 -3.07 -18.92
N LEU A 36 6.63 -1.91 -19.28
CA LEU A 36 5.96 -0.64 -19.02
C LEU A 36 4.76 -0.44 -19.94
N ASP A 37 3.70 0.14 -19.40
CA ASP A 37 2.48 0.41 -20.14
C ASP A 37 2.32 1.90 -20.42
N TYR A 38 2.53 2.29 -21.68
CA TYR A 38 2.42 3.70 -22.11
C TYR A 38 1.12 3.96 -22.91
N SER A 39 0.11 3.13 -22.68
CA SER A 39 -1.17 3.26 -23.39
C SER A 39 -1.83 4.61 -23.10
N ARG A 40 -1.67 5.09 -21.85
CA ARG A 40 -2.26 6.37 -21.44
C ARG A 40 -1.20 7.46 -21.20
N TYR A 41 0.06 7.18 -21.57
CA TYR A 41 1.16 8.13 -21.39
C TYR A 41 1.12 9.24 -22.45
N CYS A 42 1.08 10.51 -21.99
CA CYS A 42 1.07 11.66 -22.89
C CYS A 42 2.14 12.68 -22.46
N PRO A 43 2.77 13.44 -23.40
CA PRO A 43 3.81 14.47 -23.04
C PRO A 43 3.18 15.68 -22.34
N THR A 44 1.91 15.93 -22.68
CA THR A 44 1.16 17.03 -22.09
C THR A 44 -0.32 16.68 -22.01
N ASP A 45 -1.02 17.22 -21.01
CA ASP A 45 -2.45 16.94 -20.82
C ASP A 45 -3.20 18.20 -20.44
N GLN A 46 -4.11 18.63 -21.33
CA GLN A 46 -4.91 19.84 -21.13
C GLN A 46 -6.38 19.50 -20.83
N ALA A 47 -6.61 18.30 -20.27
CA ALA A 47 -7.96 17.81 -19.93
C ALA A 47 -8.72 17.39 -21.19
N ALA A 48 -9.91 16.81 -20.98
CA ALA A 48 -10.73 16.31 -22.09
C ALA A 48 -12.21 16.35 -21.72
N ALA A 49 -13.07 16.08 -22.70
CA ALA A 49 -14.53 16.08 -22.47
C ALA A 49 -14.89 15.06 -21.40
N GLY A 50 -14.26 13.88 -21.47
CA GLY A 50 -14.50 12.82 -20.47
C GLY A 50 -14.08 13.28 -19.08
N THR A 51 -12.93 13.98 -19.03
CA THR A 51 -12.36 14.52 -17.78
C THR A 51 -12.66 13.62 -16.52
N ASP A 52 -13.52 14.11 -15.59
CA ASP A 52 -13.81 13.40 -14.35
C ASP A 52 -14.53 12.07 -14.59
N ALA A 53 -15.47 12.03 -15.56
CA ALA A 53 -16.24 10.81 -15.83
C ALA A 53 -15.33 9.66 -16.25
N GLU A 54 -14.37 9.95 -17.13
CA GLU A 54 -13.42 8.93 -17.59
C GLU A 54 -12.32 8.70 -16.55
N HIS A 55 -11.83 9.79 -15.96
CA HIS A 55 -10.78 9.69 -14.94
C HIS A 55 -11.27 8.87 -13.74
N VAL A 56 -12.49 9.16 -13.28
CA VAL A 56 -13.09 8.47 -12.15
C VAL A 56 -13.25 6.96 -12.45
N GLN A 57 -13.79 6.63 -13.65
CA GLN A 57 -13.97 5.23 -14.04
C GLN A 57 -12.62 4.52 -14.12
N GLN A 58 -11.65 5.18 -14.75
CA GLN A 58 -10.31 4.60 -14.90
C GLN A 58 -9.69 4.33 -13.52
N PHE A 59 -9.91 5.27 -12.59
CA PHE A 59 -9.36 5.16 -11.25
C PHE A 59 -9.84 3.89 -10.54
N TYR A 60 -11.15 3.63 -10.58
CA TYR A 60 -11.71 2.44 -9.92
C TYR A 60 -11.16 1.17 -10.54
N ASN A 61 -11.02 1.17 -11.88
CA ASN A 61 -10.45 0.02 -12.57
C ASN A 61 -9.03 -0.22 -12.07
N LEU A 62 -8.28 0.88 -11.87
CA LEU A 62 -6.93 0.81 -11.34
C LEU A 62 -6.96 0.30 -9.90
N LEU A 63 -7.96 0.75 -9.12
CA LEU A 63 -8.11 0.33 -7.73
C LEU A 63 -8.37 -1.17 -7.64
N THR A 64 -9.19 -1.69 -8.56
CA THR A 64 -9.50 -3.11 -8.59
C THR A 64 -8.20 -3.90 -8.78
N ALA A 65 -7.38 -3.47 -9.73
CA ALA A 65 -6.09 -4.11 -9.99
C ALA A 65 -5.16 -3.97 -8.78
N SER A 66 -5.16 -2.77 -8.17
CA SER A 66 -4.30 -2.48 -7.01
C SER A 66 -4.63 -3.37 -5.83
N ILE A 67 -5.94 -3.54 -5.55
CA ILE A 67 -6.35 -4.34 -4.41
C ILE A 67 -5.98 -5.81 -4.60
N ASP A 68 -6.11 -6.30 -5.83
CA ASP A 68 -5.73 -7.67 -6.15
C ASP A 68 -4.23 -7.87 -5.94
N VAL A 69 -3.44 -6.86 -6.33
CA VAL A 69 -1.98 -6.93 -6.19
C VAL A 69 -1.61 -6.91 -4.70
N SER A 70 -2.31 -6.07 -3.93
CA SER A 70 -2.10 -5.96 -2.49
C SER A 70 -2.47 -7.26 -1.79
N ARG A 71 -3.49 -7.97 -2.33
CA ARG A 71 -3.90 -9.25 -1.75
C ARG A 71 -2.77 -10.24 -1.79
N SER A 72 -2.11 -10.34 -2.95
CA SER A 72 -0.98 -11.25 -3.11
C SER A 72 0.16 -10.86 -2.18
N TRP A 73 0.39 -9.55 -2.06
CA TRP A 73 1.42 -9.02 -1.16
C TRP A 73 1.14 -9.43 0.29
N ALA A 74 -0.10 -9.22 0.74
CA ALA A 74 -0.50 -9.57 2.10
C ALA A 74 -0.39 -11.08 2.33
N GLU A 75 -0.79 -11.85 1.32
CA GLU A 75 -0.76 -13.32 1.40
C GLU A 75 0.65 -13.89 1.54
N LYS A 76 1.63 -13.25 0.87
CA LYS A 76 3.03 -13.72 0.91
C LYS A 76 3.66 -13.54 2.30
N ILE A 77 3.12 -12.60 3.08
CA ILE A 77 3.67 -12.29 4.41
C ILE A 77 3.53 -13.54 5.34
N PRO A 78 4.63 -14.04 5.95
CA PRO A 78 4.55 -15.23 6.88
C PRO A 78 3.63 -14.95 8.06
N GLY A 79 2.77 -15.92 8.38
CA GLY A 79 1.84 -15.80 9.51
C GLY A 79 0.53 -15.11 9.11
N PHE A 80 0.50 -14.48 7.92
CA PHE A 80 -0.69 -13.79 7.42
C PHE A 80 -1.84 -14.78 7.28
N THR A 81 -1.54 -15.91 6.66
CA THR A 81 -2.52 -16.96 6.45
C THR A 81 -3.00 -17.51 7.81
N ASP A 82 -2.06 -17.62 8.76
CA ASP A 82 -2.34 -18.17 10.08
C ASP A 82 -3.45 -17.39 10.79
N LEU A 83 -3.49 -16.07 10.59
CA LEU A 83 -4.50 -15.24 11.24
C LEU A 83 -5.89 -15.63 10.75
N PRO A 84 -6.96 -15.43 11.57
CA PRO A 84 -8.36 -15.71 11.13
C PRO A 84 -8.60 -15.24 9.68
N LYS A 85 -9.45 -15.96 8.94
CA LYS A 85 -9.70 -15.64 7.54
C LYS A 85 -10.26 -14.23 7.39
N GLU A 86 -11.20 -13.89 8.26
CA GLU A 86 -11.80 -12.56 8.25
C GLU A 86 -10.77 -11.47 8.53
N ASP A 87 -9.81 -11.77 9.44
CA ASP A 87 -8.76 -10.79 9.79
C ASP A 87 -7.97 -10.42 8.56
N GLN A 88 -7.60 -11.43 7.79
CA GLN A 88 -6.76 -11.25 6.62
C GLN A 88 -7.47 -10.34 5.61
N THR A 89 -8.78 -10.57 5.42
CA THR A 89 -9.59 -9.75 4.51
C THR A 89 -9.68 -8.30 5.04
N LEU A 90 -9.94 -8.17 6.35
CA LEU A 90 -10.08 -6.85 6.98
C LEU A 90 -8.79 -6.04 6.86
N LEU A 91 -7.66 -6.69 7.09
CA LEU A 91 -6.35 -6.02 7.04
C LEU A 91 -6.05 -5.46 5.64
N ILE A 92 -6.34 -6.27 4.61
CA ILE A 92 -6.06 -5.86 3.21
C ILE A 92 -6.95 -4.69 2.80
N GLU A 93 -8.24 -4.87 3.02
CA GLU A 93 -9.25 -3.90 2.64
C GLU A 93 -9.13 -2.60 3.45
N SER A 94 -8.85 -2.75 4.75
CA SER A 94 -8.69 -1.59 5.63
C SER A 94 -7.46 -0.76 5.25
N ALA A 95 -6.38 -1.44 4.87
CA ALA A 95 -5.12 -0.77 4.52
C ALA A 95 -4.90 -0.64 3.00
N PHE A 96 -5.91 -0.99 2.20
CA PHE A 96 -5.80 -0.91 0.74
C PHE A 96 -5.42 0.51 0.25
N LEU A 97 -6.10 1.54 0.77
CA LEU A 97 -5.84 2.91 0.32
C LEU A 97 -4.39 3.32 0.57
N GLU A 98 -3.88 2.96 1.76
CA GLU A 98 -2.49 3.27 2.13
C GLU A 98 -1.50 2.52 1.22
N LEU A 99 -1.78 1.23 0.98
CA LEU A 99 -0.87 0.40 0.20
C LEU A 99 -0.69 0.96 -1.19
N PHE A 100 -1.79 1.40 -1.80
CA PHE A 100 -1.75 2.03 -3.12
C PHE A 100 -0.88 3.30 -3.08
N VAL A 101 -1.13 4.15 -2.08
CA VAL A 101 -0.41 5.45 -1.95
C VAL A 101 1.10 5.24 -1.73
N LEU A 102 1.44 4.40 -0.75
CA LEU A 102 2.84 4.16 -0.38
C LEU A 102 3.60 3.46 -1.51
N ARG A 103 2.99 2.40 -2.02
CA ARG A 103 3.61 1.58 -3.05
C ARG A 103 3.76 2.36 -4.37
N LEU A 104 2.73 3.14 -4.71
CA LEU A 104 2.74 3.94 -5.94
C LEU A 104 3.83 5.02 -5.88
N SER A 105 3.95 5.68 -4.73
CA SER A 105 4.92 6.76 -4.55
C SER A 105 6.35 6.25 -4.74
N ILE A 106 6.62 5.04 -4.24
CA ILE A 106 7.95 4.44 -4.36
C ILE A 106 8.32 4.23 -5.84
N ARG A 107 7.38 3.68 -6.60
CA ARG A 107 7.61 3.39 -8.03
C ARG A 107 7.59 4.68 -8.87
N SER A 108 6.76 5.64 -8.46
CA SER A 108 6.59 6.90 -9.20
C SER A 108 7.83 7.78 -9.08
N ASN A 109 8.09 8.59 -10.13
CA ASN A 109 9.23 9.51 -10.15
C ASN A 109 8.75 10.97 -10.17
N THR A 110 9.07 11.69 -9.08
CA THR A 110 8.62 13.09 -8.93
C THR A 110 9.30 14.02 -9.92
N ALA A 111 10.59 13.75 -10.20
CA ALA A 111 11.36 14.59 -11.14
C ALA A 111 10.71 14.56 -12.52
N GLU A 112 10.24 13.38 -12.90
CA GLU A 112 9.52 13.20 -14.16
C GLU A 112 8.03 13.51 -14.02
N ASP A 113 7.56 13.72 -12.76
CA ASP A 113 6.16 14.00 -12.50
C ASP A 113 5.28 12.88 -13.08
N LYS A 114 5.82 11.65 -13.06
CA LYS A 114 5.11 10.48 -13.56
C LYS A 114 4.62 9.62 -12.40
N PHE A 115 3.65 8.76 -12.68
CA PHE A 115 3.12 7.85 -11.67
C PHE A 115 3.00 6.44 -12.23
N VAL A 116 4.13 5.72 -12.22
CA VAL A 116 4.17 4.35 -12.71
C VAL A 116 3.42 3.43 -11.72
N PHE A 117 2.44 2.69 -12.25
CA PHE A 117 1.63 1.77 -11.44
C PHE A 117 2.19 0.35 -11.51
N CYS A 118 1.65 -0.54 -10.66
CA CYS A 118 2.09 -1.95 -10.66
C CYS A 118 1.82 -2.63 -12.01
N ASN A 119 0.91 -2.04 -12.81
CA ASN A 119 0.60 -2.56 -14.15
C ASN A 119 1.50 -1.92 -15.22
N GLY A 120 2.45 -1.07 -14.80
CA GLY A 120 3.36 -0.38 -15.71
C GLY A 120 2.71 0.89 -16.33
N LEU A 121 1.44 1.16 -15.97
CA LEU A 121 0.71 2.34 -16.47
C LEU A 121 1.41 3.63 -16.04
N VAL A 122 1.62 4.54 -16.99
CA VAL A 122 2.33 5.80 -16.71
C VAL A 122 1.46 7.02 -17.07
N LEU A 123 1.26 7.93 -16.09
CA LEU A 123 0.51 9.17 -16.31
C LEU A 123 1.37 10.39 -15.96
N HIS A 124 1.22 11.45 -16.75
CA HIS A 124 2.10 12.63 -16.66
C HIS A 124 1.61 13.71 -15.65
N ARG A 125 1.29 13.29 -14.40
CA ARG A 125 0.88 14.26 -13.33
C ARG A 125 -0.46 14.95 -13.68
N LEU A 126 -0.42 15.84 -14.68
CA LEU A 126 -1.58 16.59 -15.13
C LEU A 126 -2.68 15.64 -15.62
N GLN A 127 -2.27 14.49 -16.18
CA GLN A 127 -3.23 13.50 -16.65
C GLN A 127 -4.12 13.04 -15.49
N CYS A 128 -3.51 12.87 -14.31
CA CYS A 128 -4.24 12.46 -13.10
C CYS A 128 -4.81 13.66 -12.33
N LEU A 129 -4.28 14.86 -12.59
CA LEU A 129 -4.74 16.08 -11.91
C LEU A 129 -6.27 16.29 -12.10
N ARG A 130 -6.81 15.64 -13.14
CA ARG A 130 -8.22 15.76 -13.50
C ARG A 130 -9.17 15.31 -12.38
N GLY A 131 -8.80 14.25 -11.64
CA GLY A 131 -9.68 13.71 -10.60
C GLY A 131 -8.99 13.70 -9.26
N PHE A 132 -7.76 13.18 -9.25
CA PHE A 132 -7.00 13.13 -8.02
C PHE A 132 -6.78 14.53 -7.50
N GLY A 133 -6.38 15.44 -8.42
CA GLY A 133 -6.16 16.83 -8.04
C GLY A 133 -5.12 16.89 -6.93
N GLU A 134 -5.54 17.40 -5.79
CA GLU A 134 -4.69 17.50 -4.62
C GLU A 134 -4.18 16.10 -4.19
N TRP A 135 -4.96 15.03 -4.49
CA TRP A 135 -4.58 13.67 -4.08
C TRP A 135 -3.22 13.27 -4.68
N LEU A 136 -3.04 13.49 -5.98
CA LEU A 136 -1.77 13.13 -6.63
C LEU A 136 -0.65 14.09 -6.23
N ASP A 137 -0.97 15.39 -6.20
CA ASP A 137 0.03 16.41 -5.90
C ASP A 137 0.69 16.13 -4.57
N SER A 138 -0.13 15.76 -3.57
CA SER A 138 0.37 15.42 -2.25
C SER A 138 1.28 14.19 -2.30
N ILE A 139 0.90 13.20 -3.11
CA ILE A 139 1.67 11.95 -3.23
C ILE A 139 3.05 12.23 -3.82
N LYS A 140 3.10 13.09 -4.85
CA LYS A 140 4.37 13.43 -5.50
C LYS A 140 5.34 14.04 -4.48
N ASP A 141 4.83 14.95 -3.64
CA ASP A 141 5.64 15.55 -2.58
C ASP A 141 6.09 14.46 -1.59
N PHE A 142 5.18 13.54 -1.29
CA PHE A 142 5.45 12.42 -0.38
C PHE A 142 6.59 11.54 -0.92
N SER A 143 6.51 11.22 -2.21
CA SER A 143 7.47 10.33 -2.86
C SER A 143 8.90 10.87 -2.75
N LEU A 144 9.07 12.16 -3.01
CA LEU A 144 10.39 12.79 -2.93
C LEU A 144 10.93 12.69 -1.50
N ASN A 145 10.06 12.99 -0.54
CA ASN A 145 10.42 12.92 0.89
C ASN A 145 10.79 11.48 1.29
N LEU A 146 10.04 10.51 0.76
CA LEU A 146 10.25 9.10 1.09
C LEU A 146 11.67 8.67 0.69
N GLN A 147 12.06 9.01 -0.55
CA GLN A 147 13.42 8.70 -1.05
C GLN A 147 14.47 9.53 -0.32
N SER A 148 14.12 10.79 -0.02
CA SER A 148 15.04 11.71 0.65
C SER A 148 15.43 11.19 2.03
N LEU A 149 14.55 10.36 2.64
CA LEU A 149 14.83 9.77 3.94
C LEU A 149 16.09 8.88 3.85
N ASN A 150 15.89 7.59 3.42
CA ASN A 150 16.95 6.55 3.20
C ASN A 150 16.40 5.18 3.57
N LEU A 151 15.49 4.66 2.75
CA LEU A 151 14.85 3.37 3.02
C LEU A 151 15.34 2.30 2.03
N ASP A 152 15.80 1.17 2.58
CA ASP A 152 16.31 0.06 1.77
C ASP A 152 15.18 -0.89 1.36
N ILE A 153 15.55 -1.96 0.64
CA ILE A 153 14.56 -2.92 0.13
C ILE A 153 13.83 -3.61 1.30
N GLN A 154 14.62 -4.10 2.25
CA GLN A 154 14.09 -4.86 3.36
C GLN A 154 13.26 -3.99 4.30
N ALA A 155 13.78 -2.79 4.57
CA ALA A 155 13.10 -1.83 5.45
C ALA A 155 11.74 -1.42 4.87
N LEU A 156 11.72 -1.19 3.55
CA LEU A 156 10.49 -0.80 2.86
C LEU A 156 9.44 -1.91 2.94
N ALA A 157 9.89 -3.16 2.79
CA ALA A 157 8.98 -4.30 2.80
C ALA A 157 8.23 -4.38 4.15
N CYS A 158 8.99 -4.26 5.27
CA CYS A 158 8.37 -4.31 6.62
C CYS A 158 7.49 -3.09 6.90
N LEU A 159 7.92 -1.91 6.46
CA LEU A 159 7.14 -0.67 6.69
C LEU A 159 5.79 -0.72 5.97
N SER A 160 5.79 -1.26 4.74
CA SER A 160 4.54 -1.43 4.00
C SER A 160 3.63 -2.43 4.74
N ALA A 161 4.26 -3.48 5.28
CA ALA A 161 3.56 -4.49 6.08
C ALA A 161 3.00 -3.84 7.36
N LEU A 162 3.78 -2.93 7.95
CA LEU A 162 3.40 -2.24 9.18
C LEU A 162 2.08 -1.51 8.99
N SER A 163 1.95 -0.81 7.86
CA SER A 163 0.70 -0.13 7.53
C SER A 163 -0.43 -1.14 7.34
N MET A 164 -0.10 -2.26 6.67
CA MET A 164 -1.04 -3.32 6.39
C MET A 164 -1.60 -3.90 7.70
N ILE A 165 -0.73 -4.05 8.69
CA ILE A 165 -1.10 -4.64 9.97
C ILE A 165 -1.24 -3.55 11.04
N THR A 166 -2.49 -3.35 11.50
CA THR A 166 -2.77 -2.37 12.55
C THR A 166 -4.15 -2.64 13.17
N GLU A 167 -4.31 -2.27 14.46
CA GLU A 167 -5.58 -2.49 15.17
C GLU A 167 -6.73 -1.74 14.48
N ARG A 168 -7.83 -2.46 14.25
CA ARG A 168 -9.03 -1.91 13.60
C ARG A 168 -10.28 -2.34 14.38
N HIS A 169 -11.37 -1.58 14.22
CA HIS A 169 -12.63 -1.89 14.92
C HIS A 169 -13.25 -3.17 14.36
N GLY A 170 -13.79 -4.01 15.26
CA GLY A 170 -14.40 -5.28 14.86
C GLY A 170 -13.35 -6.27 14.36
N LEU A 171 -12.12 -6.16 14.89
CA LEU A 171 -11.01 -7.01 14.47
C LEU A 171 -11.14 -8.43 14.97
N LYS A 172 -10.62 -9.39 14.18
CA LYS A 172 -10.53 -10.75 14.65
C LYS A 172 -9.34 -10.86 15.56
N GLU A 173 -9.62 -10.86 16.83
CA GLU A 173 -8.56 -11.01 17.77
C GLU A 173 -7.58 -9.82 17.55
N PRO A 174 -7.79 -8.67 18.21
CA PRO A 174 -6.86 -7.50 18.07
C PRO A 174 -5.42 -7.99 18.16
N LYS A 175 -5.26 -8.98 19.00
CA LYS A 175 -4.02 -9.60 19.26
C LYS A 175 -3.47 -10.34 18.03
N ARG A 176 -4.37 -10.93 17.13
CA ARG A 176 -3.84 -11.58 15.93
C ARG A 176 -3.10 -10.57 15.09
N VAL A 177 -3.71 -9.40 14.94
CA VAL A 177 -3.07 -8.31 14.18
C VAL A 177 -1.77 -7.84 14.89
N GLU A 178 -1.84 -7.74 16.21
CA GLU A 178 -0.68 -7.29 17.02
C GLU A 178 0.49 -8.26 16.90
N GLU A 179 0.15 -9.55 16.85
CA GLU A 179 1.12 -10.62 16.72
C GLU A 179 1.93 -10.38 15.46
N LEU A 180 1.23 -10.09 14.39
CA LEU A 180 1.83 -9.83 13.09
C LEU A 180 2.62 -8.52 13.11
N CYS A 181 2.10 -7.53 13.81
CA CYS A 181 2.75 -6.24 13.92
C CYS A 181 4.13 -6.41 14.56
N ASN A 182 4.18 -7.19 15.65
CA ASN A 182 5.44 -7.48 16.33
C ASN A 182 6.40 -8.24 15.40
N LYS A 183 5.85 -9.16 14.60
CA LYS A 183 6.64 -9.97 13.66
C LYS A 183 7.36 -9.11 12.62
N ILE A 184 6.65 -8.13 12.05
CA ILE A 184 7.22 -7.24 11.07
C ILE A 184 8.33 -6.39 11.71
N THR A 185 8.05 -5.91 12.93
CA THR A 185 8.99 -5.07 13.66
C THR A 185 10.23 -5.86 14.09
N SER A 186 10.09 -7.17 14.34
CA SER A 186 11.24 -7.99 14.78
C SER A 186 12.27 -8.11 13.66
N SER A 187 11.79 -8.46 12.44
CA SER A 187 12.68 -8.53 11.27
C SER A 187 13.25 -7.16 10.95
N LEU A 188 12.38 -6.18 11.00
CA LEU A 188 12.71 -4.79 10.69
C LEU A 188 13.76 -4.24 11.66
N LYS A 189 13.53 -4.47 12.94
CA LYS A 189 14.38 -3.94 14.00
C LYS A 189 15.83 -4.45 13.86
N ASP A 190 16.00 -5.77 13.65
CA ASP A 190 17.33 -6.32 13.47
C ASP A 190 17.97 -5.73 12.21
N HIS A 191 17.12 -5.47 11.19
CA HIS A 191 17.59 -4.85 9.96
C HIS A 191 18.14 -3.44 10.24
N GLN A 192 17.45 -2.70 11.13
CA GLN A 192 17.91 -1.34 11.49
C GLN A 192 19.29 -1.38 12.14
N SER A 193 19.59 -2.50 12.81
CA SER A 193 20.90 -2.69 13.46
C SER A 193 22.01 -3.02 12.43
N LYS A 194 21.63 -3.25 11.16
CA LYS A 194 22.58 -3.61 10.11
C LYS A 194 23.62 -2.50 9.91
N GLY A 195 23.17 -1.25 9.98
CA GLY A 195 24.06 -0.09 9.79
C GLY A 195 24.96 0.08 11.01
N GLN A 196 26.04 0.87 10.83
CA GLN A 196 26.99 1.12 11.92
C GLN A 196 26.36 1.93 13.06
N ALA A 197 25.46 2.85 12.70
CA ALA A 197 24.74 3.67 13.67
C ALA A 197 23.87 2.81 14.59
N LEU A 198 23.23 1.80 13.99
CA LEU A 198 22.30 0.90 14.70
C LEU A 198 21.07 1.66 15.23
N GLU A 199 20.91 2.94 14.81
CA GLU A 199 19.77 3.73 15.23
C GLU A 199 18.54 3.41 14.33
N PRO A 200 17.37 3.05 14.89
CA PRO A 200 16.16 2.79 14.06
C PRO A 200 15.68 4.07 13.39
N THR A 201 15.45 4.01 12.10
CA THR A 201 14.94 5.16 11.33
C THR A 201 13.40 5.21 11.36
N GLU A 202 12.78 4.41 12.26
CA GLU A 202 11.34 4.33 12.38
C GLU A 202 10.74 5.68 12.73
N SER A 203 11.43 6.43 13.62
CA SER A 203 10.94 7.74 14.05
C SER A 203 10.80 8.67 12.86
N LYS A 204 11.81 8.67 11.98
CA LYS A 204 11.78 9.47 10.75
C LYS A 204 10.62 9.01 9.86
N VAL A 205 10.43 7.68 9.81
CA VAL A 205 9.34 7.08 9.05
C VAL A 205 8.00 7.53 9.60
N LEU A 206 7.88 7.62 10.93
CA LEU A 206 6.61 8.02 11.57
C LEU A 206 6.19 9.45 11.18
N GLY A 207 7.17 10.36 11.05
CA GLY A 207 6.87 11.75 10.64
C GLY A 207 6.29 11.77 9.23
N ALA A 208 6.85 10.94 8.36
CA ALA A 208 6.36 10.79 7.00
C ALA A 208 5.10 9.92 6.99
N LEU A 209 4.97 9.07 8.01
CA LEU A 209 3.82 8.22 8.16
C LEU A 209 2.60 9.05 8.43
N VAL A 210 2.76 10.08 9.29
CA VAL A 210 1.67 11.00 9.59
C VAL A 210 1.23 11.67 8.30
N GLU A 211 2.19 12.15 7.51
CA GLU A 211 1.89 12.76 6.20
C GLU A 211 1.21 11.74 5.28
N LEU A 212 1.67 10.49 5.32
CA LEU A 212 1.09 9.40 4.52
C LEU A 212 -0.37 9.18 4.92
N ARG A 213 -0.64 9.23 6.23
CA ARG A 213 -1.97 9.06 6.76
C ARG A 213 -2.90 10.16 6.25
N LYS A 214 -2.35 11.39 6.13
CA LYS A 214 -3.13 12.52 5.65
C LYS A 214 -3.60 12.22 4.23
N ILE A 215 -2.72 11.61 3.44
CA ILE A 215 -3.04 11.22 2.07
C ILE A 215 -4.16 10.15 2.12
N CYS A 216 -4.03 9.20 3.05
CA CYS A 216 -5.01 8.10 3.19
C CYS A 216 -6.41 8.63 3.51
N THR A 217 -6.50 9.59 4.45
CA THR A 217 -7.79 10.21 4.81
C THR A 217 -8.32 11.10 3.68
N LEU A 218 -7.38 11.71 2.95
CA LEU A 218 -7.72 12.53 1.79
C LEU A 218 -8.43 11.67 0.74
N GLY A 219 -8.00 10.40 0.61
CA GLY A 219 -8.62 9.47 -0.34
C GLY A 219 -10.09 9.27 -0.04
N LEU A 220 -10.43 9.11 1.24
CA LEU A 220 -11.82 8.94 1.64
C LEU A 220 -12.61 10.18 1.30
N GLN A 221 -12.00 11.35 1.51
CA GLN A 221 -12.64 12.63 1.24
C GLN A 221 -12.90 12.80 -0.26
N ARG A 222 -11.89 12.47 -1.09
CA ARG A 222 -12.00 12.60 -2.56
C ARG A 222 -13.06 11.65 -3.11
N ILE A 223 -13.02 10.40 -2.65
CA ILE A 223 -13.98 9.38 -3.06
C ILE A 223 -15.40 9.78 -2.64
N PHE A 224 -15.52 10.31 -1.42
CA PHE A 224 -16.81 10.71 -0.87
C PHE A 224 -17.47 11.77 -1.78
N TYR A 225 -16.70 12.80 -2.16
CA TYR A 225 -17.21 13.85 -3.04
C TYR A 225 -17.54 13.30 -4.43
N LEU A 226 -16.66 12.42 -4.94
CA LEU A 226 -16.86 11.81 -6.27
C LEU A 226 -18.12 10.96 -6.30
N LYS A 227 -18.35 10.21 -5.23
CA LYS A 227 -19.56 9.35 -5.11
C LYS A 227 -20.82 10.18 -5.08
N LEU A 228 -20.77 11.34 -4.40
CA LEU A 228 -21.94 12.22 -4.36
C LEU A 228 -22.28 12.68 -5.78
N GLU A 229 -21.23 12.99 -6.55
CA GLU A 229 -21.38 13.34 -7.95
C GLU A 229 -21.85 12.12 -8.75
N ASP A 230 -21.29 10.95 -8.41
CA ASP A 230 -21.64 9.68 -9.05
C ASP A 230 -21.57 9.76 -10.59
N LEU A 231 -20.41 10.19 -11.11
CA LEU A 231 -20.20 10.30 -12.56
C LEU A 231 -20.31 8.93 -13.21
N VAL A 232 -19.74 7.91 -12.56
CA VAL A 232 -19.77 6.54 -13.09
C VAL A 232 -20.11 5.50 -11.99
N SER A 233 -20.27 5.96 -10.73
CA SER A 233 -20.60 5.08 -9.59
C SER A 233 -19.47 4.03 -9.35
N PRO A 234 -18.91 3.92 -8.12
CA PRO A 234 -17.82 2.94 -7.82
C PRO A 234 -18.24 1.47 -8.11
N PRO A 235 -17.27 0.57 -8.40
CA PRO A 235 -17.54 -0.88 -8.59
C PRO A 235 -17.92 -1.53 -7.26
N SER A 236 -18.53 -2.71 -7.32
CA SER A 236 -18.99 -3.38 -6.12
C SER A 236 -17.86 -3.65 -5.13
N ILE A 237 -16.71 -4.07 -5.64
CA ILE A 237 -15.56 -4.41 -4.78
C ILE A 237 -15.05 -3.15 -4.04
N ILE A 238 -14.85 -2.07 -4.79
CA ILE A 238 -14.32 -0.83 -4.22
C ILE A 238 -15.34 -0.16 -3.27
N ASP A 239 -16.60 -0.05 -3.70
CA ASP A 239 -17.66 0.53 -2.87
C ASP A 239 -17.81 -0.28 -1.58
N LYS A 240 -17.75 -1.60 -1.72
CA LYS A 240 -17.86 -2.51 -0.58
C LYS A 240 -16.74 -2.23 0.43
N LEU A 241 -15.53 -2.01 -0.10
CA LEU A 241 -14.35 -1.76 0.74
C LEU A 241 -14.58 -0.53 1.63
N PHE A 242 -15.10 0.55 1.03
CA PHE A 242 -15.39 1.76 1.79
C PHE A 242 -16.47 1.49 2.84
N LEU A 243 -17.46 0.67 2.44
CA LEU A 243 -18.55 0.29 3.34
C LEU A 243 -18.03 -0.51 4.54
N ASP A 244 -17.05 -1.38 4.27
CA ASP A 244 -16.44 -2.22 5.31
C ASP A 244 -15.83 -1.35 6.40
N THR A 245 -15.10 -0.32 5.99
CA THR A 245 -14.46 0.60 6.93
C THR A 245 -15.45 1.63 7.46
N LEU A 246 -15.11 2.24 8.61
CA LEU A 246 -15.97 3.26 9.22
C LEU A 246 -15.16 4.54 9.52
N PRO A 247 -15.79 5.73 9.57
CA PRO A 247 -15.07 7.01 9.87
C PRO A 247 -14.27 6.93 11.17
N PHE A 248 -14.85 6.24 12.16
CA PHE A 248 -14.21 6.06 13.47
C PHE A 248 -13.91 4.57 13.71
N LYS A 1 2.88 -7.84 -33.32
CA LYS A 1 2.40 -7.51 -31.95
C LYS A 1 1.98 -8.79 -31.23
N SER A 2 2.41 -8.92 -29.97
CA SER A 2 2.07 -10.10 -29.16
C SER A 2 1.50 -9.68 -27.77
N PRO A 3 0.27 -9.12 -27.72
CA PRO A 3 -0.36 -8.68 -26.41
C PRO A 3 -0.68 -9.87 -25.49
N LEU A 4 -0.87 -11.05 -26.08
CA LEU A 4 -1.18 -12.27 -25.32
C LEU A 4 -0.02 -13.25 -25.40
N GLN A 5 0.48 -13.67 -24.24
CA GLN A 5 1.61 -14.60 -24.16
C GLN A 5 1.15 -15.96 -23.65
N GLN A 6 1.81 -17.02 -24.14
CA GLN A 6 1.49 -18.39 -23.71
C GLN A 6 2.50 -18.89 -22.66
N GLU A 7 2.55 -18.19 -21.53
CA GLU A 7 3.45 -18.54 -20.43
C GLU A 7 3.00 -19.86 -19.75
N PRO A 8 3.93 -20.60 -19.11
CA PRO A 8 3.57 -21.90 -18.43
C PRO A 8 2.72 -21.67 -17.18
N SER A 9 1.91 -22.68 -16.83
CA SER A 9 1.03 -22.60 -15.67
C SER A 9 1.84 -22.41 -14.39
N GLN A 10 2.98 -23.13 -14.29
CA GLN A 10 3.85 -23.05 -13.12
C GLN A 10 3.03 -23.20 -11.79
N PRO A 11 2.20 -24.27 -11.67
CA PRO A 11 1.37 -24.48 -10.44
C PRO A 11 2.19 -24.95 -9.25
N SER A 12 1.81 -24.48 -8.05
CA SER A 12 2.47 -24.87 -6.80
C SER A 12 4.04 -24.89 -6.95
N PRO A 13 4.69 -23.73 -7.14
CA PRO A 13 6.18 -23.66 -7.29
C PRO A 13 6.92 -24.00 -5.97
N PRO A 14 8.14 -24.58 -6.02
CA PRO A 14 8.92 -24.93 -4.78
C PRO A 14 9.17 -23.70 -3.91
N SER A 15 9.11 -23.90 -2.58
CA SER A 15 9.32 -22.80 -1.63
C SER A 15 10.59 -23.03 -0.76
N PRO A 16 11.73 -22.36 -1.06
CA PRO A 16 12.97 -22.49 -0.22
C PRO A 16 12.66 -22.03 1.24
N PRO A 17 13.42 -22.51 2.26
CA PRO A 17 13.12 -22.17 3.69
C PRO A 17 12.92 -20.67 3.88
N ILE A 18 13.82 -19.86 3.31
CA ILE A 18 13.71 -18.39 3.34
C ILE A 18 13.55 -17.87 4.80
N CYS A 19 13.76 -16.55 4.99
CA CYS A 19 13.59 -15.91 6.29
C CYS A 19 12.50 -14.85 6.21
N MET A 20 12.08 -14.31 7.36
CA MET A 20 10.96 -13.35 7.38
C MET A 20 11.24 -12.11 6.54
N MET A 21 12.41 -11.48 6.77
CA MET A 21 12.77 -10.26 6.04
C MET A 21 12.83 -10.53 4.52
N ASN A 22 13.50 -11.62 4.13
CA ASN A 22 13.67 -11.96 2.72
C ASN A 22 12.32 -12.23 2.04
N ALA A 23 11.43 -12.93 2.75
CA ALA A 23 10.12 -13.27 2.22
C ALA A 23 9.33 -12.00 1.90
N LEU A 24 9.40 -11.02 2.80
CA LEU A 24 8.72 -9.73 2.60
C LEU A 24 9.30 -9.01 1.39
N VAL A 25 10.62 -9.08 1.24
CA VAL A 25 11.33 -8.43 0.14
C VAL A 25 10.89 -9.05 -1.21
N ARG A 26 10.77 -10.39 -1.23
CA ARG A 26 10.40 -11.09 -2.46
C ARG A 26 9.03 -10.62 -2.93
N ALA A 27 8.09 -10.55 -1.99
CA ALA A 27 6.74 -10.08 -2.29
C ALA A 27 6.76 -8.63 -2.76
N LEU A 28 7.61 -7.81 -2.13
CA LEU A 28 7.72 -6.39 -2.47
C LEU A 28 8.17 -6.22 -3.94
N THR A 29 9.20 -6.97 -4.33
CA THR A 29 9.71 -6.93 -5.71
C THR A 29 8.72 -7.58 -6.69
N ASP A 30 7.99 -8.58 -6.20
CA ASP A 30 6.99 -9.28 -7.00
C ASP A 30 5.83 -8.36 -7.41
N SER A 31 5.45 -7.45 -6.50
CA SER A 31 4.32 -6.55 -6.72
C SER A 31 4.72 -5.27 -7.48
N THR A 32 5.67 -5.39 -8.42
CA THR A 32 6.11 -4.24 -9.21
C THR A 32 6.47 -4.65 -10.68
N PRO A 33 6.18 -3.78 -11.69
CA PRO A 33 6.45 -4.12 -13.12
C PRO A 33 7.93 -4.01 -13.50
N ARG A 34 8.50 -5.12 -13.98
CA ARG A 34 9.90 -5.11 -14.47
C ARG A 34 9.99 -4.28 -15.75
N ASP A 35 8.98 -4.45 -16.60
CA ASP A 35 8.87 -3.69 -17.84
C ASP A 35 7.98 -2.48 -17.60
N LEU A 36 7.83 -1.60 -18.60
CA LEU A 36 6.98 -0.40 -18.44
C LEU A 36 6.04 -0.22 -19.64
N ASP A 37 4.85 0.32 -19.35
CA ASP A 37 3.85 0.56 -20.39
C ASP A 37 3.48 2.04 -20.43
N TYR A 38 4.06 2.78 -21.37
CA TYR A 38 3.77 4.22 -21.51
C TYR A 38 2.32 4.43 -21.90
N SER A 39 1.89 3.74 -22.96
CA SER A 39 0.49 3.77 -23.45
C SER A 39 -0.16 5.19 -23.37
N ARG A 40 -0.69 5.56 -22.19
CA ARG A 40 -1.40 6.84 -22.00
C ARG A 40 -0.43 7.99 -21.61
N TYR A 41 0.87 7.69 -21.55
CA TYR A 41 1.87 8.68 -21.14
C TYR A 41 1.91 9.87 -22.11
N CYS A 42 1.77 11.07 -21.56
CA CYS A 42 1.84 12.31 -22.33
C CYS A 42 2.61 13.38 -21.52
N PRO A 43 3.35 14.30 -22.18
CA PRO A 43 4.09 15.38 -21.45
C PRO A 43 3.12 16.43 -20.87
N THR A 44 2.03 16.66 -21.62
CA THR A 44 0.99 17.59 -21.19
C THR A 44 -0.39 16.95 -21.41
N ASP A 45 -1.23 17.01 -20.37
CA ASP A 45 -2.57 16.42 -20.43
C ASP A 45 -3.65 17.47 -20.18
N GLN A 46 -4.30 17.92 -21.26
CA GLN A 46 -5.39 18.90 -21.15
C GLN A 46 -6.71 18.18 -20.81
N ALA A 47 -7.49 18.77 -19.90
CA ALA A 47 -8.75 18.17 -19.47
C ALA A 47 -9.75 19.22 -19.00
N ALA A 48 -11.06 18.92 -19.19
CA ALA A 48 -12.20 19.80 -18.76
C ALA A 48 -13.50 19.51 -19.54
N ALA A 49 -13.46 18.55 -20.49
CA ALA A 49 -14.64 18.23 -21.32
C ALA A 49 -15.04 16.75 -21.16
N GLY A 50 -15.50 16.42 -19.97
CA GLY A 50 -15.94 15.04 -19.66
C GLY A 50 -14.76 14.11 -19.31
N THR A 51 -13.55 14.70 -19.19
CA THR A 51 -12.35 13.94 -18.87
C THR A 51 -12.49 13.29 -17.49
N ASP A 52 -13.05 14.04 -16.54
CA ASP A 52 -13.21 13.57 -15.18
C ASP A 52 -14.08 12.31 -15.12
N ALA A 53 -15.21 12.31 -15.82
CA ALA A 53 -16.11 11.15 -15.82
C ALA A 53 -15.43 9.90 -16.38
N GLU A 54 -14.71 10.06 -17.50
CA GLU A 54 -13.99 8.93 -18.11
C GLU A 54 -12.86 8.48 -17.20
N HIS A 55 -12.16 9.46 -16.62
CA HIS A 55 -11.05 9.18 -15.71
C HIS A 55 -11.51 8.47 -14.46
N VAL A 56 -12.68 8.85 -13.93
CA VAL A 56 -13.23 8.23 -12.72
C VAL A 56 -13.48 6.73 -12.98
N GLN A 57 -14.09 6.41 -14.13
CA GLN A 57 -14.34 5.00 -14.49
C GLN A 57 -13.03 4.24 -14.58
N GLN A 58 -12.05 4.82 -15.28
CA GLN A 58 -10.73 4.20 -15.43
C GLN A 58 -10.05 4.08 -14.05
N PHE A 59 -10.25 5.09 -13.22
CA PHE A 59 -9.66 5.15 -11.89
C PHE A 59 -10.07 3.94 -11.06
N TYR A 60 -11.39 3.68 -11.02
CA TYR A 60 -11.90 2.54 -10.25
C TYR A 60 -11.43 1.22 -10.84
N ASN A 61 -11.40 1.15 -12.19
CA ASN A 61 -10.93 -0.07 -12.86
C ASN A 61 -9.48 -0.35 -12.48
N LEU A 62 -8.67 0.71 -12.42
CA LEU A 62 -7.27 0.61 -12.01
C LEU A 62 -7.18 0.18 -10.54
N LEU A 63 -8.08 0.74 -9.72
CA LEU A 63 -8.13 0.41 -8.29
C LEU A 63 -8.48 -1.06 -8.08
N THR A 64 -9.39 -1.57 -8.91
CA THR A 64 -9.80 -2.98 -8.82
C THR A 64 -8.57 -3.87 -9.04
N ALA A 65 -7.79 -3.54 -10.08
CA ALA A 65 -6.58 -4.29 -10.40
C ALA A 65 -5.55 -4.18 -9.28
N SER A 66 -5.42 -2.96 -8.71
CA SER A 66 -4.43 -2.70 -7.65
C SER A 66 -4.76 -3.47 -6.37
N ILE A 67 -6.07 -3.56 -6.02
CA ILE A 67 -6.47 -4.27 -4.81
C ILE A 67 -6.19 -5.77 -4.92
N ASP A 68 -6.40 -6.33 -6.11
CA ASP A 68 -6.12 -7.75 -6.35
C ASP A 68 -4.63 -8.03 -6.16
N VAL A 69 -3.79 -7.10 -6.64
CA VAL A 69 -2.34 -7.21 -6.46
C VAL A 69 -2.01 -7.12 -4.95
N SER A 70 -2.71 -6.23 -4.25
CA SER A 70 -2.54 -6.05 -2.81
C SER A 70 -2.88 -7.35 -2.08
N ARG A 71 -3.95 -8.03 -2.55
CA ARG A 71 -4.37 -9.29 -1.94
C ARG A 71 -3.26 -10.32 -2.05
N SER A 72 -2.68 -10.43 -3.24
CA SER A 72 -1.57 -11.35 -3.47
C SER A 72 -0.36 -10.93 -2.64
N TRP A 73 -0.16 -9.62 -2.50
CA TRP A 73 0.91 -9.08 -1.68
C TRP A 73 0.75 -9.57 -0.22
N ALA A 74 -0.48 -9.43 0.30
CA ALA A 74 -0.77 -9.89 1.66
C ALA A 74 -0.57 -11.40 1.81
N GLU A 75 -0.96 -12.13 0.77
CA GLU A 75 -0.86 -13.59 0.75
C GLU A 75 0.59 -14.07 0.82
N LYS A 76 1.50 -13.32 0.18
CA LYS A 76 2.92 -13.69 0.16
C LYS A 76 3.59 -13.50 1.53
N ILE A 77 2.99 -12.68 2.40
CA ILE A 77 3.57 -12.37 3.71
C ILE A 77 3.44 -13.60 4.67
N PRO A 78 4.57 -14.15 5.20
CA PRO A 78 4.51 -15.29 6.18
C PRO A 78 3.77 -14.89 7.46
N GLY A 79 2.90 -15.77 7.94
CA GLY A 79 2.15 -15.54 9.19
C GLY A 79 0.82 -14.80 8.94
N PHE A 80 0.64 -14.26 7.73
CA PHE A 80 -0.59 -13.55 7.38
C PHE A 80 -1.80 -14.49 7.47
N THR A 81 -1.63 -15.67 6.90
CA THR A 81 -2.70 -16.67 6.86
C THR A 81 -3.11 -17.13 8.27
N ASP A 82 -2.12 -17.29 9.17
CA ASP A 82 -2.39 -17.83 10.53
C ASP A 82 -3.43 -17.00 11.29
N LEU A 83 -3.68 -15.77 10.81
CA LEU A 83 -4.63 -14.87 11.45
C LEU A 83 -6.06 -15.28 11.04
N PRO A 84 -7.08 -15.03 11.88
CA PRO A 84 -8.50 -15.31 11.49
C PRO A 84 -8.78 -14.80 10.07
N LYS A 85 -9.59 -15.54 9.31
CA LYS A 85 -9.85 -15.18 7.91
C LYS A 85 -10.46 -13.79 7.81
N GLU A 86 -11.35 -13.47 8.77
CA GLU A 86 -12.01 -12.16 8.80
C GLU A 86 -10.96 -11.05 8.96
N ASP A 87 -9.93 -11.31 9.80
CA ASP A 87 -8.85 -10.34 10.01
C ASP A 87 -8.16 -10.07 8.69
N GLN A 88 -7.90 -11.15 7.96
CA GLN A 88 -7.16 -11.07 6.71
C GLN A 88 -7.91 -10.18 5.71
N THR A 89 -9.24 -10.36 5.64
CA THR A 89 -10.09 -9.55 4.76
C THR A 89 -10.10 -8.07 5.22
N LEU A 90 -10.26 -7.86 6.53
CA LEU A 90 -10.33 -6.51 7.11
C LEU A 90 -9.05 -5.74 6.87
N LEU A 91 -7.91 -6.41 7.06
CA LEU A 91 -6.60 -5.78 6.91
C LEU A 91 -6.40 -5.28 5.49
N ILE A 92 -6.78 -6.10 4.51
CA ILE A 92 -6.62 -5.75 3.09
C ILE A 92 -7.51 -4.52 2.73
N GLU A 93 -8.79 -4.59 3.12
CA GLU A 93 -9.76 -3.53 2.78
C GLU A 93 -9.40 -2.21 3.46
N SER A 94 -9.00 -2.26 4.72
CA SER A 94 -8.66 -1.05 5.48
C SER A 94 -7.27 -0.50 5.12
N ALA A 95 -6.40 -1.37 4.60
CA ALA A 95 -5.02 -0.97 4.26
C ALA A 95 -4.78 -0.77 2.76
N PHE A 96 -5.82 -0.97 1.93
CA PHE A 96 -5.68 -0.82 0.48
C PHE A 96 -5.21 0.61 0.12
N LEU A 97 -5.88 1.63 0.67
CA LEU A 97 -5.55 3.01 0.34
C LEU A 97 -4.11 3.38 0.77
N GLU A 98 -3.73 2.97 1.99
CA GLU A 98 -2.39 3.29 2.51
C GLU A 98 -1.30 2.53 1.75
N LEU A 99 -1.54 1.25 1.49
CA LEU A 99 -0.56 0.39 0.80
C LEU A 99 -0.32 0.87 -0.63
N PHE A 100 -1.39 1.27 -1.31
CA PHE A 100 -1.31 1.76 -2.67
C PHE A 100 -0.48 3.05 -2.73
N VAL A 101 -0.75 3.96 -1.78
CA VAL A 101 -0.07 5.27 -1.74
C VAL A 101 1.45 5.10 -1.54
N LEU A 102 1.87 4.28 -0.55
CA LEU A 102 3.30 4.12 -0.28
C LEU A 102 4.00 3.33 -1.38
N ARG A 103 3.33 2.29 -1.85
CA ARG A 103 3.87 1.45 -2.92
C ARG A 103 4.02 2.27 -4.20
N LEU A 104 3.01 3.10 -4.50
CA LEU A 104 3.02 3.94 -5.68
C LEU A 104 4.15 4.98 -5.60
N SER A 105 4.31 5.58 -4.41
CA SER A 105 5.31 6.63 -4.19
C SER A 105 6.73 6.10 -4.39
N ILE A 106 6.98 4.87 -3.92
CA ILE A 106 8.30 4.24 -4.05
C ILE A 106 8.65 4.05 -5.55
N ARG A 107 7.68 3.54 -6.30
CA ARG A 107 7.86 3.26 -7.72
C ARG A 107 7.90 4.55 -8.56
N SER A 108 7.11 5.55 -8.14
CA SER A 108 7.02 6.81 -8.86
C SER A 108 8.24 7.71 -8.65
N ASN A 109 8.58 8.49 -9.68
CA ASN A 109 9.69 9.44 -9.62
C ASN A 109 9.16 10.88 -9.64
N THR A 110 9.31 11.58 -8.51
CA THR A 110 8.77 12.95 -8.37
C THR A 110 9.51 13.93 -9.29
N ALA A 111 10.83 13.70 -9.45
CA ALA A 111 11.64 14.56 -10.32
C ALA A 111 11.10 14.52 -11.74
N GLU A 112 10.71 13.33 -12.16
CA GLU A 112 10.11 13.11 -13.47
C GLU A 112 8.60 13.45 -13.47
N ASP A 113 8.02 13.64 -12.25
CA ASP A 113 6.60 13.93 -12.13
C ASP A 113 5.79 12.84 -12.82
N LYS A 114 6.22 11.58 -12.64
CA LYS A 114 5.53 10.44 -13.23
C LYS A 114 4.92 9.56 -12.13
N PHE A 115 3.83 8.86 -12.47
CA PHE A 115 3.19 7.94 -11.53
C PHE A 115 3.11 6.53 -12.12
N VAL A 116 4.23 5.81 -12.04
CA VAL A 116 4.28 4.44 -12.54
C VAL A 116 3.44 3.54 -11.62
N PHE A 117 2.48 2.81 -12.23
CA PHE A 117 1.58 1.94 -11.48
C PHE A 117 2.08 0.50 -11.48
N CYS A 118 1.50 -0.33 -10.60
CA CYS A 118 1.90 -1.73 -10.46
C CYS A 118 1.73 -2.50 -11.79
N ASN A 119 0.87 -1.98 -12.68
CA ASN A 119 0.64 -2.63 -13.99
C ASN A 119 1.63 -2.13 -15.06
N GLY A 120 2.54 -1.22 -14.68
CA GLY A 120 3.52 -0.65 -15.61
C GLY A 120 2.98 0.62 -16.30
N LEU A 121 1.68 0.90 -16.12
CA LEU A 121 1.05 2.09 -16.73
C LEU A 121 1.59 3.37 -16.09
N VAL A 122 1.88 4.36 -16.93
CA VAL A 122 2.41 5.65 -16.45
C VAL A 122 1.44 6.80 -16.83
N LEU A 123 1.00 7.57 -15.81
CA LEU A 123 0.05 8.68 -16.03
C LEU A 123 0.68 10.06 -15.72
N HIS A 124 1.97 10.18 -15.94
CA HIS A 124 2.67 11.44 -15.75
C HIS A 124 2.28 12.14 -14.38
N ARG A 125 1.37 13.15 -14.44
CA ARG A 125 0.95 13.91 -13.25
C ARG A 125 -0.42 14.54 -13.51
N LEU A 126 -0.49 15.26 -14.63
CA LEU A 126 -1.70 15.94 -15.07
C LEU A 126 -2.84 14.95 -15.39
N GLN A 127 -2.47 13.80 -15.92
CA GLN A 127 -3.45 12.79 -16.35
C GLN A 127 -4.31 12.34 -15.18
N CYS A 128 -3.70 12.16 -14.00
CA CYS A 128 -4.46 11.76 -12.79
C CYS A 128 -4.94 12.97 -11.97
N LEU A 129 -4.54 14.18 -12.38
CA LEU A 129 -4.96 15.42 -11.71
C LEU A 129 -6.50 15.58 -11.79
N ARG A 130 -7.07 15.17 -12.92
CA ARG A 130 -8.52 15.29 -13.17
C ARG A 130 -9.37 14.63 -12.06
N GLY A 131 -8.84 13.60 -11.39
CA GLY A 131 -9.60 12.87 -10.37
C GLY A 131 -8.96 13.02 -9.02
N PHE A 132 -7.72 12.54 -8.91
CA PHE A 132 -6.97 12.64 -7.68
C PHE A 132 -6.79 14.11 -7.32
N GLY A 133 -6.46 14.93 -8.32
CA GLY A 133 -6.29 16.37 -8.11
C GLY A 133 -5.19 16.60 -7.09
N GLU A 134 -5.54 17.33 -6.05
CA GLU A 134 -4.63 17.62 -4.96
C GLU A 134 -4.12 16.30 -4.34
N TRP A 135 -4.91 15.21 -4.46
CA TRP A 135 -4.54 13.93 -3.88
C TRP A 135 -3.26 13.40 -4.51
N LEU A 136 -3.18 13.49 -5.85
CA LEU A 136 -2.00 13.02 -6.58
C LEU A 136 -0.80 13.89 -6.24
N ASP A 137 -1.01 15.21 -6.22
CA ASP A 137 0.06 16.15 -5.93
C ASP A 137 0.64 15.86 -4.55
N SER A 138 -0.24 15.57 -3.59
CA SER A 138 0.17 15.24 -2.23
C SER A 138 1.04 13.98 -2.21
N ILE A 139 0.67 13.00 -3.04
CA ILE A 139 1.43 11.75 -3.14
C ILE A 139 2.85 12.04 -3.63
N LYS A 140 2.96 12.91 -4.65
CA LYS A 140 4.25 13.28 -5.21
C LYS A 140 5.12 13.92 -4.15
N ASP A 141 4.53 14.82 -3.34
CA ASP A 141 5.26 15.47 -2.25
C ASP A 141 5.71 14.43 -1.21
N PHE A 142 4.83 13.48 -0.93
CA PHE A 142 5.13 12.38 -0.01
C PHE A 142 6.31 11.55 -0.53
N SER A 143 6.24 11.22 -1.81
CA SER A 143 7.23 10.37 -2.46
C SER A 143 8.64 10.96 -2.38
N LEU A 144 8.79 12.26 -2.66
CA LEU A 144 10.10 12.90 -2.60
C LEU A 144 10.66 12.85 -1.17
N ASN A 145 9.77 13.06 -0.19
CA ASN A 145 10.13 12.97 1.22
C ASN A 145 10.60 11.55 1.55
N LEU A 146 9.89 10.55 0.99
CA LEU A 146 10.24 9.15 1.17
C LEU A 146 11.64 8.88 0.59
N GLN A 147 11.90 9.47 -0.58
CA GLN A 147 13.21 9.34 -1.25
C GLN A 147 14.32 9.93 -0.38
N SER A 148 14.01 11.05 0.30
CA SER A 148 14.97 11.71 1.18
C SER A 148 15.40 10.77 2.31
N LEU A 149 14.44 9.98 2.82
CA LEU A 149 14.70 9.03 3.90
C LEU A 149 15.75 8.01 3.46
N ASN A 150 15.70 7.61 2.18
CA ASN A 150 16.66 6.63 1.63
C ASN A 150 16.57 5.29 2.38
N LEU A 151 15.34 4.89 2.71
CA LEU A 151 15.11 3.61 3.39
C LEU A 151 15.52 2.46 2.47
N ASP A 152 16.12 1.42 3.06
CA ASP A 152 16.60 0.28 2.27
C ASP A 152 15.43 -0.55 1.77
N ILE A 153 15.76 -1.54 0.95
CA ILE A 153 14.77 -2.44 0.37
C ILE A 153 14.03 -3.19 1.48
N GLN A 154 14.82 -3.74 2.40
CA GLN A 154 14.32 -4.56 3.49
C GLN A 154 13.53 -3.73 4.49
N ALA A 155 14.04 -2.54 4.80
CA ALA A 155 13.38 -1.63 5.74
C ALA A 155 12.01 -1.24 5.23
N LEU A 156 11.95 -0.96 3.92
CA LEU A 156 10.69 -0.61 3.26
C LEU A 156 9.71 -1.78 3.28
N ALA A 157 10.25 -2.99 3.07
CA ALA A 157 9.43 -4.20 3.02
C ALA A 157 8.67 -4.42 4.33
N CYS A 158 9.36 -4.26 5.47
CA CYS A 158 8.71 -4.40 6.78
C CYS A 158 7.70 -3.29 7.02
N LEU A 159 8.05 -2.06 6.62
CA LEU A 159 7.15 -0.91 6.77
C LEU A 159 5.87 -1.09 5.96
N SER A 160 6.02 -1.63 4.74
CA SER A 160 4.84 -1.89 3.90
C SER A 160 3.95 -2.93 4.56
N ALA A 161 4.58 -3.95 5.16
CA ALA A 161 3.85 -4.97 5.92
C ALA A 161 3.18 -4.33 7.13
N LEU A 162 3.90 -3.40 7.77
CA LEU A 162 3.39 -2.66 8.93
C LEU A 162 2.17 -1.84 8.57
N SER A 163 2.20 -1.22 7.39
CA SER A 163 1.06 -0.45 6.92
C SER A 163 -0.16 -1.36 6.78
N MET A 164 0.07 -2.56 6.23
CA MET A 164 -0.98 -3.54 6.06
C MET A 164 -1.50 -4.06 7.40
N ILE A 165 -0.57 -4.25 8.33
CA ILE A 165 -0.87 -4.80 9.67
C ILE A 165 -0.86 -3.69 10.73
N THR A 166 -2.06 -3.37 11.22
CA THR A 166 -2.22 -2.37 12.27
C THR A 166 -3.57 -2.53 12.96
N GLU A 167 -3.65 -2.08 14.22
CA GLU A 167 -4.90 -2.19 14.99
C GLU A 167 -6.03 -1.40 14.31
N ARG A 168 -7.18 -2.05 14.12
CA ARG A 168 -8.34 -1.45 13.48
C ARG A 168 -9.60 -1.74 14.29
N HIS A 169 -10.63 -0.91 14.12
CA HIS A 169 -11.89 -1.10 14.85
C HIS A 169 -12.56 -2.42 14.44
N GLY A 170 -13.09 -3.15 15.44
CA GLY A 170 -13.77 -4.42 15.18
C GLY A 170 -12.79 -5.49 14.68
N LEU A 171 -11.52 -5.40 15.10
CA LEU A 171 -10.48 -6.34 14.64
C LEU A 171 -10.69 -7.72 15.24
N LYS A 172 -10.32 -8.75 14.46
CA LYS A 172 -10.31 -10.09 15.00
C LYS A 172 -9.08 -10.26 15.85
N GLU A 173 -9.31 -10.19 17.13
CA GLU A 173 -8.22 -10.40 18.03
C GLU A 173 -7.17 -9.29 17.72
N PRO A 174 -7.28 -8.09 18.35
CA PRO A 174 -6.26 -7.01 18.11
C PRO A 174 -4.86 -7.61 18.20
N LYS A 175 -4.76 -8.59 19.08
CA LYS A 175 -3.56 -9.29 19.33
C LYS A 175 -3.11 -10.13 18.12
N ARG A 176 -4.06 -10.64 17.24
CA ARG A 176 -3.62 -11.38 16.06
C ARG A 176 -2.84 -10.46 15.15
N VAL A 177 -3.39 -9.27 14.92
CA VAL A 177 -2.72 -8.27 14.08
C VAL A 177 -1.42 -7.78 14.73
N GLU A 178 -1.47 -7.59 16.05
CA GLU A 178 -0.31 -7.11 16.82
C GLU A 178 0.81 -8.15 16.82
N GLU A 179 0.41 -9.41 16.87
CA GLU A 179 1.33 -10.53 16.89
C GLU A 179 2.19 -10.46 15.63
N LEU A 180 1.53 -10.26 14.51
CA LEU A 180 2.19 -10.15 13.22
C LEU A 180 2.99 -8.85 13.12
N CYS A 181 2.43 -7.77 13.71
CA CYS A 181 3.10 -6.48 13.72
C CYS A 181 4.45 -6.59 14.44
N ASN A 182 4.43 -7.27 15.59
CA ASN A 182 5.65 -7.49 16.38
C ASN A 182 6.66 -8.30 15.58
N LYS A 183 6.16 -9.30 14.83
CA LYS A 183 7.01 -10.14 13.99
C LYS A 183 7.76 -9.34 12.93
N ILE A 184 7.05 -8.40 12.29
CA ILE A 184 7.63 -7.54 11.27
C ILE A 184 8.69 -6.65 11.92
N THR A 185 8.36 -6.10 13.10
CA THR A 185 9.28 -5.22 13.80
C THR A 185 10.51 -5.98 14.29
N SER A 186 10.37 -7.30 14.57
CA SER A 186 11.50 -8.11 15.04
C SER A 186 12.58 -8.21 13.95
N SER A 187 12.17 -8.60 12.73
CA SER A 187 13.09 -8.67 11.58
C SER A 187 13.63 -7.29 11.22
N LEU A 188 12.72 -6.35 11.19
CA LEU A 188 12.99 -4.96 10.85
C LEU A 188 14.01 -4.37 11.81
N LYS A 189 13.80 -4.61 13.08
CA LYS A 189 14.67 -4.12 14.13
C LYS A 189 16.08 -4.67 13.92
N ASP A 190 16.15 -5.96 13.55
CA ASP A 190 17.42 -6.59 13.22
C ASP A 190 18.06 -5.86 12.03
N HIS A 191 17.21 -5.48 11.05
CA HIS A 191 17.69 -4.74 9.88
C HIS A 191 18.27 -3.38 10.31
N GLN A 192 17.58 -2.69 11.24
CA GLN A 192 18.02 -1.37 11.70
C GLN A 192 19.40 -1.44 12.39
N SER A 193 19.71 -2.60 12.97
CA SER A 193 21.02 -2.81 13.63
C SER A 193 22.14 -3.09 12.60
N LYS A 194 21.76 -3.28 11.32
CA LYS A 194 22.72 -3.60 10.26
C LYS A 194 23.75 -2.48 10.08
N GLY A 195 23.27 -1.23 10.18
CA GLY A 195 24.14 -0.06 10.01
C GLY A 195 25.05 0.12 11.22
N GLN A 196 26.09 0.94 11.05
CA GLN A 196 27.05 1.20 12.14
C GLN A 196 26.39 1.96 13.29
N ALA A 197 25.45 2.85 12.94
CA ALA A 197 24.70 3.64 13.94
C ALA A 197 23.87 2.73 14.83
N LEU A 198 23.26 1.71 14.22
CA LEU A 198 22.38 0.77 14.93
C LEU A 198 21.13 1.47 15.50
N GLU A 199 20.92 2.74 15.13
CA GLU A 199 19.75 3.49 15.58
C GLU A 199 18.55 3.26 14.63
N PRO A 200 17.36 2.86 15.13
CA PRO A 200 16.17 2.69 14.26
C PRO A 200 15.75 4.04 13.67
N THR A 201 15.44 4.04 12.39
CA THR A 201 15.00 5.27 11.70
C THR A 201 13.45 5.40 11.77
N GLU A 202 12.85 4.70 12.75
CA GLU A 202 11.41 4.68 12.92
C GLU A 202 10.84 6.07 13.19
N SER A 203 11.58 6.89 13.95
CA SER A 203 11.13 8.25 14.30
C SER A 203 10.87 9.07 13.03
N LYS A 204 11.80 9.01 12.08
CA LYS A 204 11.64 9.71 10.81
C LYS A 204 10.44 9.14 10.05
N VAL A 205 10.29 7.81 10.12
CA VAL A 205 9.17 7.11 9.49
C VAL A 205 7.86 7.58 10.10
N LEU A 206 7.81 7.80 11.41
CA LEU A 206 6.58 8.24 12.07
C LEU A 206 6.14 9.61 11.58
N GLY A 207 7.11 10.51 11.32
CA GLY A 207 6.80 11.86 10.79
C GLY A 207 6.20 11.76 9.39
N ALA A 208 6.76 10.83 8.60
CA ALA A 208 6.25 10.56 7.26
C ALA A 208 4.98 9.72 7.33
N LEU A 209 4.81 9.00 8.45
CA LEU A 209 3.64 8.18 8.67
C LEU A 209 2.43 9.07 8.82
N VAL A 210 2.60 10.19 9.55
CA VAL A 210 1.55 11.16 9.72
C VAL A 210 1.16 11.70 8.35
N GLU A 211 2.17 12.05 7.53
CA GLU A 211 1.93 12.52 6.16
C GLU A 211 1.21 11.44 5.33
N LEU A 212 1.63 10.18 5.51
CA LEU A 212 1.02 9.04 4.80
C LEU A 212 -0.46 8.92 5.18
N ARG A 213 -0.75 9.10 6.47
CA ARG A 213 -2.11 9.05 6.98
C ARG A 213 -2.96 10.14 6.35
N LYS A 214 -2.37 11.33 6.14
CA LYS A 214 -3.10 12.44 5.55
C LYS A 214 -3.55 12.05 4.15
N ILE A 215 -2.65 11.40 3.41
CA ILE A 215 -2.96 10.91 2.08
C ILE A 215 -4.03 9.82 2.17
N CYS A 216 -3.92 8.95 3.18
CA CYS A 216 -4.86 7.85 3.37
C CYS A 216 -6.26 8.40 3.58
N THR A 217 -6.37 9.46 4.39
CA THR A 217 -7.66 10.10 4.63
C THR A 217 -8.12 10.84 3.40
N LEU A 218 -7.20 11.54 2.76
CA LEU A 218 -7.50 12.31 1.56
C LEU A 218 -8.02 11.40 0.45
N GLY A 219 -7.44 10.20 0.35
CA GLY A 219 -7.84 9.24 -0.67
C GLY A 219 -9.30 8.86 -0.52
N LEU A 220 -9.74 8.60 0.72
CA LEU A 220 -11.15 8.25 0.95
C LEU A 220 -12.06 9.49 0.98
N GLN A 221 -11.49 10.63 1.42
CA GLN A 221 -12.24 11.90 1.41
C GLN A 221 -12.59 12.31 -0.02
N ARG A 222 -11.62 12.12 -0.93
CA ARG A 222 -11.81 12.43 -2.35
C ARG A 222 -12.94 11.58 -2.93
N ILE A 223 -12.91 10.29 -2.63
CA ILE A 223 -13.91 9.34 -3.12
C ILE A 223 -15.32 9.73 -2.62
N PHE A 224 -15.41 10.18 -1.36
CA PHE A 224 -16.69 10.57 -0.78
C PHE A 224 -17.32 11.69 -1.64
N TYR A 225 -16.52 12.72 -1.97
CA TYR A 225 -16.99 13.82 -2.80
C TYR A 225 -17.32 13.32 -4.21
N LEU A 226 -16.47 12.43 -4.73
CA LEU A 226 -16.66 11.87 -6.07
C LEU A 226 -17.97 11.09 -6.16
N LYS A 227 -18.30 10.36 -5.10
CA LYS A 227 -19.55 9.59 -5.03
C LYS A 227 -20.76 10.50 -5.09
N LEU A 228 -20.67 11.68 -4.45
CA LEU A 228 -21.76 12.65 -4.51
C LEU A 228 -21.99 13.07 -5.96
N GLU A 229 -20.88 13.28 -6.68
CA GLU A 229 -20.91 13.60 -8.10
C GLU A 229 -21.48 12.40 -8.91
N ASP A 230 -21.01 11.20 -8.60
CA ASP A 230 -21.48 9.97 -9.23
C ASP A 230 -21.49 10.05 -10.79
N LEU A 231 -20.36 10.46 -11.40
CA LEU A 231 -20.25 10.49 -12.87
C LEU A 231 -20.39 9.08 -13.45
N VAL A 232 -19.77 8.10 -12.78
CA VAL A 232 -19.83 6.70 -13.23
C VAL A 232 -20.19 5.72 -12.09
N SER A 233 -20.31 6.24 -10.85
CA SER A 233 -20.64 5.41 -9.67
C SER A 233 -19.54 4.35 -9.40
N PRO A 234 -19.02 4.23 -8.14
CA PRO A 234 -17.95 3.24 -7.82
C PRO A 234 -18.38 1.77 -8.10
N PRO A 235 -17.42 0.87 -8.37
CA PRO A 235 -17.71 -0.58 -8.54
C PRO A 235 -18.06 -1.20 -7.18
N SER A 236 -18.66 -2.39 -7.20
CA SER A 236 -19.08 -3.05 -5.97
C SER A 236 -17.90 -3.30 -5.03
N ILE A 237 -16.76 -3.73 -5.58
CA ILE A 237 -15.58 -4.05 -4.77
C ILE A 237 -15.06 -2.79 -4.04
N ILE A 238 -14.90 -1.70 -4.80
CA ILE A 238 -14.38 -0.44 -4.24
C ILE A 238 -15.39 0.21 -3.27
N ASP A 239 -16.65 0.30 -3.69
CA ASP A 239 -17.71 0.86 -2.83
C ASP A 239 -17.81 0.05 -1.54
N LYS A 240 -17.74 -1.28 -1.67
CA LYS A 240 -17.81 -2.19 -0.52
C LYS A 240 -16.68 -1.89 0.47
N LEU A 241 -15.50 -1.62 -0.07
CA LEU A 241 -14.33 -1.32 0.75
C LEU A 241 -14.59 -0.12 1.65
N PHE A 242 -15.18 0.94 1.07
CA PHE A 242 -15.53 2.15 1.83
C PHE A 242 -16.59 1.84 2.87
N LEU A 243 -17.56 1.00 2.52
CA LEU A 243 -18.63 0.62 3.44
C LEU A 243 -18.08 -0.19 4.62
N ASP A 244 -17.09 -1.05 4.34
CA ASP A 244 -16.47 -1.86 5.38
C ASP A 244 -15.82 -0.97 6.42
N THR A 245 -15.11 0.06 5.95
CA THR A 245 -14.46 1.03 6.84
C THR A 245 -15.50 2.01 7.39
N LEU A 246 -15.13 2.70 8.50
CA LEU A 246 -16.03 3.67 9.18
C LEU A 246 -17.55 3.22 9.12
N PRO A 247 -17.86 2.00 9.57
CA PRO A 247 -19.26 1.47 9.55
C PRO A 247 -20.15 2.11 10.63
N PHE A 248 -20.40 3.42 10.48
CA PHE A 248 -21.23 4.17 11.41
C PHE A 248 -22.71 3.90 11.15
N LYS A 1 11.44 -17.94 -36.68
CA LYS A 1 12.27 -17.41 -35.56
C LYS A 1 11.46 -16.35 -34.80
N SER A 2 12.09 -15.76 -33.76
CA SER A 2 11.43 -14.75 -32.92
C SER A 2 10.19 -15.35 -32.19
N PRO A 3 10.11 -15.29 -30.83
CA PRO A 3 8.95 -15.88 -30.08
C PRO A 3 7.65 -15.11 -30.32
N LEU A 4 6.57 -15.87 -30.50
CA LEU A 4 5.24 -15.29 -30.74
C LEU A 4 4.71 -14.56 -29.51
N GLN A 5 4.95 -15.15 -28.32
CA GLN A 5 4.45 -14.59 -27.06
C GLN A 5 5.53 -13.76 -26.36
N GLN A 6 5.28 -12.45 -26.26
CA GLN A 6 6.20 -11.53 -25.61
C GLN A 6 6.32 -11.84 -24.11
N GLU A 7 5.17 -12.16 -23.48
CA GLU A 7 5.11 -12.44 -22.05
C GLU A 7 5.60 -13.90 -21.74
N PRO A 8 6.66 -14.08 -20.92
CA PRO A 8 7.16 -15.46 -20.55
C PRO A 8 6.07 -16.29 -19.89
N SER A 9 6.03 -17.60 -20.21
CA SER A 9 5.02 -18.51 -19.67
C SER A 9 5.40 -19.03 -18.26
N GLN A 10 6.65 -18.77 -17.82
CA GLN A 10 7.13 -19.27 -16.52
C GLN A 10 6.83 -18.26 -15.38
N PRO A 11 6.02 -18.63 -14.36
CA PRO A 11 5.76 -17.75 -13.19
C PRO A 11 6.95 -17.74 -12.24
N SER A 12 7.02 -16.70 -11.41
CA SER A 12 8.12 -16.56 -10.45
C SER A 12 8.07 -17.73 -9.42
N PRO A 13 9.25 -18.23 -8.94
CA PRO A 13 9.29 -19.38 -7.98
C PRO A 13 8.81 -18.99 -6.56
N PRO A 14 8.21 -19.94 -5.80
CA PRO A 14 7.74 -19.67 -4.39
C PRO A 14 8.91 -19.63 -3.41
N SER A 15 8.67 -19.06 -2.22
CA SER A 15 9.71 -18.95 -1.18
C SER A 15 9.23 -19.55 0.16
N PRO A 16 10.14 -20.13 0.99
CA PRO A 16 9.76 -20.75 2.30
C PRO A 16 9.43 -19.68 3.38
N PRO A 17 8.69 -20.05 4.46
CA PRO A 17 8.32 -19.08 5.54
C PRO A 17 9.52 -18.55 6.34
N ILE A 18 10.62 -19.33 6.33
CA ILE A 18 11.83 -18.93 7.08
C ILE A 18 12.41 -17.63 6.53
N CYS A 19 13.33 -17.02 7.29
CA CYS A 19 13.93 -15.75 6.88
C CYS A 19 12.84 -14.69 6.65
N MET A 20 12.35 -14.13 7.76
CA MET A 20 11.26 -13.15 7.71
C MET A 20 11.64 -11.93 6.87
N MET A 21 12.82 -11.37 7.14
CA MET A 21 13.30 -10.20 6.42
C MET A 21 13.39 -10.50 4.93
N ASN A 22 14.00 -11.64 4.61
CA ASN A 22 14.19 -12.06 3.22
C ASN A 22 12.86 -12.28 2.52
N ALA A 23 11.91 -12.92 3.22
CA ALA A 23 10.60 -13.21 2.67
C ALA A 23 9.85 -11.92 2.32
N LEU A 24 9.92 -10.95 3.23
CA LEU A 24 9.25 -9.66 3.03
C LEU A 24 9.85 -8.91 1.85
N VAL A 25 11.18 -8.93 1.75
CA VAL A 25 11.90 -8.28 0.66
C VAL A 25 11.59 -8.98 -0.67
N ARG A 26 11.59 -10.31 -0.62
CA ARG A 26 11.33 -11.13 -1.80
C ARG A 26 9.93 -10.83 -2.33
N ALA A 27 8.97 -10.75 -1.42
CA ALA A 27 7.59 -10.42 -1.77
C ALA A 27 7.53 -9.02 -2.40
N LEU A 28 8.29 -8.08 -1.82
CA LEU A 28 8.31 -6.70 -2.29
C LEU A 28 8.83 -6.64 -3.74
N THR A 29 9.94 -7.34 -4.00
CA THR A 29 10.54 -7.37 -5.34
C THR A 29 9.68 -8.16 -6.32
N ASP A 30 9.02 -9.22 -5.82
CA ASP A 30 8.18 -10.09 -6.65
C ASP A 30 6.93 -9.37 -7.15
N SER A 31 6.35 -8.53 -6.28
CA SER A 31 5.11 -7.81 -6.63
C SER A 31 5.43 -6.48 -7.33
N THR A 32 5.80 -6.59 -8.62
CA THR A 32 6.12 -5.40 -9.43
C THR A 32 6.29 -5.80 -10.94
N PRO A 33 5.99 -4.89 -11.89
CA PRO A 33 6.09 -5.19 -13.34
C PRO A 33 7.52 -4.97 -13.86
N ARG A 34 7.96 -5.85 -14.76
CA ARG A 34 9.30 -5.77 -15.34
C ARG A 34 9.24 -5.23 -16.76
N ASP A 35 8.30 -5.78 -17.54
CA ASP A 35 8.08 -5.35 -18.92
C ASP A 35 7.63 -3.90 -18.99
N LEU A 36 6.77 -3.51 -18.04
CA LEU A 36 6.22 -2.15 -17.97
C LEU A 36 5.33 -1.87 -19.17
N ASP A 37 4.25 -1.13 -18.93
CA ASP A 37 3.29 -0.78 -19.98
C ASP A 37 3.04 0.72 -20.00
N TYR A 38 3.57 1.39 -21.04
CA TYR A 38 3.39 2.84 -21.19
C TYR A 38 2.10 3.13 -21.94
N SER A 39 2.06 2.76 -23.24
CA SER A 39 0.87 2.93 -24.09
C SER A 39 0.21 4.32 -23.93
N ARG A 40 -0.65 4.49 -22.91
CA ARG A 40 -1.35 5.75 -22.67
C ARG A 40 -0.40 6.85 -22.17
N TYR A 41 0.71 6.45 -21.53
CA TYR A 41 1.66 7.39 -20.96
C TYR A 41 2.14 8.38 -22.03
N CYS A 42 2.07 9.68 -21.69
CA CYS A 42 2.48 10.75 -22.60
C CYS A 42 3.36 11.77 -21.85
N PRO A 43 4.33 12.45 -22.53
CA PRO A 43 5.20 13.48 -21.87
C PRO A 43 4.40 14.73 -21.53
N THR A 44 3.39 15.02 -22.36
CA THR A 44 2.51 16.16 -22.16
C THR A 44 1.05 15.74 -22.36
N ASP A 45 0.16 16.16 -21.45
CA ASP A 45 -1.26 15.81 -21.54
C ASP A 45 -2.13 16.81 -20.80
N GLN A 46 -3.44 16.75 -21.08
CA GLN A 46 -4.43 17.63 -20.45
C GLN A 46 -5.80 16.96 -20.42
N ALA A 47 -6.68 17.45 -19.54
CA ALA A 47 -8.03 16.87 -19.41
C ALA A 47 -8.77 16.96 -20.72
N ALA A 48 -9.35 15.83 -21.16
CA ALA A 48 -10.08 15.79 -22.44
C ALA A 48 -10.92 14.52 -22.60
N ALA A 49 -11.87 14.57 -23.54
CA ALA A 49 -12.72 13.42 -23.87
C ALA A 49 -13.55 12.96 -22.65
N GLY A 50 -14.44 13.82 -22.17
CA GLY A 50 -15.29 13.50 -21.01
C GLY A 50 -14.42 13.26 -19.78
N THR A 51 -13.37 14.08 -19.64
CA THR A 51 -12.39 13.95 -18.55
C THR A 51 -13.04 13.58 -17.21
N ASP A 52 -14.20 14.18 -16.92
CA ASP A 52 -14.86 13.94 -15.64
C ASP A 52 -15.41 12.51 -15.49
N ALA A 53 -16.37 12.13 -16.36
CA ALA A 53 -16.97 10.80 -16.30
C ALA A 53 -15.97 9.69 -16.60
N GLU A 54 -15.13 9.90 -17.63
CA GLU A 54 -14.15 8.90 -18.03
C GLU A 54 -13.12 8.66 -16.95
N HIS A 55 -12.64 9.75 -16.32
CA HIS A 55 -11.65 9.64 -15.26
C HIS A 55 -12.22 8.90 -14.06
N VAL A 56 -13.48 9.20 -13.71
CA VAL A 56 -14.10 8.60 -12.53
C VAL A 56 -14.10 7.08 -12.68
N GLN A 57 -14.48 6.60 -13.86
CA GLN A 57 -14.47 5.17 -14.16
C GLN A 57 -13.04 4.61 -14.05
N GLN A 58 -12.09 5.32 -14.65
CA GLN A 58 -10.69 4.90 -14.66
C GLN A 58 -10.11 4.87 -13.23
N PHE A 59 -10.50 5.85 -12.42
CA PHE A 59 -10.00 5.99 -11.06
C PHE A 59 -10.31 4.73 -10.26
N TYR A 60 -11.56 4.27 -10.33
CA TYR A 60 -11.97 3.06 -9.63
C TYR A 60 -11.31 1.83 -10.23
N ASN A 61 -11.21 1.81 -11.57
CA ASN A 61 -10.60 0.68 -12.27
C ASN A 61 -9.16 0.49 -11.83
N LEU A 62 -8.43 1.61 -11.68
CA LEU A 62 -7.04 1.57 -11.23
C LEU A 62 -6.96 1.02 -9.80
N LEU A 63 -7.90 1.46 -8.95
CA LEU A 63 -7.97 1.02 -7.57
C LEU A 63 -8.29 -0.47 -7.49
N THR A 64 -9.18 -0.94 -8.37
CA THR A 64 -9.56 -2.35 -8.39
C THR A 64 -8.30 -3.20 -8.63
N ALA A 65 -7.49 -2.76 -9.61
CA ALA A 65 -6.23 -3.42 -9.91
C ALA A 65 -5.26 -3.33 -8.73
N SER A 66 -5.23 -2.15 -8.07
CA SER A 66 -4.32 -1.93 -6.93
C SER A 66 -4.63 -2.85 -5.77
N ILE A 67 -5.93 -3.02 -5.48
CA ILE A 67 -6.35 -3.86 -4.35
C ILE A 67 -6.08 -5.34 -4.62
N ASP A 68 -6.27 -5.77 -5.87
CA ASP A 68 -5.99 -7.17 -6.24
C ASP A 68 -4.51 -7.46 -6.04
N VAL A 69 -3.65 -6.48 -6.40
CA VAL A 69 -2.22 -6.61 -6.19
C VAL A 69 -1.94 -6.65 -4.68
N SER A 70 -2.67 -5.82 -3.91
CA SER A 70 -2.54 -5.78 -2.46
C SER A 70 -2.88 -7.15 -1.87
N ARG A 71 -3.92 -7.80 -2.43
CA ARG A 71 -4.32 -9.12 -1.97
C ARG A 71 -3.18 -10.11 -2.13
N SER A 72 -2.55 -10.08 -3.31
CA SER A 72 -1.40 -10.95 -3.58
C SER A 72 -0.22 -10.56 -2.70
N TRP A 73 -0.09 -9.25 -2.42
CA TRP A 73 0.97 -8.75 -1.54
C TRP A 73 0.80 -9.37 -0.15
N ALA A 74 -0.43 -9.33 0.37
CA ALA A 74 -0.73 -9.92 1.68
C ALA A 74 -0.45 -11.42 1.68
N GLU A 75 -0.78 -12.07 0.57
CA GLU A 75 -0.58 -13.51 0.40
C GLU A 75 0.91 -13.88 0.49
N LYS A 76 1.78 -13.00 -0.02
CA LYS A 76 3.22 -13.24 0.01
C LYS A 76 3.80 -13.11 1.43
N ILE A 77 3.10 -12.35 2.29
CA ILE A 77 3.57 -12.12 3.68
C ILE A 77 3.40 -13.42 4.52
N PRO A 78 4.49 -13.97 5.13
CA PRO A 78 4.38 -15.21 5.97
C PRO A 78 3.46 -14.99 7.18
N GLY A 79 2.58 -15.98 7.43
CA GLY A 79 1.68 -15.93 8.59
C GLY A 79 0.36 -15.20 8.29
N PHE A 80 0.29 -14.50 7.14
CA PHE A 80 -0.92 -13.76 6.77
C PHE A 80 -2.11 -14.72 6.60
N THR A 81 -1.86 -15.81 5.89
CA THR A 81 -2.89 -16.79 5.56
C THR A 81 -3.50 -17.43 6.84
N ASP A 82 -2.64 -17.71 7.83
CA ASP A 82 -3.09 -18.40 9.06
C ASP A 82 -4.20 -17.66 9.79
N LEU A 83 -4.41 -16.39 9.44
CA LEU A 83 -5.40 -15.55 10.10
C LEU A 83 -6.82 -15.95 9.67
N PRO A 84 -7.85 -15.71 10.50
CA PRO A 84 -9.27 -15.97 10.12
C PRO A 84 -9.57 -15.38 8.72
N LYS A 85 -10.34 -16.12 7.90
CA LYS A 85 -10.58 -15.75 6.50
C LYS A 85 -11.24 -14.36 6.36
N GLU A 86 -12.28 -14.11 7.15
CA GLU A 86 -12.99 -12.83 7.09
C GLU A 86 -12.05 -11.68 7.45
N ASP A 87 -11.21 -11.92 8.43
CA ASP A 87 -10.24 -10.96 8.91
C ASP A 87 -9.21 -10.58 7.85
N GLN A 88 -8.78 -11.58 7.06
CA GLN A 88 -7.82 -11.32 5.99
C GLN A 88 -8.42 -10.33 5.00
N THR A 89 -9.70 -10.53 4.68
CA THR A 89 -10.43 -9.64 3.78
C THR A 89 -10.54 -8.22 4.39
N LEU A 90 -10.89 -8.17 5.68
CA LEU A 90 -11.07 -6.89 6.38
C LEU A 90 -9.77 -6.07 6.39
N LEU A 91 -8.65 -6.74 6.67
CA LEU A 91 -7.35 -6.07 6.73
C LEU A 91 -6.99 -5.43 5.39
N ILE A 92 -7.25 -6.17 4.31
CA ILE A 92 -6.95 -5.68 2.97
C ILE A 92 -7.82 -4.46 2.63
N GLU A 93 -9.12 -4.55 2.95
CA GLU A 93 -10.06 -3.47 2.68
C GLU A 93 -9.67 -2.19 3.43
N SER A 94 -9.33 -2.35 4.71
CA SER A 94 -8.95 -1.21 5.56
C SER A 94 -7.58 -0.64 5.17
N ALA A 95 -6.65 -1.53 4.81
CA ALA A 95 -5.27 -1.13 4.50
C ALA A 95 -5.07 -0.72 3.03
N PHE A 96 -6.13 -0.83 2.21
CA PHE A 96 -6.02 -0.51 0.78
C PHE A 96 -5.55 0.95 0.57
N LEU A 97 -6.21 1.91 1.24
CA LEU A 97 -5.89 3.33 1.02
C LEU A 97 -4.44 3.68 1.37
N GLU A 98 -3.96 3.17 2.52
CA GLU A 98 -2.59 3.44 2.95
C GLU A 98 -1.60 2.68 2.06
N LEU A 99 -1.91 1.41 1.77
CA LEU A 99 -1.05 0.55 0.95
C LEU A 99 -0.92 1.10 -0.48
N PHE A 100 -2.03 1.58 -1.03
CA PHE A 100 -2.05 2.15 -2.36
C PHE A 100 -1.09 3.36 -2.42
N VAL A 101 -1.23 4.25 -1.42
CA VAL A 101 -0.40 5.46 -1.35
C VAL A 101 1.09 5.11 -1.14
N LEU A 102 1.35 4.26 -0.16
CA LEU A 102 2.72 3.91 0.22
C LEU A 102 3.45 3.19 -0.92
N ARG A 103 2.79 2.18 -1.47
CA ARG A 103 3.36 1.37 -2.52
C ARG A 103 3.49 2.14 -3.85
N LEU A 104 2.47 2.95 -4.16
CA LEU A 104 2.46 3.73 -5.41
C LEU A 104 3.61 4.74 -5.41
N SER A 105 3.80 5.42 -4.28
CA SER A 105 4.83 6.45 -4.15
C SER A 105 6.23 5.87 -4.35
N ILE A 106 6.45 4.66 -3.82
CA ILE A 106 7.74 3.99 -3.92
C ILE A 106 8.07 3.66 -5.39
N ARG A 107 7.09 3.09 -6.10
CA ARG A 107 7.27 2.66 -7.49
C ARG A 107 7.30 3.85 -8.47
N SER A 108 6.54 4.90 -8.15
CA SER A 108 6.42 6.06 -9.03
C SER A 108 7.69 6.89 -9.09
N ASN A 109 7.77 7.72 -10.13
CA ASN A 109 8.91 8.61 -10.35
C ASN A 109 8.48 10.08 -10.32
N THR A 110 8.80 10.77 -9.22
CA THR A 110 8.40 12.18 -9.06
C THR A 110 9.18 13.09 -10.00
N ALA A 111 10.44 12.76 -10.24
CA ALA A 111 11.29 13.54 -11.15
C ALA A 111 10.68 13.54 -12.54
N GLU A 112 10.15 12.39 -12.94
CA GLU A 112 9.50 12.22 -14.23
C GLU A 112 8.01 12.63 -14.17
N ASP A 113 7.48 12.88 -12.95
CA ASP A 113 6.08 13.25 -12.78
C ASP A 113 5.15 12.17 -13.34
N LYS A 114 5.56 10.90 -13.15
CA LYS A 114 4.78 9.76 -13.61
C LYS A 114 4.49 8.81 -12.46
N PHE A 115 3.34 8.16 -12.51
CA PHE A 115 2.94 7.18 -11.51
C PHE A 115 2.89 5.80 -12.14
N VAL A 116 3.65 4.87 -11.56
CA VAL A 116 3.74 3.51 -12.07
C VAL A 116 2.95 2.56 -11.17
N PHE A 117 2.01 1.83 -11.77
CA PHE A 117 1.22 0.85 -11.06
C PHE A 117 1.90 -0.52 -11.16
N CYS A 118 1.60 -1.41 -10.21
CA CYS A 118 2.21 -2.74 -10.21
C CYS A 118 1.94 -3.47 -11.54
N ASN A 119 0.77 -3.19 -12.14
CA ASN A 119 0.37 -3.82 -13.41
C ASN A 119 1.26 -3.36 -14.59
N GLY A 120 2.13 -2.36 -14.34
CA GLY A 120 3.02 -1.82 -15.38
C GLY A 120 2.43 -0.55 -16.03
N LEU A 121 1.14 -0.26 -15.76
CA LEU A 121 0.49 0.92 -16.31
C LEU A 121 1.10 2.18 -15.73
N VAL A 122 1.48 3.13 -16.59
CA VAL A 122 2.12 4.38 -16.15
C VAL A 122 1.32 5.61 -16.63
N LEU A 123 1.00 6.51 -15.68
CA LEU A 123 0.25 7.74 -16.02
C LEU A 123 1.08 9.00 -15.70
N HIS A 124 1.18 9.90 -16.69
CA HIS A 124 1.98 11.11 -16.56
C HIS A 124 1.23 12.22 -15.83
N ARG A 125 1.47 12.34 -14.51
CA ARG A 125 0.88 13.42 -13.61
C ARG A 125 -0.44 14.04 -14.15
N LEU A 126 -0.36 14.82 -15.23
CA LEU A 126 -1.52 15.50 -15.83
C LEU A 126 -2.60 14.50 -16.25
N GLN A 127 -2.17 13.31 -16.69
CA GLN A 127 -3.11 12.26 -17.11
C GLN A 127 -4.05 11.91 -15.94
N CYS A 128 -3.50 11.86 -14.74
CA CYS A 128 -4.29 11.58 -13.52
C CYS A 128 -4.86 12.88 -12.88
N LEU A 129 -4.33 14.04 -13.29
CA LEU A 129 -4.80 15.33 -12.76
C LEU A 129 -6.27 15.60 -13.14
N ARG A 130 -6.86 14.76 -14.01
CA ARG A 130 -8.25 14.92 -14.46
C ARG A 130 -9.24 14.79 -13.29
N GLY A 131 -8.97 13.88 -12.34
CA GLY A 131 -9.88 13.66 -11.21
C GLY A 131 -9.13 13.58 -9.90
N PHE A 132 -7.91 12.99 -9.93
CA PHE A 132 -7.09 12.93 -8.72
C PHE A 132 -6.85 14.33 -8.24
N GLY A 133 -6.39 15.19 -9.16
CA GLY A 133 -6.13 16.59 -8.82
C GLY A 133 -5.08 16.66 -7.73
N GLU A 134 -5.43 17.31 -6.63
CA GLU A 134 -4.56 17.40 -5.46
C GLU A 134 -4.28 15.99 -4.88
N TRP A 135 -5.18 15.02 -5.15
CA TRP A 135 -5.04 13.65 -4.64
C TRP A 135 -3.74 13.02 -5.15
N LEU A 136 -3.46 13.20 -6.45
CA LEU A 136 -2.20 12.70 -7.04
C LEU A 136 -1.01 13.55 -6.60
N ASP A 137 -1.18 14.87 -6.65
CA ASP A 137 -0.11 15.82 -6.36
C ASP A 137 0.45 15.58 -4.96
N SER A 138 -0.45 15.35 -4.01
CA SER A 138 -0.06 15.08 -2.63
C SER A 138 0.80 13.82 -2.57
N ILE A 139 0.43 12.81 -3.37
CA ILE A 139 1.17 11.55 -3.42
C ILE A 139 2.60 11.79 -3.93
N LYS A 140 2.73 12.63 -4.98
CA LYS A 140 4.04 12.93 -5.56
C LYS A 140 4.94 13.57 -4.51
N ASP A 141 4.39 14.50 -3.72
CA ASP A 141 5.13 15.15 -2.64
C ASP A 141 5.58 14.11 -1.61
N PHE A 142 4.67 13.18 -1.29
CA PHE A 142 4.95 12.09 -0.35
C PHE A 142 6.11 11.23 -0.86
N SER A 143 6.05 10.85 -2.13
CA SER A 143 7.06 10.02 -2.75
C SER A 143 8.43 10.68 -2.68
N LEU A 144 8.46 11.99 -2.98
CA LEU A 144 9.71 12.75 -2.93
C LEU A 144 10.28 12.73 -1.51
N ASN A 145 9.39 12.96 -0.52
CA ASN A 145 9.80 12.94 0.88
C ASN A 145 10.31 11.56 1.28
N LEU A 146 9.64 10.51 0.80
CA LEU A 146 10.02 9.13 1.09
C LEU A 146 11.43 8.87 0.56
N GLN A 147 11.70 9.33 -0.66
CA GLN A 147 13.02 9.18 -1.28
C GLN A 147 14.06 9.96 -0.48
N SER A 148 13.66 11.14 0.02
CA SER A 148 14.56 11.98 0.82
C SER A 148 15.03 11.26 2.07
N LEU A 149 14.11 10.52 2.71
CA LEU A 149 14.45 9.76 3.93
C LEU A 149 15.51 8.68 3.63
N ASN A 150 15.59 8.24 2.37
CA ASN A 150 16.58 7.25 1.94
C ASN A 150 16.46 5.95 2.75
N LEU A 151 15.21 5.51 2.98
CA LEU A 151 14.96 4.26 3.71
C LEU A 151 15.48 3.07 2.90
N ASP A 152 16.01 2.07 3.61
CA ASP A 152 16.58 0.89 2.98
C ASP A 152 15.49 -0.08 2.51
N ILE A 153 15.91 -1.09 1.73
CA ILE A 153 14.98 -2.07 1.12
C ILE A 153 14.27 -2.91 2.19
N GLN A 154 15.06 -3.46 3.11
CA GLN A 154 14.54 -4.39 4.11
C GLN A 154 13.62 -3.71 5.11
N ALA A 155 14.03 -2.53 5.56
CA ALA A 155 13.20 -1.73 6.47
C ALA A 155 11.91 -1.32 5.78
N LEU A 156 12.03 -0.94 4.51
CA LEU A 156 10.88 -0.55 3.70
C LEU A 156 9.92 -1.74 3.54
N ALA A 157 10.51 -2.92 3.29
CA ALA A 157 9.73 -4.14 3.12
C ALA A 157 8.94 -4.46 4.38
N CYS A 158 9.59 -4.30 5.56
CA CYS A 158 8.95 -4.56 6.84
C CYS A 158 7.79 -3.58 7.08
N LEU A 159 8.02 -2.29 6.73
CA LEU A 159 6.99 -1.25 6.89
C LEU A 159 5.77 -1.52 6.03
N SER A 160 5.99 -1.98 4.78
CA SER A 160 4.86 -2.31 3.89
C SER A 160 4.06 -3.47 4.49
N ALA A 161 4.79 -4.44 5.07
CA ALA A 161 4.14 -5.55 5.78
C ALA A 161 3.37 -5.02 6.98
N LEU A 162 3.96 -4.04 7.68
CA LEU A 162 3.34 -3.40 8.83
C LEU A 162 2.05 -2.68 8.46
N SER A 163 2.05 -2.02 7.30
CA SER A 163 0.86 -1.31 6.85
C SER A 163 -0.30 -2.29 6.66
N MET A 164 0.01 -3.43 6.03
CA MET A 164 -0.97 -4.50 5.81
C MET A 164 -1.41 -5.09 7.16
N ILE A 165 -0.43 -5.35 8.01
CA ILE A 165 -0.67 -5.98 9.32
C ILE A 165 -0.86 -4.90 10.38
N THR A 166 -2.12 -4.67 10.77
CA THR A 166 -2.43 -3.67 11.78
C THR A 166 -3.72 -4.01 12.53
N GLU A 167 -3.92 -3.35 13.67
CA GLU A 167 -5.08 -3.61 14.54
C GLU A 167 -6.35 -2.91 14.02
N ARG A 168 -7.43 -3.70 13.91
CA ARG A 168 -8.75 -3.17 13.52
C ARG A 168 -9.79 -3.79 14.45
N HIS A 169 -10.88 -3.07 14.73
CA HIS A 169 -11.91 -3.55 15.68
C HIS A 169 -12.69 -4.75 15.13
N GLY A 170 -12.99 -5.72 16.02
CA GLY A 170 -13.78 -6.91 15.66
C GLY A 170 -13.01 -7.84 14.73
N LEU A 171 -11.68 -7.91 14.89
CA LEU A 171 -10.83 -8.71 14.01
C LEU A 171 -10.63 -10.18 14.46
N LYS A 172 -10.75 -10.49 15.78
CA LYS A 172 -10.34 -11.86 16.35
C LYS A 172 -8.79 -11.94 16.42
N GLU A 173 -8.23 -11.62 15.31
CA GLU A 173 -6.85 -11.60 15.16
C GLU A 173 -6.18 -10.22 15.42
N PRO A 174 -6.77 -9.23 16.24
CA PRO A 174 -6.00 -8.05 16.68
C PRO A 174 -4.77 -8.56 17.39
N LYS A 175 -5.04 -9.57 18.24
CA LYS A 175 -4.04 -10.20 19.03
C LYS A 175 -3.13 -11.04 18.16
N ARG A 176 -3.69 -11.81 17.16
CA ARG A 176 -2.74 -12.60 16.27
C ARG A 176 -1.87 -11.66 15.40
N VAL A 177 -2.51 -10.64 14.87
CA VAL A 177 -1.89 -9.63 13.99
C VAL A 177 -0.87 -8.80 14.77
N GLU A 178 -1.23 -8.45 16.01
CA GLU A 178 -0.32 -7.67 16.88
C GLU A 178 0.94 -8.45 17.17
N GLU A 179 0.77 -9.76 17.36
CA GLU A 179 1.90 -10.67 17.53
C GLU A 179 2.78 -10.58 16.27
N LEU A 180 2.09 -10.57 15.13
CA LEU A 180 2.71 -10.50 13.81
C LEU A 180 3.44 -9.15 13.63
N CYS A 181 2.83 -8.07 14.15
CA CYS A 181 3.43 -6.74 14.05
C CYS A 181 4.77 -6.74 14.75
N ASN A 182 4.81 -7.33 15.95
CA ASN A 182 6.05 -7.46 16.71
C ASN A 182 7.07 -8.29 15.93
N LYS A 183 6.59 -9.34 15.25
CA LYS A 183 7.44 -10.22 14.45
C LYS A 183 8.13 -9.47 13.32
N ILE A 184 7.39 -8.60 12.65
CA ILE A 184 7.92 -7.79 11.56
C ILE A 184 8.93 -6.78 12.11
N THR A 185 8.59 -6.18 13.26
CA THR A 185 9.45 -5.20 13.91
C THR A 185 10.72 -5.83 14.43
N SER A 186 10.68 -7.14 14.80
CA SER A 186 11.88 -7.82 15.29
C SER A 186 12.88 -8.00 14.14
N SER A 187 12.37 -8.37 12.96
CA SER A 187 13.19 -8.48 11.75
C SER A 187 13.75 -7.12 11.36
N LEU A 188 12.86 -6.15 11.37
CA LEU A 188 13.17 -4.77 11.00
C LEU A 188 14.23 -4.20 11.94
N LYS A 189 14.01 -4.41 13.22
CA LYS A 189 14.91 -3.94 14.26
C LYS A 189 16.29 -4.55 14.07
N ASP A 190 16.32 -5.85 13.70
CA ASP A 190 17.56 -6.53 13.41
C ASP A 190 18.29 -5.82 12.27
N HIS A 191 17.52 -5.40 11.25
CA HIS A 191 18.07 -4.68 10.12
C HIS A 191 18.70 -3.36 10.58
N GLN A 192 18.03 -2.68 11.52
CA GLN A 192 18.52 -1.40 12.04
C GLN A 192 19.76 -1.59 12.94
N SER A 193 19.88 -2.78 13.56
CA SER A 193 21.02 -3.07 14.46
C SER A 193 22.35 -3.16 13.69
N LYS A 194 22.27 -3.50 12.40
CA LYS A 194 23.48 -3.59 11.54
C LYS A 194 23.82 -2.25 10.87
N GLY A 195 22.89 -1.29 10.93
CA GLY A 195 23.06 0.03 10.30
C GLY A 195 23.99 0.92 11.12
N GLN A 196 24.21 2.14 10.64
CA GLN A 196 25.10 3.10 11.29
C GLN A 196 24.62 3.47 12.70
N ALA A 197 25.57 3.47 13.64
CA ALA A 197 25.31 3.85 15.03
C ALA A 197 24.06 3.15 15.59
N LEU A 198 23.67 2.02 14.99
CA LEU A 198 22.50 1.25 15.44
C LEU A 198 21.26 2.15 15.59
N GLU A 199 21.27 3.33 14.94
CA GLU A 199 20.16 4.27 15.01
C GLU A 199 18.94 3.74 14.22
N PRO A 200 17.70 3.84 14.76
CA PRO A 200 16.50 3.40 14.03
C PRO A 200 16.03 4.49 13.09
N THR A 201 15.68 4.10 11.88
CA THR A 201 15.13 5.03 10.90
C THR A 201 13.61 5.17 11.08
N GLU A 202 13.08 4.61 12.19
CA GLU A 202 11.66 4.64 12.51
C GLU A 202 11.18 6.08 12.69
N SER A 203 12.01 6.92 13.32
CA SER A 203 11.65 8.32 13.55
C SER A 203 11.40 9.03 12.23
N LYS A 204 12.30 8.78 11.26
CA LYS A 204 12.16 9.35 9.92
C LYS A 204 10.87 8.83 9.26
N VAL A 205 10.60 7.54 9.49
CA VAL A 205 9.39 6.90 8.98
C VAL A 205 8.16 7.54 9.56
N LEU A 206 8.19 7.88 10.86
CA LEU A 206 7.03 8.49 11.52
C LEU A 206 6.68 9.85 10.92
N GLY A 207 7.71 10.64 10.55
CA GLY A 207 7.47 11.96 9.92
C GLY A 207 6.77 11.80 8.58
N ALA A 208 7.17 10.77 7.84
CA ALA A 208 6.53 10.44 6.56
C ALA A 208 5.22 9.70 6.82
N LEU A 209 5.11 9.07 7.99
CA LEU A 209 3.91 8.37 8.38
C LEU A 209 2.78 9.35 8.59
N VAL A 210 3.11 10.49 9.24
CA VAL A 210 2.14 11.55 9.46
C VAL A 210 1.63 12.04 8.10
N GLU A 211 2.57 12.27 7.17
CA GLU A 211 2.21 12.70 5.81
C GLU A 211 1.35 11.61 5.13
N LEU A 212 1.72 10.34 5.34
CA LEU A 212 0.99 9.19 4.77
C LEU A 212 -0.45 9.19 5.27
N ARG A 213 -0.62 9.48 6.57
CA ARG A 213 -1.93 9.52 7.20
C ARG A 213 -2.78 10.62 6.57
N LYS A 214 -2.14 11.75 6.23
CA LYS A 214 -2.85 12.88 5.63
C LYS A 214 -3.43 12.43 4.29
N ILE A 215 -2.64 11.65 3.55
CA ILE A 215 -3.07 11.12 2.27
C ILE A 215 -4.19 10.08 2.48
N CYS A 216 -4.06 9.25 3.53
CA CYS A 216 -5.06 8.21 3.82
C CYS A 216 -6.43 8.84 4.07
N THR A 217 -6.47 9.96 4.80
CA THR A 217 -7.72 10.68 5.06
C THR A 217 -8.19 11.44 3.81
N LEU A 218 -7.23 11.94 3.04
CA LEU A 218 -7.51 12.63 1.77
C LEU A 218 -8.21 11.69 0.78
N GLY A 219 -7.79 10.42 0.78
CA GLY A 219 -8.37 9.43 -0.13
C GLY A 219 -9.87 9.30 0.12
N LEU A 220 -10.25 9.26 1.39
CA LEU A 220 -11.66 9.17 1.75
C LEU A 220 -12.41 10.42 1.30
N GLN A 221 -11.78 11.59 1.48
CA GLN A 221 -12.40 12.87 1.13
C GLN A 221 -12.61 13.01 -0.38
N ARG A 222 -11.59 12.63 -1.16
CA ARG A 222 -11.65 12.73 -2.62
C ARG A 222 -12.70 11.79 -3.18
N ILE A 223 -12.69 10.56 -2.66
CA ILE A 223 -13.60 9.52 -3.11
C ILE A 223 -15.05 9.88 -2.74
N PHE A 224 -15.24 10.39 -1.52
CA PHE A 224 -16.57 10.78 -1.03
C PHE A 224 -17.17 11.86 -1.95
N TYR A 225 -16.37 12.86 -2.27
CA TYR A 225 -16.79 13.96 -3.12
C TYR A 225 -17.24 13.42 -4.50
N LEU A 226 -16.43 12.51 -5.06
CA LEU A 226 -16.73 11.92 -6.36
C LEU A 226 -18.04 11.17 -6.35
N LYS A 227 -18.32 10.45 -5.25
CA LYS A 227 -19.58 9.71 -5.11
C LYS A 227 -20.78 10.63 -5.17
N LEU A 228 -20.65 11.82 -4.56
CA LEU A 228 -21.71 12.84 -4.66
C LEU A 228 -21.91 13.19 -6.13
N GLU A 229 -20.79 13.28 -6.86
CA GLU A 229 -20.79 13.50 -8.29
C GLU A 229 -20.76 12.12 -9.00
N ASP A 230 -21.84 11.35 -8.81
CA ASP A 230 -21.91 9.98 -9.33
C ASP A 230 -22.05 9.93 -10.86
N LEU A 231 -20.96 10.28 -11.56
CA LEU A 231 -20.93 10.23 -13.02
C LEU A 231 -21.09 8.78 -13.51
N VAL A 232 -20.42 7.85 -12.80
CA VAL A 232 -20.49 6.41 -13.12
C VAL A 232 -20.72 5.53 -11.86
N SER A 233 -20.66 6.17 -10.65
CA SER A 233 -20.84 5.44 -9.39
C SER A 233 -19.71 4.39 -9.16
N PRO A 234 -19.14 4.28 -7.94
CA PRO A 234 -18.04 3.29 -7.66
C PRO A 234 -18.45 1.81 -7.96
N PRO A 235 -17.46 0.93 -8.23
CA PRO A 235 -17.72 -0.53 -8.43
C PRO A 235 -18.17 -1.16 -7.12
N SER A 236 -18.72 -2.38 -7.21
CA SER A 236 -19.24 -3.05 -6.03
C SER A 236 -18.18 -3.24 -4.94
N ILE A 237 -16.97 -3.62 -5.35
CA ILE A 237 -15.88 -3.88 -4.39
C ILE A 237 -15.46 -2.57 -3.67
N ILE A 238 -15.22 -1.52 -4.45
CA ILE A 238 -14.78 -0.23 -3.90
C ILE A 238 -15.89 0.42 -3.06
N ASP A 239 -17.11 0.44 -3.58
CA ASP A 239 -18.27 0.97 -2.83
C ASP A 239 -18.44 0.18 -1.53
N LYS A 240 -18.27 -1.14 -1.64
CA LYS A 240 -18.34 -2.03 -0.49
C LYS A 240 -17.28 -1.65 0.53
N LEU A 241 -16.08 -1.35 0.05
CA LEU A 241 -14.95 -1.01 0.91
C LEU A 241 -15.28 0.22 1.75
N PHE A 242 -15.80 1.26 1.10
CA PHE A 242 -16.14 2.51 1.79
C PHE A 242 -17.17 2.25 2.89
N LEU A 243 -18.21 1.49 2.54
CA LEU A 243 -19.28 1.17 3.50
C LEU A 243 -18.76 0.30 4.65
N ASP A 244 -17.93 -0.68 4.30
CA ASP A 244 -17.34 -1.59 5.28
C ASP A 244 -16.40 -0.85 6.25
N THR A 245 -15.66 0.13 5.71
CA THR A 245 -14.71 0.91 6.52
C THR A 245 -15.46 1.95 7.39
N LEU A 246 -16.35 1.46 8.24
CA LEU A 246 -17.12 2.32 9.14
C LEU A 246 -16.20 3.14 10.10
N PRO A 247 -15.16 2.53 10.74
CA PRO A 247 -14.24 3.27 11.67
C PRO A 247 -13.62 4.50 11.01
N PHE A 248 -13.31 4.38 9.71
CA PHE A 248 -12.65 5.46 8.95
C PHE A 248 -11.30 5.81 9.55
N LYS A 1 51.33 -32.12 -16.91
CA LYS A 1 50.50 -33.35 -16.63
C LYS A 1 49.03 -32.97 -16.60
N SER A 2 48.20 -33.76 -17.30
CA SER A 2 46.76 -33.52 -17.36
C SER A 2 46.44 -32.03 -17.72
N PRO A 3 46.90 -31.52 -18.89
CA PRO A 3 46.63 -30.09 -19.31
C PRO A 3 45.15 -29.76 -19.28
N LEU A 4 44.33 -30.73 -19.68
CA LEU A 4 42.87 -30.55 -19.70
C LEU A 4 42.22 -31.33 -18.57
N GLN A 5 41.42 -30.62 -17.75
CA GLN A 5 40.74 -31.25 -16.60
C GLN A 5 39.40 -30.59 -16.32
N GLN A 6 38.54 -31.30 -15.59
CA GLN A 6 37.21 -30.81 -15.25
C GLN A 6 37.08 -30.64 -13.74
N GLU A 7 36.07 -29.88 -13.33
CA GLU A 7 35.80 -29.63 -11.92
C GLU A 7 34.31 -29.96 -11.60
N PRO A 8 33.92 -31.26 -11.62
CA PRO A 8 32.50 -31.67 -11.37
C PRO A 8 31.97 -31.17 -10.04
N SER A 9 30.72 -30.69 -10.06
CA SER A 9 30.07 -30.19 -8.85
C SER A 9 28.57 -30.45 -8.92
N GLN A 10 28.02 -31.00 -7.84
CA GLN A 10 26.60 -31.32 -7.76
C GLN A 10 25.91 -30.42 -6.71
N PRO A 11 25.07 -29.44 -7.12
CA PRO A 11 24.37 -28.56 -6.15
C PRO A 11 23.32 -29.32 -5.36
N SER A 12 23.13 -28.92 -4.11
CA SER A 12 22.16 -29.55 -3.21
C SER A 12 20.73 -29.21 -3.67
N PRO A 13 19.71 -30.04 -3.32
CA PRO A 13 18.30 -29.77 -3.77
C PRO A 13 17.75 -28.46 -3.15
N PRO A 14 16.90 -27.71 -3.87
CA PRO A 14 16.35 -26.40 -3.36
C PRO A 14 15.34 -26.60 -2.23
N SER A 15 15.24 -25.58 -1.37
CA SER A 15 14.32 -25.61 -0.23
C SER A 15 13.80 -24.18 0.06
N PRO A 16 12.48 -23.99 0.36
CA PRO A 16 11.92 -22.62 0.63
C PRO A 16 12.67 -21.91 1.79
N PRO A 17 12.95 -20.59 1.68
CA PRO A 17 13.67 -19.83 2.77
C PRO A 17 12.78 -19.62 4.00
N ILE A 18 13.43 -19.55 5.17
CA ILE A 18 12.70 -19.35 6.44
C ILE A 18 12.86 -17.91 6.96
N CYS A 19 13.92 -17.21 6.52
CA CYS A 19 14.19 -15.85 6.98
C CYS A 19 13.00 -14.94 6.72
N MET A 20 12.58 -14.22 7.78
CA MET A 20 11.44 -13.32 7.71
C MET A 20 11.63 -12.20 6.71
N MET A 21 12.77 -11.52 6.80
CA MET A 21 13.05 -10.37 5.93
C MET A 21 13.02 -10.77 4.46
N ASN A 22 13.65 -11.92 4.14
CA ASN A 22 13.75 -12.39 2.77
C ASN A 22 12.37 -12.65 2.15
N ALA A 23 11.51 -13.32 2.92
CA ALA A 23 10.17 -13.66 2.44
C ALA A 23 9.36 -12.40 2.13
N LEU A 24 9.45 -11.40 3.02
CA LEU A 24 8.73 -10.14 2.84
C LEU A 24 9.25 -9.39 1.60
N VAL A 25 10.57 -9.41 1.43
CA VAL A 25 11.22 -8.75 0.29
C VAL A 25 10.83 -9.42 -1.02
N ARG A 26 10.80 -10.75 -1.03
CA ARG A 26 10.48 -11.51 -2.23
C ARG A 26 9.08 -11.16 -2.72
N ALA A 27 8.14 -11.12 -1.78
CA ALA A 27 6.76 -10.75 -2.10
C ALA A 27 6.69 -9.32 -2.63
N LEU A 28 7.47 -8.42 -2.00
CA LEU A 28 7.49 -7.01 -2.39
C LEU A 28 8.07 -6.86 -3.81
N THR A 29 9.18 -7.54 -4.07
CA THR A 29 9.85 -7.50 -5.38
C THR A 29 9.03 -8.22 -6.45
N ASP A 30 8.32 -9.28 -6.05
CA ASP A 30 7.52 -10.07 -6.98
C ASP A 30 6.37 -9.25 -7.57
N SER A 31 5.76 -8.39 -6.75
CA SER A 31 4.64 -7.56 -7.20
C SER A 31 5.12 -6.23 -7.80
N THR A 32 5.68 -6.31 -9.02
CA THR A 32 6.17 -5.11 -9.72
C THR A 32 6.22 -5.33 -11.26
N PRO A 33 5.87 -4.31 -12.09
CA PRO A 33 5.93 -4.44 -13.56
C PRO A 33 7.35 -4.21 -14.08
N ARG A 34 7.77 -5.01 -15.07
CA ARG A 34 9.10 -4.89 -15.65
C ARG A 34 9.01 -4.33 -17.06
N ASP A 35 8.06 -4.87 -17.82
CA ASP A 35 7.82 -4.44 -19.20
C ASP A 35 7.39 -2.97 -19.25
N LEU A 36 6.54 -2.58 -18.28
CA LEU A 36 6.03 -1.21 -18.22
C LEU A 36 5.21 -0.89 -19.45
N ASP A 37 4.41 0.19 -19.38
CA ASP A 37 3.54 0.58 -20.50
C ASP A 37 3.28 2.08 -20.49
N TYR A 38 3.11 2.64 -21.69
CA TYR A 38 2.83 4.07 -21.85
C TYR A 38 1.84 4.31 -23.01
N SER A 39 1.05 3.27 -23.37
CA SER A 39 0.07 3.38 -24.46
C SER A 39 -0.96 4.45 -24.14
N ARG A 40 -1.40 4.47 -22.89
CA ARG A 40 -2.38 5.47 -22.43
C ARG A 40 -1.69 6.70 -21.79
N TYR A 41 -0.35 6.66 -21.71
CA TYR A 41 0.43 7.76 -21.16
C TYR A 41 0.21 9.02 -22.01
N CYS A 42 -0.10 10.14 -21.34
CA CYS A 42 -0.35 11.41 -22.03
C CYS A 42 0.61 12.52 -21.51
N PRO A 43 1.28 13.30 -22.41
CA PRO A 43 2.19 14.40 -21.95
C PRO A 43 1.41 15.51 -21.26
N THR A 44 0.15 15.66 -21.68
CA THR A 44 -0.75 16.65 -21.09
C THR A 44 -2.22 16.23 -21.28
N ASP A 45 -2.87 15.86 -20.18
CA ASP A 45 -4.27 15.44 -20.21
C ASP A 45 -5.18 16.65 -20.42
N GLN A 46 -6.11 16.51 -21.37
CA GLN A 46 -7.01 17.61 -21.72
C GLN A 46 -8.29 17.54 -20.92
N ALA A 47 -8.48 18.52 -20.02
CA ALA A 47 -9.69 18.60 -19.20
C ALA A 47 -10.90 18.94 -20.06
N ALA A 48 -12.04 18.29 -19.76
CA ALA A 48 -13.27 18.50 -20.54
C ALA A 48 -14.51 18.06 -19.77
N ALA A 49 -15.69 18.37 -20.33
CA ALA A 49 -16.96 17.98 -19.73
C ALA A 49 -17.26 16.51 -20.09
N GLY A 50 -16.33 15.67 -19.71
CA GLY A 50 -16.39 14.22 -19.98
C GLY A 50 -15.11 13.50 -19.49
N THR A 51 -14.02 14.26 -19.32
CA THR A 51 -12.75 13.73 -18.85
C THR A 51 -12.91 13.10 -17.47
N ASP A 52 -13.65 13.78 -16.60
CA ASP A 52 -13.87 13.32 -15.23
C ASP A 52 -14.60 11.96 -15.23
N ALA A 53 -15.67 11.84 -16.02
CA ALA A 53 -16.45 10.60 -16.08
C ALA A 53 -15.59 9.43 -16.57
N GLU A 54 -14.82 9.65 -17.63
CA GLU A 54 -13.93 8.62 -18.17
C GLU A 54 -12.79 8.32 -17.20
N HIS A 55 -12.26 9.37 -16.60
CA HIS A 55 -11.18 9.27 -15.63
C HIS A 55 -11.61 8.48 -14.40
N VAL A 56 -12.84 8.73 -13.93
CA VAL A 56 -13.38 8.03 -12.76
C VAL A 56 -13.52 6.54 -13.08
N GLN A 57 -14.00 6.23 -14.30
CA GLN A 57 -14.12 4.83 -14.74
C GLN A 57 -12.75 4.16 -14.72
N GLN A 58 -11.77 4.86 -15.27
CA GLN A 58 -10.39 4.38 -15.31
C GLN A 58 -9.88 4.21 -13.87
N PHE A 59 -10.25 5.15 -13.01
CA PHE A 59 -9.80 5.16 -11.62
C PHE A 59 -10.19 3.89 -10.88
N TYR A 60 -11.48 3.50 -10.92
CA TYR A 60 -11.91 2.30 -10.19
C TYR A 60 -11.32 1.03 -10.81
N ASN A 61 -11.22 1.00 -12.13
CA ASN A 61 -10.67 -0.15 -12.83
C ASN A 61 -9.24 -0.40 -12.35
N LEU A 62 -8.46 0.68 -12.25
CA LEU A 62 -7.09 0.60 -11.77
C LEU A 62 -7.04 0.19 -10.29
N LEU A 63 -7.97 0.75 -9.49
CA LEU A 63 -8.05 0.44 -8.06
C LEU A 63 -8.38 -1.03 -7.84
N THR A 64 -9.31 -1.56 -8.66
CA THR A 64 -9.71 -2.95 -8.55
C THR A 64 -8.49 -3.87 -8.80
N ALA A 65 -7.73 -3.55 -9.85
CA ALA A 65 -6.52 -4.30 -10.19
C ALA A 65 -5.47 -4.18 -9.09
N SER A 66 -5.33 -2.96 -8.55
CA SER A 66 -4.33 -2.69 -7.51
C SER A 66 -4.63 -3.45 -6.22
N ILE A 67 -5.92 -3.56 -5.85
CA ILE A 67 -6.31 -4.27 -4.64
C ILE A 67 -6.02 -5.76 -4.77
N ASP A 68 -6.21 -6.31 -5.98
CA ASP A 68 -5.92 -7.73 -6.22
C ASP A 68 -4.43 -8.00 -5.99
N VAL A 69 -3.58 -7.05 -6.43
CA VAL A 69 -2.13 -7.15 -6.19
C VAL A 69 -1.86 -7.13 -4.68
N SER A 70 -2.59 -6.25 -3.97
CA SER A 70 -2.48 -6.13 -2.52
C SER A 70 -2.86 -7.44 -1.85
N ARG A 71 -3.93 -8.09 -2.37
CA ARG A 71 -4.40 -9.36 -1.81
C ARG A 71 -3.30 -10.40 -1.87
N SER A 72 -2.65 -10.49 -3.03
CA SER A 72 -1.54 -11.42 -3.20
C SER A 72 -0.36 -11.02 -2.31
N TRP A 73 -0.14 -9.71 -2.17
CA TRP A 73 0.93 -9.19 -1.32
C TRP A 73 0.73 -9.64 0.12
N ALA A 74 -0.50 -9.47 0.64
CA ALA A 74 -0.82 -9.92 2.00
C ALA A 74 -0.71 -11.44 2.12
N GLU A 75 -1.19 -12.13 1.08
CA GLU A 75 -1.21 -13.61 1.06
C GLU A 75 0.20 -14.22 1.05
N LYS A 76 1.14 -13.55 0.36
CA LYS A 76 2.52 -14.08 0.24
C LYS A 76 3.25 -14.09 1.59
N ILE A 77 2.84 -13.19 2.49
CA ILE A 77 3.53 -13.07 3.79
C ILE A 77 3.39 -14.40 4.59
N PRO A 78 4.46 -14.85 5.30
CA PRO A 78 4.39 -16.07 6.12
C PRO A 78 3.76 -15.80 7.49
N GLY A 79 2.44 -16.02 7.59
CA GLY A 79 1.69 -15.79 8.83
C GLY A 79 0.37 -15.05 8.56
N PHE A 80 0.33 -14.24 7.49
CA PHE A 80 -0.87 -13.51 7.11
C PHE A 80 -2.01 -14.50 6.83
N THR A 81 -1.68 -15.54 6.07
CA THR A 81 -2.65 -16.56 5.68
C THR A 81 -3.24 -17.22 6.94
N ASP A 82 -2.38 -17.45 7.92
CA ASP A 82 -2.79 -18.08 9.18
C ASP A 82 -3.94 -17.32 9.86
N LEU A 83 -4.07 -16.00 9.56
CA LEU A 83 -5.11 -15.18 10.20
C LEU A 83 -6.52 -15.65 9.76
N PRO A 84 -7.56 -15.46 10.60
CA PRO A 84 -8.96 -15.79 10.21
C PRO A 84 -9.29 -15.19 8.83
N LYS A 85 -10.05 -15.96 8.01
CA LYS A 85 -10.33 -15.58 6.61
C LYS A 85 -11.03 -14.21 6.48
N GLU A 86 -12.06 -14.00 7.28
CA GLU A 86 -12.82 -12.75 7.23
C GLU A 86 -11.92 -11.58 7.58
N ASP A 87 -11.07 -11.79 8.58
CA ASP A 87 -10.14 -10.79 9.05
C ASP A 87 -9.14 -10.38 7.98
N GLN A 88 -8.68 -11.36 7.20
CA GLN A 88 -7.73 -11.09 6.11
C GLN A 88 -8.37 -10.12 5.11
N THR A 89 -9.65 -10.35 4.79
CA THR A 89 -10.37 -9.50 3.85
C THR A 89 -10.51 -8.05 4.37
N LEU A 90 -10.90 -7.92 5.65
CA LEU A 90 -11.12 -6.60 6.25
C LEU A 90 -9.82 -5.77 6.30
N LEU A 91 -8.72 -6.43 6.68
CA LEU A 91 -7.41 -5.76 6.78
C LEU A 91 -6.96 -5.22 5.43
N ILE A 92 -7.18 -6.02 4.38
CA ILE A 92 -6.80 -5.63 3.02
C ILE A 92 -7.57 -4.36 2.60
N GLU A 93 -8.89 -4.34 2.87
CA GLU A 93 -9.73 -3.19 2.51
C GLU A 93 -9.28 -1.92 3.24
N SER A 94 -9.01 -2.06 4.54
CA SER A 94 -8.60 -0.92 5.37
C SER A 94 -7.23 -0.36 4.98
N ALA A 95 -6.29 -1.26 4.68
CA ALA A 95 -4.92 -0.87 4.36
C ALA A 95 -4.65 -0.69 2.85
N PHE A 96 -5.68 -0.91 2.03
CA PHE A 96 -5.54 -0.80 0.57
C PHE A 96 -5.08 0.62 0.15
N LEU A 97 -5.77 1.65 0.63
CA LEU A 97 -5.44 3.03 0.25
C LEU A 97 -4.05 3.43 0.73
N GLU A 98 -3.72 3.07 1.98
CA GLU A 98 -2.40 3.40 2.54
C GLU A 98 -1.29 2.66 1.78
N LEU A 99 -1.53 1.36 1.53
CA LEU A 99 -0.55 0.54 0.81
C LEU A 99 -0.37 1.02 -0.62
N PHE A 100 -1.49 1.41 -1.25
CA PHE A 100 -1.45 1.92 -2.62
C PHE A 100 -0.57 3.18 -2.67
N VAL A 101 -0.82 4.11 -1.75
CA VAL A 101 -0.07 5.37 -1.68
C VAL A 101 1.42 5.08 -1.41
N LEU A 102 1.69 4.25 -0.41
CA LEU A 102 3.05 3.94 -0.01
C LEU A 102 3.83 3.27 -1.12
N ARG A 103 3.24 2.22 -1.68
CA ARG A 103 3.88 1.43 -2.72
C ARG A 103 4.01 2.22 -4.02
N LEU A 104 2.96 2.97 -4.36
CA LEU A 104 2.95 3.80 -5.57
C LEU A 104 4.03 4.88 -5.50
N SER A 105 4.15 5.50 -4.32
CA SER A 105 5.12 6.58 -4.11
C SER A 105 6.55 6.10 -4.31
N ILE A 106 6.84 4.88 -3.82
CA ILE A 106 8.19 4.31 -3.93
C ILE A 106 8.54 4.11 -5.41
N ARG A 107 7.58 3.56 -6.17
CA ARG A 107 7.79 3.25 -7.59
C ARG A 107 7.79 4.52 -8.45
N SER A 108 6.98 5.50 -8.05
CA SER A 108 6.85 6.75 -8.82
C SER A 108 8.08 7.63 -8.71
N ASN A 109 8.15 8.58 -9.63
CA ASN A 109 9.26 9.55 -9.68
C ASN A 109 8.70 10.97 -9.63
N THR A 110 8.92 11.67 -8.51
CA THR A 110 8.39 13.03 -8.33
C THR A 110 9.10 14.03 -9.23
N ALA A 111 10.41 13.84 -9.41
CA ALA A 111 11.21 14.73 -10.26
C ALA A 111 10.68 14.71 -11.68
N GLU A 112 10.29 13.52 -12.12
CA GLU A 112 9.71 13.33 -13.44
C GLU A 112 8.19 13.58 -13.44
N ASP A 113 7.59 13.72 -12.23
CA ASP A 113 6.16 13.93 -12.10
C ASP A 113 5.39 12.79 -12.79
N LYS A 114 5.91 11.56 -12.62
CA LYS A 114 5.28 10.37 -13.20
C LYS A 114 4.95 9.34 -12.10
N PHE A 115 3.82 8.66 -12.26
CA PHE A 115 3.40 7.61 -11.34
C PHE A 115 3.31 6.27 -12.05
N VAL A 116 4.04 5.28 -11.52
CA VAL A 116 4.05 3.95 -12.11
C VAL A 116 3.22 2.98 -11.25
N PHE A 117 2.17 2.43 -11.87
CA PHE A 117 1.29 1.47 -11.19
C PHE A 117 1.90 0.09 -11.22
N CYS A 118 1.46 -0.78 -10.31
CA CYS A 118 1.96 -2.15 -10.24
C CYS A 118 1.71 -2.92 -11.56
N ASN A 119 0.80 -2.39 -12.40
CA ASN A 119 0.48 -3.01 -13.70
C ASN A 119 1.40 -2.49 -14.83
N GLY A 120 2.31 -1.57 -14.50
CA GLY A 120 3.23 -0.98 -15.48
C GLY A 120 2.65 0.30 -16.13
N LEU A 121 1.36 0.59 -15.85
CA LEU A 121 0.69 1.77 -16.40
C LEU A 121 1.23 3.05 -15.80
N VAL A 122 1.43 4.07 -16.65
CA VAL A 122 1.95 5.37 -16.21
C VAL A 122 0.92 6.49 -16.50
N LEU A 123 0.51 7.24 -15.44
CA LEU A 123 -0.50 8.31 -15.60
C LEU A 123 0.13 9.73 -15.43
N HIS A 124 1.41 9.84 -15.74
CA HIS A 124 2.09 11.14 -15.69
C HIS A 124 1.77 11.92 -14.36
N ARG A 125 0.85 12.91 -14.41
CA ARG A 125 0.50 13.74 -13.25
C ARG A 125 -0.85 14.40 -13.51
N LEU A 126 -0.98 14.99 -14.69
CA LEU A 126 -2.19 15.69 -15.12
C LEU A 126 -3.36 14.71 -15.35
N GLN A 127 -3.03 13.48 -15.76
CA GLN A 127 -4.05 12.47 -16.07
C GLN A 127 -4.90 12.17 -14.84
N CYS A 128 -4.26 12.11 -13.67
CA CYS A 128 -4.98 11.88 -12.40
C CYS A 128 -5.39 13.21 -11.73
N LEU A 129 -4.85 14.33 -12.24
CA LEU A 129 -5.18 15.66 -11.73
C LEU A 129 -6.70 15.92 -11.89
N ARG A 130 -7.24 15.45 -13.02
CA ARG A 130 -8.68 15.56 -13.30
C ARG A 130 -9.53 14.95 -12.18
N GLY A 131 -8.98 13.93 -11.49
CA GLY A 131 -9.71 13.24 -10.43
C GLY A 131 -9.14 13.57 -9.07
N PHE A 132 -7.97 13.00 -8.79
CA PHE A 132 -7.29 13.26 -7.52
C PHE A 132 -6.98 14.74 -7.40
N GLY A 133 -6.50 15.35 -8.48
CA GLY A 133 -6.16 16.75 -8.46
C GLY A 133 -5.06 17.02 -7.45
N GLU A 134 -5.31 17.95 -6.56
CA GLU A 134 -4.36 18.29 -5.51
C GLU A 134 -4.06 17.07 -4.62
N TRP A 135 -4.97 16.06 -4.62
CA TRP A 135 -4.78 14.87 -3.77
C TRP A 135 -3.56 14.10 -4.23
N LEU A 136 -3.41 13.95 -5.54
CA LEU A 136 -2.24 13.30 -6.12
C LEU A 136 -0.99 14.15 -5.88
N ASP A 137 -1.15 15.47 -6.03
CA ASP A 137 -0.03 16.39 -5.86
C ASP A 137 0.61 16.20 -4.49
N SER A 138 -0.24 15.99 -3.47
CA SER A 138 0.22 15.72 -2.11
C SER A 138 1.01 14.42 -2.06
N ILE A 139 0.53 13.41 -2.81
CA ILE A 139 1.20 12.10 -2.87
C ILE A 139 2.61 12.27 -3.45
N LYS A 140 2.71 13.09 -4.51
CA LYS A 140 4.00 13.34 -5.16
C LYS A 140 4.97 13.95 -4.15
N ASP A 141 4.49 14.92 -3.36
CA ASP A 141 5.31 15.55 -2.32
C ASP A 141 5.72 14.51 -1.27
N PHE A 142 4.78 13.63 -0.91
CA PHE A 142 5.02 12.56 0.06
C PHE A 142 6.13 11.64 -0.44
N SER A 143 6.03 11.27 -1.71
CA SER A 143 6.98 10.36 -2.34
C SER A 143 8.40 10.91 -2.27
N LEU A 144 8.55 12.22 -2.51
CA LEU A 144 9.87 12.86 -2.46
C LEU A 144 10.47 12.68 -1.06
N ASN A 145 9.64 12.94 -0.03
CA ASN A 145 10.06 12.77 1.37
C ASN A 145 10.40 11.31 1.66
N LEU A 146 9.59 10.40 1.13
CA LEU A 146 9.81 8.97 1.33
C LEU A 146 11.17 8.57 0.75
N GLN A 147 11.45 9.08 -0.45
CA GLN A 147 12.72 8.84 -1.13
C GLN A 147 13.88 9.49 -0.35
N SER A 148 13.62 10.69 0.22
CA SER A 148 14.65 11.41 0.98
C SER A 148 15.10 10.62 2.21
N LEU A 149 14.22 9.72 2.70
CA LEU A 149 14.55 8.86 3.84
C LEU A 149 15.68 7.86 3.46
N ASN A 150 15.73 7.50 2.17
CA ASN A 150 16.74 6.56 1.66
C ASN A 150 16.67 5.19 2.37
N LEU A 151 15.44 4.73 2.60
CA LEU A 151 15.21 3.42 3.23
C LEU A 151 15.55 2.30 2.24
N ASP A 152 16.05 1.18 2.77
CA ASP A 152 16.44 0.03 1.93
C ASP A 152 15.22 -0.80 1.56
N ILE A 153 15.45 -1.82 0.72
CA ILE A 153 14.37 -2.70 0.27
C ILE A 153 13.78 -3.41 1.49
N GLN A 154 14.66 -3.95 2.33
CA GLN A 154 14.26 -4.70 3.50
C GLN A 154 13.52 -3.80 4.50
N ALA A 155 14.03 -2.58 4.69
CA ALA A 155 13.38 -1.62 5.59
C ALA A 155 11.98 -1.28 5.08
N LEU A 156 11.88 -1.08 3.76
CA LEU A 156 10.60 -0.79 3.12
C LEU A 156 9.65 -1.98 3.24
N ALA A 157 10.20 -3.18 3.09
CA ALA A 157 9.41 -4.41 3.14
C ALA A 157 8.71 -4.57 4.49
N CYS A 158 9.46 -4.32 5.59
CA CYS A 158 8.89 -4.42 6.93
C CYS A 158 7.81 -3.35 7.15
N LEU A 159 8.08 -2.12 6.69
CA LEU A 159 7.13 -1.01 6.84
C LEU A 159 5.85 -1.26 6.07
N SER A 160 5.99 -1.80 4.84
CA SER A 160 4.83 -2.12 4.02
C SER A 160 3.98 -3.17 4.73
N ALA A 161 4.66 -4.14 5.36
CA ALA A 161 3.98 -5.14 6.17
C ALA A 161 3.31 -4.50 7.37
N LEU A 162 4.01 -3.51 7.97
CA LEU A 162 3.49 -2.80 9.14
C LEU A 162 2.20 -2.03 8.84
N SER A 163 2.14 -1.35 7.69
CA SER A 163 0.94 -0.60 7.30
C SER A 163 -0.23 -1.55 7.06
N MET A 164 0.06 -2.64 6.37
CA MET A 164 -0.94 -3.67 6.06
C MET A 164 -1.41 -4.40 7.33
N ILE A 165 -0.46 -4.64 8.24
CA ILE A 165 -0.73 -5.36 9.49
C ILE A 165 -0.91 -4.37 10.64
N THR A 166 -2.15 -4.28 11.16
CA THR A 166 -2.45 -3.38 12.28
C THR A 166 -3.86 -3.65 12.87
N GLU A 167 -4.12 -3.11 14.07
CA GLU A 167 -5.40 -3.28 14.76
C GLU A 167 -6.53 -2.49 14.06
N ARG A 168 -7.73 -3.11 13.96
CA ARG A 168 -8.90 -2.45 13.35
C ARG A 168 -10.09 -2.44 14.34
N HIS A 169 -10.83 -3.57 14.44
CA HIS A 169 -11.98 -3.69 15.39
C HIS A 169 -12.69 -5.05 15.24
N GLY A 170 -12.83 -5.78 16.35
CA GLY A 170 -13.53 -7.09 16.33
C GLY A 170 -12.88 -8.05 15.34
N LEU A 171 -11.55 -7.95 15.24
CA LEU A 171 -10.79 -8.71 14.25
C LEU A 171 -10.44 -10.16 14.69
N LYS A 172 -10.44 -10.46 16.01
CA LYS A 172 -9.89 -11.80 16.56
C LYS A 172 -8.33 -11.74 16.53
N GLU A 173 -7.87 -11.41 15.36
CA GLU A 173 -6.51 -11.32 15.10
C GLU A 173 -5.91 -9.90 15.29
N PRO A 174 -6.51 -8.92 16.11
CA PRO A 174 -5.78 -7.70 16.50
C PRO A 174 -4.54 -8.16 17.23
N LYS A 175 -4.78 -9.11 18.16
CA LYS A 175 -3.78 -9.68 18.97
C LYS A 175 -2.85 -10.52 18.16
N ARG A 176 -3.39 -11.31 17.17
CA ARG A 176 -2.42 -12.05 16.28
C ARG A 176 -1.55 -11.04 15.49
N VAL A 177 -2.19 -9.98 15.05
CA VAL A 177 -1.56 -8.89 14.30
C VAL A 177 -0.49 -8.19 15.14
N GLU A 178 -0.77 -8.00 16.42
CA GLU A 178 0.20 -7.35 17.33
C GLU A 178 1.45 -8.21 17.47
N GLU A 179 1.22 -9.51 17.54
CA GLU A 179 2.29 -10.48 17.57
C GLU A 179 3.11 -10.36 16.28
N LEU A 180 2.38 -10.22 15.18
CA LEU A 180 2.94 -10.11 13.84
C LEU A 180 3.71 -8.79 13.68
N CYS A 181 3.16 -7.71 14.26
CA CYS A 181 3.79 -6.41 14.21
C CYS A 181 5.15 -6.46 14.87
N ASN A 182 5.22 -7.12 16.04
CA ASN A 182 6.48 -7.31 16.74
C ASN A 182 7.45 -8.12 15.88
N LYS A 183 6.90 -9.13 15.18
CA LYS A 183 7.70 -9.98 14.28
C LYS A 183 8.33 -9.16 13.14
N ILE A 184 7.54 -8.26 12.56
CA ILE A 184 8.01 -7.40 11.48
C ILE A 184 9.05 -6.43 12.01
N THR A 185 8.78 -5.88 13.21
CA THR A 185 9.69 -4.94 13.85
C THR A 185 11.00 -5.63 14.24
N SER A 186 10.93 -6.93 14.57
CA SER A 186 12.14 -7.68 14.95
C SER A 186 13.11 -7.76 13.76
N SER A 187 12.58 -8.14 12.60
CA SER A 187 13.38 -8.20 11.36
C SER A 187 13.89 -6.83 10.99
N LEU A 188 12.99 -5.86 11.09
CA LEU A 188 13.28 -4.47 10.76
C LEU A 188 14.37 -3.93 11.67
N LYS A 189 14.24 -4.21 12.94
CA LYS A 189 15.18 -3.78 13.96
C LYS A 189 16.56 -4.35 13.64
N ASP A 190 16.58 -5.64 13.29
CA ASP A 190 17.80 -6.31 12.88
C ASP A 190 18.38 -5.60 11.66
N HIS A 191 17.49 -5.24 10.71
CA HIS A 191 17.89 -4.51 9.51
C HIS A 191 18.55 -3.17 9.88
N GLN A 192 17.94 -2.46 10.85
CA GLN A 192 18.45 -1.15 11.28
C GLN A 192 19.83 -1.25 11.92
N SER A 193 20.16 -2.42 12.49
CA SER A 193 21.46 -2.63 13.12
C SER A 193 22.57 -2.89 12.09
N LYS A 194 22.16 -3.29 10.88
CA LYS A 194 23.09 -3.64 9.81
C LYS A 194 23.95 -2.45 9.42
N GLY A 195 23.36 -1.24 9.43
CA GLY A 195 24.08 -0.01 9.08
C GLY A 195 25.20 0.25 10.07
N GLN A 196 26.28 0.94 9.62
CA GLN A 196 27.42 1.24 10.49
C GLN A 196 27.02 2.15 11.67
N ALA A 197 25.99 2.97 11.47
CA ALA A 197 25.51 3.88 12.52
C ALA A 197 24.55 3.17 13.49
N LEU A 198 23.97 2.04 13.06
CA LEU A 198 23.01 1.30 13.89
C LEU A 198 21.88 2.23 14.37
N GLU A 199 21.69 3.38 13.69
CA GLU A 199 20.66 4.34 14.06
C GLU A 199 19.30 3.95 13.39
N PRO A 200 18.19 3.80 14.17
CA PRO A 200 16.86 3.46 13.59
C PRO A 200 16.19 4.72 13.01
N THR A 201 15.77 4.63 11.75
CA THR A 201 15.09 5.75 11.08
C THR A 201 13.56 5.67 11.29
N GLU A 202 13.14 4.84 12.27
CA GLU A 202 11.73 4.62 12.56
C GLU A 202 11.04 5.92 12.99
N SER A 203 11.76 6.76 13.74
CA SER A 203 11.20 8.03 14.23
C SER A 203 10.77 8.90 13.05
N LYS A 204 11.62 8.95 12.01
CA LYS A 204 11.31 9.70 10.79
C LYS A 204 10.08 9.11 10.10
N VAL A 205 10.01 7.77 10.11
CA VAL A 205 8.90 7.04 9.51
C VAL A 205 7.60 7.41 10.18
N LEU A 206 7.60 7.54 11.53
CA LEU A 206 6.38 7.87 12.26
C LEU A 206 5.88 9.27 11.89
N GLY A 207 6.81 10.21 11.68
CA GLY A 207 6.44 11.58 11.27
C GLY A 207 5.82 11.56 9.87
N ALA A 208 6.39 10.73 9.00
CA ALA A 208 5.88 10.54 7.65
C ALA A 208 4.65 9.64 7.66
N LEU A 209 4.47 8.88 8.75
CA LEU A 209 3.33 8.02 8.91
C LEU A 209 2.09 8.85 9.14
N VAL A 210 2.24 9.91 9.95
CA VAL A 210 1.15 10.85 10.19
C VAL A 210 0.75 11.47 8.87
N GLU A 211 1.75 11.90 8.09
CA GLU A 211 1.50 12.46 6.75
C GLU A 211 0.84 11.40 5.85
N LEU A 212 1.30 10.15 5.97
CA LEU A 212 0.76 9.03 5.19
C LEU A 212 -0.73 8.84 5.52
N ARG A 213 -1.06 8.97 6.81
CA ARG A 213 -2.43 8.85 7.28
C ARG A 213 -3.29 9.93 6.65
N LYS A 214 -2.72 11.14 6.49
CA LYS A 214 -3.44 12.24 5.90
C LYS A 214 -3.76 11.90 4.45
N ILE A 215 -2.80 11.27 3.77
CA ILE A 215 -2.94 10.90 2.36
C ILE A 215 -4.02 9.81 2.16
N CYS A 216 -4.02 8.76 3.00
CA CYS A 216 -5.01 7.69 2.85
C CYS A 216 -6.40 8.22 3.08
N THR A 217 -6.53 9.12 4.08
CA THR A 217 -7.82 9.78 4.35
C THR A 217 -8.18 10.67 3.19
N LEU A 218 -7.18 11.36 2.64
CA LEU A 218 -7.39 12.23 1.50
C LEU A 218 -7.97 11.44 0.32
N GLY A 219 -7.48 10.20 0.14
CA GLY A 219 -8.01 9.33 -0.90
C GLY A 219 -9.50 9.06 -0.67
N LEU A 220 -9.87 8.77 0.59
CA LEU A 220 -11.28 8.53 0.95
C LEU A 220 -12.12 9.79 0.78
N GLN A 221 -11.53 10.92 1.17
CA GLN A 221 -12.20 12.22 1.13
C GLN A 221 -12.55 12.60 -0.32
N ARG A 222 -11.61 12.36 -1.24
CA ARG A 222 -11.81 12.67 -2.66
C ARG A 222 -12.94 11.83 -3.26
N ILE A 223 -12.96 10.54 -2.92
CA ILE A 223 -13.96 9.60 -3.44
C ILE A 223 -15.38 10.04 -3.03
N PHE A 224 -15.54 10.48 -1.79
CA PHE A 224 -16.86 10.91 -1.30
C PHE A 224 -17.41 12.03 -2.20
N TYR A 225 -16.57 13.02 -2.48
CA TYR A 225 -16.95 14.14 -3.36
C TYR A 225 -17.27 13.62 -4.76
N LEU A 226 -16.42 12.72 -5.27
CA LEU A 226 -16.59 12.15 -6.61
C LEU A 226 -17.92 11.40 -6.72
N LYS A 227 -18.28 10.67 -5.66
CA LYS A 227 -19.53 9.91 -5.62
C LYS A 227 -20.74 10.82 -5.75
N LEU A 228 -20.67 12.01 -5.12
CA LEU A 228 -21.76 12.98 -5.24
C LEU A 228 -21.94 13.35 -6.70
N GLU A 229 -20.80 13.53 -7.39
CA GLU A 229 -20.78 13.78 -8.82
C GLU A 229 -21.27 12.52 -9.57
N ASP A 230 -20.86 11.35 -9.05
CA ASP A 230 -21.22 10.04 -9.62
C ASP A 230 -20.58 9.79 -11.00
N LEU A 231 -21.23 10.25 -12.09
CA LEU A 231 -20.75 10.04 -13.47
C LEU A 231 -20.80 8.55 -13.86
N VAL A 232 -19.90 7.74 -13.28
CA VAL A 232 -19.86 6.28 -13.58
C VAL A 232 -20.21 5.42 -12.35
N SER A 233 -20.34 6.06 -11.17
CA SER A 233 -20.69 5.33 -9.93
C SER A 233 -19.59 4.30 -9.55
N PRO A 234 -19.07 4.29 -8.29
CA PRO A 234 -17.99 3.33 -7.86
C PRO A 234 -18.44 1.85 -7.99
N PRO A 235 -17.48 0.91 -8.17
CA PRO A 235 -17.78 -0.55 -8.16
C PRO A 235 -18.15 -1.00 -6.75
N SER A 236 -18.77 -2.16 -6.63
CA SER A 236 -19.24 -2.65 -5.33
C SER A 236 -18.09 -2.79 -4.32
N ILE A 237 -16.96 -3.30 -4.79
CA ILE A 237 -15.79 -3.53 -3.92
C ILE A 237 -15.24 -2.19 -3.38
N ILE A 238 -15.03 -1.22 -4.29
CA ILE A 238 -14.46 0.07 -3.90
C ILE A 238 -15.44 0.88 -3.02
N ASP A 239 -16.71 0.93 -3.43
CA ASP A 239 -17.75 1.59 -2.62
C ASP A 239 -17.82 0.91 -1.25
N LYS A 240 -17.75 -0.42 -1.25
CA LYS A 240 -17.73 -1.22 -0.03
C LYS A 240 -16.54 -0.82 0.83
N LEU A 241 -15.40 -0.64 0.18
CA LEU A 241 -14.17 -0.30 0.86
C LEU A 241 -14.33 1.03 1.61
N PHE A 242 -14.93 2.01 0.94
CA PHE A 242 -15.16 3.32 1.54
C PHE A 242 -16.02 3.18 2.79
N LEU A 243 -17.11 2.41 2.67
CA LEU A 243 -18.04 2.19 3.78
C LEU A 243 -17.37 1.46 4.92
N ASP A 244 -16.57 0.45 4.57
CA ASP A 244 -15.84 -0.34 5.55
C ASP A 244 -14.81 0.52 6.29
N THR A 245 -14.17 1.45 5.56
CA THR A 245 -13.21 2.39 6.15
C THR A 245 -13.95 3.53 6.81
N LEU A 246 -13.23 4.30 7.65
CA LEU A 246 -13.84 5.44 8.37
C LEU A 246 -13.08 6.75 8.06
N PRO A 247 -13.77 7.92 8.08
CA PRO A 247 -13.11 9.24 7.79
C PRO A 247 -12.10 9.64 8.87
N PHE A 248 -12.28 9.12 10.08
CA PHE A 248 -11.39 9.43 11.21
C PHE A 248 -9.94 9.10 10.86
N LYS A 1 25.38 -47.09 43.04
CA LYS A 1 24.44 -46.76 44.16
C LYS A 1 23.88 -45.36 43.94
N SER A 2 22.57 -45.27 43.70
CA SER A 2 21.90 -43.99 43.48
C SER A 2 20.64 -43.85 44.38
N PRO A 3 20.80 -43.66 45.71
CA PRO A 3 19.63 -43.51 46.65
C PRO A 3 18.80 -42.25 46.34
N LEU A 4 19.48 -41.22 45.82
CA LEU A 4 18.82 -39.97 45.46
C LEU A 4 19.52 -39.32 44.26
N GLN A 5 18.74 -38.91 43.26
CA GLN A 5 19.28 -38.28 42.05
C GLN A 5 19.01 -36.79 42.04
N GLN A 6 20.05 -36.00 41.75
CA GLN A 6 19.93 -34.53 41.70
C GLN A 6 20.48 -34.00 40.37
N GLU A 7 19.61 -33.32 39.60
CA GLU A 7 20.01 -32.76 38.31
C GLU A 7 19.44 -31.33 38.12
N PRO A 8 20.13 -30.44 37.36
CA PRO A 8 19.62 -29.05 37.07
C PRO A 8 18.55 -29.07 35.99
N SER A 9 17.80 -27.96 35.87
CA SER A 9 16.75 -27.86 34.84
C SER A 9 17.37 -28.03 33.45
N GLN A 10 16.69 -28.80 32.60
CA GLN A 10 17.19 -29.08 31.26
C GLN A 10 17.04 -27.83 30.35
N PRO A 11 18.14 -27.28 29.76
CA PRO A 11 18.05 -26.11 28.85
C PRO A 11 17.14 -26.38 27.67
N SER A 12 16.34 -25.39 27.31
CA SER A 12 15.39 -25.50 26.19
C SER A 12 16.15 -25.55 24.84
N PRO A 13 15.62 -26.24 23.80
CA PRO A 13 16.29 -26.33 22.46
C PRO A 13 16.27 -24.98 21.71
N PRO A 14 17.25 -24.70 20.82
CA PRO A 14 17.31 -23.41 20.06
C PRO A 14 16.18 -23.29 19.02
N SER A 15 15.74 -22.06 18.77
CA SER A 15 14.68 -21.78 17.82
C SER A 15 15.27 -21.53 16.39
N PRO A 16 14.84 -22.29 15.35
CA PRO A 16 15.38 -22.10 13.95
C PRO A 16 15.16 -20.66 13.45
N PRO A 17 16.09 -20.09 12.63
CA PRO A 17 15.95 -18.68 12.12
C PRO A 17 14.79 -18.53 11.12
N ILE A 18 14.25 -17.31 11.04
CA ILE A 18 13.13 -17.01 10.15
C ILE A 18 13.57 -16.10 9.01
N CYS A 19 13.24 -16.48 7.78
CA CYS A 19 13.57 -15.70 6.59
C CYS A 19 12.47 -14.66 6.27
N MET A 20 11.89 -14.09 7.33
CA MET A 20 10.82 -13.12 7.21
C MET A 20 11.28 -11.91 6.39
N MET A 21 12.47 -11.38 6.70
CA MET A 21 13.02 -10.22 5.99
C MET A 21 13.08 -10.51 4.50
N ASN A 22 13.69 -11.64 4.18
CA ASN A 22 13.86 -12.04 2.79
C ASN A 22 12.51 -12.24 2.11
N ALA A 23 11.57 -12.87 2.84
CA ALA A 23 10.22 -13.12 2.32
C ALA A 23 9.50 -11.82 2.00
N LEU A 24 9.63 -10.84 2.90
CA LEU A 24 8.99 -9.53 2.72
C LEU A 24 9.52 -8.84 1.47
N VAL A 25 10.84 -8.96 1.26
CA VAL A 25 11.48 -8.36 0.09
C VAL A 25 10.93 -9.01 -1.18
N ARG A 26 10.80 -10.35 -1.17
CA ARG A 26 10.29 -11.09 -2.32
C ARG A 26 8.87 -10.64 -2.65
N ALA A 27 8.05 -10.51 -1.60
CA ALA A 27 6.67 -10.06 -1.77
C ALA A 27 6.65 -8.66 -2.40
N LEU A 28 7.56 -7.80 -1.91
CA LEU A 28 7.69 -6.43 -2.40
C LEU A 28 8.12 -6.41 -3.87
N THR A 29 9.10 -7.26 -4.21
CA THR A 29 9.67 -7.33 -5.56
C THR A 29 8.68 -7.92 -6.58
N ASP A 30 7.90 -8.92 -6.16
CA ASP A 30 6.96 -9.58 -7.09
C ASP A 30 5.77 -8.67 -7.44
N SER A 31 5.36 -7.83 -6.49
CA SER A 31 4.22 -6.95 -6.68
C SER A 31 4.61 -5.63 -7.38
N THR A 32 5.29 -5.77 -8.54
CA THR A 32 5.69 -4.61 -9.33
C THR A 32 5.87 -5.01 -10.83
N PRO A 33 5.41 -4.19 -11.80
CA PRO A 33 5.54 -4.51 -13.26
C PRO A 33 6.96 -4.32 -13.77
N ARG A 34 7.35 -5.14 -14.75
CA ARG A 34 8.69 -5.06 -15.36
C ARG A 34 8.57 -4.60 -16.81
N ASP A 35 7.65 -5.23 -17.53
CA ASP A 35 7.40 -4.90 -18.93
C ASP A 35 6.93 -3.45 -19.07
N LEU A 36 6.09 -3.01 -18.13
CA LEU A 36 5.53 -1.66 -18.13
C LEU A 36 4.55 -1.47 -19.27
N ASP A 37 3.49 -0.72 -19.00
CA ASP A 37 2.44 -0.46 -19.99
C ASP A 37 2.22 1.04 -20.16
N TYR A 38 2.58 1.55 -21.35
CA TYR A 38 2.37 2.96 -21.65
C TYR A 38 0.97 3.15 -22.26
N SER A 39 0.84 2.89 -23.58
CA SER A 39 -0.46 2.98 -24.29
C SER A 39 -1.22 4.29 -23.95
N ARG A 40 -1.95 4.30 -22.82
CA ARG A 40 -2.68 5.47 -22.35
C ARG A 40 -1.71 6.62 -22.05
N TYR A 41 -0.50 6.27 -21.57
CA TYR A 41 0.51 7.26 -21.20
C TYR A 41 0.70 8.30 -22.32
N CYS A 42 0.63 9.58 -21.92
CA CYS A 42 0.79 10.69 -22.86
C CYS A 42 1.80 11.71 -22.27
N PRO A 43 2.65 12.36 -23.11
CA PRO A 43 3.64 13.37 -22.60
C PRO A 43 2.97 14.67 -22.18
N THR A 44 1.89 15.02 -22.90
CA THR A 44 1.12 16.21 -22.60
C THR A 44 -0.36 15.85 -22.49
N ASP A 45 -0.99 16.26 -21.38
CA ASP A 45 -2.41 15.97 -21.15
C ASP A 45 -3.18 17.23 -20.81
N GLN A 46 -3.99 17.69 -21.76
CA GLN A 46 -4.80 18.89 -21.58
C GLN A 46 -6.24 18.49 -21.25
N ALA A 47 -6.40 17.80 -20.11
CA ALA A 47 -7.72 17.33 -19.69
C ALA A 47 -8.33 16.43 -20.76
N ALA A 48 -9.54 15.93 -20.51
CA ALA A 48 -10.23 15.05 -21.47
C ALA A 48 -11.66 15.50 -21.73
N ALA A 49 -12.14 15.25 -22.97
CA ALA A 49 -13.52 15.61 -23.35
C ALA A 49 -14.53 14.89 -22.47
N GLY A 50 -14.24 13.63 -22.15
CA GLY A 50 -15.08 12.82 -21.27
C GLY A 50 -14.57 12.90 -19.84
N THR A 51 -14.12 14.11 -19.46
CA THR A 51 -13.54 14.42 -18.14
C THR A 51 -13.92 13.38 -17.01
N ASP A 52 -14.93 13.72 -16.18
CA ASP A 52 -15.30 12.92 -15.02
C ASP A 52 -15.73 11.51 -15.36
N ALA A 53 -16.53 11.33 -16.41
CA ALA A 53 -17.04 10.00 -16.75
C ALA A 53 -15.90 9.02 -17.09
N GLU A 54 -14.95 9.49 -17.91
CA GLU A 54 -13.80 8.66 -18.29
C GLU A 54 -12.79 8.55 -17.16
N HIS A 55 -12.52 9.67 -16.48
CA HIS A 55 -11.54 9.70 -15.38
C HIS A 55 -12.01 8.89 -14.18
N VAL A 56 -13.31 8.98 -13.85
CA VAL A 56 -13.89 8.22 -12.74
C VAL A 56 -13.88 6.71 -13.04
N GLN A 57 -14.26 6.34 -14.28
CA GLN A 57 -14.27 4.92 -14.67
C GLN A 57 -12.88 4.34 -14.55
N GLN A 58 -11.90 5.07 -15.07
CA GLN A 58 -10.51 4.66 -14.99
C GLN A 58 -10.07 4.54 -13.53
N PHE A 59 -10.56 5.47 -12.70
CA PHE A 59 -10.22 5.51 -11.27
C PHE A 59 -10.54 4.20 -10.55
N TYR A 60 -11.79 3.70 -10.70
CA TYR A 60 -12.18 2.46 -10.01
C TYR A 60 -11.48 1.24 -10.62
N ASN A 61 -11.32 1.25 -11.96
CA ASN A 61 -10.68 0.14 -12.65
C ASN A 61 -9.26 -0.06 -12.14
N LEU A 62 -8.55 1.06 -11.91
CA LEU A 62 -7.20 1.00 -11.36
C LEU A 62 -7.21 0.46 -9.94
N LEU A 63 -8.21 0.89 -9.16
CA LEU A 63 -8.35 0.46 -7.78
C LEU A 63 -8.63 -1.05 -7.70
N THR A 64 -9.47 -1.53 -8.61
CA THR A 64 -9.82 -2.96 -8.65
C THR A 64 -8.57 -3.81 -8.92
N ALA A 65 -7.79 -3.39 -9.93
CA ALA A 65 -6.55 -4.10 -10.28
C ALA A 65 -5.54 -4.01 -9.14
N SER A 66 -5.45 -2.83 -8.53
CA SER A 66 -4.50 -2.59 -7.45
C SER A 66 -4.83 -3.41 -6.19
N ILE A 67 -6.13 -3.54 -5.87
CA ILE A 67 -6.53 -4.29 -4.68
C ILE A 67 -6.23 -5.78 -4.83
N ASP A 68 -6.45 -6.31 -6.01
CA ASP A 68 -6.14 -7.72 -6.29
C ASP A 68 -4.65 -7.99 -6.11
N VAL A 69 -3.82 -7.03 -6.57
CA VAL A 69 -2.37 -7.13 -6.45
C VAL A 69 -1.99 -7.14 -4.95
N SER A 70 -2.60 -6.23 -4.17
CA SER A 70 -2.32 -6.15 -2.73
C SER A 70 -2.73 -7.44 -2.03
N ARG A 71 -3.81 -8.08 -2.51
CA ARG A 71 -4.27 -9.35 -1.93
C ARG A 71 -3.21 -10.40 -2.06
N SER A 72 -2.61 -10.50 -3.25
CA SER A 72 -1.56 -11.47 -3.51
C SER A 72 -0.32 -11.14 -2.69
N TRP A 73 -0.02 -9.84 -2.56
CA TRP A 73 1.13 -9.40 -1.77
C TRP A 73 0.97 -9.83 -0.31
N ALA A 74 -0.22 -9.57 0.25
CA ALA A 74 -0.53 -9.95 1.62
C ALA A 74 -0.49 -11.48 1.78
N GLU A 75 -0.98 -12.18 0.75
CA GLU A 75 -1.03 -13.65 0.77
C GLU A 75 0.38 -14.25 0.84
N LYS A 76 1.34 -13.59 0.18
CA LYS A 76 2.74 -14.05 0.17
C LYS A 76 3.41 -13.88 1.55
N ILE A 77 2.80 -13.05 2.42
CA ILE A 77 3.35 -12.78 3.75
C ILE A 77 3.48 -14.11 4.54
N PRO A 78 4.49 -14.28 5.41
CA PRO A 78 4.70 -15.54 6.19
C PRO A 78 3.82 -15.61 7.45
N GLY A 79 2.74 -14.82 7.51
CA GLY A 79 1.86 -14.80 8.69
C GLY A 79 0.42 -14.35 8.37
N PHE A 80 0.25 -13.62 7.27
CA PHE A 80 -1.07 -13.11 6.87
C PHE A 80 -2.06 -14.26 6.71
N THR A 81 -1.60 -15.31 6.02
CA THR A 81 -2.43 -16.48 5.77
C THR A 81 -2.84 -17.13 7.10
N ASP A 82 -1.90 -17.19 8.04
CA ASP A 82 -2.13 -17.81 9.36
C ASP A 82 -3.29 -17.16 10.12
N LEU A 83 -3.41 -15.83 10.02
CA LEU A 83 -4.45 -15.08 10.74
C LEU A 83 -5.85 -15.54 10.28
N PRO A 84 -6.88 -15.49 11.16
CA PRO A 84 -8.28 -15.87 10.77
C PRO A 84 -8.65 -15.32 9.39
N LYS A 85 -9.62 -15.98 8.73
CA LYS A 85 -10.06 -15.57 7.40
C LYS A 85 -10.58 -14.13 7.40
N GLU A 86 -11.40 -13.82 8.38
CA GLU A 86 -11.99 -12.48 8.48
C GLU A 86 -10.92 -11.42 8.69
N ASP A 87 -9.90 -11.74 9.50
CA ASP A 87 -8.81 -10.79 9.79
C ASP A 87 -8.12 -10.39 8.51
N GLN A 88 -7.82 -11.40 7.69
CA GLN A 88 -7.10 -11.18 6.44
C GLN A 88 -7.90 -10.25 5.53
N THR A 89 -9.21 -10.48 5.46
CA THR A 89 -10.10 -9.64 4.64
C THR A 89 -10.13 -8.20 5.18
N LEU A 90 -10.27 -8.08 6.50
CA LEU A 90 -10.36 -6.77 7.16
C LEU A 90 -9.07 -5.96 6.97
N LEU A 91 -7.92 -6.64 7.12
CA LEU A 91 -6.63 -5.97 6.99
C LEU A 91 -6.43 -5.40 5.59
N ILE A 92 -6.82 -6.17 4.57
CA ILE A 92 -6.66 -5.77 3.18
C ILE A 92 -7.50 -4.51 2.85
N GLU A 93 -8.78 -4.53 3.28
CA GLU A 93 -9.69 -3.43 2.97
C GLU A 93 -9.23 -2.12 3.60
N SER A 94 -8.82 -2.19 4.87
CA SER A 94 -8.37 -1.00 5.60
C SER A 94 -7.03 -0.47 5.08
N ALA A 95 -6.13 -1.38 4.73
CA ALA A 95 -4.76 -1.01 4.31
C ALA A 95 -4.62 -0.85 2.80
N PHE A 96 -5.69 -1.07 2.03
CA PHE A 96 -5.62 -0.99 0.58
C PHE A 96 -5.14 0.40 0.10
N LEU A 97 -5.78 1.47 0.62
CA LEU A 97 -5.42 2.82 0.21
C LEU A 97 -4.00 3.22 0.65
N GLU A 98 -3.63 2.85 1.88
CA GLU A 98 -2.30 3.20 2.41
C GLU A 98 -1.19 2.51 1.62
N LEU A 99 -1.41 1.23 1.32
CA LEU A 99 -0.43 0.46 0.55
C LEU A 99 -0.28 1.04 -0.85
N PHE A 100 -1.41 1.45 -1.44
CA PHE A 100 -1.41 2.04 -2.77
C PHE A 100 -0.55 3.32 -2.77
N VAL A 101 -0.80 4.19 -1.78
CA VAL A 101 -0.07 5.45 -1.66
C VAL A 101 1.43 5.21 -1.42
N LEU A 102 1.72 4.36 -0.44
CA LEU A 102 3.09 4.07 -0.04
C LEU A 102 3.88 3.43 -1.18
N ARG A 103 3.28 2.40 -1.77
CA ARG A 103 3.90 1.64 -2.85
C ARG A 103 4.03 2.48 -4.12
N LEU A 104 3.00 3.29 -4.40
CA LEU A 104 2.99 4.15 -5.60
C LEU A 104 4.14 5.16 -5.54
N SER A 105 4.31 5.77 -4.36
CA SER A 105 5.37 6.77 -4.17
C SER A 105 6.75 6.15 -4.37
N ILE A 106 6.93 4.92 -3.86
CA ILE A 106 8.21 4.22 -3.97
C ILE A 106 8.53 3.89 -5.45
N ARG A 107 7.53 3.35 -6.16
CA ARG A 107 7.71 2.93 -7.56
C ARG A 107 7.80 4.14 -8.51
N SER A 108 7.04 5.19 -8.19
CA SER A 108 6.98 6.38 -9.04
C SER A 108 8.18 7.30 -8.85
N ASN A 109 8.58 7.96 -9.94
CA ASN A 109 9.68 8.92 -9.92
C ASN A 109 9.12 10.35 -9.96
N THR A 110 9.26 11.06 -8.83
CA THR A 110 8.72 12.43 -8.71
C THR A 110 9.44 13.39 -9.65
N ALA A 111 10.75 13.17 -9.84
CA ALA A 111 11.55 14.01 -10.74
C ALA A 111 11.01 13.93 -12.16
N GLU A 112 10.62 12.72 -12.55
CA GLU A 112 10.02 12.47 -13.86
C GLU A 112 8.52 12.85 -13.88
N ASP A 113 7.93 13.07 -12.69
CA ASP A 113 6.52 13.42 -12.56
C ASP A 113 5.63 12.34 -13.22
N LYS A 114 6.06 11.08 -13.07
CA LYS A 114 5.29 9.94 -13.60
C LYS A 114 4.75 9.08 -12.47
N PHE A 115 3.57 8.50 -12.68
CA PHE A 115 2.95 7.64 -11.68
C PHE A 115 2.70 6.25 -12.25
N VAL A 116 3.76 5.43 -12.30
CA VAL A 116 3.65 4.06 -12.75
C VAL A 116 2.95 3.22 -11.68
N PHE A 117 1.94 2.46 -12.11
CA PHE A 117 1.13 1.66 -11.18
C PHE A 117 1.58 0.21 -11.18
N CYS A 118 1.09 -0.56 -10.20
CA CYS A 118 1.44 -1.97 -10.06
C CYS A 118 1.06 -2.78 -11.32
N ASN A 119 0.13 -2.23 -12.12
CA ASN A 119 -0.30 -2.88 -13.37
C ASN A 119 0.56 -2.48 -14.58
N GLY A 120 1.57 -1.62 -14.33
CA GLY A 120 2.48 -1.16 -15.39
C GLY A 120 1.95 0.12 -16.07
N LEU A 121 0.69 0.49 -15.79
CA LEU A 121 0.07 1.67 -16.39
C LEU A 121 0.71 2.94 -15.82
N VAL A 122 1.08 3.85 -16.73
CA VAL A 122 1.72 5.12 -16.33
C VAL A 122 0.81 6.31 -16.73
N LEU A 123 0.40 7.12 -15.74
CA LEU A 123 -0.49 8.28 -15.98
C LEU A 123 0.22 9.63 -15.81
N HIS A 124 1.53 9.63 -15.99
CA HIS A 124 2.31 10.85 -15.92
C HIS A 124 2.01 11.66 -14.59
N ARG A 125 1.17 12.70 -14.69
CA ARG A 125 0.85 13.56 -13.54
C ARG A 125 -0.48 14.29 -13.80
N LEU A 126 -0.55 14.90 -14.98
CA LEU A 126 -1.72 15.65 -15.42
C LEU A 126 -2.94 14.75 -15.62
N GLN A 127 -2.69 13.52 -16.09
CA GLN A 127 -3.79 12.60 -16.42
C GLN A 127 -4.62 12.29 -15.18
N CYS A 128 -3.96 12.11 -14.04
CA CYS A 128 -4.67 11.87 -12.76
C CYS A 128 -5.02 13.19 -12.03
N LEU A 129 -4.48 14.31 -12.54
CA LEU A 129 -4.77 15.63 -11.99
C LEU A 129 -6.28 15.93 -12.12
N ARG A 130 -6.88 15.51 -13.25
CA ARG A 130 -8.31 15.73 -13.50
C ARG A 130 -9.16 15.14 -12.37
N GLY A 131 -8.67 14.07 -11.75
CA GLY A 131 -9.41 13.39 -10.70
C GLY A 131 -8.80 13.65 -9.35
N PHE A 132 -7.60 13.11 -9.14
CA PHE A 132 -6.89 13.31 -7.88
C PHE A 132 -6.60 14.78 -7.67
N GLY A 133 -6.16 15.46 -8.75
CA GLY A 133 -5.85 16.88 -8.64
C GLY A 133 -4.74 17.09 -7.63
N GLU A 134 -5.00 17.96 -6.69
CA GLU A 134 -4.05 18.25 -5.63
C GLU A 134 -3.72 16.98 -4.82
N TRP A 135 -4.60 15.94 -4.90
CA TRP A 135 -4.38 14.69 -4.15
C TRP A 135 -3.15 13.98 -4.66
N LEU A 136 -3.00 13.93 -5.99
CA LEU A 136 -1.86 13.32 -6.64
C LEU A 136 -0.59 14.14 -6.41
N ASP A 137 -0.73 15.46 -6.54
CA ASP A 137 0.39 16.38 -6.39
C ASP A 137 1.01 16.21 -5.01
N SER A 138 0.16 16.04 -3.99
CA SER A 138 0.62 15.84 -2.63
C SER A 138 1.44 14.54 -2.52
N ILE A 139 0.97 13.50 -3.24
CA ILE A 139 1.65 12.20 -3.24
C ILE A 139 3.08 12.37 -3.80
N LYS A 140 3.20 13.12 -4.88
CA LYS A 140 4.49 13.35 -5.53
C LYS A 140 5.44 14.05 -4.55
N ASP A 141 4.94 15.10 -3.86
CA ASP A 141 5.75 15.84 -2.88
C ASP A 141 6.15 14.96 -1.69
N PHE A 142 5.19 14.16 -1.17
CA PHE A 142 5.46 13.28 -0.03
C PHE A 142 6.38 12.13 -0.43
N SER A 143 6.25 11.69 -1.68
CA SER A 143 7.10 10.66 -2.24
C SER A 143 8.56 11.11 -2.21
N LEU A 144 8.78 12.39 -2.53
CA LEU A 144 10.13 12.97 -2.50
C LEU A 144 10.69 12.85 -1.09
N ASN A 145 9.85 13.19 -0.09
CA ASN A 145 10.25 13.05 1.32
C ASN A 145 10.56 11.59 1.65
N LEU A 146 9.75 10.67 1.11
CA LEU A 146 9.97 9.24 1.32
C LEU A 146 11.35 8.87 0.79
N GLN A 147 11.68 9.39 -0.41
CA GLN A 147 12.98 9.16 -1.03
C GLN A 147 14.10 9.79 -0.20
N SER A 148 13.83 10.98 0.38
CA SER A 148 14.82 11.69 1.18
C SER A 148 15.25 10.88 2.41
N LEU A 149 14.35 9.99 2.86
CA LEU A 149 14.65 9.10 4.01
C LEU A 149 15.82 8.17 3.68
N ASN A 150 15.90 7.75 2.41
CA ASN A 150 16.96 6.84 1.94
C ASN A 150 16.92 5.50 2.67
N LEU A 151 15.69 5.01 2.92
CA LEU A 151 15.48 3.71 3.56
C LEU A 151 15.84 2.59 2.59
N ASP A 152 16.32 1.47 3.14
CA ASP A 152 16.77 0.33 2.33
C ASP A 152 15.57 -0.52 1.85
N ILE A 153 15.89 -1.54 1.04
CA ILE A 153 14.87 -2.44 0.47
C ILE A 153 14.11 -3.15 1.58
N GLN A 154 14.87 -3.71 2.50
CA GLN A 154 14.33 -4.50 3.60
C GLN A 154 13.51 -3.65 4.55
N ALA A 155 14.00 -2.42 4.81
CA ALA A 155 13.31 -1.50 5.69
C ALA A 155 11.91 -1.18 5.12
N LEU A 156 11.86 -1.00 3.80
CA LEU A 156 10.59 -0.72 3.12
C LEU A 156 9.64 -1.92 3.23
N ALA A 157 10.21 -3.13 3.11
CA ALA A 157 9.41 -4.35 3.15
C ALA A 157 8.67 -4.47 4.50
N CYS A 158 9.41 -4.27 5.61
CA CYS A 158 8.80 -4.35 6.94
C CYS A 158 7.84 -3.20 7.19
N LEU A 159 8.22 -1.99 6.75
CA LEU A 159 7.38 -0.80 6.95
C LEU A 159 6.06 -0.91 6.19
N SER A 160 6.12 -1.43 4.95
CA SER A 160 4.89 -1.62 4.17
C SER A 160 3.98 -2.62 4.86
N ALA A 161 4.59 -3.68 5.40
CA ALA A 161 3.86 -4.67 6.18
C ALA A 161 3.29 -4.05 7.46
N LEU A 162 4.08 -3.16 8.08
CA LEU A 162 3.68 -2.46 9.30
C LEU A 162 2.44 -1.62 9.06
N SER A 163 2.42 -0.90 7.95
CA SER A 163 1.27 -0.09 7.58
C SER A 163 0.06 -0.99 7.32
N MET A 164 0.33 -2.13 6.67
CA MET A 164 -0.70 -3.10 6.34
C MET A 164 -1.32 -3.73 7.60
N ILE A 165 -0.47 -3.99 8.58
CA ILE A 165 -0.89 -4.64 9.84
C ILE A 165 -1.01 -3.60 10.96
N THR A 166 -2.23 -3.45 11.49
CA THR A 166 -2.50 -2.54 12.61
C THR A 166 -3.85 -2.85 13.27
N GLU A 167 -3.96 -2.58 14.58
CA GLU A 167 -5.19 -2.87 15.32
C GLU A 167 -6.38 -2.09 14.75
N ARG A 168 -7.49 -2.81 14.55
CA ARG A 168 -8.72 -2.25 13.98
C ARG A 168 -9.92 -2.65 14.83
N HIS A 169 -11.03 -1.91 14.71
CA HIS A 169 -12.25 -2.22 15.48
C HIS A 169 -12.91 -3.50 14.95
N GLY A 170 -13.40 -4.34 15.87
CA GLY A 170 -14.06 -5.60 15.50
C GLY A 170 -13.05 -6.60 14.91
N LEU A 171 -11.79 -6.49 15.35
CA LEU A 171 -10.71 -7.34 14.85
C LEU A 171 -10.83 -8.78 15.32
N LYS A 172 -10.42 -9.71 14.46
CA LYS A 172 -10.31 -11.08 14.89
C LYS A 172 -9.07 -11.21 15.71
N GLU A 173 -9.26 -11.27 16.99
CA GLU A 173 -8.14 -11.47 17.85
C GLU A 173 -7.18 -10.27 17.63
N PRO A 174 -7.35 -9.14 18.36
CA PRO A 174 -6.42 -7.97 18.23
C PRO A 174 -4.99 -8.47 18.24
N LYS A 175 -4.80 -9.51 19.03
CA LYS A 175 -3.56 -10.14 19.22
C LYS A 175 -3.05 -10.81 17.92
N ARG A 176 -3.98 -11.30 17.00
CA ARG A 176 -3.50 -11.87 15.75
C ARG A 176 -2.80 -10.81 14.94
N VAL A 177 -3.45 -9.65 14.83
CA VAL A 177 -2.85 -8.52 14.09
C VAL A 177 -1.58 -8.03 14.80
N GLU A 178 -1.62 -7.96 16.12
CA GLU A 178 -0.47 -7.50 16.93
C GLU A 178 0.70 -8.45 16.79
N GLU A 179 0.38 -9.74 16.71
CA GLU A 179 1.37 -10.79 16.58
C GLU A 179 2.21 -10.53 15.34
N LEU A 180 1.51 -10.22 14.26
CA LEU A 180 2.12 -9.92 12.99
C LEU A 180 2.94 -8.64 13.08
N CYS A 181 2.41 -7.64 13.76
CA CYS A 181 3.10 -6.36 13.93
C CYS A 181 4.44 -6.59 14.63
N ASN A 182 4.43 -7.36 15.72
CA ASN A 182 5.65 -7.69 16.46
C ASN A 182 6.62 -8.49 15.58
N LYS A 183 6.05 -9.40 14.78
CA LYS A 183 6.84 -10.23 13.86
C LYS A 183 7.62 -9.39 12.86
N ILE A 184 6.96 -8.38 12.30
CA ILE A 184 7.57 -7.49 11.33
C ILE A 184 8.66 -6.65 12.02
N THR A 185 8.37 -6.20 13.25
CA THR A 185 9.30 -5.38 14.01
C THR A 185 10.56 -6.17 14.37
N SER A 186 10.44 -7.50 14.57
CA SER A 186 11.61 -8.33 14.91
C SER A 186 12.56 -8.43 13.70
N SER A 187 11.99 -8.67 12.51
CA SER A 187 12.77 -8.68 11.26
C SER A 187 13.36 -7.31 10.99
N LEU A 188 12.52 -6.32 11.15
CA LEU A 188 12.86 -4.92 10.92
C LEU A 188 13.99 -4.47 11.84
N LYS A 189 13.86 -4.83 13.10
CA LYS A 189 14.84 -4.49 14.12
C LYS A 189 16.21 -5.05 13.72
N ASP A 190 16.21 -6.29 13.21
CA ASP A 190 17.43 -6.91 12.72
C ASP A 190 18.02 -6.08 11.58
N HIS A 191 17.13 -5.56 10.72
CA HIS A 191 17.54 -4.70 9.60
C HIS A 191 18.23 -3.41 10.12
N GLN A 192 17.68 -2.82 11.18
CA GLN A 192 18.22 -1.56 11.72
C GLN A 192 19.56 -1.77 12.44
N SER A 193 19.79 -2.98 12.96
CA SER A 193 21.03 -3.29 13.68
C SER A 193 22.25 -3.20 12.76
N LYS A 194 22.07 -3.62 11.49
CA LYS A 194 23.15 -3.59 10.50
C LYS A 194 23.45 -2.17 9.99
N GLY A 195 22.48 -1.26 10.19
CA GLY A 195 22.61 0.12 9.73
C GLY A 195 23.70 0.86 10.49
N GLN A 196 24.14 2.00 9.94
CA GLN A 196 25.21 2.79 10.54
C GLN A 196 24.81 3.30 11.93
N ALA A 197 25.75 3.20 12.87
CA ALA A 197 25.55 3.65 14.25
C ALA A 197 24.31 2.98 14.91
N LEU A 198 23.81 1.90 14.28
CA LEU A 198 22.63 1.18 14.81
C LEU A 198 21.47 2.15 15.14
N GLU A 199 21.50 3.36 14.56
CA GLU A 199 20.45 4.35 14.79
C GLU A 199 19.17 3.95 14.02
N PRO A 200 17.97 4.00 14.65
CA PRO A 200 16.71 3.67 13.95
C PRO A 200 16.15 4.87 13.24
N THR A 201 15.79 4.69 11.99
CA THR A 201 15.14 5.74 11.22
C THR A 201 13.61 5.69 11.44
N GLU A 202 13.17 4.90 12.46
CA GLU A 202 11.77 4.73 12.75
C GLU A 202 11.09 6.04 13.12
N SER A 203 11.80 6.89 13.89
CA SER A 203 11.23 8.18 14.33
C SER A 203 10.89 9.05 13.13
N LYS A 204 11.77 9.03 12.12
CA LYS A 204 11.53 9.76 10.87
C LYS A 204 10.32 9.19 10.15
N VAL A 205 10.21 7.85 10.18
CA VAL A 205 9.10 7.12 9.57
C VAL A 205 7.79 7.50 10.24
N LEU A 206 7.79 7.64 11.57
CA LEU A 206 6.55 7.98 12.28
C LEU A 206 6.03 9.37 11.90
N GLY A 207 6.97 10.32 11.68
CA GLY A 207 6.58 11.67 11.24
C GLY A 207 5.98 11.64 9.84
N ALA A 208 6.57 10.80 8.99
CA ALA A 208 6.08 10.60 7.64
C ALA A 208 4.86 9.67 7.63
N LEU A 209 4.68 8.91 8.73
CA LEU A 209 3.56 8.02 8.88
C LEU A 209 2.28 8.81 9.02
N VAL A 210 2.35 9.86 9.86
CA VAL A 210 1.22 10.75 10.05
C VAL A 210 0.90 11.40 8.71
N GLU A 211 1.94 11.87 8.00
CA GLU A 211 1.76 12.47 6.67
C GLU A 211 1.15 11.45 5.69
N LEU A 212 1.60 10.19 5.80
CA LEU A 212 1.07 9.10 4.97
C LEU A 212 -0.42 8.91 5.25
N ARG A 213 -0.79 8.98 6.53
CA ARG A 213 -2.18 8.85 6.96
C ARG A 213 -3.03 9.98 6.36
N LYS A 214 -2.44 11.19 6.27
CA LYS A 214 -3.15 12.33 5.71
C LYS A 214 -3.51 12.03 4.26
N ILE A 215 -2.56 11.43 3.54
CA ILE A 215 -2.78 11.03 2.16
C ILE A 215 -3.85 9.94 2.11
N CYS A 216 -3.80 9.01 3.09
CA CYS A 216 -4.75 7.90 3.16
C CYS A 216 -6.17 8.45 3.30
N THR A 217 -6.32 9.47 4.15
CA THR A 217 -7.63 10.12 4.31
C THR A 217 -7.99 10.87 3.05
N LEU A 218 -7.00 11.52 2.45
CA LEU A 218 -7.21 12.29 1.24
C LEU A 218 -7.77 11.42 0.11
N GLY A 219 -7.27 10.18 0.01
CA GLY A 219 -7.77 9.25 -1.00
C GLY A 219 -9.25 8.96 -0.76
N LEU A 220 -9.62 8.73 0.51
CA LEU A 220 -11.02 8.48 0.88
C LEU A 220 -11.88 9.72 0.65
N GLN A 221 -11.32 10.88 0.99
CA GLN A 221 -12.03 12.16 0.88
C GLN A 221 -12.37 12.47 -0.59
N ARG A 222 -11.41 12.23 -1.49
CA ARG A 222 -11.61 12.48 -2.93
C ARG A 222 -12.71 11.59 -3.52
N ILE A 223 -12.67 10.31 -3.16
CA ILE A 223 -13.63 9.32 -3.67
C ILE A 223 -15.06 9.67 -3.22
N PHE A 224 -15.20 10.10 -1.96
CA PHE A 224 -16.51 10.43 -1.40
C PHE A 224 -17.20 11.52 -2.24
N TYR A 225 -16.46 12.60 -2.57
CA TYR A 225 -17.01 13.68 -3.39
C TYR A 225 -17.39 13.20 -4.78
N LEU A 226 -16.54 12.31 -5.35
CA LEU A 226 -16.79 11.77 -6.68
C LEU A 226 -18.10 10.97 -6.72
N LYS A 227 -18.34 10.20 -5.65
CA LYS A 227 -19.57 9.40 -5.52
C LYS A 227 -20.80 10.30 -5.50
N LEU A 228 -20.69 11.45 -4.81
CA LEU A 228 -21.81 12.40 -4.73
C LEU A 228 -22.15 12.91 -6.13
N GLU A 229 -21.10 13.21 -6.90
CA GLU A 229 -21.24 13.61 -8.30
C GLU A 229 -21.80 12.44 -9.12
N ASP A 230 -21.31 11.23 -8.78
CA ASP A 230 -21.71 9.96 -9.42
C ASP A 230 -20.85 9.66 -10.69
N LEU A 231 -21.47 9.57 -11.90
CA LEU A 231 -20.73 9.20 -13.13
C LEU A 231 -20.15 7.82 -12.94
N VAL A 232 -20.81 6.79 -13.51
CA VAL A 232 -20.39 5.38 -13.31
C VAL A 232 -20.07 5.11 -11.83
N SER A 233 -21.09 4.69 -11.10
CA SER A 233 -20.97 4.47 -9.66
C SER A 233 -19.85 3.47 -9.34
N PRO A 234 -19.23 3.55 -8.14
CA PRO A 234 -18.11 2.64 -7.75
C PRO A 234 -18.51 1.15 -7.85
N PRO A 235 -17.53 0.24 -8.09
CA PRO A 235 -17.78 -1.22 -8.09
C PRO A 235 -18.11 -1.70 -6.68
N SER A 236 -18.67 -2.90 -6.58
CA SER A 236 -19.13 -3.42 -5.28
C SER A 236 -17.98 -3.51 -4.28
N ILE A 237 -16.80 -3.95 -4.74
CA ILE A 237 -15.64 -4.11 -3.85
C ILE A 237 -15.19 -2.75 -3.29
N ILE A 238 -15.02 -1.77 -4.20
CA ILE A 238 -14.54 -0.43 -3.81
C ILE A 238 -15.57 0.31 -2.93
N ASP A 239 -16.84 0.30 -3.35
CA ASP A 239 -17.91 0.94 -2.55
C ASP A 239 -18.00 0.29 -1.18
N LYS A 240 -17.92 -1.04 -1.15
CA LYS A 240 -17.97 -1.80 0.09
C LYS A 240 -16.80 -1.39 1.00
N LEU A 241 -15.63 -1.22 0.39
CA LEU A 241 -14.41 -0.87 1.11
C LEU A 241 -14.58 0.45 1.87
N PHE A 242 -15.17 1.45 1.19
CA PHE A 242 -15.37 2.76 1.79
C PHE A 242 -16.24 2.64 3.04
N LEU A 243 -17.34 1.89 2.90
CA LEU A 243 -18.27 1.68 4.01
C LEU A 243 -17.62 0.87 5.13
N ASP A 244 -16.82 -0.13 4.75
CA ASP A 244 -16.16 -1.01 5.70
C ASP A 244 -15.22 -0.24 6.63
N THR A 245 -14.47 0.70 6.06
CA THR A 245 -13.50 1.49 6.83
C THR A 245 -14.21 2.48 7.74
N LEU A 246 -13.49 2.91 8.80
CA LEU A 246 -14.02 3.87 9.78
C LEU A 246 -15.27 3.32 10.50
N PRO A 247 -15.43 3.57 11.83
CA PRO A 247 -16.63 3.08 12.60
C PRO A 247 -17.93 3.80 12.22
N PHE A 248 -17.78 5.02 11.67
CA PHE A 248 -18.94 5.82 11.27
C PHE A 248 -18.87 6.17 9.78
N LYS A 1 24.41 11.59 51.36
CA LYS A 1 24.51 10.10 51.31
C LYS A 1 23.12 9.50 50.95
N SER A 2 22.72 9.68 49.69
CA SER A 2 21.43 9.16 49.21
C SER A 2 21.48 7.62 49.11
N PRO A 3 20.34 6.91 49.33
CA PRO A 3 20.32 5.41 49.27
C PRO A 3 20.88 4.89 47.94
N LEU A 4 20.24 5.31 46.81
CA LEU A 4 20.64 4.94 45.40
C LEU A 4 19.38 4.82 44.52
N GLN A 5 19.60 4.55 43.22
CA GLN A 5 18.50 4.37 42.27
C GLN A 5 18.29 2.90 41.96
N GLN A 6 17.02 2.47 41.95
CA GLN A 6 16.65 1.08 41.69
C GLN A 6 15.82 0.99 40.42
N GLU A 7 16.23 0.11 39.50
CA GLU A 7 15.53 -0.07 38.22
C GLU A 7 15.23 -1.57 37.95
N PRO A 8 14.12 -1.90 37.25
CA PRO A 8 13.77 -3.34 36.93
C PRO A 8 14.86 -4.03 36.10
N SER A 9 15.63 -3.23 35.35
CA SER A 9 16.67 -3.75 34.43
C SER A 9 16.03 -4.28 33.16
N GLN A 10 16.76 -4.21 32.03
CA GLN A 10 16.22 -4.62 30.73
C GLN A 10 17.17 -5.59 29.98
N PRO A 11 17.05 -6.92 30.23
CA PRO A 11 17.87 -7.94 29.48
C PRO A 11 17.58 -7.86 27.98
N SER A 12 18.61 -8.07 27.15
CA SER A 12 18.45 -7.97 25.70
C SER A 12 18.94 -9.28 24.97
N PRO A 13 18.33 -10.45 25.26
CA PRO A 13 18.69 -11.73 24.57
C PRO A 13 18.20 -11.75 23.10
N PRO A 14 18.93 -12.39 22.15
CA PRO A 14 18.51 -12.44 20.71
C PRO A 14 17.36 -13.43 20.48
N SER A 15 16.45 -13.09 19.56
CA SER A 15 15.32 -13.95 19.22
C SER A 15 15.18 -14.09 17.66
N PRO A 16 16.13 -14.77 16.97
CA PRO A 16 16.07 -14.93 15.47
C PRO A 16 14.77 -15.65 15.02
N PRO A 17 14.12 -15.22 13.91
CA PRO A 17 12.89 -15.87 13.41
C PRO A 17 13.21 -17.03 12.42
N ILE A 18 13.39 -16.70 11.10
CA ILE A 18 13.74 -17.69 10.05
C ILE A 18 13.54 -17.06 8.64
N CYS A 19 14.64 -16.53 8.07
CA CYS A 19 14.63 -15.91 6.74
C CYS A 19 13.38 -15.03 6.51
N MET A 20 12.86 -14.44 7.58
CA MET A 20 11.67 -13.58 7.50
C MET A 20 11.89 -12.37 6.60
N MET A 21 13.00 -11.67 6.82
CA MET A 21 13.30 -10.46 6.05
C MET A 21 13.36 -10.76 4.55
N ASN A 22 14.01 -11.87 4.20
CA ASN A 22 14.16 -12.26 2.79
C ASN A 22 12.81 -12.49 2.12
N ALA A 23 11.90 -13.16 2.85
CA ALA A 23 10.56 -13.44 2.33
C ALA A 23 9.81 -12.15 2.04
N LEU A 24 9.94 -11.18 2.96
CA LEU A 24 9.29 -9.87 2.81
C LEU A 24 9.81 -9.16 1.58
N VAL A 25 11.13 -9.27 1.35
CA VAL A 25 11.78 -8.64 0.20
C VAL A 25 11.22 -9.23 -1.10
N ARG A 26 11.05 -10.55 -1.14
CA ARG A 26 10.54 -11.23 -2.34
C ARG A 26 9.16 -10.70 -2.68
N ALA A 27 8.30 -10.61 -1.68
CA ALA A 27 6.95 -10.10 -1.86
C ALA A 27 7.00 -8.65 -2.36
N LEU A 28 7.92 -7.86 -1.78
CA LEU A 28 8.08 -6.45 -2.15
C LEU A 28 8.51 -6.31 -3.62
N THR A 29 9.52 -7.10 -4.01
CA THR A 29 10.08 -7.05 -5.37
C THR A 29 9.10 -7.60 -6.39
N ASP A 30 8.39 -8.67 -6.01
CA ASP A 30 7.42 -9.32 -6.92
C ASP A 30 6.25 -8.38 -7.25
N SER A 31 5.84 -7.58 -6.26
CA SER A 31 4.72 -6.65 -6.44
C SER A 31 5.18 -5.41 -7.23
N THR A 32 5.28 -5.58 -8.55
CA THR A 32 5.75 -4.51 -9.45
C THR A 32 5.37 -4.81 -10.92
N PRO A 33 5.18 -3.77 -11.76
CA PRO A 33 4.85 -4.00 -13.21
C PRO A 33 5.83 -4.99 -13.84
N ARG A 34 5.28 -5.87 -14.68
CA ARG A 34 6.09 -6.90 -15.33
C ARG A 34 6.43 -6.50 -16.76
N ASP A 35 5.43 -5.95 -17.45
CA ASP A 35 5.57 -5.55 -18.86
C ASP A 35 5.70 -4.03 -19.03
N LEU A 36 5.11 -3.28 -18.08
CA LEU A 36 5.11 -1.80 -18.15
C LEU A 36 4.34 -1.32 -19.37
N ASP A 37 3.66 -0.18 -19.23
CA ASP A 37 2.85 0.39 -20.32
C ASP A 37 3.02 1.90 -20.39
N TYR A 38 3.74 2.37 -21.42
CA TYR A 38 3.97 3.81 -21.63
C TYR A 38 3.10 4.38 -22.78
N SER A 39 2.20 3.55 -23.32
CA SER A 39 1.33 3.98 -24.43
C SER A 39 0.43 5.13 -24.02
N ARG A 40 -0.05 5.06 -22.78
CA ARG A 40 -0.97 6.06 -22.24
C ARG A 40 -0.24 7.33 -21.75
N TYR A 41 1.07 7.19 -21.49
CA TYR A 41 1.88 8.32 -21.02
C TYR A 41 1.97 9.41 -22.08
N CYS A 42 1.67 10.65 -21.67
CA CYS A 42 1.74 11.81 -22.57
C CYS A 42 2.49 12.98 -21.90
N PRO A 43 3.20 13.84 -22.67
CA PRO A 43 3.93 15.01 -22.07
C PRO A 43 2.97 16.07 -21.57
N THR A 44 1.87 16.25 -22.31
CA THR A 44 0.83 17.21 -21.94
C THR A 44 -0.56 16.60 -22.15
N ASP A 45 -1.42 16.73 -21.14
CA ASP A 45 -2.80 16.21 -21.22
C ASP A 45 -3.81 17.33 -21.05
N GLN A 46 -4.46 17.71 -22.15
CA GLN A 46 -5.47 18.78 -22.13
C GLN A 46 -6.76 18.29 -21.47
N ALA A 47 -7.23 19.05 -20.48
CA ALA A 47 -8.45 18.71 -19.75
C ALA A 47 -9.69 18.95 -20.61
N ALA A 48 -10.75 18.17 -20.36
CA ALA A 48 -12.00 18.29 -21.10
C ALA A 48 -13.19 17.97 -20.20
N ALA A 49 -14.38 18.39 -20.62
CA ALA A 49 -15.60 18.19 -19.83
C ALA A 49 -15.86 16.69 -19.62
N GLY A 50 -15.61 15.89 -20.66
CA GLY A 50 -15.83 14.44 -20.58
C GLY A 50 -14.60 13.69 -20.01
N THR A 51 -13.46 14.40 -19.88
CA THR A 51 -12.23 13.79 -19.37
C THR A 51 -12.43 13.27 -17.94
N ASP A 52 -13.11 14.07 -17.11
CA ASP A 52 -13.33 13.71 -15.72
C ASP A 52 -14.18 12.44 -15.57
N ALA A 53 -15.29 12.34 -16.34
CA ALA A 53 -16.16 11.16 -16.25
C ALA A 53 -15.43 9.88 -16.63
N GLU A 54 -14.65 9.93 -17.73
CA GLU A 54 -13.87 8.76 -18.15
C GLU A 54 -12.75 8.47 -17.17
N HIS A 55 -12.09 9.54 -16.69
CA HIS A 55 -10.98 9.38 -15.75
C HIS A 55 -11.46 8.77 -14.45
N VAL A 56 -12.64 9.20 -13.99
CA VAL A 56 -13.23 8.68 -12.76
C VAL A 56 -13.47 7.16 -12.91
N GLN A 57 -13.99 6.74 -14.07
CA GLN A 57 -14.20 5.33 -14.33
C GLN A 57 -12.88 4.57 -14.24
N GLN A 58 -11.85 5.14 -14.87
CA GLN A 58 -10.52 4.55 -14.85
C GLN A 58 -9.97 4.50 -13.41
N PHE A 59 -10.28 5.54 -12.63
CA PHE A 59 -9.80 5.65 -11.25
C PHE A 59 -10.25 4.43 -10.42
N TYR A 60 -11.54 4.07 -10.50
CA TYR A 60 -12.05 2.91 -9.76
C TYR A 60 -11.47 1.62 -10.34
N ASN A 61 -11.37 1.56 -11.68
CA ASN A 61 -10.85 0.37 -12.35
C ASN A 61 -9.42 0.09 -11.90
N LEU A 62 -8.62 1.16 -11.78
CA LEU A 62 -7.24 1.03 -11.31
C LEU A 62 -7.21 0.53 -9.87
N LEU A 63 -8.14 1.04 -9.05
CA LEU A 63 -8.23 0.62 -7.65
C LEU A 63 -8.57 -0.86 -7.53
N THR A 64 -9.46 -1.33 -8.42
CA THR A 64 -9.85 -2.73 -8.43
C THR A 64 -8.61 -3.60 -8.69
N ALA A 65 -7.78 -3.17 -9.65
CA ALA A 65 -6.55 -3.87 -9.98
C ALA A 65 -5.59 -3.84 -8.78
N SER A 66 -5.53 -2.68 -8.10
CA SER A 66 -4.64 -2.50 -6.94
C SER A 66 -5.01 -3.44 -5.79
N ILE A 67 -6.32 -3.57 -5.49
CA ILE A 67 -6.74 -4.41 -4.36
C ILE A 67 -6.43 -5.88 -4.59
N ASP A 68 -6.67 -6.38 -5.81
CA ASP A 68 -6.38 -7.79 -6.13
C ASP A 68 -4.88 -8.05 -6.02
N VAL A 69 -4.08 -7.09 -6.49
CA VAL A 69 -2.62 -7.19 -6.38
C VAL A 69 -2.22 -7.11 -4.89
N SER A 70 -2.92 -6.23 -4.15
CA SER A 70 -2.70 -6.06 -2.72
C SER A 70 -2.99 -7.37 -1.99
N ARG A 71 -4.03 -8.10 -2.43
CA ARG A 71 -4.39 -9.37 -1.79
C ARG A 71 -3.25 -10.35 -1.89
N SER A 72 -2.67 -10.46 -3.09
CA SER A 72 -1.53 -11.36 -3.29
C SER A 72 -0.34 -10.89 -2.46
N TRP A 73 -0.17 -9.57 -2.35
CA TRP A 73 0.88 -8.98 -1.54
C TRP A 73 0.72 -9.40 -0.07
N ALA A 74 -0.50 -9.26 0.45
CA ALA A 74 -0.79 -9.63 1.84
C ALA A 74 -0.59 -11.13 2.06
N GLU A 75 -1.00 -11.93 1.07
CA GLU A 75 -0.90 -13.38 1.14
C GLU A 75 0.55 -13.84 1.23
N LYS A 76 1.45 -13.12 0.53
CA LYS A 76 2.88 -13.44 0.57
C LYS A 76 3.45 -13.24 1.96
N ILE A 77 2.95 -12.23 2.67
CA ILE A 77 3.45 -11.92 4.01
C ILE A 77 3.21 -13.13 4.94
N PRO A 78 4.26 -13.70 5.59
CA PRO A 78 4.09 -14.88 6.50
C PRO A 78 3.15 -14.58 7.66
N GLY A 79 2.19 -15.48 7.90
CA GLY A 79 1.25 -15.34 9.02
C GLY A 79 -0.03 -14.61 8.62
N PHE A 80 0.00 -13.91 7.47
CA PHE A 80 -1.19 -13.20 6.98
C PHE A 80 -2.30 -14.22 6.73
N THR A 81 -1.94 -15.28 6.03
CA THR A 81 -2.86 -16.35 5.71
C THR A 81 -3.43 -16.98 6.99
N ASP A 82 -2.56 -17.07 8.00
CA ASP A 82 -2.91 -17.65 9.29
C ASP A 82 -4.05 -16.85 9.98
N LEU A 83 -4.11 -15.54 9.70
CA LEU A 83 -5.13 -14.69 10.34
C LEU A 83 -6.54 -15.17 9.94
N PRO A 84 -7.55 -15.01 10.83
CA PRO A 84 -8.96 -15.38 10.49
C PRO A 84 -9.34 -14.77 9.12
N LYS A 85 -10.03 -15.56 8.27
CA LYS A 85 -10.30 -15.15 6.88
C LYS A 85 -11.10 -13.85 6.79
N GLU A 86 -12.14 -13.71 7.62
CA GLU A 86 -12.96 -12.48 7.60
C GLU A 86 -12.09 -11.28 7.93
N ASP A 87 -11.18 -11.48 8.88
CA ASP A 87 -10.23 -10.49 9.28
C ASP A 87 -9.27 -10.13 8.16
N GLN A 88 -8.89 -11.14 7.34
CA GLN A 88 -8.00 -10.90 6.21
C GLN A 88 -8.63 -9.89 5.26
N THR A 89 -9.94 -10.05 5.01
CA THR A 89 -10.69 -9.11 4.16
C THR A 89 -10.70 -7.72 4.80
N LEU A 90 -10.98 -7.64 6.10
CA LEU A 90 -11.03 -6.35 6.79
C LEU A 90 -9.68 -5.63 6.68
N LEU A 91 -8.59 -6.36 6.89
CA LEU A 91 -7.24 -5.79 6.80
C LEU A 91 -6.94 -5.29 5.38
N ILE A 92 -7.33 -6.10 4.38
CA ILE A 92 -7.09 -5.74 2.98
C ILE A 92 -7.88 -4.48 2.59
N GLU A 93 -9.16 -4.47 2.95
CA GLU A 93 -10.04 -3.35 2.62
C GLU A 93 -9.62 -2.08 3.36
N SER A 94 -9.26 -2.23 4.65
CA SER A 94 -8.85 -1.09 5.47
C SER A 94 -7.48 -0.54 5.06
N ALA A 95 -6.57 -1.46 4.68
CA ALA A 95 -5.20 -1.08 4.30
C ALA A 95 -5.04 -0.85 2.78
N PHE A 96 -6.13 -1.03 2.02
CA PHE A 96 -6.08 -0.90 0.56
C PHE A 96 -5.60 0.51 0.12
N LEU A 97 -6.20 1.57 0.68
CA LEU A 97 -5.83 2.94 0.29
C LEU A 97 -4.39 3.26 0.66
N GLU A 98 -3.97 2.84 1.85
CA GLU A 98 -2.61 3.11 2.34
C GLU A 98 -1.55 2.37 1.51
N LEU A 99 -1.83 1.10 1.21
CA LEU A 99 -0.89 0.26 0.46
C LEU A 99 -0.65 0.80 -0.95
N PHE A 100 -1.75 1.21 -1.59
CA PHE A 100 -1.68 1.80 -2.94
C PHE A 100 -0.84 3.08 -2.91
N VAL A 101 -1.12 3.93 -1.93
CA VAL A 101 -0.44 5.23 -1.78
C VAL A 101 1.08 5.08 -1.54
N LEU A 102 1.48 4.22 -0.59
CA LEU A 102 2.90 4.07 -0.23
C LEU A 102 3.69 3.37 -1.32
N ARG A 103 3.14 2.28 -1.85
CA ARG A 103 3.78 1.52 -2.92
C ARG A 103 3.91 2.38 -4.18
N LEU A 104 2.85 3.14 -4.49
CA LEU A 104 2.83 4.00 -5.66
C LEU A 104 3.90 5.11 -5.57
N SER A 105 4.01 5.72 -4.40
CA SER A 105 4.96 6.82 -4.17
C SER A 105 6.40 6.34 -4.35
N ILE A 106 6.69 5.13 -3.86
CA ILE A 106 8.04 4.56 -3.96
C ILE A 106 8.41 4.34 -5.44
N ARG A 107 7.49 3.77 -6.21
CA ARG A 107 7.72 3.43 -7.61
C ARG A 107 7.73 4.69 -8.50
N SER A 108 6.89 5.67 -8.14
CA SER A 108 6.75 6.90 -8.91
C SER A 108 7.96 7.82 -8.77
N ASN A 109 8.24 8.58 -9.83
CA ASN A 109 9.35 9.53 -9.85
C ASN A 109 8.83 10.97 -9.81
N THR A 110 9.07 11.67 -8.69
CA THR A 110 8.58 13.05 -8.50
C THR A 110 9.28 14.00 -9.46
N ALA A 111 10.56 13.74 -9.75
CA ALA A 111 11.33 14.58 -10.68
C ALA A 111 10.68 14.57 -12.05
N GLU A 112 10.21 13.38 -12.45
CA GLU A 112 9.52 13.20 -13.74
C GLU A 112 8.03 13.57 -13.64
N ASP A 113 7.52 13.77 -12.41
CA ASP A 113 6.11 14.09 -12.19
C ASP A 113 5.22 13.01 -12.83
N LYS A 114 5.67 11.76 -12.72
CA LYS A 114 4.92 10.62 -13.24
C LYS A 114 4.49 9.72 -12.10
N PHE A 115 3.48 8.89 -12.35
CA PHE A 115 2.99 7.95 -11.35
C PHE A 115 2.78 6.57 -11.93
N VAL A 116 3.90 5.82 -12.03
CA VAL A 116 3.84 4.45 -12.52
C VAL A 116 3.17 3.57 -11.47
N PHE A 117 2.05 2.95 -11.86
CA PHE A 117 1.26 2.12 -10.95
C PHE A 117 1.73 0.68 -10.99
N CYS A 118 1.27 -0.13 -10.02
CA CYS A 118 1.65 -1.55 -9.97
C CYS A 118 1.21 -2.30 -11.24
N ASN A 119 0.29 -1.70 -12.01
CA ASN A 119 -0.19 -2.29 -13.27
C ASN A 119 0.71 -1.88 -14.46
N GLY A 120 1.77 -1.11 -14.20
CA GLY A 120 2.69 -0.66 -15.24
C GLY A 120 2.18 0.59 -15.98
N LEU A 121 0.99 1.08 -15.59
CA LEU A 121 0.42 2.28 -16.20
C LEU A 121 1.14 3.51 -15.68
N VAL A 122 1.66 4.33 -16.60
CA VAL A 122 2.41 5.55 -16.23
C VAL A 122 1.62 6.78 -16.69
N LEU A 123 1.29 7.66 -15.73
CA LEU A 123 0.53 8.88 -16.03
C LEU A 123 1.28 10.13 -15.59
N HIS A 124 1.36 11.09 -16.50
CA HIS A 124 2.09 12.33 -16.26
C HIS A 124 1.30 13.32 -15.43
N ARG A 125 1.56 13.33 -14.10
CA ARG A 125 0.94 14.27 -13.10
C ARG A 125 -0.48 14.79 -13.51
N LEU A 126 -0.53 15.65 -14.53
CA LEU A 126 -1.79 16.23 -15.02
C LEU A 126 -2.77 15.14 -15.46
N GLN A 127 -2.24 14.05 -15.99
CA GLN A 127 -3.05 12.94 -16.47
C GLN A 127 -3.90 12.36 -15.32
N CYS A 128 -3.31 12.26 -14.13
CA CYS A 128 -4.03 11.78 -12.94
C CYS A 128 -4.73 12.92 -12.17
N LEU A 129 -4.39 14.18 -12.50
CA LEU A 129 -4.99 15.35 -11.84
C LEU A 129 -6.52 15.35 -12.04
N ARG A 130 -6.97 14.90 -13.22
CA ARG A 130 -8.40 14.87 -13.57
C ARG A 130 -9.25 14.08 -12.55
N GLY A 131 -8.64 13.07 -11.89
CA GLY A 131 -9.37 12.23 -10.94
C GLY A 131 -8.75 12.31 -9.57
N PHE A 132 -7.47 11.92 -9.48
CA PHE A 132 -6.74 11.99 -8.23
C PHE A 132 -6.67 13.44 -7.76
N GLY A 133 -6.40 14.34 -8.72
CA GLY A 133 -6.33 15.77 -8.44
C GLY A 133 -5.32 16.06 -7.37
N GLU A 134 -5.75 16.83 -6.38
CA GLU A 134 -4.91 17.18 -5.24
C GLU A 134 -4.41 15.92 -4.55
N TRP A 135 -5.16 14.79 -4.70
CA TRP A 135 -4.76 13.54 -4.07
C TRP A 135 -3.42 13.08 -4.62
N LEU A 136 -3.26 13.20 -5.95
CA LEU A 136 -2.00 12.83 -6.61
C LEU A 136 -0.86 13.73 -6.12
N ASP A 137 -1.15 15.03 -6.07
CA ASP A 137 -0.14 16.02 -5.69
C ASP A 137 0.41 15.71 -4.30
N SER A 138 -0.48 15.33 -3.38
CA SER A 138 -0.10 14.99 -2.02
C SER A 138 0.84 13.78 -2.01
N ILE A 139 0.56 12.81 -2.89
CA ILE A 139 1.37 11.59 -3.00
C ILE A 139 2.79 11.96 -3.46
N LYS A 140 2.87 12.89 -4.43
CA LYS A 140 4.16 13.31 -4.98
C LYS A 140 5.03 13.90 -3.86
N ASP A 141 4.40 14.74 -3.00
CA ASP A 141 5.11 15.32 -1.86
C ASP A 141 5.60 14.22 -0.91
N PHE A 142 4.74 13.22 -0.69
CA PHE A 142 5.08 12.08 0.15
C PHE A 142 6.29 11.34 -0.42
N SER A 143 6.25 11.10 -1.73
CA SER A 143 7.31 10.38 -2.43
C SER A 143 8.65 11.10 -2.27
N LEU A 144 8.64 12.42 -2.41
CA LEU A 144 9.87 13.22 -2.28
C LEU A 144 10.48 13.00 -0.89
N ASN A 145 9.64 13.07 0.14
CA ASN A 145 10.07 12.83 1.52
C ASN A 145 10.61 11.41 1.67
N LEU A 146 9.93 10.46 1.04
CA LEU A 146 10.33 9.05 1.08
C LEU A 146 11.72 8.87 0.48
N GLN A 147 11.96 9.51 -0.66
CA GLN A 147 13.24 9.39 -1.36
C GLN A 147 14.38 9.91 -0.51
N SER A 148 14.12 11.00 0.23
CA SER A 148 15.14 11.58 1.11
C SER A 148 15.57 10.56 2.15
N LEU A 149 14.59 9.87 2.76
CA LEU A 149 14.85 8.82 3.73
C LEU A 149 15.54 7.63 3.05
N ASN A 150 15.13 7.34 1.80
CA ASN A 150 15.68 6.24 0.99
C ASN A 150 15.10 4.89 1.43
N LEU A 151 15.45 4.46 2.65
CA LEU A 151 14.95 3.19 3.19
C LEU A 151 15.31 2.02 2.27
N ASP A 152 16.28 1.20 2.70
CA ASP A 152 16.74 0.06 1.90
C ASP A 152 15.57 -0.84 1.51
N ILE A 153 15.88 -1.87 0.71
CA ILE A 153 14.87 -2.81 0.22
C ILE A 153 14.21 -3.51 1.40
N GLN A 154 15.04 -3.99 2.31
CA GLN A 154 14.59 -4.78 3.44
C GLN A 154 13.77 -3.96 4.42
N ALA A 155 14.22 -2.73 4.68
CA ALA A 155 13.51 -1.81 5.59
C ALA A 155 12.13 -1.49 5.05
N LEU A 156 12.06 -1.25 3.73
CA LEU A 156 10.80 -0.93 3.06
C LEU A 156 9.83 -2.10 3.15
N ALA A 157 10.36 -3.31 2.99
CA ALA A 157 9.54 -4.53 3.01
C ALA A 157 8.83 -4.68 4.35
N CYS A 158 9.56 -4.45 5.45
CA CYS A 158 8.96 -4.56 6.79
C CYS A 158 7.88 -3.49 7.00
N LEU A 159 8.15 -2.26 6.54
CA LEU A 159 7.19 -1.15 6.67
C LEU A 159 5.92 -1.43 5.86
N SER A 160 6.09 -1.97 4.65
CA SER A 160 4.94 -2.32 3.81
C SER A 160 4.10 -3.39 4.50
N ALA A 161 4.79 -4.36 5.14
CA ALA A 161 4.13 -5.39 5.94
C ALA A 161 3.41 -4.75 7.11
N LEU A 162 4.06 -3.75 7.73
CA LEU A 162 3.50 -3.02 8.86
C LEU A 162 2.22 -2.28 8.46
N SER A 163 2.22 -1.69 7.27
CA SER A 163 1.04 -1.00 6.77
C SER A 163 -0.12 -1.98 6.60
N MET A 164 0.20 -3.16 6.05
CA MET A 164 -0.77 -4.23 5.83
C MET A 164 -1.32 -4.76 7.17
N ILE A 165 -0.42 -4.93 8.12
CA ILE A 165 -0.75 -5.53 9.42
C ILE A 165 -0.89 -4.44 10.49
N THR A 166 -2.11 -4.29 11.05
CA THR A 166 -2.36 -3.31 12.09
C THR A 166 -3.60 -3.69 12.92
N GLU A 167 -3.92 -2.84 13.91
CA GLU A 167 -5.05 -3.09 14.81
C GLU A 167 -6.34 -2.40 14.31
N ARG A 168 -7.44 -3.17 14.25
CA ARG A 168 -8.75 -2.64 13.87
C ARG A 168 -9.81 -3.17 14.86
N HIS A 169 -11.03 -2.65 14.79
CA HIS A 169 -12.10 -3.05 15.73
C HIS A 169 -12.76 -4.39 15.35
N GLY A 170 -12.94 -5.27 16.36
CA GLY A 170 -13.63 -6.57 16.18
C GLY A 170 -12.85 -7.51 15.27
N LEU A 171 -11.52 -7.43 15.34
CA LEU A 171 -10.65 -8.22 14.45
C LEU A 171 -10.43 -9.70 14.90
N LYS A 172 -10.49 -10.01 16.22
CA LYS A 172 -10.03 -11.38 16.78
C LYS A 172 -8.48 -11.41 16.80
N GLU A 173 -7.95 -11.03 15.69
CA GLU A 173 -6.59 -10.96 15.49
C GLU A 173 -5.97 -9.56 15.78
N PRO A 174 -6.58 -8.62 16.62
CA PRO A 174 -5.82 -7.43 17.10
C PRO A 174 -4.59 -7.96 17.81
N LYS A 175 -4.85 -8.98 18.64
CA LYS A 175 -3.87 -9.62 19.42
C LYS A 175 -2.96 -10.47 18.54
N ARG A 176 -3.52 -11.23 17.54
CA ARG A 176 -2.57 -12.02 16.63
C ARG A 176 -1.69 -11.05 15.80
N VAL A 177 -2.32 -10.00 15.33
CA VAL A 177 -1.71 -8.95 14.52
C VAL A 177 -0.62 -8.23 15.32
N GLU A 178 -0.89 -7.98 16.60
CA GLU A 178 0.09 -7.30 17.48
C GLU A 178 1.34 -8.16 17.62
N GLU A 179 1.12 -9.45 17.75
CA GLU A 179 2.19 -10.42 17.81
C GLU A 179 3.01 -10.34 16.51
N LEU A 180 2.27 -10.24 15.41
CA LEU A 180 2.82 -10.17 14.06
C LEU A 180 3.57 -8.84 13.83
N CYS A 181 3.02 -7.76 14.36
CA CYS A 181 3.64 -6.44 14.25
C CYS A 181 5.01 -6.45 14.90
N ASN A 182 5.08 -7.06 16.09
CA ASN A 182 6.35 -7.21 16.80
C ASN A 182 7.33 -8.04 15.97
N LYS A 183 6.80 -9.08 15.31
CA LYS A 183 7.61 -9.95 14.45
C LYS A 183 8.25 -9.20 13.28
N ILE A 184 7.48 -8.32 12.64
CA ILE A 184 7.98 -7.53 11.52
C ILE A 184 9.04 -6.55 12.04
N THR A 185 8.76 -5.93 13.20
CA THR A 185 9.67 -4.98 13.81
C THR A 185 10.97 -5.68 14.26
N SER A 186 10.88 -6.98 14.62
CA SER A 186 12.08 -7.74 15.02
C SER A 186 13.04 -7.90 13.83
N SER A 187 12.48 -8.28 12.68
CA SER A 187 13.27 -8.40 11.44
C SER A 187 13.82 -7.05 11.02
N LEU A 188 12.94 -6.07 11.06
CA LEU A 188 13.25 -4.70 10.69
C LEU A 188 14.36 -4.14 11.59
N LYS A 189 14.21 -4.39 12.86
CA LYS A 189 15.14 -3.94 13.87
C LYS A 189 16.52 -4.52 13.58
N ASP A 190 16.56 -5.80 13.19
CA ASP A 190 17.81 -6.45 12.81
C ASP A 190 18.42 -5.71 11.63
N HIS A 191 17.57 -5.31 10.67
CA HIS A 191 18.02 -4.53 9.52
C HIS A 191 18.60 -3.19 10.00
N GLN A 192 17.93 -2.57 10.98
CA GLN A 192 18.35 -1.27 11.53
C GLN A 192 19.72 -1.35 12.22
N SER A 193 20.09 -2.56 12.69
CA SER A 193 21.39 -2.74 13.36
C SER A 193 22.57 -2.63 12.37
N LYS A 194 22.26 -2.72 11.08
CA LYS A 194 23.26 -2.67 10.02
C LYS A 194 23.98 -1.32 9.99
N GLY A 195 23.24 -0.24 10.28
CA GLY A 195 23.78 1.12 10.21
C GLY A 195 24.61 1.48 11.45
N GLN A 196 25.18 2.70 11.41
CA GLN A 196 26.01 3.20 12.51
C GLN A 196 25.17 3.51 13.74
N ALA A 197 25.74 3.23 14.91
CA ALA A 197 25.05 3.46 16.21
C ALA A 197 23.81 2.57 16.38
N LEU A 198 23.56 1.66 15.42
CA LEU A 198 22.43 0.73 15.48
C LEU A 198 21.12 1.43 15.90
N GLU A 199 21.04 2.76 15.68
CA GLU A 199 19.85 3.52 16.02
C GLU A 199 18.74 3.30 14.94
N PRO A 200 17.50 2.89 15.32
CA PRO A 200 16.40 2.74 14.35
C PRO A 200 15.93 4.10 13.84
N THR A 201 15.71 4.19 12.54
CA THR A 201 15.22 5.44 11.91
C THR A 201 13.67 5.44 11.87
N GLU A 202 13.06 4.65 12.76
CA GLU A 202 11.61 4.50 12.83
C GLU A 202 10.92 5.84 13.12
N SER A 203 11.54 6.67 13.97
CA SER A 203 10.94 7.96 14.36
C SER A 203 10.71 8.83 13.12
N LYS A 204 11.71 8.85 12.22
CA LYS A 204 11.59 9.59 10.96
C LYS A 204 10.46 9.02 10.11
N VAL A 205 10.34 7.69 10.12
CA VAL A 205 9.29 6.98 9.39
C VAL A 205 7.93 7.39 9.94
N LEU A 206 7.81 7.52 11.26
CA LEU A 206 6.53 7.87 11.89
C LEU A 206 6.04 9.25 11.43
N GLY A 207 6.98 10.20 11.26
CA GLY A 207 6.62 11.55 10.79
C GLY A 207 6.04 11.50 9.38
N ALA A 208 6.65 10.65 8.54
CA ALA A 208 6.18 10.46 7.17
C ALA A 208 4.96 9.55 7.15
N LEU A 209 4.85 8.70 8.17
CA LEU A 209 3.72 7.81 8.32
C LEU A 209 2.45 8.64 8.51
N VAL A 210 2.59 9.72 9.31
CA VAL A 210 1.49 10.65 9.53
C VAL A 210 1.11 11.27 8.19
N GLU A 211 2.11 11.66 7.39
CA GLU A 211 1.87 12.21 6.04
C GLU A 211 1.11 11.17 5.19
N LEU A 212 1.51 9.91 5.31
CA LEU A 212 0.86 8.81 4.60
C LEU A 212 -0.62 8.71 5.01
N ARG A 213 -0.87 8.89 6.32
CA ARG A 213 -2.23 8.85 6.87
C ARG A 213 -3.07 9.96 6.26
N LYS A 214 -2.46 11.14 6.08
CA LYS A 214 -3.17 12.29 5.53
C LYS A 214 -3.69 11.96 4.15
N ILE A 215 -2.84 11.29 3.36
CA ILE A 215 -3.21 10.88 2.01
C ILE A 215 -4.34 9.83 2.09
N CYS A 216 -4.24 8.92 3.07
CA CYS A 216 -5.24 7.85 3.25
C CYS A 216 -6.62 8.44 3.51
N THR A 217 -6.68 9.46 4.38
CA THR A 217 -7.95 10.13 4.71
C THR A 217 -8.41 11.01 3.55
N LEU A 218 -7.44 11.63 2.87
CA LEU A 218 -7.71 12.45 1.69
C LEU A 218 -8.36 11.62 0.58
N GLY A 219 -7.88 10.37 0.44
CA GLY A 219 -8.45 9.44 -0.56
C GLY A 219 -9.92 9.20 -0.27
N LEU A 220 -10.26 9.02 1.00
CA LEU A 220 -11.65 8.80 1.40
C LEU A 220 -12.51 10.01 1.05
N GLN A 221 -11.95 11.21 1.30
CA GLN A 221 -12.66 12.46 1.03
C GLN A 221 -12.87 12.66 -0.48
N ARG A 222 -11.83 12.35 -1.25
CA ARG A 222 -11.85 12.52 -2.71
C ARG A 222 -12.89 11.62 -3.36
N ILE A 223 -12.90 10.36 -2.94
CA ILE A 223 -13.79 9.35 -3.49
C ILE A 223 -15.25 9.71 -3.18
N PHE A 224 -15.50 10.14 -1.95
CA PHE A 224 -16.86 10.50 -1.51
C PHE A 224 -17.41 11.64 -2.39
N TYR A 225 -16.58 12.65 -2.64
CA TYR A 225 -16.97 13.81 -3.45
C TYR A 225 -17.37 13.37 -4.85
N LEU A 226 -16.56 12.48 -5.46
CA LEU A 226 -16.83 11.99 -6.82
C LEU A 226 -18.18 11.28 -6.90
N LYS A 227 -18.50 10.51 -5.87
CA LYS A 227 -19.79 9.82 -5.81
C LYS A 227 -20.94 10.82 -5.83
N LEU A 228 -20.76 11.94 -5.12
CA LEU A 228 -21.76 13.01 -5.11
C LEU A 228 -21.93 13.60 -6.51
N GLU A 229 -20.81 13.77 -7.23
CA GLU A 229 -20.85 14.30 -8.59
C GLU A 229 -21.64 13.33 -9.48
N ASP A 230 -21.36 12.04 -9.30
CA ASP A 230 -22.09 10.95 -9.98
C ASP A 230 -21.80 10.85 -11.51
N LEU A 231 -20.57 11.19 -11.94
CA LEU A 231 -20.21 11.02 -13.36
C LEU A 231 -20.32 9.53 -13.72
N VAL A 232 -19.82 8.69 -12.80
CA VAL A 232 -19.96 7.25 -12.90
C VAL A 232 -20.18 6.66 -11.52
N SER A 233 -20.88 5.52 -11.46
CA SER A 233 -21.16 4.86 -10.18
C SER A 233 -19.99 3.92 -9.79
N PRO A 234 -19.42 4.04 -8.57
CA PRO A 234 -18.28 3.16 -8.15
C PRO A 234 -18.63 1.65 -8.29
N PRO A 235 -17.63 0.77 -8.48
CA PRO A 235 -17.86 -0.68 -8.55
C PRO A 235 -18.28 -1.21 -7.20
N SER A 236 -18.89 -2.38 -7.17
CA SER A 236 -19.41 -2.95 -5.92
C SER A 236 -18.30 -3.12 -4.89
N ILE A 237 -17.13 -3.58 -5.34
CA ILE A 237 -15.99 -3.82 -4.43
C ILE A 237 -15.53 -2.50 -3.77
N ILE A 238 -15.30 -1.47 -4.60
CA ILE A 238 -14.79 -0.18 -4.09
C ILE A 238 -15.85 0.55 -3.23
N ASP A 239 -17.09 0.61 -3.72
CA ASP A 239 -18.18 1.24 -2.96
C ASP A 239 -18.36 0.50 -1.62
N LYS A 240 -18.31 -0.83 -1.68
CA LYS A 240 -18.41 -1.68 -0.49
C LYS A 240 -17.29 -1.37 0.49
N LEU A 241 -16.10 -1.20 -0.04
CA LEU A 241 -14.91 -0.95 0.77
C LEU A 241 -15.08 0.30 1.62
N PHE A 242 -15.58 1.37 1.01
CA PHE A 242 -15.78 2.63 1.71
C PHE A 242 -16.74 2.43 2.90
N LEU A 243 -17.87 1.77 2.63
CA LEU A 243 -18.89 1.52 3.67
C LEU A 243 -18.38 0.58 4.76
N ASP A 244 -17.65 -0.46 4.34
CA ASP A 244 -17.11 -1.45 5.28
C ASP A 244 -16.09 -0.84 6.23
N THR A 245 -15.26 0.08 5.71
CA THR A 245 -14.25 0.74 6.53
C THR A 245 -14.89 1.80 7.41
N LEU A 246 -14.17 2.19 8.47
CA LEU A 246 -14.66 3.21 9.41
C LEU A 246 -16.11 2.89 9.87
N PRO A 247 -16.31 1.76 10.58
CA PRO A 247 -17.67 1.33 11.06
C PRO A 247 -18.39 2.44 11.83
N PHE A 248 -17.63 3.19 12.64
CA PHE A 248 -18.20 4.28 13.44
C PHE A 248 -17.10 5.05 14.18
N LYS A 1 -20.65 -18.06 -12.93
CA LYS A 1 -21.86 -17.85 -12.08
C LYS A 1 -21.77 -18.72 -10.82
N SER A 2 -22.41 -18.26 -9.74
CA SER A 2 -22.42 -18.99 -8.47
C SER A 2 -20.97 -19.44 -8.07
N PRO A 3 -20.16 -18.54 -7.45
CA PRO A 3 -18.76 -18.89 -7.04
C PRO A 3 -18.74 -19.88 -5.86
N LEU A 4 -17.67 -20.68 -5.79
CA LEU A 4 -17.53 -21.67 -4.72
C LEU A 4 -16.95 -21.02 -3.47
N GLN A 5 -17.63 -21.21 -2.34
CA GLN A 5 -17.20 -20.65 -1.06
C GLN A 5 -16.45 -21.71 -0.25
N GLN A 6 -15.71 -21.25 0.77
CA GLN A 6 -14.94 -22.15 1.64
C GLN A 6 -13.92 -22.95 0.82
N GLU A 7 -12.68 -22.46 0.81
CA GLU A 7 -11.60 -23.14 0.07
C GLU A 7 -11.30 -24.52 0.69
N PRO A 8 -10.86 -25.51 -0.12
CA PRO A 8 -10.59 -26.90 0.41
C PRO A 8 -9.45 -26.92 1.44
N SER A 9 -8.50 -25.99 1.29
CA SER A 9 -7.35 -25.89 2.21
C SER A 9 -6.72 -27.29 2.48
N GLN A 10 -7.14 -27.97 3.57
CA GLN A 10 -6.63 -29.30 3.90
C GLN A 10 -5.07 -29.33 3.88
N PRO A 11 -4.39 -28.60 4.79
CA PRO A 11 -2.90 -28.59 4.85
C PRO A 11 -2.36 -29.94 5.32
N SER A 12 -1.20 -30.33 4.78
CA SER A 12 -0.56 -31.60 5.13
C SER A 12 0.98 -31.53 4.94
N PRO A 13 1.49 -31.13 3.74
CA PRO A 13 2.96 -31.02 3.50
C PRO A 13 3.62 -30.04 4.50
N PRO A 14 4.92 -30.25 4.87
CA PRO A 14 5.60 -29.36 5.86
C PRO A 14 5.79 -27.94 5.32
N SER A 15 5.76 -26.96 6.22
CA SER A 15 5.89 -25.56 5.85
C SER A 15 6.97 -24.83 6.69
N PRO A 16 8.28 -25.05 6.38
CA PRO A 16 9.40 -24.39 7.13
C PRO A 16 9.45 -22.87 6.85
N PRO A 17 10.01 -22.06 7.77
CA PRO A 17 10.06 -20.56 7.58
C PRO A 17 10.99 -20.17 6.43
N ILE A 18 10.65 -19.07 5.75
CA ILE A 18 11.43 -18.57 4.61
C ILE A 18 12.02 -17.18 4.95
N CYS A 19 12.40 -17.00 6.22
CA CYS A 19 12.95 -15.72 6.71
C CYS A 19 11.94 -14.58 6.55
N MET A 20 11.70 -13.86 7.65
CA MET A 20 10.74 -12.75 7.65
C MET A 20 11.16 -11.68 6.64
N MET A 21 12.43 -11.27 6.71
CA MET A 21 12.96 -10.25 5.81
C MET A 21 12.82 -10.69 4.36
N ASN A 22 13.31 -11.89 4.07
CA ASN A 22 13.34 -12.41 2.71
C ASN A 22 11.94 -12.52 2.13
N ALA A 23 11.00 -13.05 2.91
CA ALA A 23 9.62 -13.22 2.46
C ALA A 23 8.97 -11.89 2.13
N LEU A 24 9.22 -10.88 2.98
CA LEU A 24 8.64 -9.55 2.80
C LEU A 24 9.17 -8.90 1.52
N VAL A 25 10.47 -9.03 1.27
CA VAL A 25 11.11 -8.48 0.08
C VAL A 25 10.59 -9.17 -1.18
N ARG A 26 10.43 -10.50 -1.10
CA ARG A 26 9.98 -11.28 -2.25
C ARG A 26 8.63 -10.79 -2.73
N ALA A 27 7.71 -10.60 -1.78
CA ALA A 27 6.37 -10.10 -2.12
C ALA A 27 6.47 -8.70 -2.72
N LEU A 28 7.35 -7.87 -2.14
CA LEU A 28 7.54 -6.49 -2.61
C LEU A 28 8.02 -6.48 -4.07
N THR A 29 9.03 -7.31 -4.37
CA THR A 29 9.59 -7.40 -5.74
C THR A 29 8.60 -8.07 -6.69
N ASP A 30 7.83 -9.04 -6.18
CA ASP A 30 6.86 -9.78 -6.99
C ASP A 30 5.77 -8.88 -7.55
N SER A 31 5.35 -7.88 -6.75
CA SER A 31 4.33 -6.93 -7.18
C SER A 31 4.97 -5.68 -7.81
N THR A 32 5.71 -5.91 -8.90
CA THR A 32 6.42 -4.83 -9.59
C THR A 32 6.32 -5.00 -11.15
N PRO A 33 6.09 -3.92 -11.93
CA PRO A 33 6.04 -4.01 -13.44
C PRO A 33 7.35 -4.54 -14.02
N ARG A 34 7.24 -5.34 -15.08
CA ARG A 34 8.42 -5.89 -15.77
C ARG A 34 8.45 -5.45 -17.23
N ASP A 35 7.27 -5.41 -17.85
CA ASP A 35 7.14 -4.99 -19.25
C ASP A 35 6.85 -3.49 -19.38
N LEU A 36 6.21 -2.91 -18.35
CA LEU A 36 5.85 -1.49 -18.32
C LEU A 36 4.86 -1.16 -19.43
N ASP A 37 3.97 -0.21 -19.16
CA ASP A 37 2.93 0.20 -20.12
C ASP A 37 2.91 1.72 -20.28
N TYR A 38 3.34 2.20 -21.46
CA TYR A 38 3.36 3.64 -21.76
C TYR A 38 2.24 4.04 -22.74
N SER A 39 1.25 3.15 -22.92
CA SER A 39 0.14 3.40 -23.87
C SER A 39 -0.64 4.67 -23.51
N ARG A 40 -0.96 4.81 -22.21
CA ARG A 40 -1.74 5.98 -21.73
C ARG A 40 -0.82 7.17 -21.40
N TYR A 41 0.51 6.97 -21.42
CA TYR A 41 1.47 8.02 -21.10
C TYR A 41 1.35 9.18 -22.12
N CYS A 42 1.23 10.41 -21.58
CA CYS A 42 1.15 11.61 -22.42
C CYS A 42 2.17 12.67 -21.92
N PRO A 43 2.81 13.46 -22.83
CA PRO A 43 3.79 14.50 -22.41
C PRO A 43 3.11 15.72 -21.78
N THR A 44 1.93 16.05 -22.31
CA THR A 44 1.15 17.18 -21.82
C THR A 44 -0.32 16.80 -21.66
N ASP A 45 -0.91 17.14 -20.49
CA ASP A 45 -2.31 16.85 -20.22
C ASP A 45 -3.02 18.08 -19.71
N GLN A 46 -3.92 18.62 -20.54
CA GLN A 46 -4.63 19.86 -20.21
C GLN A 46 -6.11 19.60 -19.86
N ALA A 47 -6.45 18.33 -19.54
CA ALA A 47 -7.81 17.96 -19.16
C ALA A 47 -8.80 18.20 -20.30
N ALA A 48 -10.01 17.64 -20.16
CA ALA A 48 -11.06 17.77 -21.17
C ALA A 48 -12.44 17.63 -20.53
N ALA A 49 -13.48 18.03 -21.27
CA ALA A 49 -14.87 17.99 -20.77
C ALA A 49 -15.29 16.57 -20.39
N GLY A 50 -14.91 15.60 -21.22
CA GLY A 50 -15.26 14.18 -20.97
C GLY A 50 -14.21 13.46 -20.10
N THR A 51 -13.16 14.19 -19.68
CA THR A 51 -12.09 13.62 -18.88
C THR A 51 -12.56 13.18 -17.49
N ASP A 52 -13.49 13.94 -16.89
CA ASP A 52 -13.96 13.61 -15.53
C ASP A 52 -14.53 12.20 -15.46
N ALA A 53 -15.44 11.87 -16.40
CA ALA A 53 -16.03 10.53 -16.46
C ALA A 53 -14.97 9.48 -16.78
N GLU A 54 -14.07 9.81 -17.72
CA GLU A 54 -13.01 8.88 -18.14
C GLU A 54 -12.06 8.60 -16.98
N HIS A 55 -11.72 9.64 -16.22
CA HIS A 55 -10.82 9.49 -15.08
C HIS A 55 -11.45 8.59 -14.03
N VAL A 56 -12.75 8.76 -13.80
CA VAL A 56 -13.46 7.96 -12.81
C VAL A 56 -13.42 6.48 -13.22
N GLN A 57 -13.64 6.20 -14.51
CA GLN A 57 -13.58 4.82 -15.02
C GLN A 57 -12.18 4.22 -14.82
N GLN A 58 -11.17 4.98 -15.24
CA GLN A 58 -9.77 4.54 -15.10
C GLN A 58 -9.40 4.39 -13.62
N PHE A 59 -9.95 5.29 -12.81
CA PHE A 59 -9.70 5.34 -11.38
C PHE A 59 -10.07 4.01 -10.71
N TYR A 60 -11.29 3.50 -10.99
CA TYR A 60 -11.70 2.23 -10.37
C TYR A 60 -10.98 1.04 -10.97
N ASN A 61 -10.77 1.08 -12.30
CA ASN A 61 -10.13 -0.03 -13.01
C ASN A 61 -8.74 -0.28 -12.44
N LEU A 62 -7.98 0.80 -12.23
CA LEU A 62 -6.64 0.69 -11.66
C LEU A 62 -6.71 0.20 -10.22
N LEU A 63 -7.69 0.71 -9.46
CA LEU A 63 -7.86 0.32 -8.07
C LEU A 63 -8.21 -1.16 -7.93
N THR A 64 -9.08 -1.64 -8.83
CA THR A 64 -9.49 -3.04 -8.82
C THR A 64 -8.26 -3.94 -9.06
N ALA A 65 -7.46 -3.58 -10.07
CA ALA A 65 -6.24 -4.33 -10.39
C ALA A 65 -5.24 -4.26 -9.25
N SER A 66 -5.10 -3.06 -8.66
CA SER A 66 -4.14 -2.83 -7.57
C SER A 66 -4.52 -3.60 -6.30
N ILE A 67 -5.82 -3.68 -5.99
CA ILE A 67 -6.27 -4.38 -4.78
C ILE A 67 -6.01 -5.87 -4.88
N ASP A 68 -6.23 -6.45 -6.07
CA ASP A 68 -5.99 -7.88 -6.27
C ASP A 68 -4.51 -8.19 -6.09
N VAL A 69 -3.65 -7.28 -6.60
CA VAL A 69 -2.20 -7.45 -6.46
C VAL A 69 -1.82 -7.34 -4.98
N SER A 70 -2.41 -6.36 -4.28
CA SER A 70 -2.15 -6.15 -2.86
C SER A 70 -2.62 -7.35 -2.04
N ARG A 71 -3.73 -7.99 -2.45
CA ARG A 71 -4.25 -9.17 -1.75
C ARG A 71 -3.22 -10.27 -1.75
N SER A 72 -2.67 -10.54 -2.93
CA SER A 72 -1.64 -11.57 -3.08
C SER A 72 -0.40 -11.19 -2.28
N TRP A 73 -0.06 -9.89 -2.29
CA TRP A 73 1.09 -9.39 -1.55
C TRP A 73 0.91 -9.66 -0.06
N ALA A 74 -0.30 -9.36 0.43
CA ALA A 74 -0.65 -9.61 1.83
C ALA A 74 -0.59 -11.10 2.14
N GLU A 75 -1.06 -11.90 1.18
CA GLU A 75 -1.07 -13.37 1.31
C GLU A 75 0.35 -13.93 1.43
N LYS A 76 1.30 -13.30 0.72
CA LYS A 76 2.71 -13.72 0.77
C LYS A 76 3.28 -13.54 2.18
N ILE A 77 2.84 -12.48 2.87
CA ILE A 77 3.35 -12.16 4.21
C ILE A 77 3.06 -13.35 5.18
N PRO A 78 4.07 -13.88 5.90
CA PRO A 78 3.86 -15.03 6.86
C PRO A 78 2.88 -14.68 7.97
N GLY A 79 1.88 -15.55 8.20
CA GLY A 79 0.91 -15.36 9.28
C GLY A 79 -0.32 -14.55 8.83
N PHE A 80 -0.22 -13.90 7.66
CA PHE A 80 -1.35 -13.16 7.11
C PHE A 80 -2.50 -14.12 6.86
N THR A 81 -2.16 -15.24 6.22
CA THR A 81 -3.12 -16.29 5.93
C THR A 81 -3.67 -16.92 7.23
N ASP A 82 -2.80 -17.00 8.23
CA ASP A 82 -3.12 -17.61 9.51
C ASP A 82 -4.22 -16.85 10.26
N LEU A 83 -4.40 -15.55 9.95
CA LEU A 83 -5.40 -14.74 10.64
C LEU A 83 -6.83 -15.17 10.25
N PRO A 84 -7.84 -14.95 11.13
CA PRO A 84 -9.26 -15.29 10.82
C PRO A 84 -9.66 -14.74 9.44
N LYS A 85 -10.49 -15.50 8.71
CA LYS A 85 -10.85 -15.16 7.31
C LYS A 85 -11.51 -13.77 7.19
N GLU A 86 -12.49 -13.50 8.05
CA GLU A 86 -13.19 -12.22 8.01
C GLU A 86 -12.25 -11.06 8.28
N ASP A 87 -11.33 -11.29 9.22
CA ASP A 87 -10.36 -10.29 9.61
C ASP A 87 -9.41 -9.95 8.46
N GLN A 88 -9.03 -10.98 7.69
CA GLN A 88 -8.15 -10.78 6.55
C GLN A 88 -8.80 -9.81 5.55
N THR A 89 -10.11 -9.99 5.34
CA THR A 89 -10.88 -9.12 4.45
C THR A 89 -10.87 -7.68 4.98
N LEU A 90 -11.10 -7.53 6.30
CA LEU A 90 -11.13 -6.20 6.93
C LEU A 90 -9.78 -5.50 6.80
N LEU A 91 -8.69 -6.24 7.04
CA LEU A 91 -7.33 -5.66 6.97
C LEU A 91 -7.00 -5.19 5.57
N ILE A 92 -7.36 -6.00 4.57
CA ILE A 92 -7.07 -5.68 3.17
C ILE A 92 -7.78 -4.39 2.75
N GLU A 93 -9.07 -4.29 3.10
CA GLU A 93 -9.87 -3.13 2.72
C GLU A 93 -9.35 -1.85 3.38
N SER A 94 -9.03 -1.94 4.67
CA SER A 94 -8.54 -0.79 5.44
C SER A 94 -7.13 -0.38 5.03
N ALA A 95 -6.28 -1.38 4.78
CA ALA A 95 -4.86 -1.13 4.45
C ALA A 95 -4.64 -0.88 2.94
N PHE A 96 -5.68 -1.11 2.13
CA PHE A 96 -5.57 -0.94 0.68
C PHE A 96 -5.17 0.51 0.30
N LEU A 97 -5.88 1.50 0.87
CA LEU A 97 -5.62 2.91 0.53
C LEU A 97 -4.20 3.34 0.92
N GLU A 98 -3.77 2.94 2.12
CA GLU A 98 -2.43 3.32 2.60
C GLU A 98 -1.33 2.59 1.80
N LEU A 99 -1.55 1.29 1.56
CA LEU A 99 -0.58 0.47 0.84
C LEU A 99 -0.41 0.94 -0.60
N PHE A 100 -1.52 1.27 -1.26
CA PHE A 100 -1.50 1.75 -2.63
C PHE A 100 -0.71 3.06 -2.72
N VAL A 101 -1.01 3.99 -1.81
CA VAL A 101 -0.34 5.29 -1.75
C VAL A 101 1.16 5.11 -1.47
N LEU A 102 1.46 4.31 -0.45
CA LEU A 102 2.84 4.09 -0.01
C LEU A 102 3.67 3.45 -1.12
N ARG A 103 3.12 2.38 -1.69
CA ARG A 103 3.80 1.63 -2.73
C ARG A 103 3.93 2.45 -4.02
N LEU A 104 2.87 3.20 -4.34
CA LEU A 104 2.84 4.04 -5.55
C LEU A 104 3.92 5.12 -5.48
N SER A 105 4.04 5.76 -4.31
CA SER A 105 5.01 6.84 -4.12
C SER A 105 6.44 6.35 -4.33
N ILE A 106 6.72 5.14 -3.85
CA ILE A 106 8.06 4.54 -3.96
C ILE A 106 8.43 4.34 -5.44
N ARG A 107 7.49 3.78 -6.21
CA ARG A 107 7.73 3.47 -7.62
C ARG A 107 7.71 4.73 -8.49
N SER A 108 6.90 5.72 -8.11
CA SER A 108 6.77 6.97 -8.86
C SER A 108 8.01 7.83 -8.78
N ASN A 109 8.10 8.78 -9.71
CA ASN A 109 9.24 9.71 -9.78
C ASN A 109 8.73 11.16 -9.71
N THR A 110 9.01 11.84 -8.60
CA THR A 110 8.50 13.22 -8.39
C THR A 110 9.17 14.21 -9.32
N ALA A 111 10.47 14.00 -9.58
CA ALA A 111 11.23 14.90 -10.45
C ALA A 111 10.63 14.89 -11.86
N GLU A 112 10.22 13.70 -12.29
CA GLU A 112 9.57 13.52 -13.59
C GLU A 112 8.05 13.76 -13.53
N ASP A 113 7.52 13.93 -12.30
CA ASP A 113 6.08 14.14 -12.12
C ASP A 113 5.28 13.00 -12.76
N LYS A 114 5.83 11.78 -12.67
CA LYS A 114 5.19 10.59 -13.23
C LYS A 114 4.86 9.60 -12.13
N PHE A 115 3.73 8.89 -12.29
CA PHE A 115 3.31 7.87 -11.34
C PHE A 115 3.35 6.50 -12.00
N VAL A 116 4.12 5.59 -11.41
CA VAL A 116 4.25 4.23 -11.93
C VAL A 116 3.51 3.26 -11.00
N PHE A 117 2.51 2.58 -11.55
CA PHE A 117 1.68 1.64 -10.79
C PHE A 117 2.23 0.22 -10.90
N CYS A 118 1.77 -0.67 -10.02
CA CYS A 118 2.21 -2.08 -10.05
C CYS A 118 1.84 -2.75 -11.39
N ASN A 119 0.93 -2.12 -12.14
CA ASN A 119 0.51 -2.64 -13.46
C ASN A 119 1.41 -2.09 -14.59
N GLY A 120 2.42 -1.27 -14.22
CA GLY A 120 3.35 -0.70 -15.21
C GLY A 120 2.79 0.55 -15.90
N LEU A 121 1.55 0.95 -15.54
CA LEU A 121 0.92 2.14 -16.13
C LEU A 121 1.61 3.42 -15.64
N VAL A 122 1.92 4.32 -16.57
CA VAL A 122 2.60 5.58 -16.24
C VAL A 122 1.69 6.78 -16.57
N LEU A 123 1.45 7.64 -15.56
CA LEU A 123 0.62 8.83 -15.73
C LEU A 123 1.43 10.11 -15.43
N HIS A 124 1.19 11.15 -16.24
CA HIS A 124 2.00 12.39 -16.20
C HIS A 124 1.48 13.45 -15.17
N ARG A 125 1.19 13.03 -13.93
CA ARG A 125 0.73 13.98 -12.86
C ARG A 125 -0.65 14.60 -13.21
N LEU A 126 -0.65 15.46 -14.23
CA LEU A 126 -1.86 16.13 -14.70
C LEU A 126 -2.91 15.13 -15.16
N GLN A 127 -2.45 13.95 -15.62
CA GLN A 127 -3.35 12.89 -16.08
C GLN A 127 -4.30 12.47 -14.96
N CYS A 128 -3.78 12.38 -13.72
CA CYS A 128 -4.63 12.03 -12.55
C CYS A 128 -5.13 13.27 -11.78
N LEU A 129 -4.66 14.46 -12.18
CA LEU A 129 -5.09 15.73 -11.55
C LEU A 129 -6.61 15.95 -11.72
N ARG A 130 -7.16 15.39 -12.81
CA ARG A 130 -8.59 15.53 -13.13
C ARG A 130 -9.48 14.97 -12.01
N GLY A 131 -9.05 13.88 -11.37
CA GLY A 131 -9.84 13.25 -10.32
C GLY A 131 -9.19 13.44 -8.97
N PHE A 132 -7.98 12.88 -8.82
CA PHE A 132 -7.25 13.01 -7.57
C PHE A 132 -7.00 14.49 -7.28
N GLY A 133 -6.56 15.21 -8.31
CA GLY A 133 -6.29 16.63 -8.16
C GLY A 133 -5.21 16.85 -7.14
N GLU A 134 -5.50 17.70 -6.17
CA GLU A 134 -4.57 18.00 -5.08
C GLU A 134 -4.21 16.71 -4.31
N TRP A 135 -5.04 15.66 -4.44
CA TRP A 135 -4.80 14.40 -3.72
C TRP A 135 -3.55 13.73 -4.26
N LEU A 136 -3.41 13.75 -5.59
CA LEU A 136 -2.24 13.21 -6.26
C LEU A 136 -1.00 14.04 -5.92
N ASP A 137 -1.16 15.36 -5.91
CA ASP A 137 -0.06 16.27 -5.63
C ASP A 137 0.55 15.96 -4.26
N SER A 138 -0.32 15.70 -3.29
CA SER A 138 0.12 15.34 -1.94
C SER A 138 0.95 14.07 -1.96
N ILE A 139 0.53 13.10 -2.80
CA ILE A 139 1.26 11.82 -2.93
C ILE A 139 2.67 12.09 -3.46
N LYS A 140 2.77 12.97 -4.47
CA LYS A 140 4.06 13.32 -5.06
C LYS A 140 4.99 13.91 -3.99
N ASP A 141 4.44 14.78 -3.15
CA ASP A 141 5.21 15.37 -2.05
C ASP A 141 5.67 14.28 -1.08
N PHE A 142 4.77 13.31 -0.82
CA PHE A 142 5.09 12.18 0.06
C PHE A 142 6.25 11.37 -0.50
N SER A 143 6.21 11.10 -1.80
CA SER A 143 7.24 10.31 -2.47
C SER A 143 8.61 10.94 -2.28
N LEU A 144 8.69 12.26 -2.48
CA LEU A 144 9.94 12.99 -2.29
C LEU A 144 10.44 12.81 -0.86
N ASN A 145 9.50 12.89 0.11
CA ASN A 145 9.83 12.68 1.50
C ASN A 145 10.41 11.27 1.69
N LEU A 146 9.81 10.30 0.99
CA LEU A 146 10.29 8.92 1.03
C LEU A 146 11.72 8.84 0.49
N GLN A 147 11.98 9.55 -0.63
CA GLN A 147 13.31 9.56 -1.22
C GLN A 147 14.34 10.10 -0.22
N SER A 148 13.93 11.10 0.56
CA SER A 148 14.81 11.68 1.58
C SER A 148 15.17 10.62 2.64
N LEU A 149 14.21 9.77 2.97
CA LEU A 149 14.41 8.72 3.97
C LEU A 149 15.49 7.74 3.52
N ASN A 150 15.53 7.46 2.20
CA ASN A 150 16.53 6.54 1.63
C ASN A 150 16.41 5.12 2.22
N LEU A 151 15.16 4.67 2.42
CA LEU A 151 14.89 3.33 2.95
C LEU A 151 15.26 2.28 1.91
N ASP A 152 15.77 1.13 2.39
CA ASP A 152 16.18 0.03 1.51
C ASP A 152 14.98 -0.86 1.19
N ILE A 153 15.23 -1.92 0.41
CA ILE A 153 14.19 -2.85 0.00
C ILE A 153 13.58 -3.53 1.24
N GLN A 154 14.46 -4.03 2.12
CA GLN A 154 14.02 -4.74 3.34
C GLN A 154 13.26 -3.80 4.27
N ALA A 155 13.79 -2.57 4.42
CA ALA A 155 13.16 -1.58 5.28
C ALA A 155 11.78 -1.23 4.77
N LEU A 156 11.67 -1.06 3.44
CA LEU A 156 10.39 -0.76 2.80
C LEU A 156 9.43 -1.93 2.94
N ALA A 157 9.98 -3.15 2.76
CA ALA A 157 9.18 -4.37 2.83
C ALA A 157 8.55 -4.54 4.22
N CYS A 158 9.34 -4.32 5.27
CA CYS A 158 8.85 -4.44 6.65
C CYS A 158 7.83 -3.36 6.98
N LEU A 159 8.10 -2.13 6.52
CA LEU A 159 7.18 -1.01 6.78
C LEU A 159 5.85 -1.24 6.09
N SER A 160 5.90 -1.76 4.86
CA SER A 160 4.68 -2.07 4.12
C SER A 160 3.90 -3.17 4.85
N ALA A 161 4.63 -4.16 5.39
CA ALA A 161 4.01 -5.23 6.17
C ALA A 161 3.39 -4.65 7.44
N LEU A 162 4.08 -3.68 8.05
CA LEU A 162 3.62 -3.01 9.26
C LEU A 162 2.29 -2.29 8.98
N SER A 163 2.21 -1.60 7.84
CA SER A 163 0.97 -0.90 7.46
C SER A 163 -0.15 -1.91 7.20
N MET A 164 0.20 -3.04 6.58
CA MET A 164 -0.74 -4.12 6.28
C MET A 164 -1.33 -4.68 7.58
N ILE A 165 -0.45 -4.95 8.54
CA ILE A 165 -0.83 -5.56 9.80
C ILE A 165 -0.91 -4.51 10.90
N THR A 166 -2.14 -4.25 11.39
CA THR A 166 -2.34 -3.27 12.46
C THR A 166 -3.69 -3.51 13.18
N GLU A 167 -3.81 -2.93 14.39
CA GLU A 167 -5.03 -3.07 15.22
C GLU A 167 -6.21 -2.27 14.64
N ARG A 168 -7.40 -2.91 14.56
CA ARG A 168 -8.62 -2.24 14.05
C ARG A 168 -9.81 -2.41 15.05
N HIS A 169 -9.57 -3.07 16.20
CA HIS A 169 -10.62 -3.32 17.20
C HIS A 169 -11.72 -4.23 16.63
N GLY A 170 -12.15 -5.22 17.43
CA GLY A 170 -13.18 -6.18 17.01
C GLY A 170 -12.63 -7.11 15.91
N LEU A 171 -11.32 -7.34 15.94
CA LEU A 171 -10.63 -8.14 14.93
C LEU A 171 -10.39 -9.62 15.35
N LYS A 172 -10.40 -9.93 16.67
CA LYS A 172 -9.93 -11.31 17.21
C LYS A 172 -8.37 -11.35 17.14
N GLU A 173 -7.91 -11.00 15.99
CA GLU A 173 -6.56 -10.96 15.71
C GLU A 173 -5.89 -9.58 15.97
N PRO A 174 -6.44 -8.62 16.84
CA PRO A 174 -5.64 -7.45 17.27
C PRO A 174 -4.40 -7.98 17.94
N LYS A 175 -4.65 -8.97 18.80
CA LYS A 175 -3.64 -9.62 19.56
C LYS A 175 -2.75 -10.43 18.66
N ARG A 176 -3.34 -11.15 17.65
CA ARG A 176 -2.43 -11.88 16.67
C ARG A 176 -1.58 -10.84 15.90
N VAL A 177 -2.22 -9.76 15.55
CA VAL A 177 -1.64 -8.64 14.80
C VAL A 177 -0.49 -8.00 15.58
N GLU A 178 -0.66 -7.88 16.89
CA GLU A 178 0.41 -7.29 17.74
C GLU A 178 1.64 -8.19 17.72
N GLU A 179 1.37 -9.50 17.78
CA GLU A 179 2.43 -10.52 17.71
C GLU A 179 3.16 -10.40 16.37
N LEU A 180 2.37 -10.25 15.32
CA LEU A 180 2.86 -10.16 13.95
C LEU A 180 3.58 -8.82 13.72
N CYS A 181 3.05 -7.77 14.32
CA CYS A 181 3.62 -6.44 14.22
C CYS A 181 5.03 -6.46 14.77
N ASN A 182 5.19 -7.08 15.95
CA ASN A 182 6.51 -7.22 16.57
C ASN A 182 7.44 -8.02 15.65
N LYS A 183 6.89 -9.06 15.01
CA LYS A 183 7.64 -9.89 14.07
C LYS A 183 8.15 -9.09 12.85
N ILE A 184 7.28 -8.24 12.30
CA ILE A 184 7.62 -7.43 11.13
C ILE A 184 8.72 -6.41 11.48
N THR A 185 8.52 -5.72 12.61
CA THR A 185 9.50 -4.72 13.06
C THR A 185 10.77 -5.39 13.60
N SER A 186 10.66 -6.65 14.06
CA SER A 186 11.83 -7.39 14.55
C SER A 186 12.84 -7.58 13.42
N SER A 187 12.33 -8.01 12.25
CA SER A 187 13.17 -8.15 11.05
C SER A 187 13.73 -6.81 10.64
N LEU A 188 12.87 -5.81 10.68
CA LEU A 188 13.20 -4.44 10.31
C LEU A 188 14.35 -3.93 11.20
N LYS A 189 14.23 -4.20 12.48
CA LYS A 189 15.22 -3.81 13.47
C LYS A 189 16.57 -4.42 13.09
N ASP A 190 16.53 -5.71 12.73
CA ASP A 190 17.73 -6.41 12.27
C ASP A 190 18.29 -5.73 11.03
N HIS A 191 17.39 -5.32 10.13
CA HIS A 191 17.79 -4.60 8.92
C HIS A 191 18.50 -3.28 9.31
N GLN A 192 17.93 -2.57 10.29
CA GLN A 192 18.49 -1.29 10.74
C GLN A 192 19.88 -1.47 11.36
N SER A 193 20.13 -2.66 11.93
CA SER A 193 21.45 -2.97 12.52
C SER A 193 22.50 -3.36 11.45
N LYS A 194 22.04 -3.52 10.19
CA LYS A 194 22.92 -3.94 9.08
C LYS A 194 24.04 -2.92 8.87
N GLY A 195 23.69 -1.63 8.99
CA GLY A 195 24.66 -0.55 8.79
C GLY A 195 25.60 -0.41 9.98
N GLN A 196 26.68 0.34 9.81
CA GLN A 196 27.66 0.55 10.88
C GLN A 196 27.07 1.42 12.01
N ALA A 197 26.18 2.35 11.64
CA ALA A 197 25.52 3.23 12.61
C ALA A 197 24.65 2.42 13.57
N LEU A 198 23.96 1.42 13.02
CA LEU A 198 23.05 0.56 13.81
C LEU A 198 21.89 1.38 14.42
N GLU A 199 21.60 2.55 13.83
CA GLU A 199 20.52 3.42 14.32
C GLU A 199 19.19 3.12 13.56
N PRO A 200 18.07 2.81 14.27
CA PRO A 200 16.76 2.59 13.59
C PRO A 200 16.18 3.91 13.06
N THR A 201 15.77 3.89 11.80
CA THR A 201 15.17 5.08 11.17
C THR A 201 13.63 5.10 11.35
N GLU A 202 13.14 4.31 12.33
CA GLU A 202 11.71 4.18 12.59
C GLU A 202 11.07 5.52 12.98
N SER A 203 11.81 6.34 13.75
CA SER A 203 11.29 7.63 14.21
C SER A 203 10.94 8.52 13.02
N LYS A 204 11.83 8.54 12.02
CA LYS A 204 11.60 9.31 10.80
C LYS A 204 10.35 8.79 10.06
N VAL A 205 10.19 7.47 10.07
CA VAL A 205 9.04 6.82 9.46
C VAL A 205 7.75 7.27 10.13
N LEU A 206 7.78 7.44 11.46
CA LEU A 206 6.57 7.85 12.19
C LEU A 206 6.12 9.26 11.77
N GLY A 207 7.10 10.16 11.52
CA GLY A 207 6.77 11.53 11.06
C GLY A 207 6.14 11.49 9.66
N ALA A 208 6.68 10.61 8.82
CA ALA A 208 6.15 10.41 7.47
C ALA A 208 4.88 9.57 7.52
N LEU A 209 4.69 8.83 8.63
CA LEU A 209 3.52 8.03 8.83
C LEU A 209 2.32 8.93 9.01
N VAL A 210 2.51 10.00 9.79
CA VAL A 210 1.46 10.98 10.01
C VAL A 210 1.04 11.57 8.67
N GLU A 211 2.05 11.96 7.86
CA GLU A 211 1.77 12.50 6.51
C GLU A 211 1.08 11.43 5.63
N LEU A 212 1.52 10.17 5.76
CA LEU A 212 0.94 9.06 5.01
C LEU A 212 -0.54 8.91 5.37
N ARG A 213 -0.84 9.06 6.66
CA ARG A 213 -2.20 8.97 7.17
C ARG A 213 -3.06 10.07 6.58
N LYS A 214 -2.47 11.28 6.41
CA LYS A 214 -3.19 12.41 5.86
C LYS A 214 -3.66 12.06 4.45
N ILE A 215 -2.77 11.41 3.69
CA ILE A 215 -3.11 10.97 2.35
C ILE A 215 -4.17 9.86 2.41
N CYS A 216 -4.04 8.97 3.41
CA CYS A 216 -4.98 7.85 3.58
C CYS A 216 -6.40 8.37 3.81
N THR A 217 -6.54 9.40 4.65
CA THR A 217 -7.84 10.01 4.92
C THR A 217 -8.31 10.83 3.71
N LEU A 218 -7.36 11.46 3.04
CA LEU A 218 -7.63 12.23 1.82
C LEU A 218 -8.20 11.31 0.74
N GLY A 219 -7.65 10.10 0.64
CA GLY A 219 -8.11 9.13 -0.35
C GLY A 219 -9.58 8.80 -0.12
N LEU A 220 -9.96 8.63 1.15
CA LEU A 220 -11.35 8.35 1.50
C LEU A 220 -12.26 9.52 1.12
N GLN A 221 -11.75 10.75 1.35
CA GLN A 221 -12.52 11.96 1.05
C GLN A 221 -12.80 12.08 -0.45
N ARG A 222 -11.79 11.78 -1.27
CA ARG A 222 -11.92 11.86 -2.72
C ARG A 222 -12.98 10.89 -3.23
N ILE A 223 -12.99 9.69 -2.66
CA ILE A 223 -13.96 8.65 -3.04
C ILE A 223 -15.39 9.18 -2.79
N PHE A 224 -15.62 9.77 -1.62
CA PHE A 224 -16.93 10.31 -1.26
C PHE A 224 -17.37 11.39 -2.26
N TYR A 225 -16.47 12.35 -2.54
CA TYR A 225 -16.77 13.45 -3.47
C TYR A 225 -17.02 12.94 -4.89
N LEU A 226 -16.22 11.95 -5.33
CA LEU A 226 -16.37 11.38 -6.67
C LEU A 226 -17.74 10.72 -6.82
N LYS A 227 -18.18 10.03 -5.77
CA LYS A 227 -19.49 9.37 -5.76
C LYS A 227 -20.61 10.37 -5.91
N LEU A 228 -20.48 11.53 -5.26
CA LEU A 228 -21.50 12.58 -5.38
C LEU A 228 -21.60 13.01 -6.85
N GLU A 229 -20.44 13.14 -7.50
CA GLU A 229 -20.37 13.47 -8.92
C GLU A 229 -20.94 12.31 -9.77
N ASP A 230 -20.63 11.07 -9.35
CA ASP A 230 -21.09 9.86 -10.03
C ASP A 230 -20.42 9.66 -11.42
N LEU A 231 -21.03 10.17 -12.50
CA LEU A 231 -20.54 10.00 -13.87
C LEU A 231 -20.66 8.52 -14.33
N VAL A 232 -19.86 7.63 -13.71
CA VAL A 232 -19.91 6.19 -14.06
C VAL A 232 -20.20 5.28 -12.82
N SER A 233 -20.27 5.90 -11.62
CA SER A 233 -20.56 5.16 -10.38
C SER A 233 -19.44 4.12 -10.05
N PRO A 234 -18.97 4.02 -8.78
CA PRO A 234 -17.90 3.03 -8.40
C PRO A 234 -18.31 1.54 -8.62
N PRO A 235 -17.34 0.63 -8.79
CA PRO A 235 -17.61 -0.84 -8.87
C PRO A 235 -18.01 -1.36 -7.49
N SER A 236 -18.58 -2.55 -7.44
CA SER A 236 -19.04 -3.13 -6.18
C SER A 236 -17.90 -3.30 -5.17
N ILE A 237 -16.74 -3.74 -5.66
CA ILE A 237 -15.57 -3.98 -4.78
C ILE A 237 -15.09 -2.66 -4.13
N ILE A 238 -14.90 -1.64 -4.97
CA ILE A 238 -14.38 -0.34 -4.51
C ILE A 238 -15.41 0.40 -3.62
N ASP A 239 -16.68 0.42 -4.06
CA ASP A 239 -17.75 1.04 -3.27
C ASP A 239 -17.84 0.36 -1.90
N LYS A 240 -17.72 -0.96 -1.90
CA LYS A 240 -17.76 -1.75 -0.68
C LYS A 240 -16.67 -1.31 0.29
N LEU A 241 -15.49 -1.04 -0.26
CA LEU A 241 -14.34 -0.61 0.52
C LEU A 241 -14.67 0.67 1.28
N PHE A 242 -15.32 1.60 0.59
CA PHE A 242 -15.73 2.87 1.19
C PHE A 242 -16.66 2.60 2.38
N LEU A 243 -17.63 1.70 2.16
CA LEU A 243 -18.59 1.34 3.20
C LEU A 243 -17.90 0.69 4.40
N ASP A 244 -16.92 -0.17 4.11
CA ASP A 244 -16.17 -0.87 5.16
C ASP A 244 -15.48 0.13 6.07
N THR A 245 -14.81 1.12 5.47
CA THR A 245 -14.13 2.16 6.22
C THR A 245 -15.11 3.26 6.60
N LEU A 246 -14.73 4.08 7.59
CA LEU A 246 -15.57 5.20 8.05
C LEU A 246 -17.04 4.72 8.28
N PRO A 247 -17.26 3.68 9.10
CA PRO A 247 -18.62 3.13 9.37
C PRO A 247 -19.48 4.08 10.22
N PHE A 248 -18.83 4.99 10.96
CA PHE A 248 -19.53 5.95 11.81
C PHE A 248 -19.54 7.33 11.15
N LYS A 1 -25.80 -13.93 24.13
CA LYS A 1 -26.23 -12.54 23.79
C LYS A 1 -25.84 -11.58 24.92
N SER A 2 -25.93 -10.28 24.64
CA SER A 2 -25.59 -9.24 25.62
C SER A 2 -24.17 -9.51 26.24
N PRO A 3 -23.11 -9.69 25.41
CA PRO A 3 -21.72 -9.94 25.92
C PRO A 3 -21.10 -8.69 26.53
N LEU A 4 -20.25 -8.90 27.55
CA LEU A 4 -19.55 -7.80 28.22
C LEU A 4 -18.05 -8.00 28.14
N GLN A 5 -17.59 -9.17 28.61
CA GLN A 5 -16.16 -9.56 28.60
C GLN A 5 -15.21 -8.39 28.95
N GLN A 6 -13.89 -8.64 28.82
CA GLN A 6 -12.87 -7.64 29.15
C GLN A 6 -11.62 -7.79 28.25
N GLU A 7 -11.42 -8.99 27.69
CA GLU A 7 -10.27 -9.27 26.81
C GLU A 7 -8.91 -9.06 27.56
N PRO A 8 -8.62 -9.86 28.62
CA PRO A 8 -7.33 -9.74 29.38
C PRO A 8 -6.13 -9.97 28.46
N SER A 9 -5.02 -9.27 28.73
CA SER A 9 -3.81 -9.40 27.92
C SER A 9 -2.78 -10.28 28.62
N GLN A 10 -2.13 -11.15 27.84
CA GLN A 10 -1.10 -12.05 28.36
C GLN A 10 0.17 -12.00 27.48
N PRO A 11 1.10 -11.05 27.75
CA PRO A 11 2.35 -10.91 26.93
C PRO A 11 3.16 -12.19 26.90
N SER A 12 3.75 -12.48 25.74
CA SER A 12 4.58 -13.66 25.54
C SER A 12 5.94 -13.26 24.92
N PRO A 13 7.01 -14.08 25.10
CA PRO A 13 8.37 -13.72 24.55
C PRO A 13 8.41 -13.76 23.00
N PRO A 14 9.08 -12.78 22.32
CA PRO A 14 9.19 -12.75 20.82
C PRO A 14 9.91 -13.97 20.27
N SER A 15 9.47 -14.42 19.08
CA SER A 15 10.10 -15.55 18.39
C SER A 15 11.17 -15.02 17.38
N PRO A 16 12.44 -15.49 17.44
CA PRO A 16 13.51 -14.97 16.51
C PRO A 16 13.19 -15.31 15.02
N PRO A 17 13.50 -14.41 14.06
CA PRO A 17 13.20 -14.64 12.61
C PRO A 17 14.13 -15.66 11.98
N ILE A 18 13.61 -16.37 10.96
CA ILE A 18 14.39 -17.36 10.22
C ILE A 18 14.69 -16.82 8.81
N CYS A 19 13.63 -16.41 8.08
CA CYS A 19 13.77 -15.86 6.73
C CYS A 19 12.59 -14.93 6.38
N MET A 20 12.04 -14.27 7.40
CA MET A 20 10.92 -13.33 7.21
C MET A 20 11.30 -12.14 6.34
N MET A 21 12.45 -11.54 6.64
CA MET A 21 12.91 -10.34 5.94
C MET A 21 12.98 -10.58 4.44
N ASN A 22 13.57 -11.72 4.05
CA ASN A 22 13.71 -12.07 2.63
C ASN A 22 12.35 -12.24 1.97
N ALA A 23 11.43 -12.92 2.69
CA ALA A 23 10.08 -13.17 2.16
C ALA A 23 9.33 -11.87 1.89
N LEU A 24 9.45 -10.92 2.82
CA LEU A 24 8.78 -9.62 2.68
C LEU A 24 9.32 -8.86 1.47
N VAL A 25 10.64 -8.93 1.29
CA VAL A 25 11.30 -8.26 0.17
C VAL A 25 10.87 -8.89 -1.15
N ARG A 26 10.81 -10.23 -1.18
CA ARG A 26 10.44 -10.96 -2.40
C ARG A 26 9.03 -10.56 -2.83
N ALA A 27 8.12 -10.50 -1.85
CA ALA A 27 6.74 -10.11 -2.12
C ALA A 27 6.71 -8.70 -2.71
N LEU A 28 7.54 -7.81 -2.14
CA LEU A 28 7.65 -6.44 -2.59
C LEU A 28 8.17 -6.38 -4.03
N THR A 29 9.20 -7.17 -4.32
CA THR A 29 9.84 -7.19 -5.65
C THR A 29 8.95 -7.80 -6.73
N ASP A 30 8.21 -8.88 -6.38
CA ASP A 30 7.37 -9.58 -7.38
C ASP A 30 6.18 -8.71 -7.83
N SER A 31 5.66 -7.88 -6.90
CA SER A 31 4.51 -7.04 -7.19
C SER A 31 4.93 -5.77 -7.96
N THR A 32 5.37 -5.97 -9.22
CA THR A 32 5.80 -4.86 -10.07
C THR A 32 5.68 -5.24 -11.58
N PRO A 33 5.31 -4.29 -12.48
CA PRO A 33 5.16 -4.59 -13.95
C PRO A 33 6.44 -5.08 -14.59
N ARG A 34 6.27 -5.96 -15.58
CA ARG A 34 7.39 -6.50 -16.34
C ARG A 34 7.36 -5.94 -17.76
N ASP A 35 6.21 -6.14 -18.41
CA ASP A 35 5.99 -5.68 -19.79
C ASP A 35 5.96 -4.16 -19.88
N LEU A 36 5.32 -3.52 -18.90
CA LEU A 36 5.16 -2.06 -18.89
C LEU A 36 4.28 -1.60 -20.06
N ASP A 37 3.49 -0.56 -19.82
CA ASP A 37 2.58 -0.03 -20.85
C ASP A 37 2.65 1.50 -20.90
N TYR A 38 3.28 2.03 -21.96
CA TYR A 38 3.41 3.48 -22.14
C TYR A 38 2.48 4.04 -23.23
N SER A 39 1.54 3.20 -23.71
CA SER A 39 0.60 3.62 -24.77
C SER A 39 -0.26 4.79 -24.30
N ARG A 40 -0.74 4.70 -23.05
CA ARG A 40 -1.60 5.74 -22.47
C ARG A 40 -0.77 6.99 -22.05
N TYR A 41 0.53 6.81 -21.87
CA TYR A 41 1.42 7.90 -21.44
C TYR A 41 1.45 9.03 -22.48
N CYS A 42 1.28 10.27 -22.00
CA CYS A 42 1.33 11.45 -22.85
C CYS A 42 2.27 12.52 -22.23
N PRO A 43 2.99 13.33 -23.03
CA PRO A 43 3.91 14.37 -22.47
C PRO A 43 3.14 15.54 -21.87
N THR A 44 2.00 15.85 -22.48
CA THR A 44 1.13 16.93 -22.01
C THR A 44 -0.33 16.48 -21.99
N ASP A 45 -1.02 16.71 -20.87
CA ASP A 45 -2.43 16.35 -20.74
C ASP A 45 -3.27 17.58 -20.37
N GLN A 46 -3.88 18.18 -21.39
CA GLN A 46 -4.72 19.38 -21.20
C GLN A 46 -6.07 19.07 -20.52
N ALA A 47 -6.43 17.76 -20.47
CA ALA A 47 -7.72 17.33 -19.87
C ALA A 47 -8.90 17.80 -20.73
N ALA A 48 -10.11 17.44 -20.30
CA ALA A 48 -11.35 17.80 -21.05
C ALA A 48 -12.55 17.98 -20.11
N ALA A 49 -13.62 18.61 -20.62
CA ALA A 49 -14.81 18.90 -19.82
C ALA A 49 -15.46 17.61 -19.29
N GLY A 50 -15.58 16.59 -20.16
CA GLY A 50 -16.16 15.29 -19.76
C GLY A 50 -15.07 14.30 -19.29
N THR A 51 -13.79 14.72 -19.40
CA THR A 51 -12.66 13.90 -19.00
C THR A 51 -12.89 13.25 -17.63
N ASP A 52 -13.56 13.98 -16.73
CA ASP A 52 -13.80 13.49 -15.38
C ASP A 52 -14.64 12.21 -15.39
N ALA A 53 -15.68 12.18 -16.25
CA ALA A 53 -16.54 11.00 -16.32
C ALA A 53 -15.76 9.77 -16.78
N GLU A 54 -14.93 9.94 -17.82
CA GLU A 54 -14.11 8.82 -18.32
C GLU A 54 -12.98 8.47 -17.35
N HIS A 55 -12.33 9.51 -16.80
CA HIS A 55 -11.21 9.33 -15.88
C HIS A 55 -11.65 8.66 -14.58
N VAL A 56 -12.82 9.07 -14.06
CA VAL A 56 -13.36 8.50 -12.82
C VAL A 56 -13.64 7.00 -13.04
N GLN A 57 -14.20 6.65 -14.21
CA GLN A 57 -14.44 5.25 -14.54
C GLN A 57 -13.11 4.49 -14.52
N GLN A 58 -12.10 5.07 -15.13
CA GLN A 58 -10.77 4.49 -15.17
C GLN A 58 -10.21 4.36 -13.76
N PHE A 59 -10.50 5.36 -12.91
CA PHE A 59 -9.99 5.40 -11.54
C PHE A 59 -10.38 4.14 -10.76
N TYR A 60 -11.69 3.78 -10.77
CA TYR A 60 -12.13 2.59 -10.02
C TYR A 60 -11.61 1.31 -10.66
N ASN A 61 -11.57 1.28 -12.00
CA ASN A 61 -11.09 0.11 -12.71
C ASN A 61 -9.64 -0.19 -12.29
N LEU A 62 -8.81 0.86 -12.26
CA LEU A 62 -7.42 0.72 -11.85
C LEU A 62 -7.30 0.33 -10.37
N LEU A 63 -8.16 0.94 -9.54
CA LEU A 63 -8.17 0.66 -8.08
C LEU A 63 -8.56 -0.80 -7.82
N THR A 64 -9.54 -1.29 -8.58
CA THR A 64 -10.00 -2.66 -8.44
C THR A 64 -8.83 -3.62 -8.76
N ALA A 65 -8.12 -3.33 -9.86
CA ALA A 65 -6.98 -4.14 -10.28
C ALA A 65 -5.85 -4.09 -9.24
N SER A 66 -5.62 -2.90 -8.69
CA SER A 66 -4.55 -2.69 -7.70
C SER A 66 -4.80 -3.47 -6.42
N ILE A 67 -6.09 -3.56 -5.99
CA ILE A 67 -6.43 -4.27 -4.76
C ILE A 67 -6.21 -5.78 -4.91
N ASP A 68 -6.53 -6.31 -6.08
CA ASP A 68 -6.32 -7.74 -6.34
C ASP A 68 -4.83 -8.07 -6.28
N VAL A 69 -4.02 -7.17 -6.85
CA VAL A 69 -2.56 -7.32 -6.82
C VAL A 69 -2.07 -7.20 -5.38
N SER A 70 -2.64 -6.25 -4.64
CA SER A 70 -2.30 -6.04 -3.24
C SER A 70 -2.61 -7.29 -2.42
N ARG A 71 -3.73 -7.95 -2.75
CA ARG A 71 -4.13 -9.16 -2.04
C ARG A 71 -3.07 -10.23 -2.16
N SER A 72 -2.55 -10.43 -3.38
CA SER A 72 -1.51 -11.43 -3.61
C SER A 72 -0.25 -11.08 -2.80
N TRP A 73 0.07 -9.78 -2.76
CA TRP A 73 1.20 -9.30 -1.98
C TRP A 73 0.98 -9.62 -0.50
N ALA A 74 -0.24 -9.36 -0.03
CA ALA A 74 -0.63 -9.63 1.35
C ALA A 74 -0.52 -11.12 1.67
N GLU A 75 -0.94 -11.95 0.71
CA GLU A 75 -0.93 -13.41 0.85
C GLU A 75 0.48 -13.99 0.99
N LYS A 76 1.45 -13.38 0.28
CA LYS A 76 2.85 -13.85 0.30
C LYS A 76 3.52 -13.65 1.66
N ILE A 77 2.99 -12.72 2.45
CA ILE A 77 3.58 -12.39 3.76
C ILE A 77 3.50 -13.62 4.71
N PRO A 78 4.64 -14.13 5.25
CA PRO A 78 4.62 -15.30 6.19
C PRO A 78 3.83 -15.00 7.46
N GLY A 79 3.00 -15.96 7.88
CA GLY A 79 2.20 -15.82 9.10
C GLY A 79 0.85 -15.13 8.86
N PHE A 80 0.68 -14.53 7.67
CA PHE A 80 -0.56 -13.84 7.32
C PHE A 80 -1.73 -14.82 7.29
N THR A 81 -1.49 -15.95 6.65
CA THR A 81 -2.52 -16.98 6.45
C THR A 81 -3.05 -17.52 7.80
N ASP A 82 -2.14 -17.71 8.77
CA ASP A 82 -2.52 -18.30 10.07
C ASP A 82 -3.59 -17.48 10.82
N LEU A 83 -3.80 -16.24 10.37
CA LEU A 83 -4.74 -15.33 11.01
C LEU A 83 -6.17 -15.66 10.54
N PRO A 84 -7.22 -15.43 11.37
CA PRO A 84 -8.63 -15.67 10.95
C PRO A 84 -8.89 -15.12 9.53
N LYS A 85 -9.85 -15.72 8.84
CA LYS A 85 -10.19 -15.30 7.46
C LYS A 85 -10.59 -13.84 7.43
N GLU A 86 -11.44 -13.47 8.37
CA GLU A 86 -11.96 -12.11 8.43
C GLU A 86 -10.83 -11.10 8.66
N ASP A 87 -9.84 -11.48 9.49
CA ASP A 87 -8.72 -10.59 9.80
C ASP A 87 -7.97 -10.23 8.54
N GLN A 88 -7.68 -11.26 7.75
CA GLN A 88 -6.89 -11.07 6.53
C GLN A 88 -7.61 -10.12 5.58
N THR A 89 -8.94 -10.28 5.46
CA THR A 89 -9.76 -9.41 4.62
C THR A 89 -9.77 -7.97 5.17
N LEU A 90 -9.94 -7.84 6.50
CA LEU A 90 -10.02 -6.54 7.16
C LEU A 90 -8.71 -5.76 7.01
N LEU A 91 -7.58 -6.47 7.17
CA LEU A 91 -6.26 -5.83 7.09
C LEU A 91 -6.04 -5.24 5.71
N ILE A 92 -6.40 -5.99 4.67
CA ILE A 92 -6.22 -5.55 3.29
C ILE A 92 -7.12 -4.34 2.98
N GLU A 93 -8.40 -4.44 3.34
CA GLU A 93 -9.37 -3.37 3.06
C GLU A 93 -9.01 -2.09 3.78
N SER A 94 -8.64 -2.22 5.06
CA SER A 94 -8.30 -1.08 5.89
C SER A 94 -7.04 -0.36 5.42
N ALA A 95 -6.03 -1.14 5.01
CA ALA A 95 -4.73 -0.58 4.60
C ALA A 95 -4.52 -0.57 3.08
N PHE A 96 -5.58 -0.83 2.30
CA PHE A 96 -5.47 -0.84 0.84
C PHE A 96 -4.95 0.51 0.31
N LEU A 97 -5.56 1.61 0.76
CA LEU A 97 -5.18 2.94 0.27
C LEU A 97 -3.72 3.28 0.63
N GLU A 98 -3.31 2.94 1.85
CA GLU A 98 -1.95 3.24 2.32
C GLU A 98 -0.90 2.43 1.55
N LEU A 99 -1.20 1.14 1.34
CA LEU A 99 -0.28 0.26 0.62
C LEU A 99 -0.10 0.72 -0.82
N PHE A 100 -1.23 1.12 -1.44
CA PHE A 100 -1.22 1.62 -2.81
C PHE A 100 -0.36 2.89 -2.90
N VAL A 101 -0.60 3.83 -1.99
CA VAL A 101 0.12 5.11 -1.96
C VAL A 101 1.63 4.88 -1.73
N LEU A 102 1.95 4.08 -0.72
CA LEU A 102 3.33 3.82 -0.34
C LEU A 102 4.07 3.13 -1.48
N ARG A 103 3.45 2.09 -2.02
CA ARG A 103 4.03 1.30 -3.10
C ARG A 103 4.12 2.09 -4.41
N LEU A 104 3.08 2.90 -4.68
CA LEU A 104 3.00 3.68 -5.92
C LEU A 104 4.15 4.70 -6.01
N SER A 105 4.43 5.41 -4.92
CA SER A 105 5.47 6.45 -4.91
C SER A 105 6.85 5.86 -5.18
N ILE A 106 7.13 4.69 -4.61
CA ILE A 106 8.42 4.01 -4.79
C ILE A 106 8.61 3.60 -6.27
N ARG A 107 7.56 3.00 -6.85
CA ARG A 107 7.59 2.52 -8.24
C ARG A 107 7.57 3.67 -9.24
N SER A 108 6.84 4.72 -8.91
CA SER A 108 6.67 5.87 -9.80
C SER A 108 7.92 6.71 -9.93
N ASN A 109 7.95 7.49 -11.00
CA ASN A 109 9.04 8.43 -11.24
C ASN A 109 8.53 9.85 -10.98
N THR A 110 8.73 10.32 -9.76
CA THR A 110 8.26 11.65 -9.33
C THR A 110 9.01 12.76 -10.05
N ALA A 111 10.29 12.51 -10.37
CA ALA A 111 11.09 13.48 -11.12
C ALA A 111 10.45 13.70 -12.49
N GLU A 112 9.95 12.61 -13.08
CA GLU A 112 9.26 12.66 -14.38
C GLU A 112 7.76 13.00 -14.21
N ASP A 113 7.28 13.05 -12.96
CA ASP A 113 5.88 13.37 -12.68
C ASP A 113 4.95 12.33 -13.32
N LYS A 114 5.42 11.09 -13.41
CA LYS A 114 4.63 9.99 -13.96
C LYS A 114 4.45 8.89 -12.90
N PHE A 115 3.31 8.19 -12.96
CA PHE A 115 3.01 7.14 -11.98
C PHE A 115 2.89 5.78 -12.64
N VAL A 116 3.77 4.86 -12.22
CA VAL A 116 3.77 3.50 -12.73
C VAL A 116 2.97 2.61 -11.78
N PHE A 117 1.90 2.04 -12.30
CA PHE A 117 1.03 1.17 -11.51
C PHE A 117 1.50 -0.27 -11.62
N CYS A 118 1.03 -1.13 -10.70
CA CYS A 118 1.41 -2.54 -10.71
C CYS A 118 1.00 -3.23 -12.02
N ASN A 119 0.10 -2.58 -12.78
CA ASN A 119 -0.37 -3.11 -14.08
C ASN A 119 0.53 -2.62 -15.25
N GLY A 120 1.58 -1.85 -14.94
CA GLY A 120 2.49 -1.32 -15.95
C GLY A 120 1.96 -0.02 -16.61
N LEU A 121 0.75 0.40 -16.22
CA LEU A 121 0.15 1.62 -16.76
C LEU A 121 0.87 2.86 -16.21
N VAL A 122 1.24 3.78 -17.11
CA VAL A 122 1.96 5.00 -16.71
C VAL A 122 1.11 6.25 -17.06
N LEU A 123 0.84 7.07 -16.03
CA LEU A 123 0.06 8.31 -16.23
C LEU A 123 0.89 9.55 -15.88
N HIS A 124 0.87 10.52 -16.78
CA HIS A 124 1.65 11.74 -16.62
C HIS A 124 0.94 12.74 -15.70
N ARG A 125 1.26 12.69 -14.40
CA ARG A 125 0.73 13.63 -13.34
C ARG A 125 -0.67 14.23 -13.67
N LEU A 126 -0.71 15.11 -14.66
CA LEU A 126 -1.94 15.79 -15.08
C LEU A 126 -3.01 14.79 -15.49
N GLN A 127 -2.59 13.66 -16.09
CA GLN A 127 -3.56 12.63 -16.51
C GLN A 127 -4.36 12.13 -15.31
N CYS A 128 -3.66 11.93 -14.18
CA CYS A 128 -4.32 11.50 -12.94
C CYS A 128 -4.97 12.69 -12.19
N LEU A 129 -4.50 13.91 -12.50
CA LEU A 129 -5.02 15.14 -11.89
C LEU A 129 -6.54 15.28 -12.10
N ARG A 130 -7.06 14.67 -13.17
CA ARG A 130 -8.49 14.70 -13.48
C ARG A 130 -9.35 14.10 -12.37
N GLY A 131 -8.87 13.01 -11.74
CA GLY A 131 -9.62 12.33 -10.69
C GLY A 131 -8.89 12.40 -9.37
N PHE A 132 -7.63 11.96 -9.38
CA PHE A 132 -6.79 12.03 -8.18
C PHE A 132 -6.66 13.48 -7.76
N GLY A 133 -6.40 14.35 -8.76
CA GLY A 133 -6.26 15.78 -8.53
C GLY A 133 -5.22 16.06 -7.48
N GLU A 134 -5.61 16.87 -6.50
CA GLU A 134 -4.73 17.20 -5.39
C GLU A 134 -4.28 15.94 -4.66
N TRP A 135 -5.06 14.84 -4.77
CA TRP A 135 -4.71 13.60 -4.07
C TRP A 135 -3.37 13.06 -4.57
N LEU A 136 -3.18 13.07 -5.90
CA LEU A 136 -1.92 12.62 -6.50
C LEU A 136 -0.79 13.58 -6.14
N ASP A 137 -1.08 14.88 -6.20
CA ASP A 137 -0.07 15.91 -5.93
C ASP A 137 0.52 15.71 -4.54
N SER A 138 -0.35 15.42 -3.57
CA SER A 138 0.07 15.15 -2.20
C SER A 138 0.97 13.92 -2.15
N ILE A 139 0.62 12.89 -2.94
CA ILE A 139 1.40 11.65 -2.99
C ILE A 139 2.81 11.93 -3.50
N LYS A 140 2.90 12.71 -4.60
CA LYS A 140 4.19 13.03 -5.19
C LYS A 140 5.03 13.86 -4.20
N ASP A 141 4.37 14.76 -3.47
CA ASP A 141 5.06 15.54 -2.43
C ASP A 141 5.61 14.59 -1.34
N PHE A 142 4.78 13.61 -0.98
CA PHE A 142 5.16 12.58 0.01
C PHE A 142 6.33 11.74 -0.52
N SER A 143 6.27 11.41 -1.81
CA SER A 143 7.27 10.56 -2.44
C SER A 143 8.66 11.21 -2.29
N LEU A 144 8.70 12.53 -2.47
CA LEU A 144 9.94 13.29 -2.30
C LEU A 144 10.47 13.11 -0.89
N ASN A 145 9.54 13.21 0.10
CA ASN A 145 9.90 12.99 1.50
C ASN A 145 10.45 11.58 1.69
N LEU A 146 9.82 10.59 1.02
CA LEU A 146 10.25 9.20 1.09
C LEU A 146 11.68 9.05 0.54
N GLN A 147 11.96 9.74 -0.57
CA GLN A 147 13.30 9.71 -1.19
C GLN A 147 14.35 10.27 -0.22
N SER A 148 13.97 11.31 0.52
CA SER A 148 14.85 11.93 1.51
C SER A 148 15.26 10.91 2.57
N LEU A 149 14.29 10.06 2.98
CA LEU A 149 14.55 9.02 3.98
C LEU A 149 15.61 8.05 3.47
N ASN A 150 15.56 7.74 2.16
CA ASN A 150 16.49 6.79 1.52
C ASN A 150 16.18 5.37 1.99
N LEU A 151 16.45 5.10 3.27
CA LEU A 151 16.13 3.80 3.87
C LEU A 151 16.68 2.65 3.00
N ASP A 152 16.40 1.40 3.42
CA ASP A 152 16.90 0.22 2.69
C ASP A 152 15.75 -0.56 2.08
N ILE A 153 16.11 -1.54 1.25
CA ILE A 153 15.13 -2.38 0.56
C ILE A 153 14.32 -3.16 1.59
N GLN A 154 15.05 -3.77 2.51
CA GLN A 154 14.47 -4.64 3.53
C GLN A 154 13.66 -3.83 4.53
N ALA A 155 14.19 -2.66 4.91
CA ALA A 155 13.51 -1.77 5.85
C ALA A 155 12.16 -1.34 5.29
N LEU A 156 12.15 -1.02 3.99
CA LEU A 156 10.92 -0.63 3.30
C LEU A 156 9.91 -1.78 3.29
N ALA A 157 10.43 -2.99 3.08
CA ALA A 157 9.57 -4.18 3.03
C ALA A 157 8.82 -4.36 4.34
N CYS A 158 9.54 -4.18 5.47
CA CYS A 158 8.90 -4.29 6.80
C CYS A 158 7.90 -3.16 7.01
N LEU A 159 8.25 -1.94 6.56
CA LEU A 159 7.35 -0.78 6.69
C LEU A 159 6.06 -0.98 5.90
N SER A 160 6.17 -1.54 4.68
CA SER A 160 4.98 -1.80 3.87
C SER A 160 4.07 -2.79 4.60
N ALA A 161 4.69 -3.81 5.21
CA ALA A 161 3.97 -4.78 6.02
C ALA A 161 3.36 -4.10 7.24
N LEU A 162 4.12 -3.15 7.83
CA LEU A 162 3.65 -2.38 9.00
C LEU A 162 2.41 -1.58 8.66
N SER A 163 2.40 -0.98 7.46
CA SER A 163 1.25 -0.22 7.00
C SER A 163 0.04 -1.13 6.87
N MET A 164 0.28 -2.34 6.34
CA MET A 164 -0.75 -3.35 6.18
C MET A 164 -1.29 -3.82 7.53
N ILE A 165 -0.39 -3.98 8.49
CA ILE A 165 -0.73 -4.56 9.80
C ILE A 165 -0.80 -3.47 10.87
N THR A 166 -2.01 -3.31 11.43
CA THR A 166 -2.25 -2.32 12.47
C THR A 166 -3.54 -2.67 13.23
N GLU A 167 -3.64 -2.22 14.50
CA GLU A 167 -4.82 -2.53 15.32
C GLU A 167 -6.04 -1.71 14.89
N ARG A 168 -6.94 -2.38 14.16
CA ARG A 168 -8.17 -1.77 13.66
C ARG A 168 -9.37 -2.18 14.53
N HIS A 169 -10.44 -1.36 14.51
CA HIS A 169 -11.65 -1.63 15.31
C HIS A 169 -12.38 -2.87 14.78
N GLY A 170 -12.99 -3.63 15.70
CA GLY A 170 -13.73 -4.85 15.33
C GLY A 170 -12.77 -5.91 14.80
N LEU A 171 -11.54 -5.91 15.33
CA LEU A 171 -10.48 -6.81 14.86
C LEU A 171 -10.70 -8.24 15.32
N LYS A 172 -10.25 -9.19 14.46
CA LYS A 172 -10.24 -10.57 14.87
C LYS A 172 -9.04 -10.80 15.72
N GLU A 173 -9.28 -10.86 17.00
CA GLU A 173 -8.19 -11.15 17.88
C GLU A 173 -7.13 -10.03 17.68
N PRO A 174 -7.26 -8.87 18.35
CA PRO A 174 -6.26 -7.76 18.19
C PRO A 174 -4.85 -8.32 18.22
N LYS A 175 -4.73 -9.34 19.04
CA LYS A 175 -3.52 -10.04 19.23
C LYS A 175 -3.02 -10.74 17.95
N ARG A 176 -3.95 -11.26 17.05
CA ARG A 176 -3.48 -11.89 15.82
C ARG A 176 -2.77 -10.85 14.96
N VAL A 177 -3.39 -9.69 14.84
CA VAL A 177 -2.80 -8.59 14.06
C VAL A 177 -1.53 -8.04 14.76
N GLU A 178 -1.59 -7.92 16.09
CA GLU A 178 -0.46 -7.43 16.88
C GLU A 178 0.72 -8.38 16.78
N GLU A 179 0.41 -9.67 16.74
CA GLU A 179 1.42 -10.72 16.61
C GLU A 179 2.22 -10.48 15.34
N LEU A 180 1.49 -10.21 14.28
CA LEU A 180 2.07 -9.94 12.98
C LEU A 180 2.89 -8.66 13.02
N CYS A 181 2.36 -7.63 13.69
CA CYS A 181 3.04 -6.36 13.83
C CYS A 181 4.39 -6.57 14.53
N ASN A 182 4.36 -7.36 15.61
CA ASN A 182 5.57 -7.71 16.36
C ASN A 182 6.54 -8.48 15.47
N LYS A 183 6.00 -9.38 14.65
CA LYS A 183 6.80 -10.18 13.72
C LYS A 183 7.56 -9.32 12.72
N ILE A 184 6.87 -8.32 12.16
CA ILE A 184 7.47 -7.41 11.20
C ILE A 184 8.55 -6.58 11.89
N THR A 185 8.23 -6.11 13.10
CA THR A 185 9.15 -5.29 13.88
C THR A 185 10.37 -6.10 14.32
N SER A 186 10.19 -7.42 14.52
CA SER A 186 11.29 -8.29 14.93
C SER A 186 12.36 -8.33 13.83
N SER A 187 11.92 -8.60 12.60
CA SER A 187 12.81 -8.62 11.44
C SER A 187 13.42 -7.24 11.19
N LEU A 188 12.55 -6.24 11.26
CA LEU A 188 12.91 -4.85 11.01
C LEU A 188 13.95 -4.39 12.01
N LYS A 189 13.70 -4.68 13.26
CA LYS A 189 14.58 -4.30 14.36
C LYS A 189 15.96 -4.94 14.14
N ASP A 190 15.95 -6.21 13.72
CA ASP A 190 17.17 -6.91 13.39
C ASP A 190 17.88 -6.20 12.23
N HIS A 191 17.09 -5.71 11.26
CA HIS A 191 17.62 -4.99 10.11
C HIS A 191 18.32 -3.70 10.58
N GLN A 192 17.70 -3.00 11.54
CA GLN A 192 18.25 -1.74 12.06
C GLN A 192 19.58 -1.96 12.79
N SER A 193 19.78 -3.17 13.33
CA SER A 193 21.03 -3.50 14.04
C SER A 193 22.18 -3.78 13.06
N LYS A 194 21.85 -3.98 11.79
CA LYS A 194 22.84 -4.30 10.75
C LYS A 194 23.69 -3.07 10.38
N GLY A 195 23.12 -1.87 10.59
CA GLY A 195 23.80 -0.61 10.25
C GLY A 195 25.02 -0.38 11.12
N GLN A 196 25.98 0.41 10.62
CA GLN A 196 27.17 0.75 11.38
C GLN A 196 26.78 1.45 12.66
N ALA A 197 25.95 2.46 12.51
CA ALA A 197 25.43 3.22 13.63
C ALA A 197 24.11 2.61 14.10
N LEU A 198 24.20 1.44 14.74
CA LEU A 198 23.02 0.70 15.23
C LEU A 198 22.06 1.62 15.98
N GLU A 199 21.07 2.12 15.25
CA GLU A 199 20.06 2.99 15.83
C GLU A 199 18.83 3.05 14.90
N PRO A 200 17.61 2.74 15.38
CA PRO A 200 16.40 2.86 14.53
C PRO A 200 16.00 4.32 14.35
N THR A 201 16.16 4.82 13.14
CA THR A 201 15.79 6.20 12.81
C THR A 201 14.31 6.28 12.35
N GLU A 202 13.50 5.38 12.90
CA GLU A 202 12.07 5.29 12.57
C GLU A 202 11.29 6.53 13.03
N SER A 203 11.92 7.39 13.86
CA SER A 203 11.24 8.61 14.34
C SER A 203 10.81 9.46 13.14
N LYS A 204 11.67 9.52 12.11
CA LYS A 204 11.36 10.23 10.88
C LYS A 204 10.19 9.56 10.16
N VAL A 205 10.17 8.22 10.19
CA VAL A 205 9.11 7.43 9.57
C VAL A 205 7.78 7.74 10.22
N LEU A 206 7.77 7.88 11.56
CA LEU A 206 6.52 8.16 12.28
C LEU A 206 5.96 9.54 11.91
N GLY A 207 6.86 10.53 11.70
CA GLY A 207 6.42 11.89 11.28
C GLY A 207 5.82 11.84 9.88
N ALA A 208 6.43 11.04 9.02
CA ALA A 208 5.95 10.84 7.66
C ALA A 208 4.76 9.87 7.66
N LEU A 209 4.62 9.08 8.75
CA LEU A 209 3.53 8.17 8.90
C LEU A 209 2.24 8.94 9.07
N VAL A 210 2.30 10.00 9.89
CA VAL A 210 1.15 10.87 10.10
C VAL A 210 0.76 11.48 8.76
N GLU A 211 1.77 11.99 8.01
CA GLU A 211 1.53 12.55 6.68
C GLU A 211 0.94 11.48 5.75
N LEU A 212 1.44 10.24 5.86
CA LEU A 212 0.98 9.12 5.04
C LEU A 212 -0.52 8.86 5.30
N ARG A 213 -0.92 8.95 6.57
CA ARG A 213 -2.30 8.77 6.97
C ARG A 213 -3.18 9.84 6.36
N LYS A 214 -2.64 11.07 6.28
CA LYS A 214 -3.38 12.19 5.71
C LYS A 214 -3.70 11.88 4.26
N ILE A 215 -2.75 11.26 3.55
CA ILE A 215 -2.92 10.90 2.16
C ILE A 215 -4.09 9.91 2.02
N CYS A 216 -4.11 8.88 2.88
CA CYS A 216 -5.19 7.88 2.89
C CYS A 216 -6.51 8.54 3.26
N THR A 217 -6.44 9.43 4.23
CA THR A 217 -7.59 10.18 4.72
C THR A 217 -8.16 11.02 3.57
N LEU A 218 -7.27 11.68 2.85
CA LEU A 218 -7.61 12.48 1.68
C LEU A 218 -8.18 11.59 0.57
N GLY A 219 -7.60 10.38 0.42
CA GLY A 219 -8.04 9.44 -0.61
C GLY A 219 -9.50 9.05 -0.39
N LEU A 220 -9.86 8.80 0.88
CA LEU A 220 -11.24 8.47 1.21
C LEU A 220 -12.17 9.64 0.89
N GLN A 221 -11.69 10.85 1.18
CA GLN A 221 -12.46 12.07 0.90
C GLN A 221 -12.66 12.26 -0.60
N ARG A 222 -11.61 11.96 -1.37
CA ARG A 222 -11.64 12.11 -2.83
C ARG A 222 -12.72 11.21 -3.43
N ILE A 223 -12.76 9.96 -2.99
CA ILE A 223 -13.76 8.99 -3.47
C ILE A 223 -15.16 9.48 -3.09
N PHE A 224 -15.29 9.96 -1.86
CA PHE A 224 -16.57 10.48 -1.36
C PHE A 224 -17.02 11.66 -2.23
N TYR A 225 -16.07 12.55 -2.53
CA TYR A 225 -16.33 13.73 -3.36
C TYR A 225 -16.86 13.29 -4.73
N LEU A 226 -16.20 12.29 -5.33
CA LEU A 226 -16.60 11.79 -6.65
C LEU A 226 -18.00 11.22 -6.60
N LYS A 227 -18.33 10.53 -5.51
CA LYS A 227 -19.67 9.94 -5.33
C LYS A 227 -20.72 11.04 -5.30
N LEU A 228 -20.40 12.18 -4.67
CA LEU A 228 -21.34 13.30 -4.61
C LEU A 228 -21.63 13.80 -6.03
N GLU A 229 -20.57 13.90 -6.84
CA GLU A 229 -20.70 14.30 -8.24
C GLU A 229 -21.44 13.19 -9.02
N ASP A 230 -21.08 11.94 -8.71
CA ASP A 230 -21.69 10.76 -9.29
C ASP A 230 -21.66 10.76 -10.84
N LEU A 231 -20.48 11.06 -11.44
CA LEU A 231 -20.34 10.93 -12.90
C LEU A 231 -20.57 9.46 -13.27
N VAL A 232 -19.99 8.58 -12.45
CA VAL A 232 -20.22 7.14 -12.51
C VAL A 232 -20.29 6.60 -11.09
N SER A 233 -21.11 5.57 -10.86
CA SER A 233 -21.24 4.99 -9.51
C SER A 233 -20.02 4.10 -9.18
N PRO A 234 -19.49 4.15 -7.93
CA PRO A 234 -18.34 3.27 -7.53
C PRO A 234 -18.65 1.77 -7.73
N PRO A 235 -17.63 0.92 -7.95
CA PRO A 235 -17.81 -0.54 -8.06
C PRO A 235 -18.20 -1.12 -6.70
N SER A 236 -18.74 -2.34 -6.71
CA SER A 236 -19.23 -2.95 -5.48
C SER A 236 -18.12 -3.09 -4.44
N ILE A 237 -16.92 -3.50 -4.89
CA ILE A 237 -15.78 -3.70 -3.97
C ILE A 237 -15.36 -2.38 -3.30
N ILE A 238 -15.18 -1.33 -4.12
CA ILE A 238 -14.72 -0.02 -3.61
C ILE A 238 -15.78 0.65 -2.73
N ASP A 239 -17.04 0.67 -3.19
CA ASP A 239 -18.15 1.21 -2.38
C ASP A 239 -18.24 0.41 -1.06
N LYS A 240 -18.07 -0.91 -1.18
CA LYS A 240 -18.07 -1.82 -0.03
C LYS A 240 -16.95 -1.43 0.95
N LEU A 241 -15.80 -1.07 0.39
CA LEU A 241 -14.62 -0.73 1.20
C LEU A 241 -14.96 0.37 2.20
N PHE A 242 -15.77 1.34 1.76
CA PHE A 242 -16.22 2.42 2.66
C PHE A 242 -16.98 1.84 3.85
N LEU A 243 -17.81 0.82 3.60
CA LEU A 243 -18.56 0.16 4.67
C LEU A 243 -17.62 -0.60 5.60
N ASP A 244 -16.60 -1.23 5.01
CA ASP A 244 -15.63 -2.04 5.76
C ASP A 244 -14.83 -1.20 6.77
N THR A 245 -14.44 0.00 6.35
CA THR A 245 -13.63 0.88 7.20
C THR A 245 -14.20 2.29 7.26
N LEU A 246 -14.10 2.90 8.43
CA LEU A 246 -14.64 4.25 8.67
C LEU A 246 -13.53 5.32 8.57
N PRO A 247 -13.86 6.57 8.19
CA PRO A 247 -12.84 7.67 8.03
C PRO A 247 -12.16 8.04 9.36
N PHE A 248 -12.85 7.78 10.47
CA PHE A 248 -12.31 8.10 11.80
C PHE A 248 -12.09 6.84 12.61
N LYS A 1 26.95 -24.00 51.51
CA LYS A 1 27.36 -22.65 52.00
C LYS A 1 26.74 -21.58 51.11
N SER A 2 27.09 -21.61 49.82
CA SER A 2 26.55 -20.67 48.85
C SER A 2 25.07 -20.96 48.56
N PRO A 3 24.24 -19.93 48.22
CA PRO A 3 22.79 -20.15 47.94
C PRO A 3 22.56 -20.90 46.62
N LEU A 4 21.52 -21.74 46.59
CA LEU A 4 21.20 -22.54 45.40
C LEU A 4 19.86 -22.11 44.76
N GLN A 5 19.39 -20.90 45.11
CA GLN A 5 18.11 -20.40 44.59
C GLN A 5 18.20 -20.10 43.09
N GLN A 6 17.16 -20.53 42.35
CA GLN A 6 17.12 -20.33 40.89
C GLN A 6 15.69 -20.56 40.34
N GLU A 7 15.49 -20.18 39.07
CA GLU A 7 14.18 -20.36 38.41
C GLU A 7 14.33 -21.12 37.06
N PRO A 8 13.32 -21.92 36.63
CA PRO A 8 13.42 -22.74 35.36
C PRO A 8 13.72 -21.89 34.12
N SER A 9 14.80 -22.23 33.39
CA SER A 9 15.18 -21.54 32.15
C SER A 9 14.18 -21.80 31.02
N GLN A 10 13.75 -23.06 30.89
CA GLN A 10 12.83 -23.47 29.81
C GLN A 10 13.50 -23.31 28.42
N PRO A 11 13.83 -24.41 27.69
CA PRO A 11 14.50 -24.32 26.36
C PRO A 11 13.75 -23.40 25.38
N SER A 12 14.51 -22.56 24.68
CA SER A 12 13.95 -21.63 23.71
C SER A 12 13.55 -22.35 22.40
N PRO A 13 12.55 -21.82 21.64
CA PRO A 13 12.12 -22.45 20.35
C PRO A 13 13.29 -22.53 19.32
N PRO A 14 13.32 -23.57 18.45
CA PRO A 14 14.43 -23.74 17.45
C PRO A 14 14.37 -22.69 16.33
N SER A 15 15.53 -22.40 15.73
CA SER A 15 15.63 -21.42 14.65
C SER A 15 14.78 -21.86 13.42
N PRO A 16 13.99 -20.95 12.79
CA PRO A 16 13.12 -21.33 11.62
C PRO A 16 13.95 -21.64 10.35
N PRO A 17 13.49 -22.56 9.46
CA PRO A 17 14.23 -22.93 8.20
C PRO A 17 14.51 -21.72 7.29
N ILE A 18 13.55 -20.78 7.26
CA ILE A 18 13.67 -19.59 6.38
C ILE A 18 13.64 -18.29 7.18
N CYS A 19 14.15 -17.22 6.54
CA CYS A 19 14.22 -15.90 7.17
C CYS A 19 12.95 -15.09 6.85
N MET A 20 12.35 -14.53 7.90
CA MET A 20 11.15 -13.72 7.77
C MET A 20 11.42 -12.50 6.87
N MET A 21 12.57 -11.84 7.10
CA MET A 21 12.94 -10.63 6.34
C MET A 21 12.96 -10.92 4.85
N ASN A 22 13.66 -11.99 4.46
CA ASN A 22 13.82 -12.33 3.04
C ASN A 22 12.48 -12.56 2.37
N ALA A 23 11.58 -13.23 3.10
CA ALA A 23 10.25 -13.54 2.59
C ALA A 23 9.48 -12.26 2.27
N LEU A 24 9.59 -11.26 3.16
CA LEU A 24 8.94 -9.96 2.92
C LEU A 24 9.51 -9.27 1.70
N VAL A 25 10.84 -9.36 1.56
CA VAL A 25 11.55 -8.75 0.43
C VAL A 25 11.13 -9.42 -0.90
N ARG A 26 11.00 -10.76 -0.87
CA ARG A 26 10.64 -11.53 -2.06
C ARG A 26 9.30 -11.06 -2.60
N ALA A 27 8.32 -10.93 -1.69
CA ALA A 27 7.00 -10.48 -2.07
C ALA A 27 7.05 -9.08 -2.67
N LEU A 28 7.87 -8.22 -2.06
CA LEU A 28 8.04 -6.85 -2.51
C LEU A 28 8.56 -6.83 -3.96
N THR A 29 9.54 -7.70 -4.24
CA THR A 29 10.13 -7.78 -5.59
C THR A 29 9.15 -8.36 -6.62
N ASP A 30 8.30 -9.30 -6.19
CA ASP A 30 7.35 -9.95 -7.12
C ASP A 30 6.34 -8.98 -7.69
N SER A 31 5.86 -8.05 -6.84
CA SER A 31 4.84 -7.09 -7.26
C SER A 31 5.47 -5.83 -7.88
N THR A 32 5.94 -5.97 -9.12
CA THR A 32 6.56 -4.85 -9.84
C THR A 32 6.52 -5.08 -11.38
N PRO A 33 6.40 -4.01 -12.21
CA PRO A 33 6.38 -4.15 -13.70
C PRO A 33 7.60 -4.89 -14.21
N ARG A 34 7.40 -5.77 -15.20
CA ARG A 34 8.49 -6.56 -15.77
C ARG A 34 9.16 -5.80 -16.91
N ASP A 35 8.33 -5.22 -17.78
CA ASP A 35 8.79 -4.47 -18.95
C ASP A 35 8.22 -3.04 -19.03
N LEU A 36 7.43 -2.65 -18.02
CA LEU A 36 6.79 -1.32 -18.00
C LEU A 36 5.87 -1.15 -19.20
N ASP A 37 4.90 -0.25 -19.06
CA ASP A 37 3.92 -0.02 -20.13
C ASP A 37 3.60 1.47 -20.30
N TYR A 38 4.07 2.04 -21.42
CA TYR A 38 3.77 3.44 -21.76
C TYR A 38 2.75 3.52 -22.91
N SER A 39 1.84 2.54 -22.96
CA SER A 39 0.83 2.45 -24.00
C SER A 39 -0.07 3.68 -24.02
N ARG A 40 -0.52 4.12 -22.83
CA ARG A 40 -1.39 5.31 -22.73
C ARG A 40 -0.62 6.56 -22.22
N TYR A 41 0.67 6.39 -21.87
CA TYR A 41 1.47 7.49 -21.33
C TYR A 41 1.43 8.70 -22.28
N CYS A 42 1.08 9.86 -21.72
CA CYS A 42 1.00 11.11 -22.48
C CYS A 42 1.81 12.24 -21.76
N PRO A 43 2.88 12.80 -22.39
CA PRO A 43 3.68 13.89 -21.75
C PRO A 43 2.92 15.22 -21.73
N THR A 44 1.98 15.36 -22.68
CA THR A 44 1.19 16.60 -22.80
C THR A 44 -0.32 16.28 -22.96
N ASP A 45 -0.90 15.70 -21.90
CA ASP A 45 -2.32 15.35 -21.90
C ASP A 45 -3.20 16.58 -21.71
N GLN A 46 -4.45 16.48 -22.20
CA GLN A 46 -5.41 17.58 -22.07
C GLN A 46 -6.78 17.04 -21.63
N ALA A 47 -7.52 17.87 -20.90
CA ALA A 47 -8.83 17.46 -20.37
C ALA A 47 -9.89 17.39 -21.47
N ALA A 48 -10.59 16.26 -21.51
CA ALA A 48 -11.68 16.05 -22.46
C ALA A 48 -12.98 16.65 -21.93
N ALA A 49 -13.96 16.82 -22.82
CA ALA A 49 -15.27 17.38 -22.44
C ALA A 49 -15.95 16.52 -21.39
N GLY A 50 -15.85 15.20 -21.57
CA GLY A 50 -16.43 14.23 -20.63
C GLY A 50 -15.38 13.70 -19.62
N THR A 51 -14.23 14.40 -19.53
CA THR A 51 -13.13 14.00 -18.65
C THR A 51 -13.61 13.61 -17.24
N ASP A 52 -14.68 14.27 -16.76
CA ASP A 52 -15.19 14.00 -15.43
C ASP A 52 -15.70 12.56 -15.29
N ALA A 53 -16.72 12.20 -16.09
CA ALA A 53 -17.28 10.85 -16.06
C ALA A 53 -16.25 9.81 -16.48
N GLU A 54 -15.48 10.13 -17.53
CA GLU A 54 -14.48 9.19 -18.06
C GLU A 54 -13.41 8.91 -17.00
N HIS A 55 -12.96 9.96 -16.32
CA HIS A 55 -11.97 9.81 -15.26
C HIS A 55 -12.52 9.00 -14.11
N VAL A 56 -13.80 9.23 -13.78
CA VAL A 56 -14.43 8.55 -12.65
C VAL A 56 -14.40 7.04 -12.89
N GLN A 57 -14.77 6.62 -14.11
CA GLN A 57 -14.72 5.20 -14.48
C GLN A 57 -13.29 4.66 -14.39
N GLN A 58 -12.36 5.41 -14.95
CA GLN A 58 -10.95 5.02 -14.97
C GLN A 58 -10.39 4.93 -13.54
N PHE A 59 -10.85 5.85 -12.69
CA PHE A 59 -10.40 5.94 -11.30
C PHE A 59 -10.66 4.62 -10.58
N TYR A 60 -11.89 4.12 -10.69
CA TYR A 60 -12.26 2.87 -10.02
C TYR A 60 -11.61 1.67 -10.67
N ASN A 61 -11.51 1.67 -12.02
CA ASN A 61 -10.91 0.54 -12.74
C ASN A 61 -9.45 0.36 -12.34
N LEU A 62 -8.72 1.48 -12.22
CA LEU A 62 -7.31 1.45 -11.82
C LEU A 62 -7.17 0.97 -10.37
N LEU A 63 -8.08 1.42 -9.51
CA LEU A 63 -8.08 1.07 -8.10
C LEU A 63 -8.40 -0.42 -7.91
N THR A 64 -9.34 -0.94 -8.72
CA THR A 64 -9.71 -2.35 -8.67
C THR A 64 -8.48 -3.24 -9.00
N ALA A 65 -7.76 -2.86 -10.06
CA ALA A 65 -6.56 -3.59 -10.48
C ALA A 65 -5.48 -3.52 -9.40
N SER A 66 -5.32 -2.34 -8.80
CA SER A 66 -4.29 -2.12 -7.78
C SER A 66 -4.54 -2.95 -6.52
N ILE A 67 -5.83 -3.11 -6.13
CA ILE A 67 -6.16 -3.88 -4.93
C ILE A 67 -5.87 -5.37 -5.12
N ASP A 68 -6.18 -5.91 -6.29
CA ASP A 68 -5.93 -7.34 -6.57
C ASP A 68 -4.43 -7.64 -6.52
N VAL A 69 -3.62 -6.73 -7.05
CA VAL A 69 -2.16 -6.89 -7.04
C VAL A 69 -1.65 -6.86 -5.59
N SER A 70 -2.18 -5.94 -4.79
CA SER A 70 -1.78 -5.82 -3.38
C SER A 70 -2.17 -7.06 -2.59
N ARG A 71 -3.28 -7.73 -3.00
CA ARG A 71 -3.73 -8.95 -2.34
C ARG A 71 -2.68 -10.03 -2.43
N SER A 72 -2.12 -10.21 -3.63
CA SER A 72 -1.09 -11.22 -3.84
C SER A 72 0.12 -10.92 -2.97
N TRP A 73 0.48 -9.63 -2.87
CA TRP A 73 1.60 -9.21 -2.03
C TRP A 73 1.28 -9.52 -0.56
N ALA A 74 0.05 -9.21 -0.14
CA ALA A 74 -0.40 -9.47 1.23
C ALA A 74 -0.35 -10.98 1.55
N GLU A 75 -0.76 -11.79 0.57
CA GLU A 75 -0.81 -13.24 0.71
C GLU A 75 0.59 -13.85 0.89
N LYS A 76 1.58 -13.26 0.20
CA LYS A 76 2.97 -13.73 0.30
C LYS A 76 3.50 -13.58 1.72
N ILE A 77 3.08 -12.52 2.40
CA ILE A 77 3.57 -12.22 3.74
C ILE A 77 3.31 -13.43 4.69
N PRO A 78 4.35 -14.03 5.31
CA PRO A 78 4.16 -15.19 6.24
C PRO A 78 3.24 -14.85 7.40
N GLY A 79 2.30 -15.74 7.68
CA GLY A 79 1.35 -15.56 8.79
C GLY A 79 0.09 -14.79 8.35
N PHE A 80 0.14 -14.14 7.18
CA PHE A 80 -1.01 -13.38 6.65
C PHE A 80 -2.18 -14.34 6.44
N THR A 81 -1.88 -15.45 5.78
CA THR A 81 -2.86 -16.48 5.49
C THR A 81 -3.36 -17.12 6.81
N ASP A 82 -2.43 -17.31 7.76
CA ASP A 82 -2.74 -17.94 9.05
C ASP A 82 -3.87 -17.21 9.78
N LEU A 83 -4.00 -15.90 9.55
CA LEU A 83 -5.04 -15.10 10.21
C LEU A 83 -6.45 -15.53 9.75
N PRO A 84 -7.50 -15.31 10.56
CA PRO A 84 -8.89 -15.66 10.16
C PRO A 84 -9.20 -15.10 8.76
N LYS A 85 -9.91 -15.90 7.94
CA LYS A 85 -10.17 -15.56 6.53
C LYS A 85 -10.90 -14.22 6.38
N GLU A 86 -11.95 -14.02 7.16
CA GLU A 86 -12.73 -12.78 7.08
C GLU A 86 -11.84 -11.59 7.42
N ASP A 87 -10.97 -11.78 8.42
CA ASP A 87 -10.05 -10.74 8.84
C ASP A 87 -9.08 -10.36 7.75
N GLN A 88 -8.61 -11.35 6.99
CA GLN A 88 -7.65 -11.09 5.91
C GLN A 88 -8.27 -10.14 4.89
N THR A 89 -9.56 -10.37 4.57
CA THR A 89 -10.28 -9.51 3.63
C THR A 89 -10.41 -8.08 4.18
N LEU A 90 -10.81 -7.96 5.46
CA LEU A 90 -11.00 -6.65 6.11
C LEU A 90 -9.70 -5.87 6.19
N LEU A 91 -8.60 -6.55 6.54
CA LEU A 91 -7.29 -5.90 6.66
C LEU A 91 -6.85 -5.32 5.31
N ILE A 92 -7.10 -6.07 4.23
CA ILE A 92 -6.75 -5.63 2.89
C ILE A 92 -7.50 -4.33 2.53
N GLU A 93 -8.82 -4.32 2.80
CA GLU A 93 -9.65 -3.16 2.48
C GLU A 93 -9.22 -1.92 3.26
N SER A 94 -8.94 -2.10 4.57
CA SER A 94 -8.56 -1.00 5.44
C SER A 94 -7.18 -0.42 5.08
N ALA A 95 -6.24 -1.30 4.74
CA ALA A 95 -4.85 -0.89 4.43
C ALA A 95 -4.60 -0.67 2.92
N PHE A 96 -5.63 -0.87 2.10
CA PHE A 96 -5.48 -0.73 0.65
C PHE A 96 -5.01 0.68 0.25
N LEU A 97 -5.68 1.73 0.78
CA LEU A 97 -5.33 3.11 0.42
C LEU A 97 -3.90 3.45 0.88
N GLU A 98 -3.55 3.03 2.10
CA GLU A 98 -2.21 3.32 2.64
C GLU A 98 -1.12 2.57 1.86
N LEU A 99 -1.36 1.28 1.58
CA LEU A 99 -0.39 0.45 0.86
C LEU A 99 -0.14 0.96 -0.55
N PHE A 100 -1.23 1.36 -1.23
CA PHE A 100 -1.14 1.87 -2.59
C PHE A 100 -0.32 3.16 -2.62
N VAL A 101 -0.61 4.06 -1.67
CA VAL A 101 0.09 5.34 -1.58
C VAL A 101 1.59 5.13 -1.31
N LEU A 102 1.88 4.31 -0.31
CA LEU A 102 3.26 4.04 0.09
C LEU A 102 4.04 3.38 -1.05
N ARG A 103 3.43 2.34 -1.62
CA ARG A 103 4.04 1.56 -2.69
C ARG A 103 4.19 2.39 -3.96
N LEU A 104 3.17 3.19 -4.27
CA LEU A 104 3.17 4.03 -5.48
C LEU A 104 4.31 5.05 -5.45
N SER A 105 4.51 5.68 -4.29
CA SER A 105 5.55 6.69 -4.13
C SER A 105 6.93 6.10 -4.35
N ILE A 106 7.13 4.86 -3.88
CA ILE A 106 8.43 4.18 -4.00
C ILE A 106 8.80 3.99 -5.48
N ARG A 107 7.84 3.45 -6.26
CA ARG A 107 8.06 3.18 -7.68
C ARG A 107 8.05 4.46 -8.52
N SER A 108 7.22 5.43 -8.12
CA SER A 108 7.07 6.67 -8.87
C SER A 108 8.30 7.58 -8.77
N ASN A 109 8.35 8.54 -9.69
CA ASN A 109 9.44 9.52 -9.75
C ASN A 109 8.88 10.95 -9.78
N THR A 110 9.14 11.71 -8.70
CA THR A 110 8.61 13.08 -8.60
C THR A 110 9.24 14.01 -9.63
N ALA A 111 10.53 13.79 -9.93
CA ALA A 111 11.24 14.61 -10.91
C ALA A 111 10.58 14.49 -12.28
N GLU A 112 10.16 13.28 -12.61
CA GLU A 112 9.49 13.00 -13.88
C GLU A 112 7.97 13.28 -13.80
N ASP A 113 7.45 13.49 -12.58
CA ASP A 113 6.01 13.73 -12.39
C ASP A 113 5.20 12.59 -13.03
N LYS A 114 5.65 11.36 -12.83
CA LYS A 114 4.98 10.18 -13.38
C LYS A 114 4.56 9.22 -12.27
N PHE A 115 3.56 8.39 -12.56
CA PHE A 115 3.09 7.39 -11.61
C PHE A 115 3.12 6.01 -12.23
N VAL A 116 4.23 5.29 -12.02
CA VAL A 116 4.38 3.95 -12.54
C VAL A 116 3.58 2.98 -11.67
N PHE A 117 2.64 2.30 -12.29
CA PHE A 117 1.79 1.33 -11.61
C PHE A 117 2.46 -0.03 -11.57
N CYS A 118 1.97 -0.90 -10.68
CA CYS A 118 2.52 -2.25 -10.55
C CYS A 118 2.39 -3.03 -11.87
N ASN A 119 1.44 -2.62 -12.73
CA ASN A 119 1.24 -3.25 -14.04
C ASN A 119 2.15 -2.61 -15.12
N GLY A 120 2.96 -1.61 -14.72
CA GLY A 120 3.86 -0.91 -15.64
C GLY A 120 3.19 0.31 -16.29
N LEU A 121 1.87 0.44 -16.11
CA LEU A 121 1.11 1.55 -16.68
C LEU A 121 1.55 2.88 -16.06
N VAL A 122 1.73 3.90 -16.92
CA VAL A 122 2.17 5.23 -16.47
C VAL A 122 1.14 6.31 -16.89
N LEU A 123 0.67 7.11 -15.92
CA LEU A 123 -0.35 8.16 -16.19
C LEU A 123 0.19 9.58 -15.90
N HIS A 124 1.49 9.76 -16.07
CA HIS A 124 2.13 11.06 -15.89
C HIS A 124 1.63 11.83 -14.61
N ARG A 125 0.70 12.79 -14.78
CA ARG A 125 0.19 13.62 -13.67
C ARG A 125 -1.14 14.26 -14.08
N LEU A 126 -1.12 14.93 -15.22
CA LEU A 126 -2.29 15.60 -15.78
C LEU A 126 -3.39 14.59 -16.10
N GLN A 127 -2.97 13.41 -16.57
CA GLN A 127 -3.90 12.36 -16.97
C GLN A 127 -4.79 11.94 -15.79
N CYS A 128 -4.18 11.83 -14.60
CA CYS A 128 -4.91 11.45 -13.40
C CYS A 128 -5.34 12.66 -12.54
N LEU A 129 -4.89 13.85 -12.91
CA LEU A 129 -5.21 15.10 -12.19
C LEU A 129 -6.73 15.39 -12.20
N ARG A 130 -7.43 14.88 -13.21
CA ARG A 130 -8.86 15.15 -13.42
C ARG A 130 -9.74 14.70 -12.23
N GLY A 131 -9.41 13.57 -11.59
CA GLY A 131 -10.21 13.06 -10.47
C GLY A 131 -9.39 12.95 -9.21
N PHE A 132 -8.19 12.36 -9.33
CA PHE A 132 -7.29 12.26 -8.18
C PHE A 132 -6.96 13.68 -7.71
N GLY A 133 -6.69 14.55 -8.69
CA GLY A 133 -6.40 15.95 -8.43
C GLY A 133 -5.24 16.10 -7.47
N GLU A 134 -5.46 16.90 -6.44
CA GLU A 134 -4.47 17.14 -5.42
C GLU A 134 -4.09 15.82 -4.74
N TRP A 135 -4.98 14.80 -4.80
CA TRP A 135 -4.70 13.52 -4.14
C TRP A 135 -3.46 12.87 -4.75
N LEU A 136 -3.39 12.87 -6.10
CA LEU A 136 -2.23 12.31 -6.81
C LEU A 136 -0.97 13.13 -6.55
N ASP A 137 -1.06 14.45 -6.72
CA ASP A 137 0.10 15.33 -6.52
C ASP A 137 0.61 15.25 -5.08
N SER A 138 -0.32 15.12 -4.13
CA SER A 138 0.05 15.01 -2.72
C SER A 138 0.95 13.79 -2.51
N ILE A 139 0.64 12.69 -3.22
CA ILE A 139 1.45 11.48 -3.18
C ILE A 139 2.87 11.83 -3.67
N LYS A 140 2.94 12.66 -4.72
CA LYS A 140 4.20 13.08 -5.29
C LYS A 140 5.07 13.74 -4.23
N ASP A 141 4.44 14.57 -3.39
CA ASP A 141 5.13 15.22 -2.27
C ASP A 141 5.65 14.19 -1.29
N PHE A 142 4.82 13.15 -1.03
CA PHE A 142 5.20 12.06 -0.12
C PHE A 142 6.45 11.36 -0.65
N SER A 143 6.45 11.07 -1.95
CA SER A 143 7.56 10.39 -2.60
C SER A 143 8.86 11.19 -2.44
N LEU A 144 8.76 12.53 -2.55
CA LEU A 144 9.93 13.39 -2.37
C LEU A 144 10.50 13.18 -0.97
N ASN A 145 9.62 13.16 0.03
CA ASN A 145 10.01 12.89 1.41
C ASN A 145 10.61 11.48 1.52
N LEU A 146 10.02 10.53 0.80
CA LEU A 146 10.49 9.15 0.79
C LEU A 146 11.93 9.09 0.26
N GLN A 147 12.22 9.88 -0.79
CA GLN A 147 13.57 9.91 -1.36
C GLN A 147 14.58 10.40 -0.32
N SER A 148 14.16 11.38 0.49
CA SER A 148 15.01 11.92 1.55
C SER A 148 15.36 10.81 2.55
N LEU A 149 14.34 10.03 2.94
CA LEU A 149 14.53 8.93 3.89
C LEU A 149 15.44 7.86 3.30
N ASN A 150 15.28 7.59 1.99
CA ASN A 150 16.07 6.57 1.26
C ASN A 150 15.64 5.16 1.66
N LEU A 151 15.83 4.81 2.93
CA LEU A 151 15.46 3.49 3.44
C LEU A 151 16.12 2.38 2.62
N ASP A 152 16.01 1.13 3.11
CA ASP A 152 16.60 -0.02 2.44
C ASP A 152 15.51 -0.97 1.94
N ILE A 153 15.94 -2.00 1.20
CA ILE A 153 15.01 -2.98 0.64
C ILE A 153 14.25 -3.69 1.76
N GLN A 154 15.00 -4.14 2.76
CA GLN A 154 14.46 -4.92 3.86
C GLN A 154 13.59 -4.07 4.77
N ALA A 155 14.06 -2.84 5.04
CA ALA A 155 13.32 -1.90 5.89
C ALA A 155 11.98 -1.56 5.26
N LEU A 156 11.98 -1.34 3.95
CA LEU A 156 10.76 -1.04 3.21
C LEU A 156 9.79 -2.21 3.27
N ALA A 157 10.33 -3.44 3.15
CA ALA A 157 9.51 -4.64 3.17
C ALA A 157 8.76 -4.77 4.51
N CYS A 158 9.49 -4.55 5.63
CA CYS A 158 8.87 -4.64 6.96
C CYS A 158 7.85 -3.53 7.20
N LEU A 159 8.18 -2.30 6.77
CA LEU A 159 7.26 -1.14 6.94
C LEU A 159 5.98 -1.34 6.15
N SER A 160 6.12 -1.86 4.93
CA SER A 160 4.94 -2.13 4.10
C SER A 160 4.05 -3.17 4.79
N ALA A 161 4.68 -4.17 5.41
CA ALA A 161 3.95 -5.16 6.20
C ALA A 161 3.29 -4.49 7.41
N LEU A 162 4.01 -3.54 8.01
CA LEU A 162 3.51 -2.80 9.17
C LEU A 162 2.26 -2.00 8.83
N SER A 163 2.25 -1.36 7.65
CA SER A 163 1.10 -0.59 7.21
C SER A 163 -0.11 -1.51 7.01
N MET A 164 0.14 -2.67 6.41
CA MET A 164 -0.90 -3.67 6.16
C MET A 164 -1.43 -4.26 7.47
N ILE A 165 -0.53 -4.48 8.42
CA ILE A 165 -0.87 -5.10 9.69
C ILE A 165 -1.06 -4.05 10.79
N THR A 166 -2.29 -3.97 11.32
CA THR A 166 -2.61 -3.03 12.38
C THR A 166 -3.95 -3.41 13.06
N GLU A 167 -4.35 -2.62 14.07
CA GLU A 167 -5.60 -2.89 14.82
C GLU A 167 -6.81 -2.17 14.18
N ARG A 168 -7.91 -2.93 13.97
CA ARG A 168 -9.15 -2.38 13.40
C ARG A 168 -10.33 -2.50 14.44
N HIS A 169 -11.24 -3.50 14.28
CA HIS A 169 -12.36 -3.69 15.24
C HIS A 169 -13.04 -5.06 15.04
N GLY A 170 -13.23 -5.81 16.14
CA GLY A 170 -13.92 -7.13 16.09
C GLY A 170 -13.18 -8.09 15.16
N LEU A 171 -11.86 -7.96 15.13
CA LEU A 171 -11.00 -8.72 14.21
C LEU A 171 -10.65 -10.18 14.68
N LYS A 172 -10.65 -10.47 16.00
CA LYS A 172 -10.06 -11.79 16.56
C LYS A 172 -8.50 -11.68 16.54
N GLU A 173 -8.04 -11.30 15.40
CA GLU A 173 -6.69 -11.13 15.16
C GLU A 173 -6.14 -9.70 15.40
N PRO A 174 -6.81 -8.78 16.23
CA PRO A 174 -6.13 -7.54 16.68
C PRO A 174 -4.91 -7.97 17.44
N LYS A 175 -5.17 -8.95 18.34
CA LYS A 175 -4.19 -9.50 19.19
C LYS A 175 -3.20 -10.31 18.40
N ARG A 176 -3.69 -11.10 17.37
CA ARG A 176 -2.66 -11.80 16.50
C ARG A 176 -1.77 -10.76 15.80
N VAL A 177 -2.42 -9.69 15.34
CA VAL A 177 -1.78 -8.57 14.66
C VAL A 177 -0.77 -7.88 15.57
N GLU A 178 -1.09 -7.74 16.84
CA GLU A 178 -0.15 -7.10 17.79
C GLU A 178 1.10 -7.93 17.91
N GLU A 179 0.90 -9.24 17.97
CA GLU A 179 1.99 -10.20 18.00
C GLU A 179 2.81 -10.07 16.71
N LEU A 180 2.08 -9.94 15.61
CA LEU A 180 2.63 -9.85 14.26
C LEU A 180 3.41 -8.54 14.08
N CYS A 181 2.86 -7.45 14.63
CA CYS A 181 3.49 -6.13 14.55
C CYS A 181 4.85 -6.18 15.21
N ASN A 182 4.90 -6.80 16.39
CA ASN A 182 6.15 -6.97 17.12
C ASN A 182 7.12 -7.83 16.29
N LYS A 183 6.58 -8.86 15.62
CA LYS A 183 7.39 -9.75 14.77
C LYS A 183 8.05 -9.01 13.61
N ILE A 184 7.30 -8.11 12.95
CA ILE A 184 7.82 -7.34 11.84
C ILE A 184 8.89 -6.38 12.34
N THR A 185 8.62 -5.75 13.49
CA THR A 185 9.56 -4.83 14.11
C THR A 185 10.82 -5.56 14.57
N SER A 186 10.70 -6.85 14.91
CA SER A 186 11.85 -7.65 15.34
C SER A 186 12.86 -7.79 14.21
N SER A 187 12.37 -8.21 13.02
CA SER A 187 13.22 -8.34 11.82
C SER A 187 13.75 -6.98 11.41
N LEU A 188 12.85 -6.02 11.39
CA LEU A 188 13.15 -4.66 10.99
C LEU A 188 14.24 -4.06 11.87
N LYS A 189 14.04 -4.23 13.17
CA LYS A 189 14.98 -3.75 14.17
C LYS A 189 16.33 -4.43 13.96
N ASP A 190 16.29 -5.74 13.66
CA ASP A 190 17.49 -6.49 13.37
C ASP A 190 18.18 -5.90 12.15
N HIS A 191 17.38 -5.53 11.13
CA HIS A 191 17.89 -4.90 9.94
C HIS A 191 18.57 -3.55 10.31
N GLN A 192 17.91 -2.79 11.19
CA GLN A 192 18.41 -1.49 11.63
C GLN A 192 19.72 -1.60 12.41
N SER A 193 19.95 -2.76 13.06
CA SER A 193 21.17 -2.96 13.85
C SER A 193 22.41 -3.07 12.94
N LYS A 194 22.17 -3.34 11.66
CA LYS A 194 23.24 -3.49 10.68
C LYS A 194 23.98 -2.15 10.45
N GLY A 195 23.29 -1.03 10.74
CA GLY A 195 23.86 0.30 10.55
C GLY A 195 24.72 0.73 11.74
N GLN A 196 25.28 1.93 11.65
CA GLN A 196 26.14 2.48 12.70
C GLN A 196 25.31 2.86 13.94
N ALA A 197 25.87 2.59 15.12
CA ALA A 197 25.21 2.90 16.40
C ALA A 197 23.87 2.15 16.59
N LEU A 198 23.58 1.20 15.69
CA LEU A 198 22.36 0.38 15.79
C LEU A 198 21.10 1.25 16.03
N GLU A 199 21.19 2.55 15.69
CA GLU A 199 20.06 3.47 15.87
C GLU A 199 18.91 3.15 14.88
N PRO A 200 17.63 3.15 15.32
CA PRO A 200 16.49 2.93 14.41
C PRO A 200 16.08 4.20 13.71
N THR A 201 15.86 4.11 12.42
CA THR A 201 15.36 5.24 11.64
C THR A 201 13.81 5.26 11.64
N GLU A 202 13.21 4.44 12.53
CA GLU A 202 11.76 4.31 12.62
C GLU A 202 11.07 5.63 12.98
N SER A 203 11.71 6.44 13.84
CA SER A 203 11.12 7.70 14.28
C SER A 203 10.84 8.61 13.09
N LYS A 204 11.80 8.68 12.16
CA LYS A 204 11.63 9.48 10.94
C LYS A 204 10.49 8.92 10.09
N VAL A 205 10.40 7.58 10.05
CA VAL A 205 9.33 6.89 9.33
C VAL A 205 7.98 7.24 9.94
N LEU A 206 7.92 7.31 11.28
CA LEU A 206 6.65 7.60 11.96
C LEU A 206 6.12 9.00 11.60
N GLY A 207 7.03 9.98 11.45
CA GLY A 207 6.61 11.35 11.07
C GLY A 207 6.02 11.36 9.66
N ALA A 208 6.65 10.58 8.77
CA ALA A 208 6.16 10.42 7.41
C ALA A 208 4.97 9.47 7.37
N LEU A 209 4.85 8.62 8.41
CA LEU A 209 3.75 7.70 8.53
C LEU A 209 2.46 8.46 8.76
N VAL A 210 2.53 9.48 9.63
CA VAL A 210 1.39 10.34 9.90
C VAL A 210 0.96 11.01 8.60
N GLU A 211 1.95 11.55 7.86
CA GLU A 211 1.66 12.18 6.56
C GLU A 211 1.06 11.15 5.59
N LEU A 212 1.59 9.92 5.63
CA LEU A 212 1.09 8.83 4.77
C LEU A 212 -0.39 8.57 5.07
N ARG A 213 -0.73 8.55 6.36
CA ARG A 213 -2.09 8.34 6.80
C ARG A 213 -3.00 9.43 6.28
N LYS A 214 -2.49 10.66 6.22
CA LYS A 214 -3.28 11.77 5.73
C LYS A 214 -3.68 11.51 4.28
N ILE A 215 -2.74 10.96 3.50
CA ILE A 215 -2.96 10.68 2.09
C ILE A 215 -4.09 9.64 1.88
N CYS A 216 -4.08 8.54 2.66
CA CYS A 216 -5.10 7.49 2.50
C CYS A 216 -6.50 8.01 2.85
N THR A 217 -6.58 8.79 3.94
CA THR A 217 -7.86 9.40 4.36
C THR A 217 -8.32 10.42 3.32
N LEU A 218 -7.36 11.11 2.69
CA LEU A 218 -7.64 12.04 1.59
C LEU A 218 -8.32 11.29 0.44
N GLY A 219 -7.86 10.06 0.18
CA GLY A 219 -8.47 9.20 -0.83
C GLY A 219 -9.93 8.95 -0.50
N LEU A 220 -10.20 8.70 0.79
CA LEU A 220 -11.58 8.47 1.23
C LEU A 220 -12.43 9.72 1.00
N GLN A 221 -11.83 10.89 1.30
CA GLN A 221 -12.53 12.16 1.16
C GLN A 221 -12.85 12.49 -0.31
N ARG A 222 -11.87 12.25 -1.20
CA ARG A 222 -12.04 12.53 -2.63
C ARG A 222 -13.16 11.68 -3.22
N ILE A 223 -13.13 10.41 -2.86
CA ILE A 223 -14.08 9.44 -3.37
C ILE A 223 -15.51 9.84 -2.94
N PHE A 224 -15.64 10.31 -1.70
CA PHE A 224 -16.94 10.75 -1.17
C PHE A 224 -17.53 11.86 -2.06
N TYR A 225 -16.71 12.87 -2.39
CA TYR A 225 -17.17 13.97 -3.25
C TYR A 225 -17.54 13.46 -4.64
N LEU A 226 -16.74 12.54 -5.17
CA LEU A 226 -17.00 11.95 -6.48
C LEU A 226 -18.31 11.18 -6.48
N LYS A 227 -18.57 10.45 -5.40
CA LYS A 227 -19.81 9.68 -5.25
C LYS A 227 -21.03 10.59 -5.27
N LEU A 228 -20.91 11.76 -4.62
CA LEU A 228 -22.00 12.73 -4.59
C LEU A 228 -22.31 13.19 -6.01
N GLU A 229 -21.25 13.40 -6.80
CA GLU A 229 -21.38 13.75 -8.21
C GLU A 229 -22.01 12.56 -8.98
N ASP A 230 -21.58 11.35 -8.61
CA ASP A 230 -22.06 10.10 -9.23
C ASP A 230 -22.22 10.21 -10.75
N LEU A 231 -21.16 9.88 -11.48
CA LEU A 231 -21.18 9.90 -12.94
C LEU A 231 -21.39 8.48 -13.49
N VAL A 232 -20.71 7.52 -12.86
CA VAL A 232 -20.83 6.10 -13.25
C VAL A 232 -21.05 5.17 -12.03
N SER A 233 -21.12 5.77 -10.81
CA SER A 233 -21.33 5.00 -9.57
C SER A 233 -20.13 4.04 -9.30
N PRO A 234 -19.50 4.07 -8.10
CA PRO A 234 -18.33 3.17 -7.79
C PRO A 234 -18.67 1.67 -7.93
N PRO A 235 -17.65 0.81 -8.16
CA PRO A 235 -17.84 -0.67 -8.21
C PRO A 235 -18.15 -1.19 -6.81
N SER A 236 -18.65 -2.41 -6.72
CA SER A 236 -19.04 -2.98 -5.43
C SER A 236 -17.84 -3.07 -4.48
N ILE A 237 -16.68 -3.46 -5.01
CA ILE A 237 -15.47 -3.62 -4.19
C ILE A 237 -15.03 -2.26 -3.59
N ILE A 238 -14.93 -1.24 -4.45
CA ILE A 238 -14.47 0.09 -4.02
C ILE A 238 -15.53 0.78 -3.13
N ASP A 239 -16.80 0.73 -3.56
CA ASP A 239 -17.90 1.31 -2.77
C ASP A 239 -17.94 0.67 -1.39
N LYS A 240 -17.76 -0.66 -1.36
CA LYS A 240 -17.72 -1.42 -0.11
C LYS A 240 -16.60 -0.90 0.80
N LEU A 241 -15.45 -0.62 0.18
CA LEU A 241 -14.29 -0.14 0.90
C LEU A 241 -14.59 1.18 1.62
N PHE A 242 -15.37 2.06 0.97
CA PHE A 242 -15.70 3.37 1.53
C PHE A 242 -16.37 3.23 2.90
N LEU A 243 -17.36 2.32 2.99
CA LEU A 243 -18.06 2.09 4.27
C LEU A 243 -17.34 1.06 5.14
N ASP A 244 -16.51 0.21 4.50
CA ASP A 244 -15.73 -0.80 5.22
C ASP A 244 -14.81 -0.13 6.22
N THR A 245 -14.16 0.95 5.78
CA THR A 245 -13.29 1.74 6.65
C THR A 245 -14.14 2.55 7.61
N LEU A 246 -13.54 3.02 8.70
CA LEU A 246 -14.27 3.79 9.70
C LEU A 246 -13.46 5.04 10.15
N PRO A 247 -13.96 6.29 9.90
CA PRO A 247 -13.24 7.52 10.30
C PRO A 247 -13.64 7.99 11.70
N PHE A 248 -14.93 8.33 11.86
CA PHE A 248 -15.47 8.79 13.16
C PHE A 248 -14.52 9.81 13.83
N LYS A 1 49.42 -10.99 -11.76
CA LYS A 1 49.81 -11.15 -10.34
C LYS A 1 51.02 -10.24 -10.01
N SER A 2 51.11 -9.10 -10.71
CA SER A 2 52.19 -8.14 -10.49
C SER A 2 52.20 -7.61 -9.03
N PRO A 3 51.05 -7.13 -8.49
CA PRO A 3 50.98 -6.62 -7.08
C PRO A 3 51.11 -7.72 -6.02
N LEU A 4 50.93 -8.99 -6.46
CA LEU A 4 50.99 -10.15 -5.57
C LEU A 4 49.77 -10.19 -4.62
N GLN A 5 48.64 -9.65 -5.09
CA GLN A 5 47.41 -9.62 -4.31
C GLN A 5 46.67 -10.95 -4.44
N GLN A 6 46.24 -11.49 -3.31
CA GLN A 6 45.50 -12.75 -3.30
C GLN A 6 44.03 -12.50 -3.03
N GLU A 7 43.16 -13.10 -3.86
CA GLU A 7 41.72 -12.92 -3.72
C GLU A 7 41.21 -13.46 -2.36
N PRO A 8 40.39 -12.70 -1.59
CA PRO A 8 39.88 -13.17 -0.25
C PRO A 8 38.91 -14.34 -0.38
N SER A 9 38.31 -14.50 -1.56
CA SER A 9 37.34 -15.57 -1.80
C SER A 9 36.17 -15.45 -0.80
N GLN A 10 35.52 -14.28 -0.82
CA GLN A 10 34.40 -14.00 0.10
C GLN A 10 33.13 -13.58 -0.69
N PRO A 11 32.28 -14.53 -1.12
CA PRO A 11 31.00 -14.21 -1.86
C PRO A 11 29.95 -13.55 -0.96
N SER A 12 30.21 -13.51 0.36
CA SER A 12 29.28 -12.94 1.38
C SER A 12 28.20 -13.97 1.77
N PRO A 13 27.62 -13.87 3.00
CA PRO A 13 26.59 -14.86 3.48
C PRO A 13 25.37 -14.96 2.51
N PRO A 14 24.80 -16.17 2.30
CA PRO A 14 23.61 -16.35 1.40
C PRO A 14 22.34 -15.81 2.05
N SER A 15 21.30 -15.60 1.22
CA SER A 15 20.03 -15.08 1.71
C SER A 15 18.85 -16.01 1.26
N PRO A 16 18.73 -17.23 1.84
CA PRO A 16 17.64 -18.20 1.48
C PRO A 16 16.23 -17.60 1.76
N PRO A 17 15.19 -18.02 1.01
CA PRO A 17 13.79 -17.48 1.20
C PRO A 17 13.20 -17.81 2.58
N ILE A 18 13.79 -18.79 3.26
CA ILE A 18 13.30 -19.23 4.59
C ILE A 18 13.24 -18.05 5.58
N CYS A 19 14.12 -17.05 5.40
CA CYS A 19 14.16 -15.89 6.28
C CYS A 19 12.92 -15.02 6.10
N MET A 20 12.38 -14.51 7.22
CA MET A 20 11.18 -13.66 7.18
C MET A 20 11.43 -12.40 6.38
N MET A 21 12.53 -11.74 6.70
CA MET A 21 12.90 -10.48 6.05
C MET A 21 13.02 -10.66 4.55
N ASN A 22 13.70 -11.74 4.14
CA ASN A 22 13.89 -12.04 2.72
C ASN A 22 12.56 -12.29 2.02
N ALA A 23 11.68 -13.05 2.68
CA ALA A 23 10.37 -13.40 2.13
C ALA A 23 9.52 -12.15 1.87
N LEU A 24 9.53 -11.23 2.84
CA LEU A 24 8.78 -9.98 2.73
C LEU A 24 9.28 -9.14 1.57
N VAL A 25 10.62 -9.09 1.42
CA VAL A 25 11.26 -8.35 0.35
C VAL A 25 10.88 -8.95 -1.03
N ARG A 26 10.86 -10.29 -1.09
CA ARG A 26 10.56 -10.99 -2.33
C ARG A 26 9.17 -10.62 -2.83
N ALA A 27 8.20 -10.63 -1.92
CA ALA A 27 6.83 -10.25 -2.25
C ALA A 27 6.78 -8.80 -2.71
N LEU A 28 7.54 -7.94 -2.03
CA LEU A 28 7.60 -6.51 -2.36
C LEU A 28 8.16 -6.30 -3.78
N THR A 29 9.25 -7.00 -4.08
CA THR A 29 9.91 -6.89 -5.39
C THR A 29 9.07 -7.51 -6.51
N ASP A 30 8.35 -8.58 -6.17
CA ASP A 30 7.50 -9.29 -7.14
C ASP A 30 6.37 -8.40 -7.65
N SER A 31 5.82 -7.56 -6.76
CA SER A 31 4.72 -6.67 -7.13
C SER A 31 5.22 -5.42 -7.88
N THR A 32 5.61 -5.63 -9.13
CA THR A 32 6.13 -4.55 -9.98
C THR A 32 5.95 -4.91 -11.48
N PRO A 33 5.67 -3.93 -12.38
CA PRO A 33 5.45 -4.23 -13.83
C PRO A 33 6.62 -4.99 -14.44
N ARG A 34 7.83 -4.43 -14.24
CA ARG A 34 9.14 -4.97 -14.76
C ARG A 34 9.39 -4.50 -16.19
N ASP A 35 8.31 -4.29 -16.90
CA ASP A 35 8.34 -3.88 -18.29
C ASP A 35 7.95 -2.41 -18.47
N LEU A 36 7.01 -1.95 -17.63
CA LEU A 36 6.49 -0.57 -17.70
C LEU A 36 5.79 -0.34 -19.04
N ASP A 37 4.70 0.44 -18.99
CA ASP A 37 3.91 0.76 -20.19
C ASP A 37 3.81 2.27 -20.39
N TYR A 38 4.48 2.77 -21.44
CA TYR A 38 4.50 4.21 -21.73
C TYR A 38 3.57 4.58 -22.91
N SER A 39 2.77 3.61 -23.39
CA SER A 39 1.88 3.86 -24.53
C SER A 39 0.86 4.97 -24.21
N ARG A 40 0.22 4.85 -23.05
CA ARG A 40 -0.77 5.87 -22.60
C ARG A 40 -0.08 7.18 -22.18
N TYR A 41 1.18 7.07 -21.74
CA TYR A 41 1.94 8.22 -21.27
C TYR A 41 2.05 9.31 -22.36
N CYS A 42 1.79 10.56 -21.96
CA CYS A 42 1.91 11.71 -22.86
C CYS A 42 2.78 12.79 -22.19
N PRO A 43 3.55 13.58 -22.94
CA PRO A 43 4.44 14.63 -22.35
C PRO A 43 3.65 15.81 -21.79
N THR A 44 2.46 16.05 -22.38
CA THR A 44 1.60 17.14 -21.93
C THR A 44 0.12 16.83 -22.20
N ASP A 45 -0.74 17.31 -21.31
CA ASP A 45 -2.19 17.13 -21.44
C ASP A 45 -2.93 18.25 -20.73
N GLN A 46 -3.55 19.14 -21.51
CA GLN A 46 -4.27 20.29 -20.94
C GLN A 46 -5.73 19.94 -20.59
N ALA A 47 -5.90 19.16 -19.51
CA ALA A 47 -7.24 18.76 -19.02
C ALA A 47 -8.16 18.35 -20.19
N ALA A 48 -7.89 17.16 -20.75
CA ALA A 48 -8.65 16.65 -21.89
C ALA A 48 -8.50 15.14 -22.03
N ALA A 49 -9.19 14.56 -23.03
CA ALA A 49 -9.15 13.12 -23.31
C ALA A 49 -10.03 12.32 -22.33
N GLY A 50 -11.36 12.42 -22.52
CA GLY A 50 -12.32 11.68 -21.71
C GLY A 50 -12.81 12.46 -20.47
N THR A 51 -12.20 13.62 -20.22
CA THR A 51 -12.59 14.50 -19.09
C THR A 51 -12.89 13.67 -17.79
N ASP A 52 -13.61 14.29 -16.85
CA ASP A 52 -13.87 13.71 -15.53
C ASP A 52 -14.61 12.38 -15.60
N ALA A 53 -15.58 12.22 -16.51
CA ALA A 53 -16.36 10.97 -16.56
C ALA A 53 -15.45 9.77 -16.81
N GLU A 54 -14.55 9.89 -17.80
CA GLU A 54 -13.59 8.81 -18.08
C GLU A 54 -12.47 8.74 -17.04
N HIS A 55 -12.00 9.92 -16.60
CA HIS A 55 -10.92 9.98 -15.59
C HIS A 55 -11.37 9.38 -14.26
N VAL A 56 -12.61 9.68 -13.87
CA VAL A 56 -13.17 9.15 -12.62
C VAL A 56 -13.28 7.61 -12.70
N GLN A 57 -13.80 7.09 -13.83
CA GLN A 57 -13.88 5.63 -14.01
C GLN A 57 -12.48 5.03 -14.03
N GLN A 58 -11.55 5.74 -14.68
CA GLN A 58 -10.16 5.31 -14.76
C GLN A 58 -9.55 5.21 -13.36
N PHE A 59 -9.90 6.16 -12.49
CA PHE A 59 -9.42 6.16 -11.12
C PHE A 59 -9.80 4.87 -10.41
N TYR A 60 -11.08 4.48 -10.52
CA TYR A 60 -11.55 3.22 -9.90
C TYR A 60 -10.94 2.02 -10.61
N ASN A 61 -10.82 2.11 -11.94
CA ASN A 61 -10.29 1.01 -12.74
C ASN A 61 -8.90 0.63 -12.27
N LEU A 62 -8.06 1.65 -12.03
CA LEU A 62 -6.71 1.43 -11.51
C LEU A 62 -6.78 0.82 -10.11
N LEU A 63 -7.74 1.31 -9.31
CA LEU A 63 -7.93 0.82 -7.95
C LEU A 63 -8.32 -0.66 -7.95
N THR A 64 -9.16 -1.06 -8.92
CA THR A 64 -9.58 -2.45 -9.04
C THR A 64 -8.35 -3.35 -9.29
N ALA A 65 -7.50 -2.92 -10.22
CA ALA A 65 -6.29 -3.64 -10.54
C ALA A 65 -5.33 -3.67 -9.34
N SER A 66 -5.23 -2.52 -8.64
CA SER A 66 -4.33 -2.40 -7.48
C SER A 66 -4.78 -3.25 -6.30
N ILE A 67 -6.12 -3.34 -6.07
CA ILE A 67 -6.63 -4.12 -4.94
C ILE A 67 -6.30 -5.61 -5.12
N ASP A 68 -6.40 -6.10 -6.36
CA ASP A 68 -6.04 -7.48 -6.65
C ASP A 68 -4.55 -7.73 -6.40
N VAL A 69 -3.72 -6.74 -6.80
CA VAL A 69 -2.26 -6.83 -6.61
C VAL A 69 -1.92 -6.79 -5.11
N SER A 70 -2.58 -5.89 -4.38
CA SER A 70 -2.37 -5.74 -2.94
C SER A 70 -2.77 -7.01 -2.21
N ARG A 71 -3.90 -7.58 -2.63
CA ARG A 71 -4.41 -8.81 -2.04
C ARG A 71 -3.42 -9.93 -2.23
N SER A 72 -2.90 -10.04 -3.45
CA SER A 72 -1.90 -11.05 -3.78
C SER A 72 -0.61 -10.79 -3.00
N TRP A 73 -0.25 -9.51 -2.85
CA TRP A 73 0.94 -9.11 -2.11
C TRP A 73 0.83 -9.59 -0.66
N ALA A 74 -0.34 -9.35 -0.05
CA ALA A 74 -0.60 -9.79 1.33
C ALA A 74 -0.52 -11.32 1.42
N GLU A 75 -1.05 -11.99 0.39
CA GLU A 75 -1.07 -13.44 0.32
C GLU A 75 0.36 -14.02 0.28
N LYS A 76 1.27 -13.31 -0.39
CA LYS A 76 2.67 -13.71 -0.48
C LYS A 76 3.33 -13.74 0.91
N ILE A 77 2.93 -12.79 1.75
CA ILE A 77 3.52 -12.65 3.09
C ILE A 77 3.30 -13.95 3.92
N PRO A 78 4.37 -14.55 4.52
CA PRO A 78 4.22 -15.82 5.32
C PRO A 78 3.28 -15.63 6.52
N GLY A 79 2.37 -16.58 6.70
CA GLY A 79 1.44 -16.58 7.83
C GLY A 79 0.24 -15.65 7.61
N PHE A 80 0.23 -14.90 6.49
CA PHE A 80 -0.89 -14.01 6.17
C PHE A 80 -2.17 -14.81 6.02
N THR A 81 -2.07 -15.89 5.25
CA THR A 81 -3.20 -16.77 5.01
C THR A 81 -3.66 -17.39 6.34
N ASP A 82 -2.69 -17.78 7.16
CA ASP A 82 -2.95 -18.39 8.46
C ASP A 82 -3.86 -17.50 9.34
N LEU A 83 -4.02 -16.21 8.96
CA LEU A 83 -4.85 -15.29 9.74
C LEU A 83 -6.32 -15.74 9.65
N PRO A 84 -7.17 -15.39 10.64
CA PRO A 84 -8.60 -15.78 10.61
C PRO A 84 -9.26 -15.21 9.33
N LYS A 85 -10.35 -15.84 8.89
CA LYS A 85 -11.02 -15.44 7.64
C LYS A 85 -11.46 -13.98 7.72
N GLU A 86 -12.06 -13.61 8.84
CA GLU A 86 -12.53 -12.26 9.03
C GLU A 86 -11.36 -11.27 8.99
N ASP A 87 -10.22 -11.68 9.56
CA ASP A 87 -9.02 -10.84 9.58
C ASP A 87 -8.56 -10.51 8.18
N GLN A 88 -8.53 -11.53 7.34
CA GLN A 88 -8.00 -11.39 5.98
C GLN A 88 -8.80 -10.36 5.20
N THR A 89 -10.14 -10.43 5.30
CA THR A 89 -11.01 -9.49 4.60
C THR A 89 -10.83 -8.05 5.15
N LEU A 90 -10.83 -7.92 6.48
CA LEU A 90 -10.72 -6.62 7.14
C LEU A 90 -9.36 -5.95 6.87
N LEU A 91 -8.28 -6.73 6.97
CA LEU A 91 -6.92 -6.20 6.77
C LEU A 91 -6.73 -5.67 5.36
N ILE A 92 -7.24 -6.40 4.37
CA ILE A 92 -7.11 -6.01 2.97
C ILE A 92 -7.83 -4.66 2.73
N GLU A 93 -9.08 -4.57 3.23
CA GLU A 93 -9.89 -3.38 3.02
C GLU A 93 -9.27 -2.13 3.67
N SER A 94 -8.78 -2.30 4.90
CA SER A 94 -8.18 -1.19 5.65
C SER A 94 -6.83 -0.75 5.07
N ALA A 95 -6.03 -1.74 4.63
CA ALA A 95 -4.67 -1.47 4.14
C ALA A 95 -4.61 -1.12 2.65
N PHE A 96 -5.73 -1.24 1.93
CA PHE A 96 -5.74 -0.98 0.48
C PHE A 96 -5.29 0.47 0.16
N LEU A 97 -5.89 1.48 0.82
CA LEU A 97 -5.54 2.89 0.54
C LEU A 97 -4.10 3.20 0.92
N GLU A 98 -3.66 2.72 2.10
CA GLU A 98 -2.28 2.98 2.56
C GLU A 98 -1.26 2.30 1.67
N LEU A 99 -1.51 1.02 1.38
CA LEU A 99 -0.57 0.24 0.58
C LEU A 99 -0.43 0.81 -0.81
N PHE A 100 -1.56 1.22 -1.41
CA PHE A 100 -1.55 1.80 -2.74
C PHE A 100 -0.74 3.10 -2.76
N VAL A 101 -1.03 3.99 -1.80
CA VAL A 101 -0.35 5.30 -1.72
C VAL A 101 1.16 5.12 -1.44
N LEU A 102 1.46 4.32 -0.41
CA LEU A 102 2.84 4.12 0.03
C LEU A 102 3.68 3.45 -1.07
N ARG A 103 3.15 2.37 -1.62
CA ARG A 103 3.86 1.59 -2.64
C ARG A 103 3.95 2.34 -3.99
N LEU A 104 2.86 3.02 -4.36
CA LEU A 104 2.82 3.78 -5.63
C LEU A 104 3.88 4.88 -5.63
N SER A 105 4.00 5.57 -4.49
CA SER A 105 4.94 6.68 -4.36
C SER A 105 6.38 6.20 -4.58
N ILE A 106 6.68 4.99 -4.11
CA ILE A 106 8.02 4.42 -4.25
C ILE A 106 8.35 4.23 -5.75
N ARG A 107 7.40 3.66 -6.49
CA ARG A 107 7.59 3.35 -7.92
C ARG A 107 7.57 4.64 -8.77
N SER A 108 6.73 5.60 -8.37
CA SER A 108 6.58 6.87 -9.11
C SER A 108 7.81 7.77 -8.99
N ASN A 109 8.07 8.56 -10.05
CA ASN A 109 9.22 9.48 -10.07
C ASN A 109 8.74 10.95 -10.03
N THR A 110 8.95 11.60 -8.87
CA THR A 110 8.47 12.99 -8.68
C THR A 110 9.25 13.99 -9.51
N ALA A 111 10.56 13.75 -9.67
CA ALA A 111 11.41 14.64 -10.47
C ALA A 111 10.91 14.70 -11.90
N GLU A 112 10.49 13.54 -12.40
CA GLU A 112 9.93 13.43 -13.73
C GLU A 112 8.42 13.73 -13.73
N ASP A 113 7.82 13.86 -12.53
CA ASP A 113 6.40 14.12 -12.41
C ASP A 113 5.59 13.05 -13.13
N LYS A 114 6.05 11.78 -13.00
CA LYS A 114 5.38 10.65 -13.62
C LYS A 114 4.97 9.63 -12.55
N PHE A 115 3.73 9.14 -12.67
CA PHE A 115 3.21 8.14 -11.73
C PHE A 115 3.18 6.77 -12.38
N VAL A 116 4.01 5.87 -11.87
CA VAL A 116 4.10 4.51 -12.40
C VAL A 116 3.36 3.54 -11.48
N PHE A 117 2.36 2.86 -12.04
CA PHE A 117 1.54 1.91 -11.28
C PHE A 117 2.09 0.50 -11.39
N CYS A 118 1.58 -0.41 -10.55
CA CYS A 118 2.01 -1.81 -10.55
C CYS A 118 1.76 -2.47 -11.91
N ASN A 119 0.87 -1.88 -12.72
CA ASN A 119 0.55 -2.39 -14.06
C ASN A 119 1.47 -1.78 -15.14
N GLY A 120 2.37 -0.87 -14.74
CA GLY A 120 3.30 -0.23 -15.66
C GLY A 120 2.72 1.05 -16.30
N LEU A 121 1.41 1.28 -16.11
CA LEU A 121 0.75 2.45 -16.68
C LEU A 121 1.33 3.74 -16.11
N VAL A 122 1.69 4.67 -17.00
CA VAL A 122 2.26 5.96 -16.59
C VAL A 122 1.36 7.10 -17.10
N LEU A 123 0.88 7.93 -16.17
CA LEU A 123 -0.03 9.05 -16.51
C LEU A 123 0.57 10.42 -16.18
N HIS A 124 1.89 10.51 -16.28
CA HIS A 124 2.58 11.77 -16.04
C HIS A 124 2.11 12.46 -14.69
N ARG A 125 1.24 13.48 -14.81
CA ARG A 125 0.76 14.25 -13.64
C ARG A 125 -0.56 14.95 -14.00
N LEU A 126 -0.53 15.66 -15.13
CA LEU A 126 -1.68 16.40 -15.64
C LEU A 126 -2.83 15.48 -16.05
N GLN A 127 -2.48 14.30 -16.56
CA GLN A 127 -3.47 13.35 -17.06
C GLN A 127 -4.42 12.93 -15.94
N CYS A 128 -3.87 12.73 -14.75
CA CYS A 128 -4.66 12.30 -13.57
C CYS A 128 -5.14 13.48 -12.70
N LEU A 129 -4.57 14.66 -12.92
CA LEU A 129 -4.93 15.87 -12.16
C LEU A 129 -6.44 16.17 -12.28
N ARG A 130 -6.97 15.96 -13.49
CA ARG A 130 -8.36 16.28 -13.81
C ARG A 130 -9.36 15.60 -12.85
N GLY A 131 -8.98 14.44 -12.28
CA GLY A 131 -9.89 13.68 -11.40
C GLY A 131 -9.27 13.45 -10.04
N PHE A 132 -8.02 12.98 -10.04
CA PHE A 132 -7.30 12.74 -8.79
C PHE A 132 -7.14 14.09 -8.07
N GLY A 133 -6.85 15.13 -8.87
CA GLY A 133 -6.70 16.48 -8.36
C GLY A 133 -5.63 16.56 -7.29
N GLU A 134 -5.98 17.15 -6.17
CA GLU A 134 -5.08 17.29 -5.05
C GLU A 134 -4.62 15.92 -4.53
N TRP A 135 -5.44 14.86 -4.79
CA TRP A 135 -5.10 13.54 -4.27
C TRP A 135 -3.77 13.04 -4.85
N LEU A 136 -3.61 13.20 -6.17
CA LEU A 136 -2.36 12.82 -6.82
C LEU A 136 -1.20 13.76 -6.45
N ASP A 137 -1.48 15.07 -6.46
CA ASP A 137 -0.44 16.08 -6.20
C ASP A 137 0.19 15.86 -4.84
N SER A 138 -0.65 15.58 -3.84
CA SER A 138 -0.18 15.32 -2.48
C SER A 138 0.75 14.11 -2.46
N ILE A 139 0.41 13.08 -3.25
CA ILE A 139 1.20 11.86 -3.32
C ILE A 139 2.61 12.16 -3.86
N LYS A 140 2.69 13.02 -4.87
CA LYS A 140 3.99 13.38 -5.47
C LYS A 140 4.89 14.01 -4.41
N ASP A 141 4.33 14.92 -3.58
CA ASP A 141 5.09 15.54 -2.50
C ASP A 141 5.58 14.49 -1.49
N PHE A 142 4.67 13.56 -1.15
CA PHE A 142 5.00 12.46 -0.24
C PHE A 142 6.12 11.60 -0.82
N SER A 143 5.99 11.27 -2.09
CA SER A 143 6.93 10.41 -2.78
C SER A 143 8.34 11.01 -2.76
N LEU A 144 8.43 12.32 -2.94
CA LEU A 144 9.72 13.00 -2.92
C LEU A 144 10.40 12.79 -1.56
N ASN A 145 9.64 13.01 -0.49
CA ASN A 145 10.13 12.81 0.89
C ASN A 145 10.45 11.33 1.16
N LEU A 146 9.59 10.44 0.67
CA LEU A 146 9.77 9.00 0.87
C LEU A 146 11.06 8.55 0.21
N GLN A 147 11.27 9.00 -1.03
CA GLN A 147 12.46 8.68 -1.80
C GLN A 147 13.71 9.32 -1.18
N SER A 148 13.54 10.54 -0.65
CA SER A 148 14.66 11.28 -0.07
C SER A 148 15.26 10.53 1.12
N LEU A 149 14.40 9.84 1.91
CA LEU A 149 14.90 9.08 3.06
C LEU A 149 15.82 7.97 2.60
N ASN A 150 15.44 7.29 1.52
CA ASN A 150 16.27 6.26 0.89
C ASN A 150 16.80 5.26 1.95
N LEU A 151 15.91 4.80 2.83
CA LEU A 151 16.30 3.87 3.90
C LEU A 151 16.90 2.55 3.30
N ASP A 152 16.09 1.47 3.19
CA ASP A 152 16.57 0.20 2.61
C ASP A 152 15.40 -0.65 2.14
N ILE A 153 15.71 -1.70 1.39
CA ILE A 153 14.70 -2.62 0.85
C ILE A 153 14.00 -3.35 2.01
N GLN A 154 14.81 -3.93 2.90
CA GLN A 154 14.30 -4.73 4.03
C GLN A 154 13.53 -3.88 5.03
N ALA A 155 14.06 -2.69 5.33
CA ALA A 155 13.41 -1.79 6.27
C ALA A 155 12.05 -1.36 5.76
N LEU A 156 12.01 -1.06 4.45
CA LEU A 156 10.77 -0.65 3.80
C LEU A 156 9.78 -1.81 3.73
N ALA A 157 10.30 -3.01 3.44
CA ALA A 157 9.46 -4.21 3.33
C ALA A 157 8.73 -4.51 4.64
N CYS A 158 9.47 -4.43 5.77
CA CYS A 158 8.88 -4.69 7.09
C CYS A 158 7.85 -3.62 7.45
N LEU A 159 8.17 -2.36 7.11
CA LEU A 159 7.27 -1.23 7.39
C LEU A 159 5.96 -1.36 6.61
N SER A 160 6.05 -1.79 5.34
CA SER A 160 4.83 -1.98 4.53
C SER A 160 3.95 -3.05 5.15
N ALA A 161 4.60 -4.12 5.64
CA ALA A 161 3.89 -5.18 6.36
C ALA A 161 3.28 -4.63 7.63
N LEU A 162 4.03 -3.76 8.32
CA LEU A 162 3.60 -3.12 9.56
C LEU A 162 2.36 -2.26 9.36
N SER A 163 2.33 -1.49 8.28
CA SER A 163 1.18 -0.64 7.98
C SER A 163 -0.06 -1.49 7.71
N MET A 164 0.15 -2.57 6.96
CA MET A 164 -0.91 -3.52 6.61
C MET A 164 -1.42 -4.27 7.86
N ILE A 165 -0.49 -4.63 8.72
CA ILE A 165 -0.78 -5.38 9.95
C ILE A 165 -0.96 -4.43 11.15
N THR A 166 -2.21 -4.32 11.63
CA THR A 166 -2.52 -3.46 12.77
C THR A 166 -3.93 -3.78 13.34
N GLU A 167 -4.16 -3.39 14.60
CA GLU A 167 -5.45 -3.65 15.27
C GLU A 167 -6.58 -2.75 14.70
N ARG A 168 -7.76 -3.36 14.45
CA ARG A 168 -8.92 -2.61 13.90
C ARG A 168 -10.18 -2.76 14.79
N HIS A 169 -10.02 -3.33 16.00
CA HIS A 169 -11.16 -3.55 16.92
C HIS A 169 -12.18 -4.49 16.28
N GLY A 170 -12.92 -5.24 17.13
CA GLY A 170 -13.92 -6.21 16.65
C GLY A 170 -13.23 -7.40 15.96
N LEU A 171 -12.01 -7.70 16.41
CA LEU A 171 -11.18 -8.74 15.81
C LEU A 171 -10.85 -9.89 16.80
N LYS A 172 -10.56 -11.06 16.27
CA LYS A 172 -9.95 -12.19 17.07
C LYS A 172 -8.39 -11.97 17.17
N GLU A 173 -7.93 -11.26 16.21
CA GLU A 173 -6.53 -11.06 16.04
C GLU A 173 -6.02 -9.65 16.37
N PRO A 174 -6.65 -8.87 17.33
CA PRO A 174 -6.03 -7.63 17.80
C PRO A 174 -4.69 -8.00 18.40
N LYS A 175 -4.78 -9.03 19.27
CA LYS A 175 -3.67 -9.57 19.94
C LYS A 175 -2.83 -10.40 18.99
N ARG A 176 -3.49 -11.20 18.07
CA ARG A 176 -2.65 -12.02 17.13
C ARG A 176 -1.80 -11.10 16.22
N VAL A 177 -2.47 -10.12 15.67
CA VAL A 177 -1.86 -9.13 14.75
C VAL A 177 -0.77 -8.37 15.49
N GLU A 178 -1.01 -8.06 16.75
CA GLU A 178 -0.01 -7.36 17.59
C GLU A 178 1.22 -8.22 17.76
N GLU A 179 1.01 -9.53 17.93
CA GLU A 179 2.11 -10.48 17.98
C GLU A 179 2.89 -10.40 16.66
N LEU A 180 2.12 -10.36 15.58
CA LEU A 180 2.64 -10.27 14.22
C LEU A 180 3.43 -8.96 14.03
N CYS A 181 2.91 -7.87 14.59
CA CYS A 181 3.56 -6.58 14.52
C CYS A 181 4.93 -6.68 15.18
N ASN A 182 4.98 -7.32 16.34
CA ASN A 182 6.22 -7.57 17.05
C ASN A 182 7.16 -8.42 16.20
N LYS A 183 6.60 -9.41 15.50
CA LYS A 183 7.39 -10.32 14.65
C LYS A 183 8.11 -9.57 13.52
N ILE A 184 7.40 -8.66 12.85
CA ILE A 184 7.96 -7.88 11.76
C ILE A 184 9.00 -6.88 12.33
N THR A 185 8.65 -6.28 13.46
CA THR A 185 9.53 -5.31 14.11
C THR A 185 10.80 -5.97 14.62
N SER A 186 10.72 -7.25 15.03
CA SER A 186 11.90 -7.95 15.56
C SER A 186 12.93 -8.23 14.44
N SER A 187 12.44 -8.71 13.29
CA SER A 187 13.32 -8.95 12.12
C SER A 187 13.87 -7.62 11.62
N LEU A 188 12.98 -6.66 11.59
CA LEU A 188 13.24 -5.29 11.18
C LEU A 188 14.30 -4.66 12.08
N LYS A 189 14.13 -4.85 13.36
CA LYS A 189 15.03 -4.30 14.38
C LYS A 189 16.44 -4.79 14.12
N ASP A 190 16.56 -6.09 13.83
CA ASP A 190 17.84 -6.68 13.50
C ASP A 190 18.41 -5.99 12.26
N HIS A 191 17.54 -5.68 11.29
CA HIS A 191 17.96 -4.96 10.10
C HIS A 191 18.50 -3.56 10.48
N GLN A 192 17.79 -2.90 11.40
CA GLN A 192 18.17 -1.55 11.85
C GLN A 192 19.50 -1.55 12.60
N SER A 193 19.84 -2.69 13.21
CA SER A 193 21.11 -2.80 13.96
C SER A 193 22.33 -2.88 13.01
N LYS A 194 22.06 -3.04 11.71
CA LYS A 194 23.11 -3.18 10.70
C LYS A 194 23.57 -1.80 10.15
N GLY A 195 23.00 -0.71 10.70
CA GLY A 195 23.30 0.65 10.22
C GLY A 195 24.43 1.33 11.01
N GLN A 196 25.32 0.51 11.63
CA GLN A 196 26.46 1.05 12.41
C GLN A 196 25.98 1.70 13.72
N ALA A 197 25.28 2.83 13.58
CA ALA A 197 24.75 3.56 14.74
C ALA A 197 23.78 2.69 15.56
N LEU A 198 23.18 1.68 14.92
CA LEU A 198 22.23 0.76 15.58
C LEU A 198 20.95 1.50 16.02
N GLU A 199 20.64 2.61 15.33
CA GLU A 199 19.43 3.37 15.62
C GLU A 199 18.32 3.05 14.59
N PRO A 200 17.09 2.69 15.03
CA PRO A 200 15.96 2.45 14.08
C PRO A 200 15.61 3.75 13.34
N THR A 201 15.37 3.63 12.05
CA THR A 201 14.99 4.79 11.21
C THR A 201 13.45 4.97 11.18
N GLU A 202 12.78 4.37 12.16
CA GLU A 202 11.33 4.42 12.27
C GLU A 202 10.82 5.85 12.45
N SER A 203 11.58 6.66 13.21
CA SER A 203 11.17 8.03 13.50
C SER A 203 10.97 8.85 12.23
N LYS A 204 11.91 8.71 11.28
CA LYS A 204 11.80 9.41 9.99
C LYS A 204 10.56 8.92 9.25
N VAL A 205 10.32 7.60 9.33
CA VAL A 205 9.15 6.98 8.71
C VAL A 205 7.87 7.53 9.33
N LEU A 206 7.86 7.72 10.66
CA LEU A 206 6.66 8.20 11.35
C LEU A 206 6.25 9.62 10.91
N GLY A 207 7.24 10.49 10.64
CA GLY A 207 6.94 11.86 10.17
C GLY A 207 6.26 11.82 8.80
N ALA A 208 6.75 10.90 7.96
CA ALA A 208 6.17 10.68 6.65
C ALA A 208 4.90 9.85 6.77
N LEU A 209 4.78 9.10 7.89
CA LEU A 209 3.63 8.29 8.16
C LEU A 209 2.44 9.19 8.44
N VAL A 210 2.67 10.28 9.19
CA VAL A 210 1.62 11.23 9.49
C VAL A 210 1.13 11.82 8.18
N GLU A 211 2.06 12.23 7.31
CA GLU A 211 1.69 12.75 5.97
C GLU A 211 0.97 11.66 5.16
N LEU A 212 1.45 10.42 5.29
CA LEU A 212 0.87 9.28 4.58
C LEU A 212 -0.60 9.09 5.01
N ARG A 213 -0.84 9.24 6.32
CA ARG A 213 -2.18 9.10 6.87
C ARG A 213 -3.10 10.15 6.27
N LYS A 214 -2.58 11.38 6.09
CA LYS A 214 -3.36 12.45 5.53
C LYS A 214 -3.84 12.06 4.15
N ILE A 215 -2.92 11.48 3.36
CA ILE A 215 -3.23 10.99 2.02
C ILE A 215 -4.26 9.85 2.10
N CYS A 216 -4.08 8.97 3.10
CA CYS A 216 -4.96 7.82 3.28
C CYS A 216 -6.39 8.29 3.53
N THR A 217 -6.52 9.34 4.36
CA THR A 217 -7.85 9.93 4.64
C THR A 217 -8.31 10.81 3.48
N LEU A 218 -7.33 11.39 2.75
CA LEU A 218 -7.65 12.20 1.55
C LEU A 218 -8.35 11.31 0.53
N GLY A 219 -7.87 10.06 0.41
CA GLY A 219 -8.44 9.09 -0.53
C GLY A 219 -9.89 8.83 -0.21
N LEU A 220 -10.19 8.67 1.08
CA LEU A 220 -11.55 8.43 1.53
C LEU A 220 -12.44 9.61 1.19
N GLN A 221 -11.92 10.83 1.38
CA GLN A 221 -12.66 12.05 1.07
C GLN A 221 -12.93 12.16 -0.43
N ARG A 222 -11.90 11.84 -1.23
CA ARG A 222 -12.00 11.92 -2.68
C ARG A 222 -13.05 10.96 -3.22
N ILE A 223 -13.03 9.73 -2.71
CA ILE A 223 -14.00 8.70 -3.11
C ILE A 223 -15.43 9.15 -2.75
N PHE A 224 -15.60 9.65 -1.52
CA PHE A 224 -16.90 10.11 -1.04
C PHE A 224 -17.43 11.24 -1.93
N TYR A 225 -16.56 12.23 -2.20
CA TYR A 225 -16.92 13.38 -3.01
C TYR A 225 -17.31 12.94 -4.43
N LEU A 226 -16.51 12.04 -5.01
CA LEU A 226 -16.74 11.54 -6.36
C LEU A 226 -18.07 10.80 -6.46
N LYS A 227 -18.40 10.01 -5.42
CA LYS A 227 -19.66 9.27 -5.40
C LYS A 227 -20.84 10.23 -5.46
N LEU A 228 -20.71 11.37 -4.75
CA LEU A 228 -21.74 12.41 -4.81
C LEU A 228 -21.81 12.96 -6.24
N GLU A 229 -20.63 13.12 -6.86
CA GLU A 229 -20.53 13.53 -8.25
C GLU A 229 -20.50 12.28 -9.12
N ASP A 230 -21.62 11.57 -9.14
CA ASP A 230 -21.73 10.27 -9.78
C ASP A 230 -21.65 10.34 -11.33
N LEU A 231 -20.49 10.77 -11.86
CA LEU A 231 -20.27 10.70 -13.30
C LEU A 231 -20.31 9.23 -13.72
N VAL A 232 -19.68 8.39 -12.90
CA VAL A 232 -19.73 6.95 -13.03
C VAL A 232 -19.84 6.33 -11.62
N SER A 233 -20.48 5.16 -11.51
CA SER A 233 -20.65 4.52 -10.21
C SER A 233 -19.39 3.70 -9.82
N PRO A 234 -18.93 3.74 -8.54
CA PRO A 234 -17.75 2.93 -8.09
C PRO A 234 -17.95 1.40 -8.30
N PRO A 235 -16.84 0.64 -8.45
CA PRO A 235 -16.90 -0.85 -8.57
C PRO A 235 -17.30 -1.48 -7.24
N SER A 236 -17.68 -2.76 -7.28
CA SER A 236 -18.16 -3.47 -6.10
C SER A 236 -17.13 -3.51 -4.96
N ILE A 237 -15.85 -3.76 -5.31
CA ILE A 237 -14.81 -3.90 -4.27
C ILE A 237 -14.53 -2.55 -3.60
N ILE A 238 -14.39 -1.50 -4.43
CA ILE A 238 -14.08 -0.15 -3.93
C ILE A 238 -15.27 0.45 -3.14
N ASP A 239 -16.48 0.38 -3.71
CA ASP A 239 -17.68 0.91 -3.02
C ASP A 239 -17.87 0.19 -1.69
N LYS A 240 -17.69 -1.13 -1.70
CA LYS A 240 -17.83 -1.93 -0.50
C LYS A 240 -16.80 -1.50 0.54
N LEU A 241 -15.60 -1.20 0.08
CA LEU A 241 -14.49 -0.79 0.95
C LEU A 241 -14.85 0.48 1.73
N PHE A 242 -15.43 1.46 1.04
CA PHE A 242 -15.79 2.73 1.68
C PHE A 242 -16.76 2.47 2.82
N LEU A 243 -17.79 1.67 2.54
CA LEU A 243 -18.80 1.30 3.54
C LEU A 243 -18.16 0.52 4.68
N ASP A 244 -17.24 -0.39 4.34
CA ASP A 244 -16.55 -1.21 5.32
C ASP A 244 -15.75 -0.35 6.28
N THR A 245 -15.04 0.63 5.72
CA THR A 245 -14.22 1.55 6.52
C THR A 245 -15.08 2.61 7.19
N LEU A 246 -14.48 3.30 8.21
CA LEU A 246 -15.14 4.38 9.01
C LEU A 246 -16.69 4.41 8.89
N PRO A 247 -17.41 3.43 9.48
CA PRO A 247 -18.91 3.39 9.42
C PRO A 247 -19.53 4.70 9.89
N PHE A 248 -18.95 5.27 10.96
CA PHE A 248 -19.43 6.55 11.51
C PHE A 248 -18.59 6.97 12.73
#